data_7XOD
#
_entry.id   7XOD
#
_cell.length_a   1.00
_cell.length_b   1.00
_cell.length_c   1.00
_cell.angle_alpha   90.00
_cell.angle_beta   90.00
_cell.angle_gamma   90.00
#
_symmetry.space_group_name_H-M   'P 1'
#
loop_
_entity.id
_entity.type
_entity.pdbx_description
1 polymer 'Spike glycoprotein'
2 polymer 'Heavy chain of JMB2002 Fab'
3 polymer 'Light chain of JMB2002 Fab'
4 polymer Nanobody
5 branched 2-acetamido-2-deoxy-beta-D-glucopyranose-(1-4)-2-acetamido-2-deoxy-beta-D-glucopyranose
6 non-polymer 2-acetamido-2-deoxy-beta-D-glucopyranose
#
loop_
_entity_poly.entity_id
_entity_poly.type
_entity_poly.pdbx_seq_one_letter_code
_entity_poly.pdbx_strand_id
1 'polypeptide(L)'
;MFVFLVLLPLVSSQCVNLITRTQSYTNSFTRGVYYPDKVFRSSVLHSTQDLFLPFFSNVTWFHAIHVSGTNGTKRFDNPV
LPFNDGVYFASTEKSNIIRGWIFGTTLDSKTQSLLIVNNATNVVIKVCEFQFCNDPFLDVYYHKNNKSWMESEFRVYSSA
NNCTFEYVSQPFLMDLEGKQGNFKNLREFVFKNIDGYFKIYSKHTPINLGRDLPQGFSALEPLVDLPIGINITRFQTLLA
LHRSYLTPGDSSSGWTAGAAAYYVGYLQPRTFLLKYNENGTITDAVDCALDPLSETKCTLKSFTVEKGIYQTSNFRVQPT
ESIVRFPNITNLCPFDEVFNATRFASVYAWNRKRISNCVADYSVLYNFAPFFAFKCYGVSPTKLNDLCFTNVYADSFVIR
GNEVSQIAPGQTGNIADYNYKLPDDFTGCVIAWNSNKLDSKVGGNYNYLYRLFRKSNLKPFERDISTEIYQAGNKPCNGV
AGFNCYFPLRSYGFRPTYGVGHQPYRVVVLSFELLHAPATVCGPKKSTNLVKNKCVNFNFNGLTGTGVLTESNKKFLPFQ
QFGRDIADTTDAVRDPQTLEILDITPCSFGGVSVITPGTNTSNQVAVLYQGVNCTEVPVAIHADQLTPTWRVYSTGSNVF
QTRAGCLIGAEYVNNSYECDIPIGAGICASYQTQTKSHGSASSVASQSIIAYTMSLGAENSVAYSNNSIAIPTNFTISVT
TEILPVSMTKTSVDCTMYICGDSTECSNLLLQYGSFCTQLKRALTGIAVEQDKNTQEVFAQVKQIYKTPPIKYFGGFNFS
QILPDPSKPSKRSPIEDLLFNKVTLADAGFIKQYGDCLGDIAARDLICAQKFNGLTVLPPLLTDEMIAQYTSALLAGTIT
SGWTFGAGPALQIPFPMQMAYRFNGIGVTQNVLYENQKLIANQFNSAIGKIQDSLSSTPSALGKLQDVVNHNAQALNTLV
KQLSSKFGAISSVLNDILSRLDPPEAEVQIDRLITGRLQSLQTYVTQQLIRAAEIRASANLAATKMSECVLGQSKRVDFC
GKGYHLMSFPQSAPHGVVFLHVTYVPAQEKNFTTAPAICHDGKAHFPREGVFVSNGTHWFVTQRNFYEPQIITTDNTFVS
GNCDVVIGIVNNTVYDPLQPELDSFKEELDKYFKNHTSPDVDLGDISGINASVVNIQKEIDRLNEVAKNLNESLIDLQEL
GKYEQYIKWPWYIWLGFIAGLIAIVMVTIMLCCMTSCCSCLKGCCSCGSCCKFDEDDSEPVLKGVKLHYT
;
A,B,C
2 'polypeptide(L)'
;QVQLVQSGAEVKKPGSSVKVSCKASGGTFSSYAISWVRQAPGQGLEWMGRIIPIFGTANYAQKFQGRVTITADESTSTAY
MELSSLRSEDTAVYYCASLASYSSGWEDVFDIWGQGTMVTVSSASTKGPSVFPLAPSSKSTSGGTAALGCLVKDYFPEPV
TVSWNSGALTSGVHTFPAVLQSSGLYSLSSVVTVPSSSLGTQTYICNVNHKPSNTKVDKKVEPKSCDKT
;
X,U,R
3 'polypeptide(L)'
;DIQMTQSPSSLSASVGDRVTITCRASQGISSWLAWYQQKPGKAPKLLIYDASNLETGVPSRFSGSGSGTDFTFTISSLQP
EDIATYYCQQYDNLPLTFGGGTKVEIKRTVAAPSVFIFPPSDEQLKSGTASVVCLLNNFYPREAKVQWKVDNALQSGNSQ
ESVTEQDSKDSTYSLSSTLTLSKADYEKHKVYACEVTHQGLSSPVTKSFNRGEC
;
Y,V,S
4 'polypeptide(L)'
;MGSQVQLQESGGGLVQPGGSLRLSCAASGRTISRYAMSWFRQAPGKEREFVAVARRSGDGAFYADSVQGRFTVSRDDAKN
TVYLQMNSLKPEDTAVYYCAIDSDTFYSGSYDYWGQGTQVTVSS
;
Z,W,T
#
loop_
_chem_comp.id
_chem_comp.type
_chem_comp.name
_chem_comp.formula
NAG D-saccharide, beta linking 2-acetamido-2-deoxy-beta-D-glucopyranose 'C8 H15 N O6'
#
# COMPACT_ATOMS: atom_id res chain seq x y z
N SER A 24 -20.82 39.25 44.76
CA SER A 24 -19.58 39.12 45.56
C SER A 24 -18.77 37.92 45.11
N TYR A 25 -17.44 37.99 45.28
CA TYR A 25 -16.54 36.92 44.87
C TYR A 25 -15.51 36.68 45.97
N THR A 26 -15.00 35.46 46.01
CA THR A 26 -14.00 35.07 46.99
C THR A 26 -13.01 34.11 46.34
N ASN A 27 -11.76 34.17 46.78
CA ASN A 27 -10.71 33.35 46.21
C ASN A 27 -10.67 31.97 46.86
N SER A 28 -10.47 30.96 46.03
CA SER A 28 -10.34 29.57 46.49
C SER A 28 -8.86 29.23 46.56
N PHE A 29 -8.35 29.03 47.78
CA PHE A 29 -6.92 28.81 47.97
C PHE A 29 -6.45 27.55 47.27
N THR A 30 -6.95 26.38 47.69
CA THR A 30 -6.52 25.12 47.11
C THR A 30 -7.67 24.14 46.92
N ARG A 31 -8.92 24.58 47.01
CA ARG A 31 -10.06 23.68 46.87
C ARG A 31 -10.36 23.43 45.40
N GLY A 32 -11.00 22.29 45.13
CA GLY A 32 -11.43 21.95 43.79
C GLY A 32 -10.55 20.94 43.09
N VAL A 33 -10.04 19.97 43.84
CA VAL A 33 -9.24 18.88 43.29
C VAL A 33 -9.85 17.56 43.71
N TYR A 34 -9.65 16.53 42.88
CA TYR A 34 -10.31 15.25 43.09
C TYR A 34 -9.48 14.14 42.48
N TYR A 35 -9.89 12.91 42.76
CA TYR A 35 -9.27 11.73 42.17
C TYR A 35 -9.73 11.58 40.73
N PRO A 36 -8.85 11.70 39.73
CA PRO A 36 -9.34 11.78 38.34
C PRO A 36 -9.71 10.44 37.72
N ASP A 37 -8.97 9.37 38.02
CA ASP A 37 -9.14 8.12 37.26
C ASP A 37 -9.48 6.92 38.13
N LYS A 38 -9.57 7.07 39.45
CA LYS A 38 -10.00 6.00 40.35
C LYS A 38 -9.05 4.80 40.32
N VAL A 39 -7.77 5.02 40.02
CA VAL A 39 -6.75 3.97 40.09
C VAL A 39 -5.89 4.24 41.31
N PHE A 40 -5.68 3.21 42.12
CA PHE A 40 -4.97 3.38 43.38
C PHE A 40 -3.49 3.66 43.14
N ARG A 41 -2.96 4.66 43.84
CA ARG A 41 -1.55 4.99 43.80
C ARG A 41 -1.12 5.48 45.17
N SER A 42 0.03 5.00 45.65
CA SER A 42 0.53 5.34 46.97
C SER A 42 1.98 5.81 46.87
N SER A 43 2.29 6.84 47.67
CA SER A 43 3.64 7.40 47.73
C SER A 43 4.21 7.65 46.34
N VAL A 44 3.41 8.32 45.50
CA VAL A 44 3.77 8.57 44.11
C VAL A 44 3.27 9.95 43.72
N LEU A 45 4.08 10.69 42.96
CA LEU A 45 3.66 11.93 42.34
C LEU A 45 3.23 11.65 40.91
N HIS A 46 2.03 12.09 40.56
CA HIS A 46 1.42 11.78 39.27
C HIS A 46 0.93 13.06 38.60
N SER A 47 1.26 13.21 37.33
CA SER A 47 0.80 14.34 36.52
C SER A 47 -0.44 13.92 35.75
N THR A 48 -1.48 14.74 35.83
CA THR A 48 -2.77 14.43 35.22
C THR A 48 -3.30 15.66 34.49
N GLN A 49 -4.06 15.42 33.43
CA GLN A 49 -4.71 16.47 32.66
C GLN A 49 -6.21 16.23 32.67
N ASP A 50 -6.97 17.19 33.21
CA ASP A 50 -8.41 17.05 33.31
C ASP A 50 -9.00 18.41 33.66
N LEU A 51 -10.33 18.47 33.69
CA LEU A 51 -11.04 19.70 34.03
C LEU A 51 -10.93 19.93 35.53
N PHE A 52 -10.02 20.82 35.94
CA PHE A 52 -9.82 21.14 37.34
C PHE A 52 -10.21 22.59 37.58
N LEU A 53 -10.43 22.92 38.86
CA LEU A 53 -10.68 24.30 39.25
C LEU A 53 -9.35 25.02 39.42
N PRO A 54 -9.04 26.02 38.59
CA PRO A 54 -7.75 26.71 38.74
C PRO A 54 -7.56 27.24 40.14
N PHE A 55 -6.35 27.04 40.68
CA PHE A 55 -6.05 27.50 42.02
C PHE A 55 -6.06 29.02 42.10
N PHE A 56 -6.43 29.53 43.27
CA PHE A 56 -6.50 30.97 43.52
C PHE A 56 -7.47 31.66 42.56
N SER A 57 -8.51 30.93 42.13
CA SER A 57 -9.54 31.50 41.28
C SER A 57 -10.64 32.12 42.12
N ASN A 58 -11.32 33.10 41.55
CA ASN A 58 -12.38 33.84 42.25
C ASN A 58 -13.71 33.18 41.95
N VAL A 59 -14.26 32.49 42.94
CA VAL A 59 -15.58 31.86 42.82
C VAL A 59 -16.63 32.83 43.34
N THR A 60 -17.85 32.70 42.80
CA THR A 60 -18.90 33.66 43.11
C THR A 60 -19.46 33.41 44.50
N TRP A 61 -19.46 34.46 45.33
CA TRP A 61 -20.12 34.44 46.62
C TRP A 61 -21.57 34.88 46.42
N PHE A 62 -22.51 34.05 46.86
CA PHE A 62 -23.92 34.23 46.57
C PHE A 62 -24.72 34.57 47.82
N HIS A 63 -24.19 35.47 48.65
CA HIS A 63 -24.99 36.14 49.67
C HIS A 63 -25.74 37.33 49.09
N ALA A 64 -25.90 37.37 47.78
CA ALA A 64 -26.50 38.50 47.06
C ALA A 64 -28.02 38.47 47.15
N ILE A 65 -28.67 39.30 46.32
CA ILE A 65 -30.12 39.46 46.39
C ILE A 65 -30.80 38.12 46.61
N HIS A 66 -31.85 38.14 47.43
CA HIS A 66 -32.56 36.95 47.87
C HIS A 66 -33.56 36.49 46.82
N VAL A 67 -33.91 35.21 46.89
CA VAL A 67 -34.91 34.63 46.01
C VAL A 67 -36.27 35.29 46.24
N ASP A 77 -33.45 39.01 39.99
CA ASP A 77 -34.28 38.25 39.07
C ASP A 77 -33.41 37.46 38.09
N ASN A 78 -33.97 36.38 37.55
CA ASN A 78 -33.28 35.54 36.59
C ASN A 78 -31.96 35.04 37.18
N PRO A 79 -31.99 34.28 38.28
CA PRO A 79 -30.75 33.80 38.89
C PRO A 79 -30.17 32.54 38.25
N VAL A 80 -30.67 32.12 37.10
CA VAL A 80 -30.14 30.92 36.45
C VAL A 80 -28.67 31.14 36.13
N LEU A 81 -27.85 30.13 36.43
CA LEU A 81 -26.41 30.26 36.27
C LEU A 81 -25.93 29.46 35.08
N PRO A 82 -24.88 29.90 34.39
CA PRO A 82 -24.37 29.14 33.25
C PRO A 82 -23.59 27.91 33.70
N PHE A 83 -23.55 26.90 32.83
CA PHE A 83 -22.82 25.66 33.05
C PHE A 83 -21.85 25.51 31.88
N ASN A 84 -20.65 26.07 32.01
CA ASN A 84 -19.73 26.12 30.89
C ASN A 84 -18.96 24.81 30.73
N ASP A 85 -18.08 24.51 31.68
CA ASP A 85 -17.21 23.34 31.57
C ASP A 85 -17.19 22.59 32.89
N GLY A 86 -18.36 22.41 33.49
CA GLY A 86 -18.46 21.78 34.79
C GLY A 86 -18.55 22.80 35.91
N VAL A 87 -19.13 22.42 37.04
CA VAL A 87 -19.39 23.34 38.13
C VAL A 87 -18.87 22.71 39.43
N TYR A 88 -18.07 23.48 40.17
CA TYR A 88 -17.63 23.12 41.51
C TYR A 88 -18.55 23.82 42.50
N PHE A 89 -19.45 23.05 43.12
CA PHE A 89 -20.49 23.59 43.99
C PHE A 89 -20.07 23.41 45.44
N ALA A 90 -19.74 24.51 46.10
CA ALA A 90 -19.39 24.52 47.52
C ALA A 90 -20.60 25.02 48.31
N SER A 91 -20.89 24.33 49.42
CA SER A 91 -22.05 24.65 50.26
C SER A 91 -21.58 24.72 51.70
N THR A 92 -21.40 25.94 52.22
CA THR A 92 -21.02 26.17 53.61
C THR A 92 -22.27 26.56 54.39
N GLU A 93 -22.77 25.63 55.21
CA GLU A 93 -23.98 25.88 55.97
C GLU A 93 -24.10 24.81 57.05
N LYS A 94 -24.80 25.16 58.13
CA LYS A 94 -25.00 24.25 59.26
C LYS A 94 -26.29 23.45 59.10
N SER A 95 -27.39 24.11 58.75
CA SER A 95 -28.68 23.48 58.60
C SER A 95 -28.96 23.17 57.14
N ASN A 96 -29.79 22.14 56.91
CA ASN A 96 -30.07 21.64 55.56
C ASN A 96 -31.11 22.53 54.86
N ILE A 97 -30.65 23.70 54.42
CA ILE A 97 -31.51 24.60 53.67
C ILE A 97 -31.40 24.32 52.17
N ILE A 98 -30.19 24.05 51.68
CA ILE A 98 -29.99 23.68 50.29
C ILE A 98 -30.31 22.19 50.13
N ARG A 99 -31.04 21.85 49.08
CA ARG A 99 -31.60 20.51 48.95
C ARG A 99 -31.37 19.83 47.61
N GLY A 100 -31.15 20.57 46.52
CA GLY A 100 -31.02 19.92 45.23
C GLY A 100 -30.51 20.86 44.16
N TRP A 101 -30.50 20.35 42.93
CA TRP A 101 -30.03 21.09 41.77
C TRP A 101 -30.91 20.75 40.58
N ILE A 102 -30.76 21.53 39.52
CA ILE A 102 -31.41 21.26 38.24
C ILE A 102 -30.47 21.70 37.12
N PHE A 103 -30.46 20.94 36.03
CA PHE A 103 -29.58 21.21 34.90
C PHE A 103 -30.38 21.02 33.61
N GLY A 104 -29.82 21.54 32.52
CA GLY A 104 -30.45 21.39 31.22
C GLY A 104 -29.92 22.42 30.26
N THR A 105 -30.31 22.25 28.99
CA THR A 105 -29.92 23.17 27.93
C THR A 105 -30.88 24.36 27.79
N THR A 106 -32.17 24.13 28.01
CA THR A 106 -33.15 25.21 27.93
C THR A 106 -34.12 25.23 29.09
N LEU A 107 -34.18 24.17 29.91
CA LEU A 107 -35.10 24.13 31.04
C LEU A 107 -36.54 24.25 30.57
N ASP A 108 -36.80 23.86 29.31
CA ASP A 108 -38.13 23.94 28.74
C ASP A 108 -38.56 22.55 28.27
N SER A 109 -39.84 22.43 27.91
CA SER A 109 -40.36 21.15 27.47
C SER A 109 -39.75 20.72 26.15
N LYS A 110 -39.30 21.67 25.33
CA LYS A 110 -38.76 21.37 24.01
C LYS A 110 -37.28 20.99 24.04
N THR A 111 -36.71 20.78 25.23
CA THR A 111 -35.30 20.41 25.33
C THR A 111 -35.10 19.63 26.62
N GLN A 112 -34.12 18.72 26.60
CA GLN A 112 -33.88 17.84 27.72
C GLN A 112 -33.33 18.60 28.92
N SER A 113 -33.45 17.99 30.09
CA SER A 113 -33.01 18.61 31.33
C SER A 113 -32.75 17.52 32.36
N LEU A 114 -32.17 17.92 33.50
CA LEU A 114 -31.80 17.01 34.57
C LEU A 114 -32.19 17.62 35.90
N LEU A 115 -32.52 16.75 36.87
CA LEU A 115 -32.94 17.19 38.19
C LEU A 115 -32.30 16.31 39.25
N ILE A 116 -31.99 16.92 40.39
CA ILE A 116 -31.45 16.22 41.55
C ILE A 116 -32.08 16.83 42.80
N VAL A 117 -32.61 15.98 43.68
CA VAL A 117 -33.24 16.41 44.93
C VAL A 117 -32.76 15.49 46.03
N ASN A 118 -32.27 16.09 47.12
CA ASN A 118 -31.78 15.32 48.27
C ASN A 118 -32.90 15.20 49.31
N ASN A 119 -33.72 14.16 49.14
CA ASN A 119 -34.82 13.92 50.04
C ASN A 119 -34.29 13.56 51.43
N ALA A 120 -35.23 13.41 52.38
CA ALA A 120 -34.86 13.09 53.75
C ALA A 120 -34.19 11.74 53.87
N THR A 121 -34.42 10.83 52.93
CA THR A 121 -33.87 9.48 53.01
C THR A 121 -33.10 9.04 51.78
N ASN A 122 -33.17 9.78 50.67
CA ASN A 122 -32.46 9.38 49.46
C ASN A 122 -32.37 10.57 48.52
N VAL A 123 -31.48 10.45 47.53
CA VAL A 123 -31.35 11.41 46.45
C VAL A 123 -32.00 10.82 45.21
N VAL A 124 -32.77 11.64 44.49
CA VAL A 124 -33.46 11.22 43.27
C VAL A 124 -32.86 11.98 42.10
N ILE A 125 -32.08 11.29 41.28
CA ILE A 125 -31.50 11.86 40.07
C ILE A 125 -32.41 11.50 38.90
N LYS A 126 -32.83 12.51 38.14
CA LYS A 126 -33.82 12.33 37.09
C LYS A 126 -33.47 13.22 35.91
N VAL A 127 -33.19 12.61 34.77
CA VAL A 127 -33.08 13.31 33.49
C VAL A 127 -34.46 13.34 32.88
N CYS A 128 -35.19 14.44 33.11
CA CYS A 128 -36.63 14.43 32.86
C CYS A 128 -37.08 15.30 31.68
N GLU A 129 -36.31 16.29 31.24
CA GLU A 129 -36.69 17.12 30.11
C GLU A 129 -38.02 17.85 30.34
N PHE A 130 -38.46 17.92 31.60
CA PHE A 130 -39.76 18.50 31.90
C PHE A 130 -39.69 20.03 31.91
N GLN A 131 -40.86 20.65 31.82
CA GLN A 131 -40.96 22.10 31.83
C GLN A 131 -40.77 22.62 33.24
N PHE A 132 -39.56 23.10 33.55
CA PHE A 132 -39.28 23.66 34.86
C PHE A 132 -39.92 25.04 34.98
N CYS A 133 -40.21 25.43 36.22
CA CYS A 133 -40.63 26.78 36.50
C CYS A 133 -39.41 27.69 36.60
N ASN A 134 -39.65 29.00 36.42
CA ASN A 134 -38.56 29.95 36.36
C ASN A 134 -37.88 30.17 37.70
N ASP A 135 -38.48 29.72 38.79
CA ASP A 135 -37.89 29.85 40.13
C ASP A 135 -38.40 28.72 41.01
N PRO A 136 -37.78 27.54 40.92
CA PRO A 136 -38.27 26.40 41.69
C PRO A 136 -38.10 26.61 43.19
N PHE A 137 -38.78 25.76 43.95
CA PHE A 137 -38.82 25.89 45.41
C PHE A 137 -39.44 24.62 45.99
N LEU A 138 -39.02 24.30 47.20
CA LEU A 138 -39.51 23.12 47.91
C LEU A 138 -40.19 23.55 49.21
N ASP A 139 -41.22 22.82 49.58
CA ASP A 139 -41.97 23.10 50.81
C ASP A 139 -41.99 21.87 51.72
N PHE A 154 -43.01 20.71 47.00
CA PHE A 154 -43.84 19.54 46.68
C PHE A 154 -44.18 19.52 45.19
N ARG A 155 -43.24 19.06 44.37
CA ARG A 155 -43.41 18.99 42.93
C ARG A 155 -43.66 20.35 42.29
N VAL A 156 -43.20 21.42 42.94
CA VAL A 156 -43.39 22.75 42.39
C VAL A 156 -42.38 23.04 41.29
N TYR A 157 -41.23 22.35 41.30
CA TYR A 157 -40.18 22.61 40.32
C TYR A 157 -40.65 22.29 38.90
N SER A 158 -41.49 21.27 38.75
CA SER A 158 -41.94 20.82 37.44
C SER A 158 -43.46 20.82 37.38
N SER A 159 -43.99 20.83 36.15
CA SER A 159 -45.43 20.88 35.91
C SER A 159 -45.96 19.66 35.16
N ALA A 160 -45.22 19.18 34.16
CA ALA A 160 -45.62 18.02 33.36
C ALA A 160 -44.46 17.04 33.30
N ASN A 161 -44.79 15.75 33.27
CA ASN A 161 -43.79 14.70 33.29
C ASN A 161 -44.24 13.50 32.48
N ASN A 162 -43.56 13.24 31.36
CA ASN A 162 -43.68 12.01 30.59
C ASN A 162 -42.29 11.43 30.35
N CYS A 163 -41.39 11.61 31.31
CA CYS A 163 -39.96 11.45 31.08
C CYS A 163 -39.46 10.07 31.52
N THR A 164 -38.23 9.77 31.13
CA THR A 164 -37.72 8.40 31.12
C THR A 164 -36.81 8.05 32.29
N PHE A 165 -35.70 8.78 32.45
CA PHE A 165 -34.59 8.33 33.28
C PHE A 165 -34.86 8.60 34.76
N GLU A 166 -34.39 7.70 35.61
CA GLU A 166 -34.53 7.82 37.06
C GLU A 166 -33.44 7.02 37.75
N TYR A 167 -33.02 7.50 38.92
CA TYR A 167 -32.02 6.81 39.71
C TYR A 167 -32.15 7.27 41.16
N VAL A 168 -31.97 6.33 42.09
CA VAL A 168 -32.10 6.61 43.52
C VAL A 168 -30.96 5.92 44.25
N SER A 169 -30.39 6.61 45.23
CA SER A 169 -29.31 6.06 46.05
C SER A 169 -29.31 6.81 47.38
N GLN A 170 -28.27 6.56 48.19
CA GLN A 170 -28.17 7.21 49.49
C GLN A 170 -28.12 8.73 49.32
N PRO A 171 -28.49 9.48 50.34
CA PRO A 171 -28.48 10.95 50.21
C PRO A 171 -27.07 11.51 50.09
N PHE A 172 -26.93 12.56 49.29
CA PHE A 172 -25.64 13.22 49.15
C PHE A 172 -25.33 14.06 50.37
N LEU A 173 -26.24 14.94 50.77
CA LEU A 173 -26.05 15.79 51.94
C LEU A 173 -26.04 14.97 53.21
N LYS A 184 -21.77 25.60 59.35
CA LYS A 184 -20.59 25.14 60.06
C LYS A 184 -19.96 23.94 59.35
N ASN A 185 -20.65 23.40 58.35
CA ASN A 185 -20.18 22.26 57.58
C ASN A 185 -20.03 22.66 56.12
N LEU A 186 -18.97 22.16 55.49
CA LEU A 186 -18.67 22.45 54.09
C LEU A 186 -18.89 21.20 53.26
N ARG A 187 -19.63 21.34 52.17
CA ARG A 187 -19.91 20.25 51.24
C ARG A 187 -19.45 20.69 49.85
N GLU A 188 -18.44 20.01 49.32
CA GLU A 188 -17.83 20.35 48.04
C GLU A 188 -18.26 19.32 47.00
N PHE A 189 -18.98 19.78 45.98
CA PHE A 189 -19.42 18.93 44.89
C PHE A 189 -18.81 19.41 43.58
N VAL A 190 -18.62 18.47 42.65
CA VAL A 190 -18.07 18.76 41.33
C VAL A 190 -18.91 18.02 40.31
N PHE A 191 -19.59 18.76 39.43
CA PHE A 191 -20.44 18.20 38.39
C PHE A 191 -19.74 18.33 37.05
N LYS A 192 -19.54 17.21 36.37
CA LYS A 192 -18.84 17.18 35.09
C LYS A 192 -19.66 16.39 34.09
N ASN A 193 -19.61 16.81 32.82
CA ASN A 193 -20.32 16.17 31.73
C ASN A 193 -19.30 15.89 30.62
N ILE A 194 -18.71 14.70 30.66
CA ILE A 194 -17.67 14.30 29.72
C ILE A 194 -17.97 12.91 29.21
N ASP A 195 -17.45 12.60 28.02
CA ASP A 195 -17.59 11.28 27.40
C ASP A 195 -19.05 10.79 27.43
N GLY A 196 -19.99 11.73 27.40
CA GLY A 196 -21.39 11.36 27.40
C GLY A 196 -21.92 10.84 28.72
N TYR A 197 -21.18 11.02 29.81
CA TYR A 197 -21.58 10.56 31.13
C TYR A 197 -21.50 11.72 32.11
N PHE A 198 -22.39 11.69 33.10
CA PHE A 198 -22.45 12.72 34.14
C PHE A 198 -21.75 12.19 35.38
N LYS A 199 -20.62 12.81 35.73
CA LYS A 199 -19.83 12.40 36.88
C LYS A 199 -20.03 13.40 38.02
N ILE A 200 -20.10 12.88 39.24
CA ILE A 200 -20.32 13.69 40.43
C ILE A 200 -19.30 13.28 41.49
N TYR A 201 -18.43 14.21 41.86
CA TYR A 201 -17.52 14.05 42.98
C TYR A 201 -18.05 14.81 44.19
N SER A 202 -17.70 14.34 45.38
CA SER A 202 -18.23 14.93 46.61
C SER A 202 -17.20 14.82 47.72
N LYS A 203 -17.36 15.67 48.72
CA LYS A 203 -16.54 15.62 49.93
C LYS A 203 -17.20 16.47 51.00
N HIS A 204 -17.19 15.97 52.23
CA HIS A 204 -17.77 16.66 53.38
C HIS A 204 -16.69 16.91 54.41
N THR A 205 -16.55 18.18 54.82
CA THR A 205 -15.54 18.58 55.77
C THR A 205 -16.15 19.46 56.86
N PRO A 206 -15.61 19.37 58.12
CA PRO A 206 -16.01 20.29 59.18
C PRO A 206 -15.03 21.46 59.15
N ILE A 207 -15.53 22.69 59.02
CA ILE A 207 -14.66 23.89 58.96
C ILE A 207 -14.69 24.54 60.33
N ASP A 212 -15.94 31.31 54.57
CA ASP A 212 -14.95 31.29 53.50
C ASP A 212 -14.27 29.92 53.43
N LEU A 213 -13.74 29.60 52.25
CA LEU A 213 -13.07 28.32 52.06
C LEU A 213 -11.72 28.34 52.77
N PRO A 214 -11.49 27.49 53.78
CA PRO A 214 -10.20 27.50 54.47
C PRO A 214 -9.06 27.15 53.52
N GLN A 215 -7.85 27.48 53.97
CA GLN A 215 -6.64 27.20 53.21
C GLN A 215 -6.24 25.73 53.24
N GLY A 216 -6.97 24.90 53.98
CA GLY A 216 -6.66 23.48 54.03
C GLY A 216 -6.78 22.82 52.67
N PHE A 217 -6.28 21.59 52.61
CA PHE A 217 -6.28 20.79 51.39
C PHE A 217 -7.28 19.65 51.52
N SER A 218 -7.98 19.36 50.42
CA SER A 218 -8.95 18.26 50.38
C SER A 218 -9.07 17.76 48.95
N ALA A 219 -9.38 16.47 48.82
CA ALA A 219 -9.58 15.82 47.54
C ALA A 219 -10.96 15.18 47.52
N LEU A 220 -11.74 15.49 46.50
CA LEU A 220 -13.11 14.99 46.42
C LEU A 220 -13.13 13.57 45.87
N GLU A 221 -13.97 12.73 46.47
CA GLU A 221 -14.08 11.34 46.03
C GLU A 221 -15.27 11.16 45.10
N PRO A 222 -15.16 10.35 44.05
CA PRO A 222 -16.32 10.14 43.17
C PRO A 222 -17.47 9.48 43.91
N LEU A 223 -18.69 9.89 43.56
CA LEU A 223 -19.90 9.35 44.16
C LEU A 223 -20.74 8.57 43.17
N VAL A 224 -21.11 9.19 42.04
CA VAL A 224 -21.96 8.56 41.04
C VAL A 224 -21.43 8.91 39.66
N ASP A 225 -21.54 7.96 38.72
CA ASP A 225 -21.16 8.15 37.33
C ASP A 225 -22.33 7.68 36.48
N LEU A 226 -23.25 8.59 36.19
CA LEU A 226 -24.45 8.21 35.43
C LEU A 226 -24.10 8.00 33.96
N PRO A 227 -24.66 6.98 33.31
CA PRO A 227 -24.42 6.78 31.88
C PRO A 227 -25.34 7.58 30.97
N ILE A 228 -26.09 8.54 31.50
CA ILE A 228 -27.05 9.32 30.73
C ILE A 228 -26.33 10.54 30.16
N GLY A 229 -26.64 10.88 28.92
CA GLY A 229 -26.00 12.00 28.24
C GLY A 229 -26.98 13.02 27.72
N ILE A 230 -26.81 14.28 28.12
CA ILE A 230 -27.62 15.38 27.62
C ILE A 230 -26.73 16.62 27.50
N ASN A 231 -27.24 17.62 26.80
CA ASN A 231 -26.50 18.85 26.55
C ASN A 231 -26.82 19.89 27.64
N ILE A 232 -26.14 19.73 28.77
CA ILE A 232 -26.33 20.64 29.89
C ILE A 232 -25.59 21.95 29.60
N THR A 233 -26.31 23.06 29.70
CA THR A 233 -25.71 24.38 29.51
C THR A 233 -26.10 25.39 30.59
N ARG A 234 -27.17 25.15 31.34
CA ARG A 234 -27.59 26.03 32.41
C ARG A 234 -27.98 25.19 33.61
N PHE A 235 -27.84 25.77 34.81
CA PHE A 235 -28.14 25.05 36.03
C PHE A 235 -28.58 26.02 37.11
N GLN A 236 -29.20 25.48 38.16
CA GLN A 236 -29.69 26.27 39.28
C GLN A 236 -29.90 25.34 40.46
N THR A 237 -29.76 25.90 41.67
CA THR A 237 -29.91 25.13 42.90
C THR A 237 -31.31 25.31 43.47
N LEU A 238 -31.68 24.39 44.36
CA LEU A 238 -33.00 24.35 44.98
C LEU A 238 -32.88 24.54 46.48
N LEU A 239 -33.86 25.26 47.05
CA LEU A 239 -33.95 25.46 48.49
C LEU A 239 -35.31 24.97 48.99
N ALA A 240 -35.41 24.78 50.30
CA ALA A 240 -36.62 24.30 50.95
C ALA A 240 -36.81 25.07 52.26
N LEU A 241 -37.73 26.02 52.25
CA LEU A 241 -38.08 26.79 53.44
C LEU A 241 -39.38 26.27 54.04
N HIS A 242 -39.89 27.01 55.02
CA HIS A 242 -41.03 26.54 55.79
C HIS A 242 -42.36 26.81 55.09
N ARG A 243 -42.53 27.98 54.48
CA ARG A 243 -43.82 28.36 53.94
C ARG A 243 -43.63 29.20 52.67
N SER A 244 -44.36 28.84 51.62
CA SER A 244 -44.38 29.60 50.38
C SER A 244 -45.64 29.24 49.62
N TYR A 245 -45.78 29.79 48.42
CA TYR A 245 -46.93 29.50 47.59
C TYR A 245 -46.89 28.05 47.12
N LEU A 246 -48.01 27.35 47.30
CA LEU A 246 -48.10 25.94 46.91
C LEU A 246 -48.26 25.75 45.40
N THR A 247 -48.25 26.83 44.63
CA THR A 247 -48.37 26.76 43.18
C THR A 247 -47.21 27.51 42.54
N PRO A 248 -46.90 27.19 41.27
CA PRO A 248 -45.79 27.88 40.59
C PRO A 248 -46.19 29.23 40.01
N GLY A 249 -47.34 29.75 40.43
CA GLY A 249 -47.85 31.01 39.91
C GLY A 249 -47.02 32.23 40.26
N ASP A 250 -45.95 32.08 41.04
CA ASP A 250 -45.09 33.19 41.42
C ASP A 250 -43.64 32.82 41.16
N SER A 251 -42.79 33.85 41.13
CA SER A 251 -41.36 33.67 40.90
C SER A 251 -40.61 34.81 41.56
N SER A 252 -39.40 34.50 42.02
CA SER A 252 -38.55 35.47 42.71
C SER A 252 -39.28 36.09 43.91
N SER A 253 -39.96 35.24 44.67
CA SER A 253 -40.70 35.69 45.84
C SER A 253 -41.01 34.49 46.72
N GLY A 254 -41.03 34.71 48.02
CA GLY A 254 -41.35 33.64 48.95
C GLY A 254 -40.75 33.93 50.32
N TRP A 255 -40.49 32.86 51.05
CA TRP A 255 -39.97 32.97 52.41
C TRP A 255 -38.59 33.62 52.41
N THR A 256 -38.26 34.28 53.52
CA THR A 256 -36.94 34.84 53.73
C THR A 256 -36.01 33.73 54.23
N ALA A 257 -35.74 32.80 53.33
CA ALA A 257 -34.97 31.61 53.67
C ALA A 257 -33.60 31.99 54.24
N GLY A 258 -33.05 31.10 55.06
CA GLY A 258 -31.73 31.36 55.61
C GLY A 258 -30.70 31.56 54.52
N ALA A 259 -29.80 32.51 54.75
CA ALA A 259 -28.79 32.87 53.76
C ALA A 259 -27.68 31.83 53.70
N ALA A 260 -28.02 30.67 53.15
CA ALA A 260 -27.04 29.62 52.94
C ALA A 260 -26.09 30.02 51.82
N ALA A 261 -24.81 30.07 52.14
CA ALA A 261 -23.79 30.53 51.18
C ALA A 261 -23.37 29.36 50.31
N TYR A 262 -23.73 29.41 49.03
CA TYR A 262 -23.32 28.42 48.05
C TYR A 262 -22.52 29.11 46.95
N TYR A 263 -21.37 28.54 46.61
CA TYR A 263 -20.46 29.11 45.63
C TYR A 263 -20.49 28.27 44.36
N VAL A 264 -20.20 28.91 43.22
CA VAL A 264 -20.16 28.26 41.92
C VAL A 264 -18.80 28.53 41.30
N GLY A 265 -18.11 27.46 40.93
CA GLY A 265 -16.82 27.57 40.29
C GLY A 265 -16.79 26.78 39.00
N TYR A 266 -16.17 27.36 37.99
CA TYR A 266 -16.11 26.79 36.64
C TYR A 266 -14.72 26.22 36.39
N LEU A 267 -14.68 24.98 35.90
CA LEU A 267 -13.42 24.29 35.68
C LEU A 267 -12.82 24.67 34.34
N GLN A 268 -11.55 24.32 34.16
CA GLN A 268 -10.81 24.56 32.93
C GLN A 268 -9.86 23.40 32.70
N PRO A 269 -9.51 23.12 31.43
CA PRO A 269 -8.52 22.06 31.17
C PRO A 269 -7.16 22.43 31.72
N ARG A 270 -6.70 21.70 32.74
CA ARG A 270 -5.47 22.05 33.45
C ARG A 270 -4.65 20.80 33.68
N THR A 271 -3.35 21.01 33.89
CA THR A 271 -2.41 19.94 34.23
C THR A 271 -2.06 20.04 35.71
N PHE A 272 -2.32 18.98 36.46
CA PHE A 272 -2.12 18.96 37.90
C PHE A 272 -1.11 17.87 38.27
N LEU A 273 -0.21 18.22 39.17
CA LEU A 273 0.75 17.27 39.74
C LEU A 273 0.26 16.86 41.12
N LEU A 274 -0.34 15.69 41.22
CA LEU A 274 -1.00 15.22 42.44
C LEU A 274 -0.02 14.41 43.27
N LYS A 275 -0.06 14.61 44.59
CA LYS A 275 0.82 13.92 45.53
C LYS A 275 0.01 12.93 46.34
N TYR A 276 0.26 11.64 46.12
CA TYR A 276 -0.40 10.57 46.86
C TYR A 276 0.48 10.15 48.02
N ASN A 277 -0.11 10.04 49.21
CA ASN A 277 0.63 9.64 50.40
C ASN A 277 0.67 8.11 50.50
N GLU A 278 1.18 7.61 51.62
CA GLU A 278 1.29 6.16 51.79
C GLU A 278 -0.06 5.48 51.75
N ASN A 279 -1.11 6.13 52.27
CA ASN A 279 -2.44 5.57 52.32
C ASN A 279 -3.20 5.73 51.01
N GLY A 280 -2.58 6.33 49.99
CA GLY A 280 -3.23 6.47 48.71
C GLY A 280 -4.19 7.63 48.60
N THR A 281 -4.12 8.60 49.52
CA THR A 281 -4.98 9.77 49.50
C THR A 281 -4.18 10.99 49.07
N ILE A 282 -4.77 11.78 48.17
CA ILE A 282 -4.11 12.99 47.69
C ILE A 282 -3.97 13.97 48.85
N THR A 283 -2.76 14.46 49.07
CA THR A 283 -2.48 15.38 50.16
C THR A 283 -1.93 16.73 49.70
N ASP A 284 -1.59 16.88 48.43
CA ASP A 284 -1.08 18.14 47.90
C ASP A 284 -1.14 18.09 46.39
N ALA A 285 -1.14 19.28 45.78
CA ALA A 285 -1.21 19.40 44.34
C ALA A 285 -0.57 20.71 43.90
N VAL A 286 -0.08 20.72 42.66
CA VAL A 286 0.56 21.89 42.07
C VAL A 286 -0.12 22.19 40.75
N ASP A 287 -0.61 23.42 40.60
CA ASP A 287 -1.20 23.86 39.34
C ASP A 287 -0.08 24.15 38.36
N CYS A 288 0.03 23.31 37.31
CA CYS A 288 1.15 23.41 36.39
C CYS A 288 1.16 24.71 35.60
N ALA A 289 0.09 25.49 35.65
CA ALA A 289 -0.02 26.72 34.87
C ALA A 289 -0.29 27.96 35.73
N LEU A 290 -0.22 27.86 37.05
CA LEU A 290 -0.55 28.99 37.89
C LEU A 290 0.57 30.02 37.92
N ASP A 291 1.77 29.60 38.31
CA ASP A 291 2.90 30.51 38.51
C ASP A 291 4.12 29.96 37.79
N PRO A 292 5.13 30.80 37.53
CA PRO A 292 6.40 30.27 37.02
C PRO A 292 7.09 29.33 38.00
N LEU A 293 7.01 29.59 39.30
CA LEU A 293 7.55 28.67 40.28
C LEU A 293 6.79 27.35 40.25
N SER A 294 5.47 27.41 40.13
CA SER A 294 4.68 26.20 40.00
C SER A 294 5.03 25.45 38.72
N GLU A 295 5.34 26.18 37.64
CA GLU A 295 5.77 25.52 36.41
C GLU A 295 7.13 24.86 36.57
N THR A 296 8.03 25.48 37.32
CA THR A 296 9.31 24.85 37.60
C THR A 296 9.11 23.57 38.40
N LYS A 297 8.24 23.61 39.41
CA LYS A 297 7.89 22.40 40.16
C LYS A 297 7.34 21.34 39.23
N CYS A 298 6.41 21.73 38.36
CA CYS A 298 5.76 20.78 37.46
C CYS A 298 6.76 20.17 36.49
N THR A 299 7.77 20.94 36.07
CA THR A 299 8.78 20.42 35.16
C THR A 299 9.71 19.46 35.88
N LEU A 300 10.21 19.86 37.05
CA LEU A 300 11.11 19.00 37.81
C LEU A 300 10.40 17.79 38.41
N LYS A 301 9.07 17.75 38.38
CA LYS A 301 8.31 16.63 38.94
C LYS A 301 8.57 16.48 40.43
N SER A 302 8.67 17.61 41.12
CA SER A 302 8.93 17.62 42.55
C SER A 302 8.28 18.86 43.16
N PHE A 303 7.90 18.75 44.43
CA PHE A 303 7.25 19.84 45.13
C PHE A 303 8.24 20.83 45.73
N THR A 304 9.53 20.53 45.70
CA THR A 304 10.56 21.42 46.22
C THR A 304 11.60 21.66 45.13
N VAL A 305 12.11 22.89 45.08
CA VAL A 305 13.10 23.31 44.09
C VAL A 305 14.27 23.94 44.82
N GLU A 306 15.48 23.60 44.40
CA GLU A 306 16.68 24.15 44.99
C GLU A 306 17.16 25.37 44.21
N LYS A 307 18.11 26.09 44.80
CA LYS A 307 18.66 27.29 44.17
C LYS A 307 19.28 26.95 42.82
N GLY A 308 18.91 27.70 41.80
CA GLY A 308 19.46 27.49 40.48
C GLY A 308 18.57 28.10 39.41
N ILE A 309 18.98 27.88 38.17
CA ILE A 309 18.25 28.34 36.99
C ILE A 309 17.73 27.11 36.26
N TYR A 310 16.44 27.10 35.97
CA TYR A 310 15.77 25.95 35.37
C TYR A 310 15.03 26.36 34.11
N GLN A 311 15.21 25.58 33.05
CA GLN A 311 14.46 25.77 31.82
C GLN A 311 13.17 24.97 31.90
N THR A 312 12.04 25.63 31.65
CA THR A 312 10.73 25.03 31.87
C THR A 312 9.87 24.90 30.62
N SER A 313 9.82 25.93 29.76
CA SER A 313 8.95 25.89 28.60
C SER A 313 9.53 26.78 27.51
N ASN A 314 8.79 26.86 26.40
CA ASN A 314 9.19 27.66 25.26
C ASN A 314 8.16 28.76 25.01
N PHE A 315 8.63 29.95 24.67
CA PHE A 315 7.77 31.07 24.33
C PHE A 315 7.82 31.32 22.83
N ARG A 316 6.65 31.49 22.22
CA ARG A 316 6.57 31.76 20.79
C ARG A 316 5.30 32.56 20.51
N VAL A 317 5.44 33.60 19.69
CA VAL A 317 4.30 34.45 19.34
C VAL A 317 3.41 33.69 18.38
N GLN A 318 2.14 33.52 18.74
CA GLN A 318 1.22 32.81 17.87
C GLN A 318 0.78 33.73 16.71
N PRO A 319 0.52 33.15 15.53
CA PRO A 319 0.09 33.98 14.40
C PRO A 319 -1.19 34.73 14.72
N THR A 320 -1.38 35.88 14.05
CA THR A 320 -2.56 36.69 14.28
C THR A 320 -3.68 36.33 13.32
N GLU A 321 -3.39 36.28 12.02
CA GLU A 321 -4.39 35.96 11.01
C GLU A 321 -3.68 35.29 9.84
N SER A 322 -4.48 34.74 8.93
CA SER A 322 -3.99 34.01 7.78
C SER A 322 -4.19 34.82 6.51
N ILE A 323 -3.23 34.73 5.60
CA ILE A 323 -3.30 35.41 4.30
C ILE A 323 -3.12 34.35 3.21
N VAL A 324 -3.87 34.51 2.13
CA VAL A 324 -3.77 33.63 0.96
C VAL A 324 -3.57 34.51 -0.26
N ARG A 325 -2.60 34.13 -1.10
CA ARG A 325 -2.23 34.91 -2.27
C ARG A 325 -2.19 34.00 -3.50
N PHE A 326 -2.68 34.54 -4.61
CA PHE A 326 -2.68 33.82 -5.88
C PHE A 326 -2.60 34.85 -7.00
N PRO A 327 -2.27 34.43 -8.22
CA PRO A 327 -2.18 35.38 -9.33
C PRO A 327 -3.55 35.99 -9.65
N ASN A 328 -3.54 36.89 -10.64
CA ASN A 328 -4.77 37.54 -11.10
C ASN A 328 -5.55 36.52 -11.95
N ILE A 329 -6.30 35.67 -11.25
CA ILE A 329 -7.08 34.62 -11.92
C ILE A 329 -8.31 35.25 -12.57
N THR A 330 -8.23 35.48 -13.88
CA THR A 330 -9.34 36.07 -14.63
C THR A 330 -9.59 35.34 -15.95
N ASN A 331 -8.96 34.20 -16.18
CA ASN A 331 -9.16 33.43 -17.39
C ASN A 331 -10.44 32.61 -17.23
N LEU A 332 -11.57 33.21 -17.61
CA LEU A 332 -12.87 32.57 -17.48
C LEU A 332 -13.27 31.95 -18.82
N CYS A 333 -13.94 30.82 -18.61
CA CYS A 333 -14.39 30.06 -19.77
C CYS A 333 -15.71 30.61 -20.33
N PRO A 334 -16.17 30.25 -21.55
CA PRO A 334 -17.46 30.76 -22.01
C PRO A 334 -18.65 30.02 -21.41
N PHE A 335 -18.61 29.80 -20.09
CA PHE A 335 -19.75 29.20 -19.42
C PHE A 335 -21.01 30.03 -19.64
N ASP A 336 -20.94 31.33 -19.35
CA ASP A 336 -22.09 32.21 -19.53
C ASP A 336 -22.47 32.34 -20.99
N GLU A 337 -21.46 32.51 -21.86
CA GLU A 337 -21.74 32.66 -23.28
C GLU A 337 -22.40 31.43 -23.88
N VAL A 338 -22.18 30.25 -23.28
CA VAL A 338 -22.81 29.03 -23.77
C VAL A 338 -24.20 28.88 -23.15
N PHE A 339 -24.32 29.19 -21.86
CA PHE A 339 -25.60 29.00 -21.17
C PHE A 339 -26.66 29.98 -21.66
N ASN A 340 -26.26 31.21 -22.00
CA ASN A 340 -27.21 32.21 -22.47
C ASN A 340 -27.40 32.22 -23.98
N ALA A 341 -26.83 31.24 -24.68
CA ALA A 341 -26.94 31.22 -26.13
C ALA A 341 -28.38 31.03 -26.56
N THR A 342 -28.72 31.58 -27.72
CA THR A 342 -30.07 31.46 -28.27
C THR A 342 -30.29 30.15 -29.01
N ARG A 343 -29.26 29.32 -29.15
CA ARG A 343 -29.34 28.06 -29.87
C ARG A 343 -29.72 26.91 -28.95
N PHE A 344 -29.46 25.67 -29.39
CA PHE A 344 -29.79 24.45 -28.65
C PHE A 344 -31.28 24.38 -28.29
N ALA A 345 -32.13 24.59 -29.29
CA ALA A 345 -33.58 24.52 -29.10
C ALA A 345 -34.14 23.11 -29.26
N SER A 346 -33.30 22.08 -29.32
CA SER A 346 -33.77 20.72 -29.54
C SER A 346 -32.94 19.75 -28.71
N VAL A 347 -33.56 18.64 -28.30
CA VAL A 347 -32.85 17.58 -27.59
C VAL A 347 -32.05 16.70 -28.52
N TYR A 348 -32.42 16.65 -29.80
CA TYR A 348 -31.68 15.91 -30.80
C TYR A 348 -30.75 16.87 -31.53
N ALA A 349 -29.58 16.37 -31.93
CA ALA A 349 -28.51 17.22 -32.46
C ALA A 349 -28.09 18.25 -31.41
N TRP A 350 -28.19 17.84 -30.14
CA TRP A 350 -27.86 18.73 -29.04
C TRP A 350 -26.43 19.23 -29.15
N ASN A 351 -26.19 20.44 -28.65
CA ASN A 351 -24.88 21.07 -28.72
C ASN A 351 -24.06 20.71 -27.49
N ARG A 352 -22.77 20.50 -27.68
CA ARG A 352 -21.85 20.16 -26.60
C ARG A 352 -20.60 21.02 -26.68
N LYS A 353 -19.86 21.08 -25.58
CA LYS A 353 -18.65 21.88 -25.50
C LYS A 353 -17.62 21.16 -24.64
N ARG A 354 -16.36 21.27 -25.04
CA ARG A 354 -15.23 20.76 -24.27
C ARG A 354 -14.47 21.95 -23.69
N ILE A 355 -14.66 22.13 -22.39
CA ILE A 355 -14.12 23.33 -21.69
C ILE A 355 -12.94 22.89 -20.84
N SER A 356 -11.75 23.36 -21.21
CA SER A 356 -10.52 22.92 -20.53
C SER A 356 -9.57 24.10 -20.38
N ASN A 357 -8.35 23.84 -19.89
CA ASN A 357 -7.34 24.90 -19.65
C ASN A 357 -7.99 26.21 -19.22
N CYS A 358 -8.91 26.20 -18.23
CA CYS A 358 -9.44 27.50 -17.74
C CYS A 358 -10.23 27.44 -16.42
N VAL A 359 -10.26 28.54 -15.64
CA VAL A 359 -10.97 28.65 -14.34
C VAL A 359 -12.49 28.55 -14.49
N ALA A 360 -13.21 28.16 -13.44
CA ALA A 360 -14.64 27.91 -13.45
C ALA A 360 -15.22 28.38 -12.11
N ASP A 361 -15.53 29.66 -12.02
CA ASP A 361 -16.08 30.23 -10.79
C ASP A 361 -17.58 29.97 -10.71
N TYR A 362 -17.96 28.75 -10.33
CA TYR A 362 -19.37 28.40 -10.25
C TYR A 362 -20.13 29.24 -9.23
N SER A 363 -19.44 29.98 -8.37
CA SER A 363 -20.12 30.83 -7.40
C SER A 363 -20.86 31.97 -8.08
N VAL A 364 -20.35 32.47 -9.20
CA VAL A 364 -20.97 33.54 -9.95
C VAL A 364 -21.51 33.03 -11.29
N LEU A 365 -20.73 32.20 -11.98
CA LEU A 365 -21.19 31.60 -13.23
C LEU A 365 -22.06 30.39 -12.92
N TYR A 366 -23.14 30.25 -13.71
CA TYR A 366 -24.14 29.21 -13.51
C TYR A 366 -24.97 29.41 -12.25
N ASN A 367 -24.79 30.53 -11.57
CA ASN A 367 -25.54 30.84 -10.35
C ASN A 367 -26.21 32.20 -10.43
N PHE A 368 -26.29 32.78 -11.63
CA PHE A 368 -26.91 34.09 -11.79
C PHE A 368 -28.42 33.99 -11.60
N ALA A 369 -29.09 35.13 -11.70
CA ALA A 369 -30.53 35.18 -11.44
C ALA A 369 -31.36 34.46 -12.50
N PRO A 370 -31.09 34.61 -13.80
CA PRO A 370 -31.97 33.95 -14.79
C PRO A 370 -32.04 32.45 -14.63
N PHE A 371 -31.05 31.82 -13.99
CA PHE A 371 -31.03 30.38 -13.81
C PHE A 371 -31.93 30.04 -12.63
N PHE A 372 -33.05 29.36 -12.91
CA PHE A 372 -34.04 29.10 -11.88
C PHE A 372 -33.67 27.90 -11.02
N ALA A 373 -33.36 26.77 -11.64
CA ALA A 373 -33.13 25.52 -10.93
C ALA A 373 -31.68 25.09 -11.08
N PHE A 374 -31.23 24.28 -10.12
CA PHE A 374 -29.84 23.82 -10.10
C PHE A 374 -29.76 22.63 -9.15
N LYS A 375 -29.35 21.48 -9.67
CA LYS A 375 -29.20 20.27 -8.86
C LYS A 375 -28.02 19.47 -9.39
N CYS A 376 -27.54 18.54 -8.56
CA CYS A 376 -26.34 17.78 -8.88
C CYS A 376 -26.48 16.33 -8.42
N TYR A 377 -25.58 15.50 -8.93
CA TYR A 377 -25.49 14.09 -8.56
C TYR A 377 -24.03 13.76 -8.27
N GLY A 378 -23.78 13.15 -7.12
CA GLY A 378 -22.44 12.76 -6.74
C GLY A 378 -21.58 13.88 -6.18
N VAL A 379 -22.07 15.11 -6.17
CA VAL A 379 -21.31 16.24 -5.65
C VAL A 379 -22.29 17.35 -5.28
N SER A 380 -22.12 17.92 -4.10
CA SER A 380 -22.93 19.07 -3.70
C SER A 380 -22.35 20.34 -4.32
N PRO A 381 -23.20 21.27 -4.78
CA PRO A 381 -22.66 22.49 -5.42
C PRO A 381 -21.62 23.21 -4.58
N THR A 382 -21.85 23.35 -3.28
CA THR A 382 -20.90 24.07 -2.42
C THR A 382 -19.52 23.44 -2.46
N LYS A 383 -19.42 22.13 -2.70
CA LYS A 383 -18.14 21.46 -2.85
C LYS A 383 -17.63 21.48 -4.28
N LEU A 384 -18.54 21.38 -5.26
CA LEU A 384 -18.14 21.55 -6.65
C LEU A 384 -17.47 22.89 -6.87
N ASN A 385 -17.82 23.90 -6.07
CA ASN A 385 -17.13 25.17 -6.13
C ASN A 385 -15.63 25.00 -5.89
N ASP A 386 -15.24 23.94 -5.18
CA ASP A 386 -13.84 23.71 -4.83
C ASP A 386 -13.22 22.57 -5.63
N LEU A 387 -13.82 21.38 -5.62
CA LEU A 387 -13.26 20.24 -6.33
C LEU A 387 -13.19 20.53 -7.83
N CYS A 388 -12.06 20.18 -8.44
CA CYS A 388 -11.89 20.39 -9.87
C CYS A 388 -11.30 19.13 -10.50
N PHE A 389 -11.17 19.18 -11.83
CA PHE A 389 -10.89 18.00 -12.63
C PHE A 389 -9.97 18.37 -13.78
N THR A 390 -9.87 17.45 -14.74
CA THR A 390 -9.02 17.64 -15.91
C THR A 390 -9.72 18.45 -16.98
N ASN A 391 -10.87 17.97 -17.46
CA ASN A 391 -11.64 18.67 -18.48
C ASN A 391 -13.13 18.50 -18.16
N VAL A 392 -13.92 19.44 -18.66
CA VAL A 392 -15.35 19.49 -18.38
C VAL A 392 -16.10 19.37 -19.70
N TYR A 393 -17.22 18.64 -19.67
CA TYR A 393 -18.09 18.46 -20.82
C TYR A 393 -19.44 19.05 -20.50
N ALA A 394 -19.90 19.99 -21.32
CA ALA A 394 -21.17 20.67 -21.12
C ALA A 394 -22.07 20.46 -22.33
N ASP A 395 -23.29 19.97 -22.09
CA ASP A 395 -24.30 19.78 -23.11
C ASP A 395 -25.46 20.73 -22.84
N SER A 396 -26.25 21.00 -23.89
CA SER A 396 -27.36 21.95 -23.79
C SER A 396 -28.49 21.50 -24.69
N PHE A 397 -29.71 21.84 -24.28
CA PHE A 397 -30.91 21.56 -25.07
C PHE A 397 -32.10 22.18 -24.33
N VAL A 398 -33.26 22.15 -24.98
CA VAL A 398 -34.50 22.65 -24.41
C VAL A 398 -35.48 21.49 -24.31
N ILE A 399 -36.25 21.48 -23.22
CA ILE A 399 -37.20 20.40 -22.96
C ILE A 399 -38.52 21.01 -22.45
N ARG A 400 -39.53 20.16 -22.33
CA ARG A 400 -40.84 20.60 -21.92
C ARG A 400 -40.97 20.61 -20.40
N GLY A 401 -42.13 21.06 -19.92
CA GLY A 401 -42.38 21.09 -18.49
C GLY A 401 -42.48 19.72 -17.84
N ASN A 402 -42.94 18.72 -18.58
CA ASN A 402 -43.00 17.36 -18.07
C ASN A 402 -41.66 16.64 -18.14
N GLU A 403 -40.63 17.28 -18.69
CA GLU A 403 -39.33 16.65 -18.85
C GLU A 403 -38.27 17.19 -17.90
N VAL A 404 -38.56 18.25 -17.16
CA VAL A 404 -37.58 18.80 -16.22
C VAL A 404 -37.18 17.77 -15.18
N SER A 405 -38.05 16.80 -14.90
CA SER A 405 -37.73 15.71 -13.98
C SER A 405 -37.20 14.48 -14.67
N GLN A 406 -37.20 14.44 -16.01
CA GLN A 406 -36.77 13.27 -16.75
C GLN A 406 -35.26 13.24 -16.97
N ILE A 407 -34.58 14.37 -16.85
CA ILE A 407 -33.14 14.43 -17.09
C ILE A 407 -32.42 13.95 -15.84
N ALA A 408 -32.12 12.66 -15.79
CA ALA A 408 -31.47 12.06 -14.63
C ALA A 408 -30.93 10.70 -15.04
N PRO A 409 -30.06 10.10 -14.22
CA PRO A 409 -29.43 8.83 -14.61
C PRO A 409 -30.44 7.70 -14.77
N GLY A 410 -30.29 6.92 -15.83
CA GLY A 410 -30.99 5.67 -15.99
C GLY A 410 -32.51 5.76 -15.96
N GLN A 411 -33.06 6.95 -16.23
CA GLN A 411 -34.51 7.10 -16.22
C GLN A 411 -35.10 6.78 -17.58
N THR A 412 -36.43 6.65 -17.61
CA THR A 412 -37.16 6.31 -18.82
C THR A 412 -38.07 7.46 -19.23
N GLY A 413 -38.56 7.39 -20.45
CA GLY A 413 -39.39 8.43 -21.01
C GLY A 413 -38.95 8.74 -22.43
N ASN A 414 -39.74 9.57 -23.10
CA ASN A 414 -39.42 9.93 -24.48
C ASN A 414 -37.96 10.35 -24.61
N ILE A 415 -37.58 11.42 -23.91
CA ILE A 415 -36.22 11.96 -24.05
C ILE A 415 -35.20 10.94 -23.57
N ALA A 416 -35.27 10.55 -22.29
CA ALA A 416 -34.24 9.72 -21.69
C ALA A 416 -34.14 8.34 -22.31
N ASP A 417 -35.06 7.96 -23.20
CA ASP A 417 -35.07 6.62 -23.76
C ASP A 417 -34.92 6.58 -25.26
N TYR A 418 -35.17 7.69 -25.98
CA TYR A 418 -35.03 7.70 -27.43
C TYR A 418 -34.15 8.82 -27.96
N ASN A 419 -33.79 9.82 -27.13
CA ASN A 419 -33.04 10.95 -27.63
C ASN A 419 -31.66 11.07 -26.99
N TYR A 420 -31.61 10.94 -25.66
CA TYR A 420 -30.36 11.13 -24.93
C TYR A 420 -30.49 10.45 -23.58
N LYS A 421 -29.62 9.49 -23.30
CA LYS A 421 -29.64 8.73 -22.06
C LYS A 421 -28.38 9.00 -21.25
N LEU A 422 -28.49 8.84 -19.93
CA LEU A 422 -27.37 9.04 -19.03
C LEU A 422 -27.08 7.75 -18.27
N PRO A 423 -25.83 7.39 -18.05
CA PRO A 423 -25.53 6.12 -17.37
C PRO A 423 -25.88 6.18 -15.89
N ASP A 424 -26.08 4.99 -15.31
CA ASP A 424 -26.42 4.91 -13.89
C ASP A 424 -25.29 5.42 -13.00
N ASP A 425 -24.05 5.30 -13.43
CA ASP A 425 -22.91 5.80 -12.67
C ASP A 425 -22.58 7.25 -13.00
N PHE A 426 -23.54 8.02 -13.52
CA PHE A 426 -23.27 9.40 -13.90
C PHE A 426 -23.09 10.27 -12.67
N THR A 427 -22.17 11.22 -12.77
CA THR A 427 -21.97 12.24 -11.75
C THR A 427 -21.78 13.59 -12.42
N GLY A 428 -22.58 14.57 -12.01
CA GLY A 428 -22.54 15.88 -12.61
C GLY A 428 -23.61 16.77 -12.02
N CYS A 429 -23.95 17.81 -12.78
CA CYS A 429 -24.92 18.80 -12.35
C CYS A 429 -25.83 19.18 -13.51
N VAL A 430 -27.11 19.39 -13.19
CA VAL A 430 -28.11 19.81 -14.16
C VAL A 430 -28.67 21.15 -13.72
N ILE A 431 -28.81 22.08 -14.67
CA ILE A 431 -29.40 23.39 -14.43
C ILE A 431 -30.52 23.60 -15.43
N ALA A 432 -31.64 24.15 -14.96
CA ALA A 432 -32.82 24.35 -15.78
C ALA A 432 -33.42 25.71 -15.49
N TRP A 433 -33.95 26.35 -16.54
CA TRP A 433 -34.62 27.64 -16.41
C TRP A 433 -35.72 27.72 -17.46
N ASN A 434 -36.76 28.48 -17.14
CA ASN A 434 -37.93 28.60 -18.00
C ASN A 434 -37.75 29.77 -18.96
N SER A 435 -37.83 29.50 -20.26
CA SER A 435 -37.69 30.53 -21.30
C SER A 435 -39.03 30.98 -21.84
N ASN A 436 -40.12 30.85 -21.07
CA ASN A 436 -41.43 31.26 -21.55
C ASN A 436 -41.56 32.78 -21.63
N LYS A 437 -40.57 33.52 -21.14
CA LYS A 437 -40.66 34.98 -21.17
C LYS A 437 -40.41 35.54 -22.57
N LEU A 438 -39.70 34.81 -23.42
CA LEU A 438 -39.46 35.24 -24.80
C LEU A 438 -39.73 34.17 -25.83
N ASP A 439 -39.95 32.91 -25.44
CA ASP A 439 -40.27 31.86 -26.40
C ASP A 439 -41.76 31.73 -26.62
N SER A 440 -42.59 32.28 -25.74
CA SER A 440 -44.02 32.16 -25.86
C SER A 440 -44.56 33.10 -26.93
N LYS A 441 -45.85 32.93 -27.25
CA LYS A 441 -46.53 33.77 -28.21
C LYS A 441 -47.96 33.98 -27.75
N VAL A 442 -48.59 35.04 -28.28
CA VAL A 442 -49.98 35.35 -27.91
C VAL A 442 -50.99 34.58 -28.74
N GLY A 443 -50.70 34.34 -30.02
CA GLY A 443 -51.61 33.62 -30.88
C GLY A 443 -50.91 32.61 -31.76
N GLY A 444 -49.81 32.05 -31.28
CA GLY A 444 -48.99 31.20 -32.12
C GLY A 444 -47.80 30.58 -31.41
N ASN A 445 -46.64 30.67 -32.07
CA ASN A 445 -45.42 30.00 -31.61
C ASN A 445 -45.45 28.50 -31.92
N TYR A 446 -46.18 28.12 -32.97
CA TYR A 446 -46.08 26.75 -33.48
C TYR A 446 -44.69 26.40 -33.97
N ASN A 447 -43.88 27.40 -34.34
CA ASN A 447 -42.54 27.13 -34.85
C ASN A 447 -41.67 26.47 -33.79
N TYR A 448 -41.90 26.76 -32.52
CA TYR A 448 -41.22 26.03 -31.45
C TYR A 448 -41.64 24.57 -31.51
N LEU A 449 -40.66 23.68 -31.28
CA LEU A 449 -40.84 22.26 -31.55
C LEU A 449 -40.35 21.42 -30.40
N TYR A 450 -40.89 20.20 -30.30
CA TYR A 450 -40.43 19.20 -29.35
C TYR A 450 -40.81 17.83 -29.87
N ARG A 451 -40.06 16.82 -29.44
CA ARG A 451 -40.27 15.46 -29.92
C ARG A 451 -41.38 14.77 -29.13
N LEU A 452 -42.17 13.95 -29.84
CA LEU A 452 -43.15 13.10 -29.21
C LEU A 452 -43.09 11.66 -29.68
N PHE A 453 -42.20 11.33 -30.62
CA PHE A 453 -41.94 9.95 -31.02
C PHE A 453 -40.58 9.88 -31.69
N ARG A 454 -39.78 8.89 -31.30
CA ARG A 454 -38.43 8.74 -31.82
C ARG A 454 -38.11 7.27 -31.94
N LYS A 455 -36.93 6.97 -32.49
CA LYS A 455 -36.62 5.61 -32.92
C LYS A 455 -36.13 4.76 -31.76
N SER A 456 -34.98 5.11 -31.18
CA SER A 456 -34.32 4.22 -30.24
C SER A 456 -33.43 5.03 -29.30
N ASN A 457 -32.93 4.35 -28.27
CA ASN A 457 -32.10 4.98 -27.26
C ASN A 457 -30.69 5.23 -27.77
N LEU A 458 -29.96 6.06 -27.04
CA LEU A 458 -28.58 6.40 -27.33
C LEU A 458 -27.68 5.91 -26.20
N LYS A 459 -26.42 5.63 -26.54
CA LYS A 459 -25.45 5.17 -25.56
C LYS A 459 -25.14 6.28 -24.57
N PRO A 460 -24.40 6.01 -23.49
CA PRO A 460 -24.06 7.07 -22.54
C PRO A 460 -23.40 8.26 -23.21
N PHE A 461 -24.06 9.42 -23.17
CA PHE A 461 -23.57 10.63 -23.82
C PHE A 461 -23.35 10.44 -25.31
N GLU A 462 -24.14 9.58 -25.95
CA GLU A 462 -23.99 9.34 -27.37
C GLU A 462 -24.58 10.50 -28.17
N ARG A 463 -24.27 10.51 -29.47
CA ARG A 463 -24.68 11.58 -30.37
C ARG A 463 -25.12 11.00 -31.70
N ASP A 464 -26.08 11.67 -32.33
CA ASP A 464 -26.55 11.31 -33.65
C ASP A 464 -27.29 12.49 -34.26
N ILE A 465 -27.13 12.65 -35.57
CA ILE A 465 -27.75 13.76 -36.29
C ILE A 465 -28.62 13.30 -37.45
N SER A 466 -28.62 12.03 -37.81
CA SER A 466 -29.33 11.60 -39.01
C SER A 466 -30.84 11.51 -38.76
N THR A 467 -31.59 11.36 -39.85
CA THR A 467 -33.02 11.17 -39.80
C THR A 467 -33.43 10.31 -40.99
N GLU A 468 -34.33 9.36 -40.74
CA GLU A 468 -34.71 8.39 -41.75
C GLU A 468 -36.20 8.07 -41.63
N ILE A 469 -36.76 7.60 -42.74
CA ILE A 469 -38.17 7.23 -42.74
C ILE A 469 -38.41 6.14 -41.72
N TYR A 470 -39.52 6.25 -41.00
CA TYR A 470 -39.83 5.29 -39.95
C TYR A 470 -40.60 4.10 -40.50
N GLN A 471 -40.56 2.99 -39.77
CA GLN A 471 -41.26 1.79 -40.18
C GLN A 471 -42.77 2.02 -40.11
N ALA A 472 -43.51 1.24 -40.91
CA ALA A 472 -44.96 1.34 -40.98
C ALA A 472 -45.65 0.05 -40.56
N GLY A 473 -45.07 -0.66 -39.60
CA GLY A 473 -45.53 -2.03 -39.32
C GLY A 473 -45.09 -2.95 -40.43
N ASN A 474 -45.52 -2.67 -41.65
CA ASN A 474 -44.92 -3.24 -42.84
C ASN A 474 -43.74 -2.36 -43.24
N LYS A 475 -43.23 -2.54 -44.46
CA LYS A 475 -42.12 -1.74 -44.95
C LYS A 475 -42.37 -0.26 -44.74
N PRO A 476 -41.33 0.56 -44.62
CA PRO A 476 -41.53 1.97 -44.26
C PRO A 476 -42.34 2.72 -45.29
N CYS A 477 -42.64 3.99 -44.98
CA CYS A 477 -43.47 4.84 -45.82
C CYS A 477 -42.65 5.58 -46.85
N ASN A 478 -41.90 4.85 -47.68
CA ASN A 478 -41.03 5.47 -48.68
C ASN A 478 -41.83 6.03 -49.86
N GLY A 479 -42.05 7.33 -49.86
CA GLY A 479 -42.70 7.99 -50.97
C GLY A 479 -44.18 7.73 -51.11
N VAL A 480 -44.78 6.91 -50.24
CA VAL A 480 -46.21 6.63 -50.30
C VAL A 480 -46.69 6.33 -48.90
N ALA A 481 -47.98 6.60 -48.66
CA ALA A 481 -48.54 6.48 -47.32
C ALA A 481 -48.49 5.05 -46.82
N GLY A 482 -48.79 4.89 -45.53
CA GLY A 482 -48.83 3.59 -44.90
C GLY A 482 -49.73 3.62 -43.68
N PHE A 483 -49.78 2.49 -42.99
CA PHE A 483 -50.56 2.35 -41.76
C PHE A 483 -49.87 2.99 -40.56
N ASN A 484 -48.61 3.40 -40.71
CA ASN A 484 -47.78 3.92 -39.64
C ASN A 484 -46.80 4.92 -40.26
N CYS A 485 -45.62 5.11 -39.65
CA CYS A 485 -44.69 6.15 -40.08
C CYS A 485 -45.12 7.52 -39.58
N TYR A 486 -45.50 7.58 -38.30
CA TYR A 486 -45.99 8.79 -37.68
C TYR A 486 -44.93 9.89 -37.67
N PHE A 487 -45.40 11.12 -37.51
CA PHE A 487 -44.55 12.30 -37.47
C PHE A 487 -43.78 12.38 -36.15
N PRO A 488 -42.46 12.21 -36.14
CA PRO A 488 -41.75 12.14 -34.85
C PRO A 488 -41.76 13.46 -34.08
N LEU A 489 -41.83 14.59 -34.76
CA LEU A 489 -41.80 15.90 -34.11
C LEU A 489 -43.21 16.47 -33.99
N ARG A 490 -43.36 17.43 -33.08
CA ARG A 490 -44.64 18.10 -32.86
C ARG A 490 -44.40 19.57 -32.56
N SER A 491 -45.36 20.39 -32.96
CA SER A 491 -45.26 21.83 -32.71
C SER A 491 -45.64 22.16 -31.28
N TYR A 492 -44.82 22.98 -30.63
CA TYR A 492 -45.13 23.44 -29.28
C TYR A 492 -46.44 24.23 -29.26
N GLY A 493 -46.55 25.22 -30.14
CA GLY A 493 -47.74 26.05 -30.19
C GLY A 493 -48.01 26.75 -28.89
N PHE A 494 -47.13 27.69 -28.52
CA PHE A 494 -47.22 28.34 -27.22
C PHE A 494 -48.32 29.39 -27.18
N ARG A 495 -49.56 28.94 -26.99
CA ARG A 495 -50.66 29.81 -26.62
C ARG A 495 -50.89 29.73 -25.13
N PRO A 496 -51.67 30.67 -24.56
CA PRO A 496 -52.01 30.55 -23.13
C PRO A 496 -52.98 29.42 -22.83
N THR A 497 -53.35 28.65 -23.87
CA THR A 497 -54.30 27.56 -23.69
C THR A 497 -53.66 26.34 -23.04
N TYR A 498 -52.48 25.94 -23.50
CA TYR A 498 -51.85 24.74 -22.99
C TYR A 498 -51.39 24.95 -21.55
N GLY A 499 -51.11 23.83 -20.88
CA GLY A 499 -50.77 23.85 -19.47
C GLY A 499 -49.30 24.10 -19.21
N VAL A 500 -48.86 23.72 -18.02
CA VAL A 500 -47.49 23.97 -17.59
C VAL A 500 -46.54 22.90 -18.12
N GLY A 501 -47.05 21.68 -18.34
CA GLY A 501 -46.21 20.58 -18.76
C GLY A 501 -45.66 20.71 -20.16
N HIS A 502 -46.06 21.77 -20.88
CA HIS A 502 -45.63 21.98 -22.26
C HIS A 502 -45.04 23.39 -22.41
N GLN A 503 -44.14 23.74 -21.48
CA GLN A 503 -43.49 25.03 -21.50
C GLN A 503 -42.00 24.88 -21.87
N PRO A 504 -41.40 25.91 -22.48
CA PRO A 504 -40.03 25.77 -22.98
C PRO A 504 -38.96 25.95 -21.92
N TYR A 505 -38.64 24.89 -21.18
CA TYR A 505 -37.59 24.95 -20.18
C TYR A 505 -36.24 24.62 -20.82
N ARG A 506 -35.30 25.56 -20.72
CA ARG A 506 -33.94 25.31 -21.18
C ARG A 506 -33.15 24.58 -20.09
N VAL A 507 -32.28 23.67 -20.51
CA VAL A 507 -31.58 22.79 -19.58
C VAL A 507 -30.14 22.59 -20.06
N VAL A 508 -29.22 22.49 -19.10
CA VAL A 508 -27.81 22.23 -19.36
C VAL A 508 -27.30 21.27 -18.30
N VAL A 509 -26.43 20.35 -18.71
CA VAL A 509 -25.81 19.39 -17.81
C VAL A 509 -24.30 19.48 -17.98
N LEU A 510 -23.59 19.39 -16.86
CA LEU A 510 -22.12 19.45 -16.85
C LEU A 510 -21.56 18.12 -16.39
N SER A 511 -20.56 17.62 -17.13
CA SER A 511 -19.89 16.37 -16.80
C SER A 511 -18.41 16.64 -16.63
N PHE A 512 -17.74 15.77 -15.87
CA PHE A 512 -16.34 15.97 -15.49
C PHE A 512 -15.55 14.69 -15.73
N GLU A 513 -14.28 14.86 -16.09
CA GLU A 513 -13.35 13.75 -16.32
C GLU A 513 -12.16 13.93 -15.40
N LEU A 514 -11.69 12.82 -14.81
CA LEU A 514 -10.65 12.85 -13.79
C LEU A 514 -9.47 11.94 -14.07
N LEU A 515 -9.61 10.97 -14.97
CA LEU A 515 -8.51 10.05 -15.26
C LEU A 515 -7.40 10.76 -16.01
N HIS A 516 -6.17 10.28 -15.80
CA HIS A 516 -5.01 10.80 -16.53
C HIS A 516 -4.97 12.32 -16.41
N ALA A 517 -4.70 12.82 -15.19
CA ALA A 517 -4.94 14.22 -14.83
C ALA A 517 -3.64 15.02 -14.81
N PRO A 518 -3.27 15.64 -15.93
CA PRO A 518 -2.42 16.84 -15.86
C PRO A 518 -3.30 18.06 -15.69
N ALA A 519 -3.80 18.27 -14.47
CA ALA A 519 -4.90 19.19 -14.22
C ALA A 519 -4.72 20.51 -14.96
N THR A 520 -5.71 20.85 -15.77
CA THR A 520 -5.75 22.12 -16.50
C THR A 520 -6.92 22.99 -16.12
N VAL A 521 -7.99 22.43 -15.56
CA VAL A 521 -9.16 23.18 -15.12
C VAL A 521 -9.16 23.21 -13.59
N CYS A 522 -9.58 24.34 -13.02
CA CYS A 522 -9.92 24.34 -11.61
C CYS A 522 -10.81 25.55 -11.29
N GLY A 523 -11.91 25.28 -10.61
CA GLY A 523 -12.94 26.26 -10.36
C GLY A 523 -12.58 27.35 -9.37
N PRO A 524 -12.20 26.97 -8.15
CA PRO A 524 -12.08 27.98 -7.08
C PRO A 524 -11.16 29.11 -7.47
N LYS A 525 -11.65 30.33 -7.28
CA LYS A 525 -10.90 31.54 -7.63
C LYS A 525 -9.78 31.76 -6.63
N LYS A 526 -9.08 32.90 -6.75
CA LYS A 526 -7.96 33.18 -5.86
C LYS A 526 -8.43 33.31 -4.42
N SER A 527 -9.46 34.13 -4.18
CA SER A 527 -9.95 34.37 -2.83
C SER A 527 -8.81 34.77 -1.91
N THR A 528 -8.17 35.89 -2.23
CA THR A 528 -6.91 36.26 -1.59
C THR A 528 -7.12 37.33 -0.52
N ASN A 529 -6.14 37.42 0.38
CA ASN A 529 -6.06 38.46 1.38
C ASN A 529 -4.59 38.72 1.68
N LEU A 530 -4.26 39.96 2.03
CA LEU A 530 -2.87 40.36 2.22
C LEU A 530 -2.75 41.27 3.44
N VAL A 531 -1.69 41.05 4.21
CA VAL A 531 -1.33 41.92 5.33
C VAL A 531 0.11 41.61 5.70
N LYS A 532 0.82 42.62 6.22
CA LYS A 532 2.24 42.50 6.49
C LYS A 532 2.53 43.06 7.88
N ASN A 533 3.82 43.02 8.25
CA ASN A 533 4.34 43.62 9.48
C ASN A 533 3.84 42.92 10.74
N LYS A 534 3.37 41.67 10.63
CA LYS A 534 3.02 40.90 11.81
C LYS A 534 2.89 39.44 11.43
N CYS A 535 3.03 38.57 12.43
CA CYS A 535 2.98 37.13 12.19
C CYS A 535 1.64 36.72 11.59
N VAL A 536 1.70 35.97 10.50
CA VAL A 536 0.51 35.54 9.79
C VAL A 536 0.78 34.20 9.12
N ASN A 537 -0.27 33.38 9.00
CA ASN A 537 -0.20 32.14 8.25
C ASN A 537 -0.28 32.44 6.76
N PHE A 538 0.86 32.44 6.07
CA PHE A 538 0.91 32.86 4.68
C PHE A 538 0.87 31.66 3.74
N ASN A 539 0.15 31.83 2.64
CA ASN A 539 0.05 30.83 1.58
C ASN A 539 0.27 31.52 0.25
N PHE A 540 1.39 31.22 -0.40
CA PHE A 540 1.79 31.84 -1.66
C PHE A 540 1.84 30.72 -2.71
N ASN A 541 0.72 30.49 -3.39
CA ASN A 541 0.60 29.37 -4.33
C ASN A 541 1.09 28.09 -3.67
N GLY A 542 0.48 27.78 -2.52
CA GLY A 542 1.03 26.75 -1.66
C GLY A 542 1.98 27.38 -0.67
N LEU A 543 3.17 26.78 -0.54
CA LEU A 543 4.23 27.33 0.30
C LEU A 543 3.69 27.73 1.67
N THR A 544 2.87 26.87 2.26
CA THR A 544 2.25 27.16 3.54
C THR A 544 3.32 27.32 4.62
N GLY A 545 3.28 28.45 5.33
CA GLY A 545 4.24 28.71 6.38
C GLY A 545 3.72 29.78 7.32
N THR A 546 4.48 30.00 8.39
CA THR A 546 4.14 30.98 9.41
C THR A 546 5.32 31.91 9.62
N GLY A 547 5.05 33.21 9.66
CA GLY A 547 6.09 34.19 9.86
C GLY A 547 5.59 35.57 9.54
N VAL A 548 6.50 36.53 9.67
CA VAL A 548 6.22 37.94 9.39
C VAL A 548 6.81 38.30 8.04
N LEU A 549 6.03 39.01 7.23
CA LEU A 549 6.44 39.41 5.90
C LEU A 549 6.80 40.89 5.90
N THR A 550 7.97 41.22 5.36
CA THR A 550 8.47 42.58 5.35
C THR A 550 9.06 42.88 3.98
N GLU A 551 9.36 44.16 3.75
CA GLU A 551 9.92 44.58 2.47
C GLU A 551 11.35 44.05 2.33
N SER A 552 11.63 43.41 1.19
CA SER A 552 12.94 42.84 0.92
C SER A 552 13.71 43.73 -0.04
N ASN A 553 14.99 43.41 -0.21
CA ASN A 553 15.87 44.14 -1.12
C ASN A 553 16.57 43.24 -2.13
N LYS A 554 16.30 41.94 -2.11
CA LYS A 554 16.93 41.04 -3.06
C LYS A 554 16.33 41.21 -4.46
N LYS A 555 17.15 40.98 -5.47
CA LYS A 555 16.73 41.13 -6.87
C LYS A 555 16.48 39.75 -7.45
N PHE A 556 15.20 39.37 -7.49
CA PHE A 556 14.82 38.09 -8.08
C PHE A 556 14.89 38.16 -9.60
N LEU A 557 15.03 36.99 -10.22
CA LEU A 557 14.92 36.92 -11.66
C LEU A 557 13.47 36.83 -12.08
N PRO A 558 13.14 37.20 -13.32
CA PRO A 558 11.72 37.25 -13.71
C PRO A 558 10.97 35.94 -13.49
N PHE A 559 11.64 34.79 -13.63
CA PHE A 559 10.96 33.50 -13.55
C PHE A 559 10.99 32.90 -12.16
N GLN A 560 11.80 33.42 -11.25
CA GLN A 560 11.88 32.87 -9.90
C GLN A 560 10.69 33.35 -9.07
N GLN A 561 10.11 32.43 -8.30
CA GLN A 561 8.94 32.72 -7.49
C GLN A 561 9.23 32.79 -6.00
N PHE A 562 10.17 32.00 -5.50
CA PHE A 562 10.54 32.05 -4.08
C PHE A 562 12.01 31.64 -3.96
N GLY A 563 12.63 32.09 -2.88
CA GLY A 563 14.04 31.85 -2.66
C GLY A 563 14.26 31.08 -1.37
N ARG A 564 15.48 30.56 -1.23
CA ARG A 564 15.87 29.78 -0.06
C ARG A 564 17.29 30.13 0.34
N ASP A 565 17.59 29.97 1.63
CA ASP A 565 18.93 30.13 2.15
C ASP A 565 19.62 28.77 2.24
N ILE A 566 20.79 28.75 2.89
CA ILE A 566 21.47 27.48 3.12
C ILE A 566 20.58 26.59 3.99
N ALA A 567 20.70 25.28 3.78
CA ALA A 567 19.93 24.29 4.52
C ALA A 567 18.46 24.30 4.10
N ASP A 568 18.17 24.92 2.96
CA ASP A 568 16.85 24.86 2.33
C ASP A 568 15.76 25.55 3.14
N THR A 569 16.07 26.67 3.80
CA THR A 569 15.07 27.43 4.50
C THR A 569 14.56 28.57 3.61
N THR A 570 13.24 28.69 3.51
CA THR A 570 12.64 29.71 2.65
C THR A 570 12.83 31.08 3.29
N ASP A 571 13.40 32.00 2.52
CA ASP A 571 13.65 33.37 2.99
C ASP A 571 12.72 34.40 2.38
N ALA A 572 12.36 34.25 1.11
CA ALA A 572 11.57 35.26 0.41
C ALA A 572 10.57 34.59 -0.49
N VAL A 573 9.50 35.32 -0.81
CA VAL A 573 8.44 34.85 -1.69
C VAL A 573 7.95 36.02 -2.53
N ARG A 574 7.67 35.76 -3.80
CA ARG A 574 7.14 36.78 -4.69
C ARG A 574 5.62 36.82 -4.58
N ASP A 575 5.08 37.97 -4.22
CA ASP A 575 3.64 38.13 -4.14
C ASP A 575 3.03 37.89 -5.51
N PRO A 576 2.30 36.78 -5.72
CA PRO A 576 1.80 36.50 -7.09
C PRO A 576 0.87 37.55 -7.64
N GLN A 577 0.35 38.46 -6.81
CA GLN A 577 -0.58 39.47 -7.30
C GLN A 577 0.16 40.68 -7.86
N THR A 578 1.06 41.28 -7.08
CA THR A 578 1.79 42.47 -7.50
C THR A 578 3.26 42.18 -7.78
N LEU A 579 3.66 40.92 -7.76
CA LEU A 579 5.03 40.49 -8.10
C LEU A 579 6.09 41.12 -7.19
N GLU A 580 5.72 41.56 -6.00
CA GLU A 580 6.69 42.12 -5.08
C GLU A 580 7.35 41.03 -4.26
N ILE A 581 8.66 41.16 -4.06
CA ILE A 581 9.43 40.19 -3.29
C ILE A 581 9.32 40.56 -1.82
N LEU A 582 8.83 39.63 -1.01
CA LEU A 582 8.65 39.83 0.42
C LEU A 582 9.59 38.90 1.18
N ASP A 583 10.20 39.42 2.24
CA ASP A 583 11.12 38.65 3.07
C ASP A 583 10.36 38.03 4.23
N ILE A 584 10.54 36.72 4.41
CA ILE A 584 9.88 35.97 5.48
C ILE A 584 10.86 35.81 6.63
N THR A 585 10.43 36.20 7.83
CA THR A 585 11.22 36.04 9.04
C THR A 585 10.42 35.21 10.04
N PRO A 586 11.00 34.15 10.60
CA PRO A 586 10.24 33.35 11.58
C PRO A 586 9.78 34.21 12.75
N CYS A 587 8.65 33.80 13.33
CA CYS A 587 8.10 34.53 14.47
C CYS A 587 9.05 34.46 15.65
N SER A 588 8.99 35.49 16.50
CA SER A 588 9.86 35.55 17.67
C SER A 588 9.53 34.42 18.63
N PHE A 589 10.55 33.64 18.99
CA PHE A 589 10.37 32.57 19.96
C PHE A 589 11.70 32.30 20.67
N GLY A 590 11.60 31.65 21.81
CA GLY A 590 12.77 31.34 22.60
C GLY A 590 12.37 30.71 23.91
N GLY A 591 13.31 29.96 24.48
CA GLY A 591 13.04 29.29 25.73
C GLY A 591 13.05 30.25 26.91
N VAL A 592 12.24 29.94 27.91
CA VAL A 592 12.13 30.74 29.12
C VAL A 592 12.65 29.92 30.29
N SER A 593 13.53 30.52 31.09
CA SER A 593 14.09 29.89 32.28
C SER A 593 13.66 30.66 33.52
N VAL A 594 13.51 29.93 34.62
CA VAL A 594 13.01 30.49 35.87
C VAL A 594 14.17 30.60 36.85
N ILE A 595 14.54 31.83 37.20
CA ILE A 595 15.50 32.07 38.26
C ILE A 595 14.79 31.94 39.60
N THR A 596 15.27 31.05 40.46
CA THR A 596 14.63 30.79 41.74
C THR A 596 15.68 30.68 42.83
N PRO A 597 15.47 31.32 43.98
CA PRO A 597 16.36 31.11 45.13
C PRO A 597 16.07 29.83 45.90
N GLY A 598 15.11 29.02 45.44
CA GLY A 598 14.75 27.80 46.13
C GLY A 598 13.53 27.99 47.01
N THR A 599 12.58 27.05 46.94
CA THR A 599 11.40 27.13 47.80
C THR A 599 11.77 27.13 49.27
N ASN A 600 12.96 26.64 49.62
CA ASN A 600 13.43 26.69 51.00
C ASN A 600 13.51 28.13 51.50
N THR A 601 13.95 29.04 50.63
CA THR A 601 14.16 30.43 51.02
C THR A 601 12.91 31.29 50.80
N SER A 602 12.41 31.35 49.57
CA SER A 602 11.26 32.19 49.26
C SER A 602 10.65 31.72 47.96
N ASN A 603 9.43 32.19 47.70
CA ASN A 603 8.70 31.87 46.48
C ASN A 603 8.96 32.86 45.36
N GLN A 604 9.82 33.85 45.57
CA GLN A 604 10.13 34.81 44.51
C GLN A 604 10.82 34.11 43.35
N VAL A 605 10.56 34.60 42.13
CA VAL A 605 11.13 34.02 40.93
C VAL A 605 11.27 35.10 39.87
N ALA A 606 12.31 34.98 39.06
CA ALA A 606 12.53 35.85 37.90
C ALA A 606 12.69 34.99 36.66
N VAL A 607 12.07 35.43 35.58
CA VAL A 607 12.01 34.67 34.32
C VAL A 607 13.00 35.28 33.34
N LEU A 608 13.73 34.43 32.63
CA LEU A 608 14.71 34.85 31.64
C LEU A 608 14.27 34.31 30.28
N TYR A 609 13.94 35.21 29.36
CA TYR A 609 13.57 34.84 27.99
C TYR A 609 14.85 34.83 27.16
N GLN A 610 15.36 33.63 26.89
CA GLN A 610 16.66 33.49 26.26
C GLN A 610 16.66 34.09 24.86
N GLY A 611 17.62 34.98 24.61
CA GLY A 611 17.80 35.56 23.29
C GLY A 611 16.72 36.53 22.84
N VAL A 612 15.64 36.69 23.61
CA VAL A 612 14.55 37.53 23.17
C VAL A 612 14.82 38.99 23.56
N ASN A 613 14.50 39.89 22.64
CA ASN A 613 14.51 41.33 22.90
C ASN A 613 13.10 41.73 23.34
N CYS A 614 12.95 42.07 24.62
CA CYS A 614 11.64 42.27 25.23
C CYS A 614 10.93 43.53 24.73
N THR A 615 11.46 44.20 23.71
CA THR A 615 10.66 45.21 23.03
C THR A 615 9.42 44.60 22.38
N GLU A 616 9.38 43.27 22.26
CA GLU A 616 8.25 42.53 21.70
C GLU A 616 7.92 41.38 22.65
N VAL A 617 7.86 41.70 23.95
CA VAL A 617 7.61 40.71 24.99
C VAL A 617 8.79 39.75 25.09
N SER A 637 8.72 43.22 38.58
CA SER A 637 8.21 44.37 37.84
C SER A 637 9.30 44.99 36.97
N ASN A 638 10.55 44.85 37.41
CA ASN A 638 11.66 45.43 36.67
C ASN A 638 11.96 44.59 35.42
N VAL A 639 12.11 45.25 34.29
CA VAL A 639 12.47 44.62 33.02
C VAL A 639 13.89 45.05 32.67
N PHE A 640 14.76 44.06 32.45
CA PHE A 640 16.18 44.32 32.21
C PHE A 640 16.65 43.45 31.06
N GLN A 641 17.34 44.07 30.10
CA GLN A 641 17.84 43.40 28.91
C GLN A 641 19.31 43.05 29.09
N THR A 642 19.67 41.81 28.78
CA THR A 642 21.04 41.34 28.84
C THR A 642 21.37 40.57 27.56
N ARG A 643 22.67 40.35 27.36
CA ARG A 643 23.11 39.61 26.17
C ARG A 643 22.53 38.20 26.13
N ALA A 644 22.15 37.64 27.28
CA ALA A 644 21.56 36.32 27.33
C ALA A 644 20.07 36.32 27.06
N GLY A 645 19.45 37.50 27.03
CA GLY A 645 18.02 37.64 26.84
C GLY A 645 17.50 38.79 27.66
N CYS A 646 16.21 38.74 27.97
CA CYS A 646 15.57 39.73 28.82
C CYS A 646 15.22 39.07 30.15
N LEU A 647 15.48 39.79 31.24
CA LEU A 647 15.26 39.29 32.59
C LEU A 647 14.18 40.13 33.26
N ILE A 648 13.07 39.48 33.64
CA ILE A 648 11.95 40.14 34.30
C ILE A 648 11.84 39.60 35.71
N GLY A 649 11.69 40.50 36.68
CA GLY A 649 11.58 40.13 38.07
C GLY A 649 12.84 40.31 38.89
N ALA A 650 13.91 40.84 38.31
CA ALA A 650 15.16 41.05 39.01
C ALA A 650 15.69 42.44 38.68
N GLU A 651 16.18 43.13 39.71
CA GLU A 651 16.71 44.48 39.56
C GLU A 651 18.22 44.44 39.42
N TYR A 652 18.75 45.28 38.53
CA TYR A 652 20.18 45.32 38.26
C TYR A 652 20.88 46.15 39.32
N VAL A 653 21.66 45.49 40.17
CA VAL A 653 22.45 46.19 41.18
C VAL A 653 23.84 46.45 40.63
N ASN A 654 24.37 47.64 40.89
CA ASN A 654 25.67 48.02 40.34
C ASN A 654 26.82 47.54 41.20
N ASN A 655 26.54 47.04 42.40
CA ASN A 655 27.57 46.43 43.23
C ASN A 655 27.88 45.03 42.72
N SER A 656 29.16 44.76 42.48
CA SER A 656 29.58 43.47 41.97
C SER A 656 29.76 42.48 43.12
N TYR A 657 29.26 41.26 42.93
CA TYR A 657 29.35 40.21 43.92
C TYR A 657 29.76 38.91 43.24
N GLU A 658 30.00 37.88 44.04
CA GLU A 658 30.28 36.56 43.50
C GLU A 658 29.02 36.02 42.82
N CYS A 659 29.23 35.14 41.83
CA CYS A 659 28.14 34.60 41.05
C CYS A 659 27.40 33.54 41.85
N ASP A 660 26.12 33.80 42.15
CA ASP A 660 25.28 32.84 42.85
C ASP A 660 24.54 31.96 41.85
N ILE A 661 23.77 32.58 40.97
CA ILE A 661 23.05 31.90 39.90
C ILE A 661 23.52 32.48 38.57
N PRO A 662 24.16 31.70 37.70
CA PRO A 662 24.69 32.25 36.45
C PRO A 662 23.60 32.42 35.41
N ILE A 663 23.45 33.65 34.91
CA ILE A 663 22.49 33.93 33.83
C ILE A 663 23.18 33.87 32.47
N GLY A 664 24.30 34.59 32.33
CA GLY A 664 25.03 34.59 31.08
C GLY A 664 25.60 35.96 30.73
N ALA A 665 26.65 35.97 29.92
CA ALA A 665 27.27 37.22 29.47
C ALA A 665 27.78 38.04 30.66
N GLY A 666 28.28 37.35 31.67
CA GLY A 666 28.89 37.99 32.82
C GLY A 666 27.92 38.52 33.86
N ILE A 667 26.64 38.14 33.79
CA ILE A 667 25.64 38.59 34.73
C ILE A 667 25.14 37.39 35.52
N CYS A 668 24.91 37.60 36.83
CA CYS A 668 24.39 36.57 37.71
C CYS A 668 23.33 37.17 38.60
N ALA A 669 22.58 36.30 39.28
CA ALA A 669 21.48 36.72 40.15
C ALA A 669 21.61 36.02 41.49
N SER A 670 20.99 36.62 42.51
CA SER A 670 21.02 36.07 43.86
C SER A 670 19.96 36.76 44.70
N TYR A 671 19.68 36.18 45.86
CA TYR A 671 18.72 36.72 46.81
C TYR A 671 19.42 37.77 47.66
N GLN A 672 18.88 38.99 47.65
CA GLN A 672 19.55 40.10 48.33
C GLN A 672 19.49 39.96 49.84
N THR A 673 18.29 39.93 50.41
CA THR A 673 18.13 39.84 51.86
C THR A 673 18.73 41.07 52.54
N GLN A 687 15.19 39.58 50.46
CA GLN A 687 14.33 40.75 50.27
C GLN A 687 13.85 40.84 48.82
N SER A 688 14.74 40.52 47.88
CA SER A 688 14.41 40.55 46.47
C SER A 688 15.54 39.88 45.69
N ILE A 689 15.24 39.56 44.43
CA ILE A 689 16.22 38.96 43.54
C ILE A 689 16.95 40.10 42.81
N ILE A 690 18.27 40.15 42.98
CA ILE A 690 19.10 41.19 42.37
C ILE A 690 19.97 40.56 41.31
N ALA A 691 20.15 41.28 40.20
CA ALA A 691 21.06 40.89 39.13
C ALA A 691 22.26 41.81 39.15
N TYR A 692 23.44 41.26 38.87
CA TYR A 692 24.67 42.01 38.98
C TYR A 692 25.74 41.40 38.08
N THR A 693 26.71 42.23 37.70
CA THR A 693 27.88 41.75 36.96
C THR A 693 28.86 41.11 37.95
N MET A 694 29.18 39.84 37.71
CA MET A 694 30.01 39.10 38.65
C MET A 694 31.39 39.72 38.77
N SER A 695 31.95 39.68 39.98
CA SER A 695 33.29 40.19 40.23
C SER A 695 34.31 39.07 40.10
N LEU A 696 35.35 39.29 39.30
CA LEU A 696 36.40 38.29 39.15
C LEU A 696 37.28 38.20 40.39
N GLY A 697 37.34 39.24 41.20
CA GLY A 697 38.16 39.24 42.39
C GLY A 697 38.54 40.64 42.79
N ALA A 698 39.05 40.75 44.01
CA ALA A 698 39.47 42.03 44.55
C ALA A 698 40.80 42.45 43.94
N GLU A 699 40.92 43.73 43.61
CA GLU A 699 42.15 44.25 43.04
C GLU A 699 43.26 44.23 44.07
N ASN A 700 44.45 43.82 43.62
CA ASN A 700 45.62 43.71 44.49
C ASN A 700 46.85 44.18 43.71
N SER A 701 47.24 45.43 43.92
CA SER A 701 48.41 45.98 43.25
C SER A 701 49.67 45.56 43.98
N VAL A 702 50.63 45.02 43.23
CA VAL A 702 51.89 44.55 43.78
C VAL A 702 52.95 45.63 43.58
N ALA A 703 53.61 46.02 44.67
CA ALA A 703 54.62 47.07 44.63
C ALA A 703 55.90 46.49 44.05
N TYR A 704 56.05 46.60 42.73
CA TYR A 704 57.24 46.11 42.06
C TYR A 704 58.40 47.09 42.25
N SER A 705 59.62 46.55 42.28
CA SER A 705 60.82 47.36 42.39
C SER A 705 62.03 46.49 42.12
N ASN A 706 62.96 47.01 41.33
CA ASN A 706 64.17 46.29 40.97
C ASN A 706 65.22 46.27 42.09
N ASN A 707 64.86 46.76 43.29
CA ASN A 707 65.80 46.75 44.41
C ASN A 707 65.14 46.36 45.72
N SER A 708 63.89 45.87 45.70
CA SER A 708 63.18 45.48 46.90
C SER A 708 62.54 44.12 46.69
N ILE A 709 62.40 43.36 47.77
CA ILE A 709 61.83 42.02 47.73
C ILE A 709 60.84 41.87 48.89
N ALA A 710 60.01 40.84 48.78
CA ALA A 710 59.09 40.43 49.85
C ALA A 710 59.43 39.00 50.23
N ILE A 711 59.70 38.78 51.51
CA ILE A 711 60.11 37.46 52.00
C ILE A 711 59.17 37.07 53.14
N PRO A 712 58.71 35.81 53.19
CA PRO A 712 57.76 35.41 54.25
C PRO A 712 58.49 35.15 55.56
N THR A 713 58.17 35.94 56.58
CA THR A 713 58.69 35.74 57.92
C THR A 713 57.92 34.70 58.71
N ASN A 714 56.99 33.99 58.07
CA ASN A 714 56.16 33.02 58.76
C ASN A 714 55.63 32.02 57.74
N PHE A 715 54.88 31.04 58.24
CA PHE A 715 54.27 30.03 57.39
C PHE A 715 53.08 29.43 58.12
N THR A 716 52.25 28.72 57.36
CA THR A 716 51.05 28.09 57.91
C THR A 716 50.84 26.75 57.21
N ILE A 717 50.45 25.75 57.99
CA ILE A 717 50.14 24.42 57.47
C ILE A 717 48.63 24.30 57.34
N SER A 718 48.16 24.05 56.12
CA SER A 718 46.75 23.90 55.83
C SER A 718 46.49 22.50 55.29
N VAL A 719 45.22 22.09 55.33
CA VAL A 719 44.80 20.78 54.86
C VAL A 719 43.62 21.00 53.92
N THR A 720 43.84 20.83 52.63
CA THR A 720 42.80 21.01 51.63
C THR A 720 42.10 19.68 51.37
N THR A 721 40.78 19.73 51.27
CA THR A 721 39.95 18.55 51.05
C THR A 721 39.60 18.45 49.57
N GLU A 722 39.86 17.30 48.98
CA GLU A 722 39.58 17.03 47.57
C GLU A 722 38.82 15.72 47.44
N ILE A 723 37.90 15.66 46.47
CA ILE A 723 37.06 14.50 46.26
C ILE A 723 37.11 14.15 44.78
N LEU A 724 37.07 12.84 44.49
CA LEU A 724 37.08 12.35 43.11
C LEU A 724 36.29 11.05 43.03
N PRO A 725 35.40 10.90 42.06
CA PRO A 725 34.70 9.62 41.90
C PRO A 725 35.60 8.59 41.23
N VAL A 726 35.38 7.32 41.60
CA VAL A 726 36.27 6.25 41.15
C VAL A 726 35.49 5.15 40.43
N SER A 727 34.21 5.01 40.74
CA SER A 727 33.44 3.89 40.20
C SER A 727 31.96 4.25 40.11
N MET A 728 31.27 3.59 39.20
CA MET A 728 29.83 3.71 39.06
C MET A 728 29.14 2.51 39.71
N THR A 729 27.82 2.46 39.54
CA THR A 729 27.04 1.31 40.01
C THR A 729 27.01 0.24 38.94
N LYS A 730 27.62 -0.92 39.23
CA LYS A 730 27.62 -2.02 38.28
C LYS A 730 26.19 -2.44 37.98
N THR A 731 25.81 -2.39 36.70
CA THR A 731 24.45 -2.63 36.27
C THR A 731 24.43 -3.65 35.14
N SER A 732 23.34 -4.40 35.07
CA SER A 732 23.10 -5.36 34.00
C SER A 732 21.60 -5.40 33.71
N VAL A 733 21.26 -5.71 32.46
CA VAL A 733 19.87 -5.70 31.99
C VAL A 733 19.60 -6.99 31.25
N ASP A 734 18.43 -7.59 31.52
CA ASP A 734 17.99 -8.76 30.77
C ASP A 734 17.22 -8.29 29.55
N CYS A 735 17.79 -8.51 28.36
CA CYS A 735 17.16 -8.04 27.14
C CYS A 735 15.75 -8.60 26.99
N THR A 736 15.59 -9.90 27.23
CA THR A 736 14.28 -10.52 27.10
C THR A 736 13.30 -9.95 28.10
N MET A 737 13.69 -9.90 29.38
CA MET A 737 12.79 -9.39 30.41
C MET A 737 12.40 -7.94 30.14
N TYR A 738 13.27 -7.18 29.47
CA TYR A 738 13.01 -5.77 29.24
C TYR A 738 12.10 -5.57 28.02
N ILE A 739 12.43 -6.23 26.90
CA ILE A 739 11.72 -5.95 25.66
C ILE A 739 10.41 -6.74 25.59
N CYS A 740 10.39 -7.95 26.18
CA CYS A 740 9.27 -8.86 26.01
C CYS A 740 8.64 -9.32 27.32
N GLY A 741 9.38 -9.33 28.42
CA GLY A 741 8.81 -9.81 29.67
C GLY A 741 8.50 -11.30 29.58
N ASP A 742 7.25 -11.65 29.90
CA ASP A 742 6.84 -13.05 29.88
C ASP A 742 6.31 -13.49 28.53
N SER A 743 6.28 -12.60 27.54
CA SER A 743 5.69 -12.92 26.25
C SER A 743 6.62 -13.80 25.43
N THR A 744 6.29 -15.08 25.32
CA THR A 744 7.07 -16.01 24.51
C THR A 744 6.97 -15.70 23.02
N GLU A 745 5.82 -15.21 22.55
CA GLU A 745 5.72 -14.80 21.15
C GLU A 745 6.66 -13.64 20.87
N CYS A 746 6.72 -12.66 21.78
CA CYS A 746 7.66 -11.56 21.62
C CYS A 746 9.10 -12.06 21.69
N SER A 747 9.37 -13.03 22.57
CA SER A 747 10.71 -13.61 22.64
C SER A 747 11.09 -14.24 21.31
N ASN A 748 10.16 -14.97 20.68
CA ASN A 748 10.44 -15.58 19.39
C ASN A 748 10.64 -14.51 18.31
N LEU A 749 9.84 -13.46 18.33
CA LEU A 749 9.95 -12.43 17.31
C LEU A 749 11.24 -11.62 17.47
N LEU A 750 11.74 -11.49 18.70
CA LEU A 750 12.93 -10.68 18.92
C LEU A 750 14.17 -11.30 18.28
N LEU A 751 14.17 -12.61 18.08
CA LEU A 751 15.33 -13.27 17.48
C LEU A 751 15.56 -12.83 16.04
N GLN A 752 14.55 -12.28 15.38
CA GLN A 752 14.70 -11.86 13.99
C GLN A 752 15.50 -10.57 13.85
N TYR A 753 15.74 -9.85 14.94
CA TYR A 753 16.42 -8.57 14.90
C TYR A 753 17.94 -8.69 14.96
N GLY A 754 18.48 -9.91 14.96
CA GLY A 754 19.92 -10.09 14.94
C GLY A 754 20.53 -10.31 16.31
N SER A 755 21.72 -9.74 16.53
CA SER A 755 22.50 -9.94 17.76
C SER A 755 22.65 -8.64 18.55
N PHE A 756 21.59 -7.84 18.65
CA PHE A 756 21.67 -6.59 19.41
C PHE A 756 21.92 -6.87 20.89
N CYS A 757 21.15 -7.78 21.47
CA CYS A 757 21.20 -8.01 22.91
C CYS A 757 22.56 -8.53 23.35
N THR A 758 23.23 -9.31 22.49
CA THR A 758 24.56 -9.79 22.83
C THR A 758 25.53 -8.63 22.98
N GLN A 759 25.53 -7.69 22.02
CA GLN A 759 26.36 -6.50 22.14
C GLN A 759 25.99 -5.70 23.38
N LEU A 760 24.69 -5.56 23.65
CA LEU A 760 24.23 -4.82 24.81
C LEU A 760 24.84 -5.39 26.10
N LYS A 761 24.62 -6.68 26.34
CA LYS A 761 25.12 -7.30 27.56
C LYS A 761 26.64 -7.33 27.59
N ARG A 762 27.29 -7.45 26.43
CA ARG A 762 28.75 -7.41 26.40
C ARG A 762 29.27 -6.07 26.87
N ALA A 763 28.69 -4.98 26.36
CA ALA A 763 29.12 -3.65 26.79
C ALA A 763 28.85 -3.45 28.28
N LEU A 764 27.69 -3.92 28.75
CA LEU A 764 27.37 -3.75 30.17
C LEU A 764 28.34 -4.53 31.05
N THR A 765 28.69 -5.75 30.66
CA THR A 765 29.66 -6.53 31.41
C THR A 765 31.04 -5.87 31.38
N GLY A 766 31.41 -5.29 30.23
CA GLY A 766 32.66 -4.56 30.16
C GLY A 766 32.71 -3.41 31.15
N ILE A 767 31.63 -2.63 31.20
CA ILE A 767 31.57 -1.52 32.15
C ILE A 767 31.65 -2.05 33.59
N ALA A 768 30.93 -3.14 33.86
CA ALA A 768 30.95 -3.72 35.20
C ALA A 768 32.36 -4.10 35.62
N VAL A 769 33.09 -4.77 34.74
CA VAL A 769 34.46 -5.18 35.07
C VAL A 769 35.36 -3.95 35.19
N GLU A 770 35.12 -2.93 34.37
CA GLU A 770 35.94 -1.73 34.42
C GLU A 770 35.76 -0.99 35.74
N GLN A 771 34.58 -1.06 36.34
CA GLN A 771 34.39 -0.43 37.66
C GLN A 771 35.30 -1.07 38.69
N ASP A 772 35.31 -2.40 38.76
CA ASP A 772 36.18 -3.08 39.72
C ASP A 772 37.65 -2.81 39.40
N LYS A 773 38.00 -2.75 38.11
CA LYS A 773 39.38 -2.45 37.74
C LYS A 773 39.78 -1.06 38.21
N ASN A 774 38.86 -0.09 38.10
CA ASN A 774 39.13 1.25 38.58
C ASN A 774 39.34 1.26 40.09
N THR A 775 38.45 0.61 40.82
CA THR A 775 38.60 0.53 42.28
C THR A 775 39.95 -0.08 42.64
N GLN A 776 40.33 -1.16 41.95
CA GLN A 776 41.62 -1.79 42.22
C GLN A 776 42.77 -0.83 41.94
N GLU A 777 42.81 -0.25 40.75
CA GLU A 777 43.90 0.65 40.38
C GLU A 777 44.01 1.84 41.32
N VAL A 778 42.88 2.27 41.91
CA VAL A 778 42.92 3.45 42.78
C VAL A 778 43.36 3.06 44.19
N PHE A 779 42.71 2.07 44.79
CA PHE A 779 42.92 1.77 46.21
C PHE A 779 43.97 0.70 46.44
N ALA A 780 43.98 -0.37 45.66
CA ALA A 780 44.94 -1.46 45.84
C ALA A 780 46.29 -1.15 45.23
N GLN A 781 46.88 -0.01 45.58
CA GLN A 781 48.23 0.32 45.11
C GLN A 781 49.31 -0.25 46.01
N VAL A 782 48.98 -0.53 47.27
CA VAL A 782 49.92 -1.12 48.22
C VAL A 782 49.87 -2.63 48.08
N LYS A 783 51.02 -3.27 48.31
CA LYS A 783 51.12 -4.72 48.18
C LYS A 783 50.72 -5.45 49.45
N GLN A 784 51.16 -4.96 50.62
CA GLN A 784 50.88 -5.59 51.90
C GLN A 784 50.21 -4.59 52.83
N ILE A 785 49.47 -5.12 53.80
CA ILE A 785 48.76 -4.30 54.76
C ILE A 785 49.69 -3.93 55.90
N TYR A 786 49.76 -2.65 56.22
CA TYR A 786 50.58 -2.15 57.33
C TYR A 786 49.69 -1.82 58.52
N LYS A 787 50.19 -2.13 59.71
CA LYS A 787 49.45 -1.91 60.96
C LYS A 787 50.12 -0.80 61.75
N THR A 788 49.30 0.12 62.27
CA THR A 788 49.82 1.21 63.07
C THR A 788 50.28 0.70 64.43
N PRO A 789 51.33 1.29 65.01
CA PRO A 789 51.80 0.83 66.32
C PRO A 789 50.78 1.13 67.40
N PRO A 790 50.84 0.41 68.53
CA PRO A 790 49.90 0.69 69.61
C PRO A 790 50.14 2.03 70.28
N ILE A 791 51.40 2.46 70.38
CA ILE A 791 51.73 3.76 70.97
C ILE A 791 51.53 4.84 69.91
N LYS A 792 50.35 5.43 69.88
CA LYS A 792 50.00 6.43 68.87
C LYS A 792 50.51 7.82 69.19
N TYR A 793 51.81 7.97 69.45
CA TYR A 793 52.44 9.26 69.67
C TYR A 793 53.43 9.52 68.53
N PHE A 794 53.27 10.64 67.84
CA PHE A 794 54.09 10.99 66.69
C PHE A 794 54.65 12.40 66.83
N GLY A 795 55.16 12.72 68.02
CA GLY A 795 55.78 14.01 68.24
C GLY A 795 54.81 15.17 68.27
N GLY A 796 53.59 14.96 68.77
CA GLY A 796 52.59 16.00 68.86
C GLY A 796 51.49 15.90 67.83
N PHE A 797 51.75 15.24 66.71
CA PHE A 797 50.73 15.10 65.67
C PHE A 797 49.66 14.11 66.11
N ASN A 798 48.41 14.46 65.84
CA ASN A 798 47.24 13.70 66.30
C ASN A 798 46.49 13.20 65.07
N PHE A 799 46.76 11.95 64.67
CA PHE A 799 46.14 11.36 63.49
C PHE A 799 44.89 10.55 63.80
N SER A 800 44.40 10.59 65.05
CA SER A 800 43.25 9.77 65.41
C SER A 800 42.01 10.11 64.59
N GLN A 801 41.97 11.30 63.98
CA GLN A 801 40.83 11.68 63.15
C GLN A 801 40.84 11.02 61.79
N ILE A 802 42.01 10.60 61.31
CA ILE A 802 42.11 9.89 60.04
C ILE A 802 42.39 8.41 60.21
N LEU A 803 42.88 7.99 61.38
CA LEU A 803 43.13 6.58 61.63
C LEU A 803 41.83 5.87 61.98
N PRO A 804 41.78 4.55 61.82
CA PRO A 804 40.54 3.82 62.14
C PRO A 804 40.25 3.81 63.63
N ASP A 805 38.97 3.61 63.96
CA ASP A 805 38.51 3.58 65.34
C ASP A 805 38.01 2.18 65.67
N PRO A 806 38.67 1.42 66.54
CA PRO A 806 38.17 0.06 66.85
C PRO A 806 36.81 0.04 67.52
N SER A 807 36.35 1.17 68.07
CA SER A 807 35.08 1.16 68.80
C SER A 807 33.91 0.82 67.88
N LYS A 808 33.99 1.18 66.60
CA LYS A 808 32.89 0.89 65.69
C LYS A 808 33.07 -0.48 65.04
N PRO A 809 31.98 -1.13 64.63
CA PRO A 809 32.13 -2.42 63.94
C PRO A 809 33.02 -2.33 62.71
N SER A 810 32.79 -1.34 61.85
CA SER A 810 33.65 -1.11 60.70
C SER A 810 34.83 -0.24 61.13
N LYS A 811 36.05 -0.74 60.89
CA LYS A 811 37.26 -0.05 61.31
C LYS A 811 37.49 1.14 60.38
N ARG A 812 36.72 2.20 60.62
CA ARG A 812 36.78 3.42 59.84
C ARG A 812 37.10 4.61 60.74
N SER A 813 37.73 5.62 60.14
CA SER A 813 38.02 6.84 60.86
C SER A 813 36.74 7.68 61.01
N PRO A 814 36.73 8.64 61.94
CA PRO A 814 35.55 9.50 62.06
C PRO A 814 35.26 10.32 60.82
N ILE A 815 36.31 10.76 60.11
CA ILE A 815 36.09 11.49 58.86
C ILE A 815 35.45 10.58 57.83
N GLU A 816 35.93 9.33 57.75
CA GLU A 816 35.31 8.37 56.83
C GLU A 816 33.86 8.10 57.21
N ASP A 817 33.56 8.02 58.50
CA ASP A 817 32.19 7.83 58.93
C ASP A 817 31.31 9.01 58.52
N LEU A 818 31.83 10.23 58.70
CA LEU A 818 31.07 11.41 58.30
C LEU A 818 30.83 11.41 56.80
N LEU A 819 31.84 11.05 56.01
CA LEU A 819 31.66 10.97 54.57
C LEU A 819 30.59 9.94 54.20
N PHE A 820 30.69 8.74 54.78
CA PHE A 820 29.72 7.69 54.48
C PHE A 820 28.31 8.10 54.86
N ASN A 821 28.16 8.84 55.97
CA ASN A 821 26.85 9.29 56.39
C ASN A 821 26.32 10.42 55.53
N LYS A 822 27.20 11.28 55.02
CA LYS A 822 26.77 12.40 54.19
C LYS A 822 26.38 11.95 52.79
N VAL A 823 27.11 10.97 52.23
CA VAL A 823 26.82 10.47 50.90
C VAL A 823 25.60 9.56 51.01
N THR A 824 24.52 9.94 50.33
CA THR A 824 23.28 9.16 50.37
C THR A 824 23.27 8.12 49.25
N LEU A 825 22.44 7.10 49.42
CA LEU A 825 22.31 6.04 48.43
C LEU A 825 20.85 5.59 48.32
N LYS A 851 15.09 -6.71 41.31
CA LYS A 851 15.13 -6.71 39.85
C LYS A 851 13.83 -6.17 39.27
N PHE A 852 13.86 -4.91 38.85
CA PHE A 852 12.68 -4.26 38.28
C PHE A 852 12.64 -4.54 36.79
N ASN A 853 11.78 -5.49 36.40
CA ASN A 853 11.59 -5.90 35.01
C ASN A 853 12.89 -5.94 34.22
N GLY A 854 13.85 -6.73 34.68
CA GLY A 854 15.08 -7.00 33.96
C GLY A 854 16.29 -6.22 34.44
N LEU A 855 16.08 -5.06 35.06
CA LEU A 855 17.20 -4.23 35.49
C LEU A 855 17.70 -4.67 36.85
N THR A 856 19.01 -4.79 37.00
CA THR A 856 19.63 -5.23 38.24
C THR A 856 20.93 -4.48 38.47
N VAL A 857 21.28 -4.32 39.74
CA VAL A 857 22.54 -3.70 40.15
C VAL A 857 23.38 -4.75 40.85
N LEU A 858 24.64 -4.91 40.42
CA LEU A 858 25.51 -5.92 40.98
C LEU A 858 26.42 -5.32 42.04
N PRO A 859 26.83 -6.10 43.04
CA PRO A 859 27.68 -5.55 44.09
C PRO A 859 29.12 -5.44 43.63
N PRO A 860 29.91 -4.57 44.26
CA PRO A 860 31.33 -4.48 43.89
C PRO A 860 32.13 -5.65 44.45
N LEU A 861 33.30 -5.86 43.86
CA LEU A 861 34.17 -6.94 44.32
C LEU A 861 34.75 -6.61 45.69
N LEU A 862 35.32 -5.41 45.84
CA LEU A 862 35.85 -4.96 47.12
C LEU A 862 34.73 -4.31 47.92
N THR A 863 34.47 -4.84 49.11
CA THR A 863 33.43 -4.28 49.96
C THR A 863 33.91 -3.00 50.63
N ASP A 864 32.98 -2.31 51.29
CA ASP A 864 33.35 -1.11 52.04
C ASP A 864 34.40 -1.42 53.09
N GLU A 865 34.28 -2.58 53.75
CA GLU A 865 35.28 -2.97 54.75
C GLU A 865 36.65 -3.16 54.11
N MET A 866 36.70 -3.77 52.92
CA MET A 866 37.98 -3.97 52.25
C MET A 866 38.59 -2.66 51.81
N ILE A 867 37.77 -1.74 51.30
CA ILE A 867 38.29 -0.42 50.91
C ILE A 867 38.79 0.34 52.13
N ALA A 868 38.08 0.23 53.25
CA ALA A 868 38.52 0.87 54.48
C ALA A 868 39.83 0.28 54.97
N GLN A 869 39.99 -1.04 54.84
CA GLN A 869 41.24 -1.68 55.22
C GLN A 869 42.38 -1.21 54.33
N TYR A 870 42.13 -1.09 53.03
CA TYR A 870 43.17 -0.56 52.13
C TYR A 870 43.55 0.86 52.51
N THR A 871 42.56 1.70 52.80
CA THR A 871 42.86 3.08 53.18
C THR A 871 43.64 3.13 54.49
N SER A 872 43.27 2.29 55.46
CA SER A 872 44.01 2.25 56.72
C SER A 872 45.43 1.77 56.51
N ALA A 873 45.63 0.79 55.63
CA ALA A 873 46.97 0.33 55.32
C ALA A 873 47.80 1.44 54.71
N LEU A 874 47.23 2.18 53.75
CA LEU A 874 47.95 3.29 53.15
C LEU A 874 48.30 4.34 54.19
N LEU A 875 47.34 4.69 55.05
CA LEU A 875 47.59 5.71 56.07
C LEU A 875 48.70 5.26 57.02
N ALA A 876 48.66 4.00 57.45
CA ALA A 876 49.70 3.50 58.35
C ALA A 876 51.06 3.49 57.68
N GLY A 877 51.14 2.94 56.47
CA GLY A 877 52.40 2.95 55.75
C GLY A 877 52.97 4.36 55.61
N THR A 878 52.14 5.31 55.20
CA THR A 878 52.59 6.69 55.12
C THR A 878 53.11 7.18 56.47
N ILE A 879 52.23 7.23 57.48
CA ILE A 879 52.60 7.82 58.77
C ILE A 879 53.85 7.16 59.33
N THR A 880 54.11 5.89 58.99
CA THR A 880 55.18 5.16 59.63
C THR A 880 56.49 5.18 58.84
N SER A 881 56.45 5.36 57.52
CA SER A 881 57.65 5.24 56.70
C SER A 881 57.94 6.45 55.83
N GLY A 882 56.96 7.27 55.48
CA GLY A 882 57.20 8.35 54.54
C GLY A 882 56.92 7.88 53.13
N TRP A 883 57.84 8.17 52.22
CA TRP A 883 57.71 7.76 50.82
C TRP A 883 58.45 6.47 50.51
N THR A 884 59.02 5.81 51.52
CA THR A 884 59.85 4.63 51.26
C THR A 884 59.01 3.40 50.96
N PHE A 885 57.84 3.28 51.60
CA PHE A 885 57.00 2.12 51.38
C PHE A 885 56.35 2.11 50.01
N GLY A 886 56.35 3.23 49.31
CA GLY A 886 55.81 3.28 47.96
C GLY A 886 56.86 3.00 46.91
N ALA A 887 58.13 3.16 47.28
CA ALA A 887 59.23 2.90 46.37
C ALA A 887 59.89 1.54 46.59
N GLY A 888 59.71 0.93 47.76
CA GLY A 888 60.31 -0.35 48.05
C GLY A 888 59.97 -0.83 49.45
N PRO A 889 60.92 -1.49 50.12
CA PRO A 889 60.64 -2.00 51.46
C PRO A 889 60.42 -0.86 52.45
N ALA A 890 59.41 -1.01 53.30
CA ALA A 890 59.10 0.02 54.27
C ALA A 890 60.21 0.14 55.30
N LEU A 891 60.60 1.38 55.60
CA LEU A 891 61.64 1.68 56.56
C LEU A 891 61.07 2.64 57.60
N GLN A 892 61.20 2.26 58.87
CA GLN A 892 60.65 3.09 59.95
C GLN A 892 61.42 4.40 60.04
N ILE A 893 60.71 5.46 60.42
CA ILE A 893 61.32 6.78 60.58
C ILE A 893 60.37 7.66 61.39
N PRO A 894 60.83 8.34 62.43
CA PRO A 894 59.91 9.19 63.22
C PRO A 894 59.26 10.26 62.36
N PHE A 895 58.03 10.62 62.74
CA PHE A 895 57.30 11.63 61.99
C PHE A 895 57.95 13.00 62.03
N PRO A 896 58.60 13.44 63.12
CA PRO A 896 59.35 14.71 63.02
C PRO A 896 60.43 14.67 61.97
N MET A 897 61.14 13.54 61.84
CA MET A 897 62.16 13.43 60.81
C MET A 897 61.55 13.35 59.41
N GLN A 898 60.38 12.72 59.28
CA GLN A 898 59.69 12.75 57.99
C GLN A 898 59.30 14.17 57.62
N MET A 899 58.80 14.94 58.58
CA MET A 899 58.44 16.33 58.32
C MET A 899 59.67 17.16 57.98
N ALA A 900 60.81 16.86 58.61
CA ALA A 900 62.05 17.54 58.26
C ALA A 900 62.46 17.21 56.83
N TYR A 901 62.35 15.94 56.45
CA TYR A 901 62.58 15.57 55.05
C TYR A 901 61.71 16.39 54.11
N ARG A 902 60.41 16.47 54.41
CA ARG A 902 59.49 17.19 53.52
C ARG A 902 59.83 18.68 53.48
N PHE A 903 60.16 19.27 54.63
CA PHE A 903 60.53 20.67 54.67
C PHE A 903 61.77 20.94 53.81
N ASN A 904 62.80 20.11 53.97
CA ASN A 904 63.98 20.24 53.13
C ASN A 904 63.64 20.05 51.65
N GLY A 905 62.63 19.22 51.36
CA GLY A 905 62.23 19.02 49.98
C GLY A 905 61.52 20.20 49.39
N ILE A 906 60.75 20.93 50.19
CA ILE A 906 60.00 22.09 49.68
C ILE A 906 60.90 23.33 49.72
N GLY A 907 62.17 23.14 50.08
CA GLY A 907 63.10 24.25 50.08
C GLY A 907 63.17 25.03 51.38
N VAL A 908 62.81 24.41 52.50
CA VAL A 908 62.88 25.03 53.82
C VAL A 908 63.78 24.16 54.69
N THR A 909 64.79 24.77 55.30
CA THR A 909 65.78 24.01 56.06
C THR A 909 65.13 23.30 57.24
N GLN A 910 65.85 22.29 57.76
CA GLN A 910 65.28 21.45 58.81
C GLN A 910 65.18 22.19 60.13
N ASN A 911 66.11 23.13 60.39
CA ASN A 911 66.08 23.85 61.65
C ASN A 911 64.76 24.61 61.83
N VAL A 912 64.16 25.06 60.72
CA VAL A 912 62.87 25.74 60.81
C VAL A 912 61.84 24.85 61.50
N LEU A 913 61.91 23.55 61.25
CA LEU A 913 60.99 22.61 61.89
C LEU A 913 61.47 22.20 63.27
N TYR A 914 62.78 21.99 63.42
CA TYR A 914 63.28 21.52 64.70
C TYR A 914 63.26 22.61 65.76
N GLU A 915 62.95 23.85 65.37
CA GLU A 915 62.84 24.94 66.35
C GLU A 915 61.38 25.24 66.72
N ASN A 916 60.42 24.79 65.92
CA ASN A 916 59.00 25.10 66.13
C ASN A 916 58.14 23.87 65.88
N GLN A 917 58.70 22.69 66.18
CA GLN A 917 57.97 21.43 66.03
C GLN A 917 56.65 21.44 66.79
N LYS A 918 56.65 21.88 68.04
CA LYS A 918 55.43 21.85 68.83
C LYS A 918 54.35 22.74 68.21
N LEU A 919 54.72 23.95 67.80
CA LEU A 919 53.77 24.86 67.18
C LEU A 919 53.26 24.30 65.87
N ILE A 920 54.14 23.67 65.09
CA ILE A 920 53.74 23.09 63.80
C ILE A 920 52.75 21.96 64.01
N ALA A 921 53.01 21.12 65.03
CA ALA A 921 52.08 20.04 65.34
C ALA A 921 50.74 20.57 65.81
N ASN A 922 50.76 21.65 66.60
CA ASN A 922 49.50 22.26 67.03
C ASN A 922 48.72 22.78 65.82
N GLN A 923 49.41 23.42 64.88
CA GLN A 923 48.75 23.91 63.67
C GLN A 923 48.15 22.76 62.87
N PHE A 924 48.91 21.67 62.73
CA PHE A 924 48.40 20.50 62.00
C PHE A 924 47.16 19.93 62.67
N ASN A 925 47.18 19.83 64.00
CA ASN A 925 46.02 19.33 64.73
C ASN A 925 44.82 20.25 64.54
N SER A 926 45.05 21.57 64.58
CA SER A 926 43.95 22.51 64.36
C SER A 926 43.36 22.34 62.96
N ALA A 927 44.22 22.15 61.96
CA ALA A 927 43.72 21.95 60.60
C ALA A 927 42.91 20.68 60.50
N ILE A 928 43.41 19.58 61.08
CA ILE A 928 42.69 18.31 61.01
C ILE A 928 41.35 18.43 61.74
N GLY A 929 41.30 19.20 62.82
CA GLY A 929 40.05 19.41 63.51
C GLY A 929 39.08 20.27 62.72
N LYS A 930 39.60 21.25 61.97
CA LYS A 930 38.73 22.09 61.16
C LYS A 930 38.24 21.35 59.92
N ILE A 931 38.92 20.27 59.52
CA ILE A 931 38.46 19.47 58.39
C ILE A 931 37.04 18.96 58.64
N GLN A 932 36.82 18.42 59.84
CA GLN A 932 35.50 17.87 60.16
C GLN A 932 34.43 18.96 60.17
N ASP A 933 34.77 20.15 60.67
CA ASP A 933 33.82 21.25 60.66
C ASP A 933 33.51 21.67 59.22
N SER A 934 34.52 21.70 58.36
CA SER A 934 34.29 22.04 56.96
C SER A 934 33.38 21.01 56.28
N LEU A 935 33.55 19.73 56.61
CA LEU A 935 32.70 18.70 56.04
C LEU A 935 31.29 18.68 56.62
N SER A 936 31.12 19.14 57.86
CA SER A 936 29.82 19.12 58.51
C SER A 936 28.98 20.35 58.14
N SER A 937 29.59 21.54 58.11
CA SER A 937 28.82 22.75 57.84
C SER A 937 28.34 22.81 56.41
N THR A 938 29.16 22.34 55.46
CA THR A 938 28.81 22.38 54.05
C THR A 938 28.14 21.07 53.65
N PRO A 939 26.84 21.04 53.38
CA PRO A 939 26.21 19.78 52.97
C PRO A 939 26.52 19.41 51.52
N SER A 940 26.82 20.41 50.70
CA SER A 940 27.11 20.20 49.29
C SER A 940 28.60 19.98 49.02
N ALA A 941 29.37 19.61 50.05
CA ALA A 941 30.80 19.39 49.84
C ALA A 941 31.06 18.12 49.03
N LEU A 942 30.22 17.10 49.19
CA LEU A 942 30.36 15.83 48.47
C LEU A 942 29.42 15.75 47.27
N GLY A 943 29.08 16.89 46.68
CA GLY A 943 28.21 16.88 45.51
C GLY A 943 28.86 16.24 44.31
N LYS A 944 30.17 16.44 44.13
CA LYS A 944 30.86 15.83 43.00
C LYS A 944 30.79 14.31 43.07
N LEU A 945 30.64 13.75 44.27
CA LEU A 945 30.50 12.31 44.45
C LEU A 945 29.06 11.84 44.45
N GLN A 946 28.13 12.68 44.92
CA GLN A 946 26.71 12.32 44.87
C GLN A 946 26.15 12.43 43.46
N ASP A 947 26.80 13.20 42.59
CA ASP A 947 26.27 13.41 41.24
C ASP A 947 26.25 12.13 40.43
N VAL A 948 27.28 11.28 40.57
CA VAL A 948 27.32 10.05 39.79
C VAL A 948 26.21 9.11 40.24
N VAL A 949 25.99 9.00 41.56
CA VAL A 949 24.90 8.16 42.07
C VAL A 949 23.55 8.70 41.59
N ASN A 950 23.38 10.02 41.64
CA ASN A 950 22.12 10.60 41.17
C ASN A 950 21.92 10.32 39.68
N HIS A 951 22.98 10.39 38.89
CA HIS A 951 22.87 10.16 37.46
C HIS A 951 22.50 8.70 37.18
N ASN A 952 23.15 7.76 37.88
CA ASN A 952 22.80 6.35 37.69
C ASN A 952 21.35 6.09 38.10
N ALA A 953 20.92 6.64 39.23
CA ALA A 953 19.53 6.47 39.66
C ALA A 953 18.57 7.04 38.64
N GLN A 954 18.86 8.23 38.11
CA GLN A 954 17.99 8.85 37.12
C GLN A 954 17.94 8.04 35.84
N ALA A 955 19.08 7.49 35.41
CA ALA A 955 19.11 6.66 34.21
C ALA A 955 18.25 5.42 34.39
N LEU A 956 18.41 4.74 35.52
CA LEU A 956 17.58 3.55 35.77
C LEU A 956 16.11 3.92 35.86
N ASN A 957 15.80 5.05 36.49
CA ASN A 957 14.40 5.46 36.63
C ASN A 957 13.77 5.75 35.28
N THR A 958 14.49 6.47 34.41
CA THR A 958 13.93 6.77 33.10
C THR A 958 13.84 5.52 32.23
N LEU A 959 14.80 4.59 32.36
CA LEU A 959 14.71 3.34 31.60
C LEU A 959 13.54 2.50 32.07
N VAL A 960 13.20 2.58 33.36
CA VAL A 960 12.03 1.84 33.86
C VAL A 960 10.75 2.53 33.42
N LYS A 961 10.73 3.86 33.42
CA LYS A 961 9.52 4.60 33.09
C LYS A 961 9.22 4.57 31.59
N GLN A 962 10.24 4.40 30.74
CA GLN A 962 10.02 4.36 29.30
C GLN A 962 9.20 3.14 28.87
N LEU A 963 8.92 2.20 29.78
CA LEU A 963 8.10 1.04 29.42
C LEU A 963 6.66 1.44 29.16
N SER A 964 6.16 2.46 29.88
CA SER A 964 4.79 2.92 29.68
C SER A 964 4.58 3.58 28.32
N SER A 965 5.64 3.88 27.59
CA SER A 965 5.51 4.51 26.29
C SER A 965 4.86 3.53 25.31
N LYS A 966 3.89 4.03 24.53
CA LYS A 966 3.22 3.19 23.54
C LYS A 966 4.01 3.06 22.26
N PHE A 967 4.90 4.02 21.96
CA PHE A 967 5.70 3.99 20.74
C PHE A 967 4.83 3.87 19.49
N GLY A 968 3.63 4.44 19.55
CA GLY A 968 2.71 4.41 18.43
C GLY A 968 1.83 3.17 18.36
N ALA A 969 1.96 2.24 19.31
CA ALA A 969 1.15 1.04 19.30
C ALA A 969 -0.21 1.31 19.93
N ILE A 970 -1.07 0.29 19.93
CA ILE A 970 -2.41 0.44 20.50
C ILE A 970 -2.34 0.44 22.02
N SER A 971 -1.34 -0.22 22.60
CA SER A 971 -1.19 -0.27 24.05
C SER A 971 0.28 -0.51 24.36
N SER A 972 0.62 -0.34 25.64
CA SER A 972 1.99 -0.51 26.11
C SER A 972 2.23 -1.86 26.79
N VAL A 973 1.22 -2.73 26.84
CA VAL A 973 1.31 -4.00 27.56
C VAL A 973 1.14 -5.13 26.56
N LEU A 974 2.21 -5.91 26.38
CA LEU A 974 2.18 -7.03 25.43
C LEU A 974 1.08 -8.02 25.79
N ASN A 975 0.75 -8.16 27.08
CA ASN A 975 -0.31 -9.07 27.46
C ASN A 975 -1.62 -8.68 26.79
N ASP A 976 -2.01 -7.42 26.90
CA ASP A 976 -3.24 -6.98 26.24
C ASP A 976 -3.11 -7.00 24.73
N ILE A 977 -1.93 -6.62 24.21
CA ILE A 977 -1.74 -6.66 22.75
C ILE A 977 -1.98 -8.07 22.23
N LEU A 978 -1.56 -9.09 22.98
CA LEU A 978 -1.75 -10.46 22.53
C LEU A 978 -3.18 -10.94 22.77
N SER A 979 -3.79 -10.54 23.88
CA SER A 979 -5.12 -11.01 24.21
C SER A 979 -6.17 -10.46 23.26
N ARG A 980 -6.06 -9.17 22.92
CA ARG A 980 -7.09 -8.53 22.11
C ARG A 980 -7.04 -8.99 20.66
N LEU A 981 -5.86 -8.92 20.05
CA LEU A 981 -5.70 -9.16 18.62
C LEU A 981 -5.24 -10.58 18.36
N ASP A 982 -5.39 -11.02 17.09
CA ASP A 982 -4.87 -12.30 16.64
C ASP A 982 -3.44 -12.13 16.12
N PRO A 983 -2.64 -13.18 16.13
CA PRO A 983 -1.21 -13.05 15.81
C PRO A 983 -0.99 -12.31 14.49
N PRO A 984 -1.74 -12.64 13.44
CA PRO A 984 -1.51 -11.95 12.15
C PRO A 984 -1.45 -10.44 12.26
N GLU A 985 -2.46 -9.82 12.88
CA GLU A 985 -2.53 -8.36 12.97
C GLU A 985 -1.81 -7.81 14.20
N ALA A 986 -1.52 -8.64 15.20
CA ALA A 986 -0.77 -8.20 16.37
C ALA A 986 0.74 -8.24 16.17
N GLU A 987 1.21 -8.94 15.13
CA GLU A 987 2.64 -9.00 14.87
C GLU A 987 3.21 -7.62 14.60
N VAL A 988 2.47 -6.78 13.88
CA VAL A 988 2.98 -5.44 13.56
C VAL A 988 3.11 -4.61 14.83
N GLN A 989 2.12 -4.70 15.74
CA GLN A 989 2.20 -3.95 16.98
C GLN A 989 3.34 -4.45 17.86
N ILE A 990 3.51 -5.78 17.93
CA ILE A 990 4.60 -6.33 18.73
C ILE A 990 5.95 -5.90 18.15
N ASP A 991 6.06 -5.86 16.82
CA ASP A 991 7.29 -5.42 16.19
C ASP A 991 7.55 -3.94 16.47
N ARG A 992 6.50 -3.12 16.44
CA ARG A 992 6.64 -1.70 16.76
C ARG A 992 7.18 -1.53 18.18
N LEU A 993 6.56 -2.23 19.15
CA LEU A 993 7.01 -2.10 20.53
C LEU A 993 8.43 -2.63 20.71
N ILE A 994 8.76 -3.73 20.03
CA ILE A 994 10.12 -4.27 20.11
C ILE A 994 11.12 -3.25 19.58
N THR A 995 10.82 -2.63 18.44
CA THR A 995 11.71 -1.61 17.89
C THR A 995 11.89 -0.46 18.87
N GLY A 996 10.79 0.04 19.43
CA GLY A 996 10.89 1.14 20.37
C GLY A 996 11.75 0.81 21.57
N ARG A 997 11.51 -0.35 22.17
CA ARG A 997 12.25 -0.73 23.37
C ARG A 997 13.71 -1.01 23.05
N LEU A 998 14.00 -1.60 21.88
CA LEU A 998 15.37 -1.83 21.47
C LEU A 998 16.12 -0.51 21.31
N GLN A 999 15.48 0.46 20.66
CA GLN A 999 16.12 1.77 20.51
C GLN A 999 16.34 2.44 21.86
N SER A 1000 15.36 2.34 22.76
CA SER A 1000 15.51 2.93 24.09
C SER A 1000 16.69 2.31 24.82
N LEU A 1001 16.79 0.98 24.81
CA LEU A 1001 17.89 0.30 25.49
C LEU A 1001 19.23 0.64 24.85
N GLN A 1002 19.26 0.78 23.52
CA GLN A 1002 20.49 1.15 22.84
C GLN A 1002 20.95 2.54 23.28
N THR A 1003 20.03 3.50 23.32
CA THR A 1003 20.39 4.84 23.80
C THR A 1003 20.86 4.79 25.24
N TYR A 1004 20.19 3.99 26.08
CA TYR A 1004 20.60 3.87 27.48
C TYR A 1004 22.02 3.35 27.59
N VAL A 1005 22.34 2.30 26.85
CA VAL A 1005 23.68 1.71 26.95
C VAL A 1005 24.72 2.65 26.34
N THR A 1006 24.34 3.45 25.34
CA THR A 1006 25.27 4.44 24.81
C THR A 1006 25.61 5.48 25.87
N GLN A 1007 24.58 6.02 26.53
CA GLN A 1007 24.84 6.97 27.62
C GLN A 1007 25.66 6.32 28.72
N GLN A 1008 25.40 5.04 29.00
CA GLN A 1008 26.15 4.34 30.03
C GLN A 1008 27.61 4.22 29.65
N LEU A 1009 27.90 3.90 28.39
CA LEU A 1009 29.28 3.82 27.93
C LEU A 1009 29.97 5.18 28.02
N ILE A 1010 29.27 6.25 27.65
CA ILE A 1010 29.87 7.58 27.75
C ILE A 1010 30.22 7.91 29.20
N ARG A 1011 29.27 7.68 30.11
CA ARG A 1011 29.53 7.97 31.52
C ARG A 1011 30.61 7.06 32.08
N ALA A 1012 30.70 5.83 31.56
CA ALA A 1012 31.75 4.91 32.02
C ALA A 1012 33.12 5.39 31.56
N ALA A 1013 33.22 5.91 30.34
CA ALA A 1013 34.48 6.49 29.90
C ALA A 1013 34.85 7.70 30.75
N GLU A 1014 33.86 8.55 31.06
CA GLU A 1014 34.13 9.70 31.91
C GLU A 1014 34.64 9.26 33.29
N ILE A 1015 33.98 8.27 33.90
CA ILE A 1015 34.40 7.83 35.22
C ILE A 1015 35.71 7.08 35.15
N ARG A 1016 36.03 6.47 34.01
CA ARG A 1016 37.34 5.84 33.84
C ARG A 1016 38.44 6.90 33.83
N ALA A 1017 38.21 8.00 33.11
CA ALA A 1017 39.16 9.11 33.15
C ALA A 1017 39.30 9.66 34.57
N SER A 1018 38.17 9.80 35.27
CA SER A 1018 38.22 10.28 36.66
C SER A 1018 39.01 9.33 37.55
N ALA A 1019 38.83 8.02 37.36
CA ALA A 1019 39.55 7.05 38.17
C ALA A 1019 41.03 7.05 37.86
N ASN A 1020 41.39 7.25 36.59
CA ASN A 1020 42.80 7.38 36.24
C ASN A 1020 43.41 8.60 36.91
N LEU A 1021 42.69 9.72 36.90
CA LEU A 1021 43.18 10.92 37.57
C LEU A 1021 43.34 10.68 39.07
N ALA A 1022 42.36 9.99 39.67
CA ALA A 1022 42.43 9.72 41.10
C ALA A 1022 43.61 8.80 41.44
N ALA A 1023 43.86 7.80 40.60
CA ALA A 1023 44.99 6.91 40.83
C ALA A 1023 46.31 7.66 40.68
N THR A 1024 46.42 8.53 39.68
CA THR A 1024 47.63 9.34 39.53
C THR A 1024 47.84 10.23 40.75
N LYS A 1025 46.76 10.87 41.23
CA LYS A 1025 46.87 11.71 42.42
C LYS A 1025 47.31 10.91 43.63
N MET A 1026 46.69 9.75 43.85
CA MET A 1026 47.12 8.88 44.95
C MET A 1026 48.60 8.56 44.83
N SER A 1027 49.04 8.09 43.66
CA SER A 1027 50.42 7.67 43.49
C SER A 1027 51.40 8.82 43.72
N GLU A 1028 51.05 10.02 43.26
CA GLU A 1028 51.98 11.14 43.28
C GLU A 1028 51.86 12.03 44.50
N CYS A 1029 50.87 11.79 45.38
CA CYS A 1029 50.70 12.58 46.58
C CYS A 1029 50.78 11.78 47.87
N VAL A 1030 50.31 10.53 47.88
CA VAL A 1030 50.31 9.72 49.09
C VAL A 1030 51.59 8.89 49.19
N LEU A 1031 52.00 8.25 48.10
CA LEU A 1031 53.23 7.46 48.10
C LEU A 1031 54.49 8.32 48.04
N GLY A 1032 54.36 9.63 47.93
CA GLY A 1032 55.53 10.48 47.88
C GLY A 1032 55.14 11.94 47.82
N GLN A 1033 56.14 12.79 47.60
CA GLN A 1033 55.95 14.23 47.50
C GLN A 1033 56.22 14.65 46.05
N SER A 1034 55.26 15.38 45.47
CA SER A 1034 55.35 15.80 44.09
C SER A 1034 55.69 17.29 44.03
N LYS A 1035 56.75 17.62 43.27
CA LYS A 1035 57.08 19.02 43.05
C LYS A 1035 56.01 19.75 42.23
N ARG A 1036 55.03 19.01 41.68
CA ARG A 1036 53.95 19.62 40.94
C ARG A 1036 53.31 20.72 41.77
N VAL A 1037 53.20 21.92 41.19
CA VAL A 1037 52.87 23.10 41.99
C VAL A 1037 51.44 23.05 42.49
N ASP A 1038 50.50 22.56 41.68
CA ASP A 1038 49.09 22.59 42.06
C ASP A 1038 48.40 21.26 41.75
N PHE A 1039 49.06 20.15 42.03
CA PHE A 1039 48.44 18.84 41.83
C PHE A 1039 47.81 18.33 43.12
N CYS A 1040 48.60 18.26 44.19
CA CYS A 1040 48.10 17.80 45.49
C CYS A 1040 47.67 18.99 46.35
N GLY A 1041 46.72 19.75 45.81
CA GLY A 1041 46.19 20.92 46.50
C GLY A 1041 46.99 22.17 46.22
N LYS A 1042 46.41 23.30 46.64
CA LYS A 1042 47.04 24.59 46.45
C LYS A 1042 48.16 24.81 47.46
N GLY A 1043 49.17 25.57 47.05
CA GLY A 1043 50.30 25.85 47.90
C GLY A 1043 51.36 24.78 47.82
N TYR A 1044 52.47 25.05 48.51
CA TYR A 1044 53.58 24.09 48.56
C TYR A 1044 53.12 22.82 49.26
N HIS A 1045 53.13 21.71 48.54
CA HIS A 1045 52.61 20.45 49.07
C HIS A 1045 53.59 19.84 50.07
N LEU A 1046 53.07 19.36 51.19
CA LEU A 1046 53.86 18.67 52.20
C LEU A 1046 53.60 17.18 52.18
N MET A 1047 52.34 16.76 52.31
CA MET A 1047 51.98 15.35 52.29
C MET A 1047 50.48 15.24 52.09
N SER A 1048 49.98 14.01 52.03
CA SER A 1048 48.57 13.75 51.80
C SER A 1048 48.14 12.54 52.61
N PHE A 1049 46.82 12.42 52.79
CA PHE A 1049 46.21 11.31 53.52
C PHE A 1049 44.95 10.89 52.79
N PRO A 1050 44.81 9.62 52.41
CA PRO A 1050 43.59 9.18 51.74
C PRO A 1050 42.51 8.77 52.72
N GLN A 1051 41.26 8.98 52.32
CA GLN A 1051 40.10 8.61 53.11
C GLN A 1051 39.08 7.91 52.20
N SER A 1052 38.49 6.84 52.72
CA SER A 1052 37.57 6.05 51.92
C SER A 1052 36.28 6.83 51.65
N ALA A 1053 35.52 6.33 50.67
CA ALA A 1053 34.23 6.91 50.33
C ALA A 1053 33.39 5.83 49.66
N PRO A 1054 32.06 6.00 49.61
CA PRO A 1054 31.23 4.95 49.01
C PRO A 1054 31.59 4.64 47.57
N HIS A 1055 31.81 5.67 46.74
CA HIS A 1055 32.10 5.47 45.32
C HIS A 1055 33.27 6.32 44.85
N GLY A 1056 34.14 6.76 45.76
CA GLY A 1056 35.26 7.59 45.37
C GLY A 1056 36.33 7.60 46.42
N VAL A 1057 37.17 8.64 46.37
CA VAL A 1057 38.26 8.83 47.32
C VAL A 1057 38.31 10.29 47.69
N VAL A 1058 38.63 10.56 48.96
CA VAL A 1058 38.75 11.92 49.48
C VAL A 1058 40.19 12.10 49.98
N PHE A 1059 40.88 13.10 49.44
CA PHE A 1059 42.27 13.36 49.77
C PHE A 1059 42.37 14.52 50.74
N LEU A 1060 43.20 14.34 51.77
CA LEU A 1060 43.51 15.40 52.73
C LEU A 1060 44.92 15.88 52.45
N HIS A 1061 45.04 16.94 51.64
CA HIS A 1061 46.34 17.43 51.19
C HIS A 1061 46.88 18.42 52.20
N VAL A 1062 47.86 17.99 52.99
CA VAL A 1062 48.55 18.88 53.92
C VAL A 1062 49.57 19.68 53.12
N THR A 1063 49.43 21.01 53.13
CA THR A 1063 50.25 21.88 52.32
C THR A 1063 50.94 22.92 53.19
N TYR A 1064 51.87 23.64 52.58
CA TYR A 1064 52.67 24.66 53.24
C TYR A 1064 52.45 25.98 52.52
N VAL A 1065 51.99 27.00 53.24
CA VAL A 1065 51.64 28.28 52.66
C VAL A 1065 52.41 29.37 53.42
N PRO A 1066 53.24 30.16 52.74
CA PRO A 1066 53.87 31.30 53.42
C PRO A 1066 52.84 32.27 53.97
N ALA A 1067 53.28 33.13 54.86
CA ALA A 1067 52.39 34.11 55.48
C ALA A 1067 53.23 35.12 56.26
N GLN A 1068 52.64 36.28 56.51
CA GLN A 1068 53.27 37.35 57.27
C GLN A 1068 54.61 37.74 56.67
N GLU A 1069 54.53 38.26 55.44
CA GLU A 1069 55.73 38.68 54.72
C GLU A 1069 56.11 40.11 55.09
N LYS A 1070 57.32 40.50 54.71
CA LYS A 1070 57.85 41.82 55.00
C LYS A 1070 58.72 42.28 53.85
N ASN A 1071 58.82 43.61 53.71
CA ASN A 1071 59.63 44.19 52.64
C ASN A 1071 61.11 44.18 53.02
N PHE A 1072 61.96 44.08 52.01
CA PHE A 1072 63.39 44.10 52.21
C PHE A 1072 64.07 44.64 50.96
N THR A 1073 65.25 45.22 51.16
CA THR A 1073 66.09 45.66 50.05
C THR A 1073 67.05 44.55 49.67
N THR A 1074 67.28 44.39 48.36
CA THR A 1074 68.06 43.27 47.85
C THR A 1074 69.02 43.75 46.77
N ALA A 1075 70.06 42.96 46.56
CA ALA A 1075 71.03 43.15 45.49
C ALA A 1075 71.45 41.79 44.95
N PRO A 1076 71.70 41.68 43.65
CA PRO A 1076 72.00 40.35 43.08
C PRO A 1076 73.35 39.79 43.51
N ALA A 1077 74.27 40.63 43.99
CA ALA A 1077 75.58 40.16 44.39
C ALA A 1077 76.23 41.21 45.28
N ILE A 1078 77.40 40.86 45.82
CA ILE A 1078 78.16 41.72 46.70
C ILE A 1078 79.55 41.91 46.11
N CYS A 1079 80.01 43.15 46.05
CA CYS A 1079 81.34 43.48 45.56
C CYS A 1079 82.28 43.63 46.76
N HIS A 1080 83.26 42.72 46.86
CA HIS A 1080 84.19 42.72 47.97
C HIS A 1080 85.58 42.38 47.45
N ASP A 1081 86.57 43.22 47.81
CA ASP A 1081 87.95 43.02 47.38
C ASP A 1081 88.04 42.98 45.86
N GLY A 1082 87.21 43.79 45.19
CA GLY A 1082 87.20 43.84 43.75
C GLY A 1082 86.67 42.59 43.08
N LYS A 1083 85.95 41.74 43.82
CA LYS A 1083 85.40 40.51 43.28
C LYS A 1083 83.91 40.44 43.58
N ALA A 1084 83.18 39.73 42.71
CA ALA A 1084 81.74 39.57 42.87
C ALA A 1084 81.44 38.33 43.70
N HIS A 1085 80.43 38.44 44.56
CA HIS A 1085 80.00 37.35 45.43
C HIS A 1085 78.52 37.07 45.19
N PHE A 1086 78.21 35.81 44.90
CA PHE A 1086 76.84 35.36 44.72
C PHE A 1086 76.47 34.35 45.80
N PRO A 1087 75.18 34.25 46.15
CA PRO A 1087 74.80 33.34 47.22
C PRO A 1087 74.67 31.90 46.71
N ARG A 1088 75.12 30.96 47.53
CA ARG A 1088 74.95 29.55 47.21
C ARG A 1088 73.49 29.14 47.32
N GLU A 1089 72.84 29.53 48.41
CA GLU A 1089 71.42 29.30 48.60
C GLU A 1089 70.82 30.49 49.33
N GLY A 1090 69.68 30.97 48.83
CA GLY A 1090 69.05 32.14 49.39
C GLY A 1090 69.30 33.39 48.57
N VAL A 1091 69.05 34.54 49.20
CA VAL A 1091 69.20 35.83 48.56
C VAL A 1091 69.75 36.83 49.57
N PHE A 1092 70.41 37.86 49.06
CA PHE A 1092 70.90 38.93 49.91
C PHE A 1092 69.76 39.88 50.26
N VAL A 1093 69.67 40.24 51.53
CA VAL A 1093 68.61 41.13 52.02
C VAL A 1093 69.24 42.18 52.93
N SER A 1094 68.53 43.29 53.09
CA SER A 1094 69.01 44.41 53.89
C SER A 1094 67.83 45.09 54.59
N ASN A 1095 68.05 45.48 55.84
CA ASN A 1095 67.09 46.28 56.60
C ASN A 1095 67.63 47.67 56.89
N GLY A 1096 68.59 48.14 56.09
CA GLY A 1096 69.19 49.44 56.30
C GLY A 1096 70.50 49.37 57.05
N THR A 1097 71.59 49.77 56.38
CA THR A 1097 72.90 49.84 57.00
C THR A 1097 73.50 48.47 57.29
N HIS A 1098 72.83 47.41 56.87
CA HIS A 1098 73.30 46.04 57.10
C HIS A 1098 72.76 45.12 56.02
N TRP A 1099 73.47 44.00 55.82
CA TRP A 1099 73.13 43.01 54.80
C TRP A 1099 73.22 41.62 55.39
N PHE A 1100 72.36 40.72 54.89
CA PHE A 1100 72.32 39.34 55.36
C PHE A 1100 71.94 38.42 54.21
N VAL A 1101 72.11 37.12 54.44
CA VAL A 1101 71.63 36.08 53.54
C VAL A 1101 70.47 35.37 54.21
N THR A 1102 69.45 35.02 53.43
CA THR A 1102 68.26 34.36 53.96
C THR A 1102 67.65 33.47 52.89
N GLN A 1103 67.17 32.31 53.31
CA GLN A 1103 66.47 31.42 52.38
C GLN A 1103 65.18 32.08 51.91
N ARG A 1104 64.81 31.79 50.66
CA ARG A 1104 63.73 32.51 50.01
C ARG A 1104 62.37 32.20 50.62
N ASN A 1105 62.18 31.01 51.18
CA ASN A 1105 60.86 30.58 51.66
C ASN A 1105 60.68 30.77 53.16
N PHE A 1106 61.65 31.35 53.86
CA PHE A 1106 61.51 31.61 55.28
C PHE A 1106 62.60 32.58 55.71
N TYR A 1107 62.22 33.64 56.41
CA TYR A 1107 63.19 34.66 56.80
C TYR A 1107 64.08 34.14 57.91
N GLU A 1108 65.39 34.08 57.64
CA GLU A 1108 66.38 33.68 58.64
C GLU A 1108 67.69 34.38 58.29
N PRO A 1109 67.89 35.60 58.80
CA PRO A 1109 69.08 36.37 58.38
C PRO A 1109 70.37 35.75 58.90
N GLN A 1110 71.33 35.59 58.00
CA GLN A 1110 72.65 35.08 58.33
C GLN A 1110 73.71 36.07 57.86
N ILE A 1111 74.84 36.08 58.56
CA ILE A 1111 75.93 36.97 58.18
C ILE A 1111 76.52 36.50 56.86
N ILE A 1112 76.85 37.45 55.99
CA ILE A 1112 77.44 37.14 54.70
C ILE A 1112 78.88 36.70 54.93
N THR A 1113 79.17 35.43 54.64
CA THR A 1113 80.51 34.88 54.82
C THR A 1113 80.88 34.09 53.57
N THR A 1114 82.12 33.57 53.57
CA THR A 1114 82.58 32.77 52.44
C THR A 1114 81.90 31.41 52.37
N ASP A 1115 81.26 30.98 53.47
CA ASP A 1115 80.62 29.66 53.46
C ASP A 1115 79.32 29.68 52.68
N ASN A 1116 78.62 30.81 52.63
CA ASN A 1116 77.34 30.92 51.95
C ASN A 1116 77.41 31.77 50.69
N THR A 1117 78.61 31.98 50.14
CA THR A 1117 78.77 32.74 48.91
C THR A 1117 79.91 32.14 48.10
N PHE A 1118 79.85 32.36 46.78
CA PHE A 1118 80.87 31.90 45.86
C PHE A 1118 81.25 33.02 44.92
N VAL A 1119 82.53 33.07 44.54
CA VAL A 1119 83.07 34.15 43.72
C VAL A 1119 83.06 33.72 42.26
N SER A 1120 82.80 34.68 41.37
CA SER A 1120 82.82 34.42 39.93
C SER A 1120 83.10 35.74 39.23
N GLY A 1121 84.34 35.94 38.79
CA GLY A 1121 84.69 37.13 38.06
C GLY A 1121 84.69 38.38 38.92
N ASN A 1122 84.96 39.50 38.26
CA ASN A 1122 85.02 40.79 38.92
C ASN A 1122 83.60 41.33 39.17
N CYS A 1123 83.52 42.39 39.97
CA CYS A 1123 82.25 43.00 40.34
C CYS A 1123 81.88 44.19 39.47
N ASP A 1124 82.58 44.41 38.36
CA ASP A 1124 82.29 45.55 37.49
C ASP A 1124 81.27 45.19 36.41
N VAL A 1125 81.12 43.91 36.08
CA VAL A 1125 80.25 43.51 34.99
C VAL A 1125 78.80 43.35 35.45
N VAL A 1126 78.59 43.01 36.72
CA VAL A 1126 77.26 42.75 37.23
C VAL A 1126 76.50 44.06 37.39
N ILE A 1127 75.22 44.05 37.03
CA ILE A 1127 74.38 45.23 37.14
C ILE A 1127 73.74 45.26 38.53
N GLY A 1128 73.73 46.43 39.15
CA GLY A 1128 73.07 46.60 40.44
C GLY A 1128 73.80 45.98 41.61
N ILE A 1129 75.10 45.75 41.50
CA ILE A 1129 75.86 45.14 42.58
C ILE A 1129 76.16 46.19 43.65
N VAL A 1130 76.21 45.73 44.90
CA VAL A 1130 76.52 46.58 46.04
C VAL A 1130 77.78 46.05 46.70
N ASN A 1131 78.34 46.87 47.60
CA ASN A 1131 79.58 46.55 48.30
C ASN A 1131 79.30 46.35 49.77
N ASN A 1132 79.74 45.22 50.32
CA ASN A 1132 79.59 44.93 51.73
C ASN A 1132 80.68 43.95 52.14
N THR A 1133 80.98 43.94 53.45
CA THR A 1133 82.06 43.11 53.97
C THR A 1133 81.63 41.65 53.98
N VAL A 1134 82.41 40.81 53.31
CA VAL A 1134 82.20 39.36 53.31
C VAL A 1134 83.23 38.78 54.28
N TYR A 1135 82.78 38.53 55.52
CA TYR A 1135 83.68 38.10 56.57
C TYR A 1135 84.24 36.71 56.26
N ASP A 1136 85.55 36.58 56.29
CA ASP A 1136 86.19 35.29 56.09
C ASP A 1136 86.13 34.49 57.39
N PRO A 1137 85.48 33.33 57.42
CA PRO A 1137 85.34 32.59 58.69
C PRO A 1137 86.66 32.01 59.20
N LEU A 1138 87.69 31.90 58.35
CA LEU A 1138 88.96 31.32 58.76
C LEU A 1138 90.02 32.36 59.08
N GLN A 1139 89.85 33.60 58.61
CA GLN A 1139 90.87 34.62 58.83
C GLN A 1139 91.06 34.94 60.31
N PRO A 1140 90.01 35.15 61.11
CA PRO A 1140 90.24 35.49 62.52
C PRO A 1140 91.00 34.41 63.29
N GLU A 1141 90.70 33.14 63.01
CA GLU A 1141 91.40 32.05 63.71
C GLU A 1141 92.81 31.84 63.16
N LEU A 1142 93.00 32.03 61.85
CA LEU A 1142 94.31 31.87 61.26
C LEU A 1142 95.26 33.02 61.59
N ASP A 1143 94.72 34.17 61.97
CA ASP A 1143 95.56 35.32 62.31
C ASP A 1143 96.10 35.19 63.73
N SER B 24 27.84 14.58 -38.92
CA SER B 24 29.06 15.06 -38.20
C SER B 24 28.77 15.24 -36.72
N TYR B 25 29.80 15.01 -35.90
CA TYR B 25 29.70 15.16 -34.45
C TYR B 25 30.67 16.25 -33.99
N THR B 26 30.30 16.91 -32.90
CA THR B 26 31.11 17.98 -32.33
C THR B 26 31.06 17.90 -30.82
N ASN B 27 32.15 18.31 -30.18
CA ASN B 27 32.23 18.29 -28.72
C ASN B 27 31.48 19.47 -28.14
N SER B 28 30.87 19.26 -26.98
CA SER B 28 30.07 20.28 -26.30
C SER B 28 30.86 20.84 -25.12
N PHE B 29 30.88 22.15 -25.00
CA PHE B 29 31.52 22.83 -23.88
C PHE B 29 30.58 22.80 -22.68
N THR B 30 30.91 23.59 -21.66
CA THR B 30 30.10 23.64 -20.44
C THR B 30 28.67 24.08 -20.71
N ARG B 31 28.37 24.50 -21.95
CA ARG B 31 27.02 24.87 -22.32
C ARG B 31 26.05 23.73 -22.03
N GLY B 32 24.77 24.08 -21.92
CA GLY B 32 23.72 23.11 -21.72
C GLY B 32 23.13 23.05 -20.33
N VAL B 33 23.52 23.95 -19.43
CA VAL B 33 23.00 23.97 -18.07
C VAL B 33 21.79 24.89 -18.01
N TYR B 34 20.92 24.64 -17.03
CA TYR B 34 19.69 25.41 -16.88
C TYR B 34 19.31 25.47 -15.41
N TYR B 35 18.41 26.40 -15.10
CA TYR B 35 17.91 26.53 -13.73
C TYR B 35 17.02 25.33 -13.40
N PRO B 36 17.35 24.56 -12.36
CA PRO B 36 16.65 23.28 -12.18
C PRO B 36 15.23 23.42 -11.64
N ASP B 37 15.00 24.27 -10.63
CA ASP B 37 13.75 24.24 -9.91
C ASP B 37 13.17 25.62 -9.58
N LYS B 38 13.56 26.67 -10.30
CA LYS B 38 12.91 27.97 -10.22
C LYS B 38 13.00 28.61 -8.83
N VAL B 39 13.98 28.21 -8.02
CA VAL B 39 14.15 28.77 -6.68
C VAL B 39 15.32 29.74 -6.70
N PHE B 40 15.15 30.87 -6.03
CA PHE B 40 16.22 31.87 -5.96
C PHE B 40 17.24 31.48 -4.89
N ARG B 41 18.51 31.49 -5.27
CA ARG B 41 19.60 31.19 -4.36
C ARG B 41 20.74 32.18 -4.63
N SER B 42 21.26 32.78 -3.56
CA SER B 42 22.32 33.77 -3.65
C SER B 42 23.53 33.27 -2.86
N SER B 43 24.65 33.11 -3.56
CA SER B 43 25.91 32.65 -2.94
C SER B 43 25.72 31.28 -2.28
N VAL B 44 25.12 30.36 -3.03
CA VAL B 44 24.87 28.99 -2.58
C VAL B 44 25.32 28.03 -3.67
N LEU B 45 26.04 26.99 -3.27
CA LEU B 45 26.46 25.92 -4.18
C LEU B 45 25.47 24.78 -4.04
N HIS B 46 24.64 24.60 -5.06
CA HIS B 46 23.55 23.64 -5.04
C HIS B 46 23.91 22.43 -5.89
N SER B 47 23.80 21.24 -5.30
CA SER B 47 24.04 19.98 -6.00
C SER B 47 22.67 19.41 -6.39
N THR B 48 22.42 19.32 -7.69
CA THR B 48 21.14 18.85 -8.21
C THR B 48 21.37 17.65 -9.10
N GLN B 49 20.58 16.59 -8.89
CA GLN B 49 20.64 15.38 -9.69
C GLN B 49 19.42 15.36 -10.60
N ASP B 50 19.64 15.65 -11.88
CA ASP B 50 18.55 15.71 -12.85
C ASP B 50 19.13 15.43 -14.23
N LEU B 51 18.27 15.53 -15.24
CA LEU B 51 18.67 15.28 -16.63
C LEU B 51 19.46 16.49 -17.14
N PHE B 52 20.76 16.29 -17.36
CA PHE B 52 21.64 17.34 -17.83
C PHE B 52 22.47 16.81 -19.00
N LEU B 53 23.11 17.75 -19.71
CA LEU B 53 23.98 17.39 -20.82
C LEU B 53 25.39 17.15 -20.30
N PRO B 54 25.94 15.94 -20.45
CA PRO B 54 27.31 15.70 -19.96
C PRO B 54 28.32 16.64 -20.60
N PHE B 55 29.27 17.09 -19.79
CA PHE B 55 30.29 18.00 -20.28
C PHE B 55 31.26 17.25 -21.19
N PHE B 56 31.75 17.95 -22.22
CA PHE B 56 32.71 17.38 -23.17
C PHE B 56 32.15 16.13 -23.83
N SER B 57 30.87 16.17 -24.19
CA SER B 57 30.20 15.07 -24.87
C SER B 57 30.00 15.41 -26.34
N ASN B 58 29.94 14.37 -27.17
CA ASN B 58 29.78 14.52 -28.60
C ASN B 58 28.30 14.60 -28.94
N VAL B 59 27.89 15.68 -29.60
CA VAL B 59 26.51 15.88 -30.01
C VAL B 59 26.44 15.84 -31.53
N THR B 60 25.29 15.40 -32.04
CA THR B 60 25.11 15.31 -33.48
C THR B 60 25.04 16.70 -34.10
N TRP B 61 25.74 16.88 -35.22
CA TRP B 61 25.79 18.15 -35.93
C TRP B 61 25.32 17.94 -37.36
N PHE B 62 24.21 18.59 -37.71
CA PHE B 62 23.62 18.47 -39.04
C PHE B 62 23.50 19.87 -39.66
N HIS B 63 23.63 19.91 -40.99
CA HIS B 63 23.46 21.13 -41.76
C HIS B 63 22.09 21.14 -42.41
N ALA B 64 21.50 22.34 -42.52
CA ALA B 64 20.20 22.50 -43.15
C ALA B 64 20.27 23.11 -44.54
N ILE B 65 21.44 23.58 -44.98
CA ILE B 65 21.59 24.11 -46.32
C ILE B 65 21.83 23.03 -47.36
N HIS B 66 21.83 21.76 -46.95
CA HIS B 66 22.04 20.65 -47.87
C HIS B 66 21.12 19.51 -47.42
N VAL B 67 21.35 18.31 -47.97
CA VAL B 67 20.56 17.15 -47.61
C VAL B 67 19.09 17.40 -47.94
N ASN B 78 16.42 15.93 -43.51
CA ASN B 78 15.93 15.96 -42.13
C ASN B 78 15.31 14.61 -41.75
N PRO B 79 16.16 13.60 -41.53
CA PRO B 79 15.64 12.29 -41.16
C PRO B 79 15.02 12.29 -39.76
N VAL B 80 14.17 11.29 -39.53
CA VAL B 80 13.50 11.16 -38.24
C VAL B 80 14.53 10.75 -37.19
N LEU B 81 14.65 11.54 -36.11
CA LEU B 81 15.60 11.27 -35.06
C LEU B 81 14.86 10.89 -33.77
N PRO B 82 15.32 9.87 -33.04
CA PRO B 82 14.65 9.51 -31.79
C PRO B 82 14.74 10.61 -30.76
N PHE B 83 13.73 10.66 -29.89
CA PHE B 83 13.67 11.61 -28.79
C PHE B 83 13.83 10.82 -27.49
N ASN B 84 15.04 10.85 -26.92
CA ASN B 84 15.33 10.12 -25.70
C ASN B 84 14.81 10.87 -24.49
N ASP B 85 15.20 10.44 -23.28
CA ASP B 85 14.70 11.05 -22.05
C ASP B 85 14.81 12.57 -22.10
N GLY B 86 15.85 13.09 -22.73
CA GLY B 86 16.04 14.52 -22.83
C GLY B 86 16.75 14.88 -24.11
N VAL B 87 16.45 16.06 -24.64
CA VAL B 87 17.02 16.55 -25.89
C VAL B 87 17.45 17.99 -25.69
N TYR B 88 18.71 18.29 -26.03
CA TYR B 88 19.24 19.65 -26.00
C TYR B 88 19.45 20.10 -27.43
N PHE B 89 18.63 21.06 -27.88
CA PHE B 89 18.66 21.55 -29.25
C PHE B 89 19.40 22.87 -29.30
N ALA B 90 20.38 22.96 -30.20
CA ALA B 90 21.16 24.17 -30.42
C ALA B 90 21.04 24.58 -31.88
N SER B 91 21.04 25.88 -32.13
CA SER B 91 20.90 26.41 -33.48
C SER B 91 21.76 27.66 -33.61
N THR B 92 22.64 27.66 -34.61
CA THR B 92 23.50 28.81 -34.91
C THR B 92 23.06 29.37 -36.26
N GLU B 93 22.09 30.28 -36.22
CA GLU B 93 21.52 30.83 -37.44
C GLU B 93 21.26 32.33 -37.24
N LYS B 94 21.02 33.01 -38.36
CA LYS B 94 20.71 34.43 -38.35
C LYS B 94 19.45 34.72 -39.13
N SER B 95 19.22 33.97 -40.22
CA SER B 95 18.09 34.18 -41.10
C SER B 95 16.90 33.28 -40.74
N ASN B 96 16.85 32.82 -39.49
CA ASN B 96 15.74 32.01 -38.97
C ASN B 96 15.27 30.97 -39.98
N ILE B 97 16.20 30.06 -40.32
CA ILE B 97 15.85 28.96 -41.21
C ILE B 97 15.04 27.91 -40.46
N ILE B 98 15.45 27.60 -39.22
CA ILE B 98 14.70 26.69 -38.38
C ILE B 98 13.52 27.45 -37.78
N ARG B 99 12.30 27.01 -38.06
CA ARG B 99 11.11 27.73 -37.67
C ARG B 99 10.24 26.99 -36.65
N GLY B 100 10.48 25.72 -36.41
CA GLY B 100 9.66 25.00 -35.46
C GLY B 100 10.11 23.57 -35.29
N TRP B 101 9.36 22.84 -34.45
CA TRP B 101 9.64 21.45 -34.15
C TRP B 101 8.32 20.70 -34.07
N ILE B 102 8.39 19.39 -34.35
CA ILE B 102 7.23 18.51 -34.24
C ILE B 102 7.63 17.29 -33.42
N PHE B 103 6.67 16.76 -32.66
CA PHE B 103 6.92 15.62 -31.79
C PHE B 103 5.73 14.68 -31.84
N GLY B 104 5.89 13.52 -31.22
CA GLY B 104 4.84 12.53 -31.18
C GLY B 104 5.39 11.18 -30.79
N THR B 105 4.46 10.27 -30.49
CA THR B 105 4.85 8.90 -30.14
C THR B 105 5.23 8.10 -31.38
N THR B 106 4.30 7.97 -32.32
CA THR B 106 4.54 7.28 -33.57
C THR B 106 4.54 8.22 -34.77
N LEU B 107 4.34 9.52 -34.56
CA LEU B 107 4.32 10.52 -35.62
C LEU B 107 3.22 10.25 -36.65
N ASP B 108 2.11 9.65 -36.21
CA ASP B 108 1.00 9.34 -37.10
C ASP B 108 -0.30 9.76 -36.45
N SER B 109 -1.36 9.81 -37.26
CA SER B 109 -2.68 10.21 -36.77
C SER B 109 -3.24 9.23 -35.76
N LYS B 110 -2.79 7.97 -35.76
CA LYS B 110 -3.28 6.99 -34.79
C LYS B 110 -2.81 7.27 -33.38
N THR B 111 -1.97 8.28 -33.18
CA THR B 111 -1.47 8.64 -31.86
C THR B 111 -1.47 10.15 -31.72
N GLN B 112 -1.30 10.61 -30.48
CA GLN B 112 -1.21 12.04 -30.21
C GLN B 112 0.12 12.59 -30.71
N SER B 113 0.14 13.89 -30.99
CA SER B 113 1.34 14.54 -31.50
C SER B 113 1.34 16.00 -31.04
N LEU B 114 2.51 16.62 -31.16
CA LEU B 114 2.69 18.00 -30.75
C LEU B 114 3.43 18.76 -31.84
N LEU B 115 3.12 20.05 -31.97
CA LEU B 115 3.72 20.90 -33.00
C LEU B 115 4.00 22.27 -32.41
N ILE B 116 5.15 22.83 -32.79
CA ILE B 116 5.57 24.15 -32.35
C ILE B 116 6.07 24.91 -33.57
N VAL B 117 5.56 26.13 -33.77
CA VAL B 117 5.91 26.96 -34.91
C VAL B 117 6.14 28.38 -34.41
N ASN B 118 7.26 28.98 -34.81
CA ASN B 118 7.63 30.32 -34.40
C ASN B 118 7.40 31.29 -35.55
N ASN B 119 6.17 31.77 -35.66
CA ASN B 119 5.84 32.76 -36.67
C ASN B 119 6.40 34.13 -36.28
N ALA B 120 6.59 34.98 -37.29
CA ALA B 120 7.13 36.31 -37.04
C ALA B 120 6.28 37.11 -36.08
N THR B 121 4.98 36.81 -35.98
CA THR B 121 4.10 37.56 -35.08
C THR B 121 4.05 36.93 -33.70
N ASN B 122 3.99 35.60 -33.63
CA ASN B 122 3.84 34.92 -32.36
C ASN B 122 4.17 33.44 -32.55
N VAL B 123 4.37 32.75 -31.42
CA VAL B 123 4.57 31.31 -31.45
C VAL B 123 3.22 30.61 -31.39
N VAL B 124 3.09 29.53 -32.15
CA VAL B 124 1.89 28.72 -32.18
C VAL B 124 2.25 27.31 -31.75
N ILE B 125 1.65 26.86 -30.64
CA ILE B 125 1.88 25.53 -30.10
C ILE B 125 0.55 24.77 -30.16
N LYS B 126 0.59 23.54 -30.66
CA LYS B 126 -0.62 22.78 -30.93
C LYS B 126 -0.41 21.32 -30.57
N VAL B 127 -1.40 20.73 -29.92
CA VAL B 127 -1.46 19.30 -29.65
C VAL B 127 -2.71 18.76 -30.31
N CYS B 128 -2.55 18.13 -31.47
CA CYS B 128 -3.70 17.80 -32.30
C CYS B 128 -3.69 16.38 -32.84
N GLU B 129 -2.75 15.52 -32.43
CA GLU B 129 -2.62 14.19 -33.04
C GLU B 129 -2.49 14.32 -34.56
N PHE B 130 -1.90 15.41 -35.02
CA PHE B 130 -1.84 15.70 -36.44
C PHE B 130 -1.03 14.65 -37.17
N GLN B 131 -1.37 14.41 -38.44
CA GLN B 131 -0.67 13.46 -39.28
C GLN B 131 0.36 14.22 -40.11
N PHE B 132 1.61 14.24 -39.63
CA PHE B 132 2.67 14.94 -40.35
C PHE B 132 3.12 14.11 -41.56
N CYS B 133 3.59 14.81 -42.58
CA CYS B 133 4.21 14.14 -43.72
C CYS B 133 5.65 13.80 -43.38
N ASN B 134 6.27 12.98 -44.24
CA ASN B 134 7.62 12.51 -43.97
C ASN B 134 8.66 13.62 -44.10
N ASP B 135 8.28 14.78 -44.65
CA ASP B 135 9.18 15.92 -44.78
C ASP B 135 8.36 17.20 -44.68
N PRO B 136 8.11 17.69 -43.47
CA PRO B 136 7.23 18.86 -43.32
C PRO B 136 7.93 20.17 -43.64
N PHE B 137 7.96 20.54 -44.92
CA PHE B 137 8.51 21.83 -45.33
C PHE B 137 7.52 22.94 -45.03
N LEU B 138 7.33 23.26 -43.74
CA LEU B 138 6.42 24.30 -43.31
C LEU B 138 7.13 25.64 -43.40
N ASP B 139 7.02 26.27 -44.57
CA ASP B 139 7.65 27.56 -44.81
C ASP B 139 6.95 28.65 -44.00
N PHE B 154 3.37 27.51 -48.57
CA PHE B 154 3.32 26.06 -48.70
C PHE B 154 2.35 25.46 -47.69
N ARG B 155 2.72 25.47 -46.42
CA ARG B 155 1.89 24.91 -45.35
C ARG B 155 1.58 23.44 -45.64
N VAL B 156 2.59 22.69 -46.08
CA VAL B 156 2.41 21.29 -46.45
C VAL B 156 2.92 20.39 -45.33
N TYR B 157 2.96 20.93 -44.11
CA TYR B 157 3.52 20.18 -42.99
C TYR B 157 2.65 18.98 -42.61
N SER B 158 1.34 19.10 -42.74
CA SER B 158 0.44 18.04 -42.32
C SER B 158 -0.77 17.99 -43.24
N SER B 159 -1.41 16.82 -43.29
CA SER B 159 -2.60 16.62 -44.14
C SER B 159 -3.87 16.70 -43.29
N ALA B 160 -3.97 15.86 -42.26
CA ALA B 160 -5.14 15.79 -41.42
C ALA B 160 -4.85 16.44 -40.08
N ASN B 161 -5.83 17.18 -39.55
CA ASN B 161 -5.67 17.88 -38.28
C ASN B 161 -7.02 18.01 -37.59
N ASN B 162 -7.05 17.61 -36.31
CA ASN B 162 -8.21 17.81 -35.45
C ASN B 162 -7.71 18.01 -34.02
N CYS B 163 -7.81 19.23 -33.53
CA CYS B 163 -6.95 19.65 -32.42
C CYS B 163 -7.61 19.38 -31.07
N THR B 164 -6.75 19.38 -30.04
CA THR B 164 -7.13 19.13 -28.65
C THR B 164 -6.71 20.26 -27.72
N PHE B 165 -5.54 20.84 -27.93
CA PHE B 165 -4.95 21.79 -26.99
C PHE B 165 -4.06 22.75 -27.78
N GLU B 166 -4.10 24.02 -27.38
CA GLU B 166 -3.37 25.06 -28.09
C GLU B 166 -2.74 26.01 -27.08
N TYR B 167 -1.85 26.87 -27.59
CA TYR B 167 -1.14 27.84 -26.77
C TYR B 167 -0.45 28.84 -27.68
N VAL B 168 -0.37 30.09 -27.22
CA VAL B 168 0.20 31.18 -28.00
C VAL B 168 0.95 32.12 -27.06
N SER B 169 2.02 32.72 -27.59
CA SER B 169 2.82 33.68 -26.85
C SER B 169 3.72 34.41 -27.84
N GLN B 170 4.56 35.30 -27.32
CA GLN B 170 5.50 36.01 -28.18
C GLN B 170 6.45 35.00 -28.85
N PRO B 171 7.02 35.34 -30.00
CA PRO B 171 7.91 34.39 -30.68
C PRO B 171 9.24 34.24 -29.96
N PHE B 172 9.86 33.07 -30.14
CA PHE B 172 11.14 32.81 -29.50
C PHE B 172 12.20 33.81 -29.94
N LEU B 173 12.52 33.80 -31.23
CA LEU B 173 13.52 34.72 -31.77
C LEU B 173 13.05 36.16 -31.71
N LYS B 184 24.48 33.56 -37.04
CA LYS B 184 25.14 34.63 -36.28
C LYS B 184 24.69 34.62 -34.83
N ASN B 185 23.49 34.09 -34.58
CA ASN B 185 22.92 34.01 -33.25
C ASN B 185 22.81 32.55 -32.82
N LEU B 186 23.20 32.28 -31.58
CA LEU B 186 23.15 30.93 -31.01
C LEU B 186 21.92 30.82 -30.12
N ARG B 187 21.05 29.87 -30.45
CA ARG B 187 19.82 29.64 -29.70
C ARG B 187 19.85 28.23 -29.13
N GLU B 188 19.77 28.13 -27.81
CA GLU B 188 19.84 26.85 -27.10
C GLU B 188 18.48 26.52 -26.50
N PHE B 189 17.96 25.34 -26.84
CA PHE B 189 16.68 24.86 -26.33
C PHE B 189 16.89 23.54 -25.60
N VAL B 190 16.05 23.30 -24.60
CA VAL B 190 16.08 22.06 -23.82
C VAL B 190 14.63 21.61 -23.66
N PHE B 191 14.35 20.36 -24.07
CA PHE B 191 13.03 19.77 -23.99
C PHE B 191 13.04 18.67 -22.95
N LYS B 192 12.09 18.73 -22.02
CA LYS B 192 12.02 17.80 -20.90
C LYS B 192 10.61 17.27 -20.76
N ASN B 193 10.48 15.96 -20.57
CA ASN B 193 9.19 15.29 -20.44
C ASN B 193 9.23 14.24 -19.34
N ILE B 194 9.82 14.59 -18.19
CA ILE B 194 9.87 13.63 -17.09
C ILE B 194 8.48 13.39 -16.51
N ASP B 195 7.67 14.44 -16.44
CA ASP B 195 6.31 14.36 -15.90
C ASP B 195 5.31 14.58 -17.04
N GLY B 196 4.03 14.67 -16.68
CA GLY B 196 2.99 14.92 -17.65
C GLY B 196 2.93 16.37 -18.09
N TYR B 197 4.08 16.93 -18.47
CA TYR B 197 4.18 18.31 -18.90
C TYR B 197 5.44 18.49 -19.73
N PHE B 198 5.31 19.21 -20.84
CA PHE B 198 6.41 19.46 -21.75
C PHE B 198 7.08 20.77 -21.36
N LYS B 199 8.30 20.68 -20.83
CA LYS B 199 9.05 21.83 -20.36
C LYS B 199 10.01 22.29 -21.46
N ILE B 200 9.99 23.57 -21.76
CA ILE B 200 10.84 24.16 -22.80
C ILE B 200 11.67 25.26 -22.17
N TYR B 201 12.97 25.02 -22.05
CA TYR B 201 13.93 26.04 -21.64
C TYR B 201 14.60 26.62 -22.88
N SER B 202 14.85 27.93 -22.85
CA SER B 202 15.40 28.61 -24.02
C SER B 202 16.37 29.70 -23.57
N LYS B 203 17.33 29.98 -24.44
CA LYS B 203 18.31 31.03 -24.21
C LYS B 203 18.88 31.45 -25.56
N HIS B 204 19.21 32.74 -25.67
CA HIS B 204 19.70 33.31 -26.92
C HIS B 204 20.96 34.12 -26.63
N THR B 205 22.00 33.90 -27.42
CA THR B 205 23.29 34.53 -27.22
C THR B 205 23.86 35.00 -28.56
N PRO B 206 24.52 36.20 -28.63
CA PRO B 206 25.16 36.63 -29.86
C PRO B 206 26.65 36.24 -29.94
N ILE B 207 27.04 35.60 -31.03
CA ILE B 207 28.47 35.25 -31.27
C ILE B 207 28.74 35.35 -32.77
N ASP B 212 30.62 28.48 -33.96
CA ASP B 212 30.72 27.31 -33.11
C ASP B 212 30.30 27.63 -31.68
N LEU B 213 30.13 26.59 -30.87
CA LEU B 213 29.72 26.78 -29.49
C LEU B 213 30.86 27.39 -28.68
N PRO B 214 30.72 28.62 -28.18
CA PRO B 214 31.81 29.21 -27.39
C PRO B 214 32.04 28.44 -26.09
N GLN B 215 33.16 28.74 -25.46
CA GLN B 215 33.53 28.12 -24.19
C GLN B 215 32.96 28.86 -22.98
N GLY B 216 32.20 29.93 -23.19
CA GLY B 216 31.64 30.67 -22.09
C GLY B 216 30.54 29.90 -21.37
N PHE B 217 30.06 30.51 -20.28
CA PHE B 217 29.03 29.92 -19.45
C PHE B 217 27.69 30.59 -19.74
N SER B 218 26.61 29.81 -19.65
CA SER B 218 25.28 30.30 -19.91
C SER B 218 24.27 29.31 -19.35
N ALA B 219 23.33 29.81 -18.54
CA ALA B 219 22.31 28.99 -17.91
C ALA B 219 20.98 29.27 -18.58
N LEU B 220 20.34 28.23 -19.11
CA LEU B 220 19.06 28.39 -19.77
C LEU B 220 17.95 28.60 -18.74
N GLU B 221 17.06 29.55 -19.03
CA GLU B 221 15.96 29.84 -18.12
C GLU B 221 14.68 29.17 -18.61
N PRO B 222 13.79 28.78 -17.68
CA PRO B 222 12.53 28.14 -18.11
C PRO B 222 11.65 29.13 -18.85
N LEU B 223 11.20 28.74 -20.03
CA LEU B 223 10.39 29.60 -20.89
C LEU B 223 8.93 29.20 -20.94
N VAL B 224 8.63 27.93 -21.20
CA VAL B 224 7.26 27.45 -21.34
C VAL B 224 7.12 26.13 -20.60
N ASP B 225 5.90 25.89 -20.10
CA ASP B 225 5.57 24.66 -19.40
C ASP B 225 4.17 24.23 -19.85
N LEU B 226 4.11 23.29 -20.79
CA LEU B 226 2.83 22.86 -21.35
C LEU B 226 2.30 21.68 -20.54
N PRO B 227 1.12 21.78 -19.92
CA PRO B 227 0.57 20.63 -19.17
C PRO B 227 -0.11 19.60 -20.09
N ILE B 228 0.72 18.84 -20.81
CA ILE B 228 0.24 17.80 -21.70
C ILE B 228 1.04 16.53 -21.40
N GLY B 229 0.35 15.39 -21.41
CA GLY B 229 0.96 14.13 -21.04
C GLY B 229 1.05 13.13 -22.18
N ILE B 230 1.43 13.60 -23.37
CA ILE B 230 1.60 12.73 -24.51
C ILE B 230 3.02 12.22 -24.56
N ASN B 231 3.25 11.17 -25.34
CA ASN B 231 4.58 10.61 -25.50
C ASN B 231 5.41 11.48 -26.44
N ILE B 232 6.66 11.70 -26.08
CA ILE B 232 7.63 12.40 -26.93
C ILE B 232 8.75 11.41 -27.18
N THR B 233 8.73 10.77 -28.36
CA THR B 233 9.73 9.75 -28.71
C THR B 233 10.40 9.99 -30.04
N ARG B 234 9.77 10.69 -30.98
CA ARG B 234 10.39 11.02 -32.26
C ARG B 234 10.11 12.49 -32.57
N PHE B 235 11.12 13.19 -33.06
CA PHE B 235 11.01 14.63 -33.29
C PHE B 235 11.73 15.00 -34.58
N GLN B 236 11.27 16.09 -35.19
CA GLN B 236 11.87 16.64 -36.39
C GLN B 236 11.76 18.15 -36.35
N THR B 237 12.67 18.82 -37.05
CA THR B 237 12.65 20.28 -37.13
C THR B 237 12.03 20.73 -38.44
N LEU B 238 11.39 21.90 -38.41
CA LEU B 238 10.69 22.45 -39.56
C LEU B 238 11.58 23.48 -40.24
N LEU B 239 11.69 23.38 -41.56
CA LEU B 239 12.55 24.24 -42.36
C LEU B 239 11.71 25.23 -43.14
N ALA B 240 12.26 26.42 -43.37
CA ALA B 240 11.54 27.54 -43.98
C ALA B 240 12.40 28.19 -45.06
N LEU B 241 13.00 27.37 -45.92
CA LEU B 241 13.81 27.90 -47.02
C LEU B 241 13.09 29.04 -47.72
N HIS B 242 13.85 29.98 -48.27
CA HIS B 242 13.26 31.23 -48.75
C HIS B 242 12.34 30.99 -49.93
N ARG B 243 12.87 30.49 -51.05
CA ARG B 243 12.11 30.36 -52.29
C ARG B 243 12.40 29.00 -52.92
N SER B 244 11.58 28.00 -52.57
CA SER B 244 11.64 26.68 -53.17
C SER B 244 10.23 26.18 -53.41
N TYR B 245 10.12 25.15 -54.25
CA TYR B 245 8.82 24.60 -54.59
C TYR B 245 8.07 24.21 -53.33
N LEU B 246 6.79 24.58 -53.27
CA LEU B 246 5.94 24.26 -52.12
C LEU B 246 5.38 22.85 -52.19
N THR B 247 6.24 21.85 -52.33
CA THR B 247 5.83 20.45 -52.40
C THR B 247 6.91 19.60 -51.75
N PRO B 248 6.57 18.39 -51.32
CA PRO B 248 7.56 17.53 -50.66
C PRO B 248 8.51 16.80 -51.61
N GLY B 249 8.56 17.19 -52.88
CA GLY B 249 9.42 16.52 -53.84
C GLY B 249 10.90 16.60 -53.57
N ASP B 250 11.33 17.49 -52.68
CA ASP B 250 12.74 17.64 -52.34
C ASP B 250 12.85 17.98 -50.86
N SER B 251 14.10 18.00 -50.38
CA SER B 251 14.40 18.24 -48.97
C SER B 251 15.51 19.29 -48.88
N SER B 252 15.18 20.46 -48.34
CA SER B 252 16.15 21.52 -48.09
C SER B 252 17.00 21.80 -49.33
N SER B 253 16.34 21.91 -50.48
CA SER B 253 17.02 22.22 -51.74
C SER B 253 16.08 23.07 -52.59
N GLY B 254 16.57 23.45 -53.77
CA GLY B 254 15.85 24.34 -54.66
C GLY B 254 16.24 25.79 -54.51
N TRP B 255 16.86 26.16 -53.39
CA TRP B 255 17.32 27.53 -53.16
C TRP B 255 18.57 27.50 -52.31
N THR B 256 19.42 28.50 -52.49
CA THR B 256 20.68 28.60 -51.75
C THR B 256 20.35 29.07 -50.32
N ALA B 257 19.86 28.14 -49.53
CA ALA B 257 19.53 28.44 -48.14
C ALA B 257 20.78 28.84 -47.37
N GLY B 258 20.60 29.74 -46.42
CA GLY B 258 21.72 30.21 -45.62
C GLY B 258 22.38 29.09 -44.85
N ALA B 259 23.55 29.42 -44.28
CA ALA B 259 24.31 28.45 -43.51
C ALA B 259 23.63 28.21 -42.16
N ALA B 260 22.77 27.19 -42.11
CA ALA B 260 22.00 26.86 -40.91
C ALA B 260 22.47 25.52 -40.37
N ALA B 261 22.92 25.51 -39.13
CA ALA B 261 23.42 24.31 -38.46
C ALA B 261 22.69 24.15 -37.13
N TYR B 262 22.16 22.96 -36.89
CA TYR B 262 21.49 22.63 -35.64
C TYR B 262 22.10 21.37 -35.04
N TYR B 263 22.29 21.38 -33.73
CA TYR B 263 22.90 20.27 -33.01
C TYR B 263 21.87 19.60 -32.11
N VAL B 264 21.99 18.29 -31.95
CA VAL B 264 21.09 17.50 -31.12
C VAL B 264 21.94 16.79 -30.07
N GLY B 265 21.59 17.00 -28.80
CA GLY B 265 22.27 16.34 -27.69
C GLY B 265 21.28 15.61 -26.81
N TYR B 266 21.63 14.38 -26.45
CA TYR B 266 20.77 13.52 -25.64
C TYR B 266 21.18 13.65 -24.18
N LEU B 267 20.28 14.19 -23.36
CA LEU B 267 20.57 14.40 -21.94
C LEU B 267 20.64 13.06 -21.22
N GLN B 268 21.35 13.05 -20.10
CA GLN B 268 21.51 11.88 -19.25
C GLN B 268 21.35 12.28 -17.80
N PRO B 269 20.93 11.35 -16.93
CA PRO B 269 20.81 11.68 -15.51
C PRO B 269 22.17 11.90 -14.87
N ARG B 270 22.46 13.14 -14.49
CA ARG B 270 23.75 13.50 -13.92
C ARG B 270 23.56 14.41 -12.72
N THR B 271 24.57 14.46 -11.87
CA THR B 271 24.58 15.32 -10.70
C THR B 271 25.50 16.51 -10.97
N PHE B 272 24.93 17.71 -10.98
CA PHE B 272 25.65 18.93 -11.30
C PHE B 272 25.72 19.83 -10.07
N LEU B 273 26.89 20.41 -9.84
CA LEU B 273 27.11 21.35 -8.75
C LEU B 273 27.14 22.76 -9.34
N LEU B 274 26.06 23.50 -9.14
CA LEU B 274 25.89 24.83 -9.72
C LEU B 274 26.27 25.90 -8.70
N LYS B 275 26.91 26.96 -9.18
CA LYS B 275 27.34 28.07 -8.34
C LYS B 275 26.45 29.27 -8.62
N TYR B 276 25.76 29.75 -7.58
CA TYR B 276 24.91 30.92 -7.67
C TYR B 276 25.66 32.14 -7.18
N ASN B 277 25.53 33.25 -7.92
CA ASN B 277 26.17 34.49 -7.54
C ASN B 277 25.26 35.27 -6.59
N GLU B 278 25.63 36.51 -6.30
CA GLU B 278 24.84 37.31 -5.36
C GLU B 278 23.48 37.69 -5.92
N ASN B 279 23.37 37.78 -7.25
CA ASN B 279 22.13 38.21 -7.89
C ASN B 279 21.25 37.04 -8.33
N GLY B 280 21.59 35.82 -7.94
CA GLY B 280 20.74 34.68 -8.20
C GLY B 280 20.82 34.11 -9.59
N THR B 281 21.96 34.27 -10.28
CA THR B 281 22.16 33.69 -11.60
C THR B 281 23.37 32.76 -11.56
N ILE B 282 23.28 31.66 -12.30
CA ILE B 282 24.32 30.65 -12.30
C ILE B 282 25.52 31.16 -13.09
N THR B 283 26.72 30.98 -12.54
CA THR B 283 27.95 31.42 -13.17
C THR B 283 28.91 30.29 -13.51
N ASP B 284 28.81 29.14 -12.85
CA ASP B 284 29.70 28.02 -13.12
C ASP B 284 29.01 26.73 -12.73
N ALA B 285 29.44 25.63 -13.35
CA ALA B 285 28.89 24.32 -13.09
C ALA B 285 30.00 23.28 -13.13
N VAL B 286 29.80 22.20 -12.35
CA VAL B 286 30.78 21.12 -12.24
C VAL B 286 30.06 19.81 -12.42
N ASP B 287 30.56 18.97 -13.33
CA ASP B 287 30.01 17.65 -13.56
C ASP B 287 30.78 16.64 -12.70
N CYS B 288 30.07 15.98 -11.79
CA CYS B 288 30.72 15.07 -10.85
C CYS B 288 31.21 13.78 -11.48
N ALA B 289 30.85 13.51 -12.74
CA ALA B 289 31.25 12.29 -13.42
C ALA B 289 32.17 12.55 -14.61
N LEU B 290 32.67 13.78 -14.77
CA LEU B 290 33.54 14.11 -15.88
C LEU B 290 35.00 13.77 -15.57
N ASP B 291 35.54 14.33 -14.49
CA ASP B 291 36.94 14.14 -14.12
C ASP B 291 37.02 13.76 -12.65
N PRO B 292 38.07 13.04 -12.24
CA PRO B 292 38.28 12.82 -10.80
C PRO B 292 38.41 14.09 -10.00
N LEU B 293 39.01 15.14 -10.58
CA LEU B 293 39.10 16.41 -9.88
C LEU B 293 37.72 17.03 -9.69
N SER B 294 36.86 16.95 -10.72
CA SER B 294 35.50 17.43 -10.58
C SER B 294 34.72 16.61 -9.56
N GLU B 295 34.99 15.31 -9.49
CA GLU B 295 34.35 14.47 -8.46
C GLU B 295 34.79 14.88 -7.07
N THR B 296 36.08 15.18 -6.89
CA THR B 296 36.56 15.67 -5.61
C THR B 296 35.91 17.01 -5.26
N LYS B 297 35.77 17.90 -6.25
CA LYS B 297 35.08 19.16 -6.02
C LYS B 297 33.64 18.93 -5.57
N CYS B 298 32.93 18.02 -6.25
CA CYS B 298 31.56 17.71 -5.87
C CYS B 298 31.50 17.16 -4.44
N THR B 299 32.42 16.26 -4.10
CA THR B 299 32.43 15.68 -2.76
C THR B 299 32.67 16.75 -1.70
N LEU B 300 33.60 17.66 -1.96
CA LEU B 300 33.90 18.73 -1.01
C LEU B 300 32.86 19.84 -1.02
N LYS B 301 31.97 19.86 -2.01
CA LYS B 301 30.93 20.90 -2.10
C LYS B 301 31.56 22.29 -2.24
N SER B 302 32.67 22.36 -2.97
CA SER B 302 33.38 23.61 -3.18
C SER B 302 34.10 23.56 -4.51
N PHE B 303 34.33 24.74 -5.09
CA PHE B 303 35.02 24.85 -6.36
C PHE B 303 36.53 24.91 -6.22
N THR B 304 37.05 25.08 -5.00
CA THR B 304 38.48 25.12 -4.73
C THR B 304 38.82 23.96 -3.79
N VAL B 305 39.77 23.13 -4.20
CA VAL B 305 40.19 21.96 -3.44
C VAL B 305 41.58 22.22 -2.89
N GLU B 306 41.77 21.96 -1.60
CA GLU B 306 43.06 22.18 -0.95
C GLU B 306 43.96 20.96 -1.13
N LYS B 307 45.24 21.16 -0.80
CA LYS B 307 46.21 20.07 -0.90
C LYS B 307 45.88 18.97 0.10
N GLY B 308 45.79 17.75 -0.39
CA GLY B 308 45.51 16.61 0.47
C GLY B 308 44.96 15.44 -0.32
N ILE B 309 44.59 14.40 0.42
CA ILE B 309 44.00 13.19 -0.15
C ILE B 309 42.55 13.11 0.30
N TYR B 310 41.65 12.85 -0.64
CA TYR B 310 40.22 12.81 -0.37
C TYR B 310 39.63 11.53 -0.93
N GLN B 311 38.95 10.77 -0.08
CA GLN B 311 38.24 9.56 -0.50
C GLN B 311 36.91 9.99 -1.12
N THR B 312 36.88 10.06 -2.45
CA THR B 312 35.72 10.63 -3.14
C THR B 312 34.58 9.63 -3.21
N SER B 313 34.80 8.49 -3.87
CA SER B 313 33.74 7.52 -4.10
C SER B 313 34.37 6.13 -4.18
N ASN B 314 33.59 5.17 -4.66
CA ASN B 314 34.01 3.77 -4.74
C ASN B 314 34.16 3.35 -6.20
N PHE B 315 34.77 2.19 -6.38
CA PHE B 315 34.94 1.56 -7.69
C PHE B 315 34.46 0.12 -7.63
N ARG B 316 33.84 -0.35 -8.70
CA ARG B 316 33.31 -1.69 -8.74
C ARG B 316 33.30 -2.20 -10.18
N VAL B 317 33.66 -3.47 -10.35
CA VAL B 317 33.63 -4.11 -11.66
C VAL B 317 32.22 -4.59 -11.94
N GLN B 318 31.65 -4.16 -13.06
CA GLN B 318 30.29 -4.55 -13.40
C GLN B 318 30.26 -5.98 -13.94
N PRO B 319 29.17 -6.72 -13.69
CA PRO B 319 29.09 -8.08 -14.23
C PRO B 319 29.10 -8.09 -15.74
N THR B 320 29.52 -9.22 -16.32
CA THR B 320 29.59 -9.33 -17.77
C THR B 320 28.26 -9.82 -18.35
N GLU B 321 27.65 -10.83 -17.73
CA GLU B 321 26.42 -11.42 -18.24
C GLU B 321 25.76 -12.18 -17.08
N SER B 322 24.77 -13.01 -17.42
CA SER B 322 24.08 -13.84 -16.44
C SER B 322 24.04 -15.28 -16.93
N ILE B 323 24.10 -16.22 -16.00
CA ILE B 323 24.08 -17.64 -16.32
C ILE B 323 23.21 -18.37 -15.30
N VAL B 324 22.65 -19.49 -15.73
CA VAL B 324 21.81 -20.34 -14.87
C VAL B 324 22.31 -21.77 -14.99
N ARG B 325 22.25 -22.50 -13.87
CA ARG B 325 22.71 -23.88 -13.81
C ARG B 325 21.63 -24.75 -13.21
N PHE B 326 21.42 -25.93 -13.79
CA PHE B 326 20.45 -26.89 -13.28
C PHE B 326 20.97 -28.29 -13.60
N PRO B 327 20.47 -29.32 -12.91
CA PRO B 327 21.00 -30.68 -13.12
C PRO B 327 20.69 -31.22 -14.51
N ASN B 328 21.13 -32.45 -14.77
CA ASN B 328 20.79 -33.12 -16.02
C ASN B 328 19.35 -33.62 -15.95
N ILE B 329 18.39 -32.70 -15.92
CA ILE B 329 17.00 -33.07 -15.76
C ILE B 329 16.48 -33.60 -17.09
N THR B 330 16.47 -34.93 -17.24
CA THR B 330 16.00 -35.58 -18.45
C THR B 330 14.82 -36.50 -18.20
N ASN B 331 14.33 -36.59 -16.96
CA ASN B 331 13.18 -37.42 -16.64
C ASN B 331 11.91 -36.75 -17.16
N LEU B 332 11.62 -36.94 -18.46
CA LEU B 332 10.47 -36.29 -19.08
C LEU B 332 9.18 -36.95 -18.62
N CYS B 333 8.09 -36.20 -18.77
CA CYS B 333 6.78 -36.72 -18.38
C CYS B 333 6.23 -37.64 -19.46
N PRO B 334 5.21 -38.46 -19.13
CA PRO B 334 4.60 -39.33 -20.14
C PRO B 334 3.67 -38.58 -21.08
N PHE B 335 3.70 -37.24 -21.00
CA PHE B 335 2.85 -36.43 -21.86
C PHE B 335 3.03 -36.80 -23.33
N ASP B 336 4.28 -37.00 -23.76
CA ASP B 336 4.53 -37.35 -25.16
C ASP B 336 3.81 -38.65 -25.54
N GLU B 337 3.92 -39.67 -24.70
CA GLU B 337 3.30 -40.95 -25.01
C GLU B 337 1.77 -40.82 -25.03
N VAL B 338 1.20 -40.15 -24.04
CA VAL B 338 -0.26 -40.05 -23.98
C VAL B 338 -0.76 -39.17 -25.12
N PHE B 339 0.09 -38.31 -25.67
CA PHE B 339 -0.31 -37.50 -26.82
C PHE B 339 -0.23 -38.31 -28.11
N ASN B 340 0.81 -39.14 -28.24
CA ASN B 340 1.08 -39.78 -29.52
C ASN B 340 0.30 -41.09 -29.68
N ALA B 341 -0.08 -41.73 -28.57
CA ALA B 341 -0.73 -43.03 -28.66
C ALA B 341 -1.98 -42.98 -29.54
N THR B 342 -2.92 -42.10 -29.25
CA THR B 342 -4.16 -41.94 -30.00
C THR B 342 -5.04 -43.18 -29.93
N ARG B 343 -4.83 -44.05 -28.94
CA ARG B 343 -5.64 -45.25 -28.80
C ARG B 343 -7.02 -44.98 -28.21
N PHE B 344 -7.28 -43.74 -27.78
CA PHE B 344 -8.58 -43.40 -27.21
C PHE B 344 -9.59 -43.16 -28.33
N ALA B 345 -9.94 -44.22 -29.05
CA ALA B 345 -10.73 -44.10 -30.27
C ALA B 345 -12.10 -43.45 -30.03
N SER B 346 -12.61 -43.46 -28.80
CA SER B 346 -13.93 -42.93 -28.52
C SER B 346 -13.94 -42.21 -27.19
N VAL B 347 -14.82 -41.21 -27.08
CA VAL B 347 -14.93 -40.44 -25.84
C VAL B 347 -15.43 -41.31 -24.69
N TYR B 348 -16.30 -42.28 -25.00
CA TYR B 348 -16.86 -43.12 -23.94
C TYR B 348 -15.74 -43.83 -23.19
N ALA B 349 -15.82 -43.77 -21.86
CA ALA B 349 -14.86 -44.46 -20.99
C ALA B 349 -13.43 -44.05 -21.30
N TRP B 350 -13.18 -42.74 -21.32
CA TRP B 350 -11.83 -42.27 -21.59
C TRP B 350 -10.95 -42.36 -20.34
N ASN B 351 -9.65 -42.22 -20.54
CA ASN B 351 -8.65 -42.55 -19.54
C ASN B 351 -8.19 -41.30 -18.80
N ARG B 352 -8.07 -41.43 -17.47
CA ARG B 352 -7.49 -40.39 -16.64
C ARG B 352 -6.11 -40.84 -16.16
N LYS B 353 -5.14 -39.94 -16.23
CA LYS B 353 -3.78 -40.23 -15.80
C LYS B 353 -3.28 -39.13 -14.87
N ARG B 354 -2.42 -39.53 -13.94
CA ARG B 354 -1.81 -38.61 -12.98
C ARG B 354 -0.36 -38.40 -13.35
N ILE B 355 0.07 -37.14 -13.44
CA ILE B 355 1.43 -36.78 -13.81
C ILE B 355 2.10 -36.15 -12.60
N SER B 356 3.36 -36.51 -12.35
CA SER B 356 4.09 -35.97 -11.22
C SER B 356 5.57 -36.35 -11.34
N ASN B 357 6.40 -35.64 -10.59
CA ASN B 357 7.84 -35.91 -10.49
C ASN B 357 8.47 -36.14 -11.86
N CYS B 358 8.23 -35.20 -12.77
CA CYS B 358 8.81 -35.28 -14.11
C CYS B 358 8.82 -33.88 -14.73
N VAL B 359 9.61 -33.75 -15.78
CA VAL B 359 9.73 -32.47 -16.50
C VAL B 359 8.58 -32.39 -17.49
N ALA B 360 7.61 -31.53 -17.21
CA ALA B 360 6.45 -31.35 -18.09
C ALA B 360 6.82 -30.30 -19.13
N ASP B 361 7.30 -30.75 -20.28
CA ASP B 361 7.83 -29.85 -21.31
C ASP B 361 6.69 -29.13 -22.04
N TYR B 362 6.04 -28.23 -21.31
CA TYR B 362 4.97 -27.43 -21.90
C TYR B 362 5.45 -26.58 -23.07
N SER B 363 6.77 -26.37 -23.21
CA SER B 363 7.29 -25.67 -24.36
C SER B 363 7.15 -26.50 -25.64
N VAL B 364 7.13 -27.83 -25.52
CA VAL B 364 6.96 -28.72 -26.66
C VAL B 364 5.49 -29.01 -26.92
N LEU B 365 4.72 -29.22 -25.85
CA LEU B 365 3.31 -29.55 -26.01
C LEU B 365 2.51 -28.32 -26.43
N TYR B 366 1.74 -28.48 -27.51
CA TYR B 366 0.86 -27.42 -28.00
C TYR B 366 1.67 -26.27 -28.61
N ASN B 367 2.84 -26.59 -29.14
CA ASN B 367 3.71 -25.58 -29.75
C ASN B 367 4.16 -26.00 -31.14
N PHE B 368 4.40 -27.30 -31.35
CA PHE B 368 4.97 -27.76 -32.60
C PHE B 368 3.96 -27.59 -33.74
N ALA B 369 4.49 -27.54 -34.97
CA ALA B 369 3.67 -27.21 -36.12
C ALA B 369 2.54 -28.20 -36.40
N PRO B 370 2.76 -29.51 -36.39
CA PRO B 370 1.67 -30.44 -36.78
C PRO B 370 0.45 -30.34 -35.88
N PHE B 371 0.54 -29.67 -34.75
CA PHE B 371 -0.59 -29.58 -33.83
C PHE B 371 -1.65 -28.65 -34.42
N PHE B 372 -2.89 -29.15 -34.51
CA PHE B 372 -3.91 -28.43 -35.25
C PHE B 372 -4.47 -27.25 -34.44
N ALA B 373 -4.67 -27.44 -33.14
CA ALA B 373 -5.26 -26.39 -32.32
C ALA B 373 -4.91 -26.64 -30.86
N PHE B 374 -4.86 -25.54 -30.10
CA PHE B 374 -4.63 -25.59 -28.66
C PHE B 374 -5.08 -24.28 -28.06
N LYS B 375 -5.52 -24.34 -26.80
CA LYS B 375 -6.03 -23.16 -26.12
C LYS B 375 -6.06 -23.42 -24.62
N CYS B 376 -5.68 -22.40 -23.85
CA CYS B 376 -5.68 -22.48 -22.41
C CYS B 376 -6.71 -21.52 -21.82
N TYR B 377 -7.23 -21.87 -20.65
CA TYR B 377 -8.25 -21.09 -19.97
C TYR B 377 -7.74 -20.73 -18.57
N GLY B 378 -7.93 -19.46 -18.20
CA GLY B 378 -7.49 -18.97 -16.92
C GLY B 378 -6.03 -18.54 -16.86
N VAL B 379 -5.16 -19.14 -17.67
CA VAL B 379 -3.76 -18.80 -17.69
C VAL B 379 -3.26 -18.91 -19.13
N SER B 380 -2.40 -17.96 -19.52
CA SER B 380 -1.86 -17.94 -20.87
C SER B 380 -0.72 -18.96 -21.01
N PRO B 381 -0.35 -19.28 -22.25
CA PRO B 381 0.68 -20.32 -22.44
C PRO B 381 2.02 -20.00 -21.80
N THR B 382 2.48 -18.75 -21.89
CA THR B 382 3.79 -18.41 -21.33
C THR B 382 3.78 -18.46 -19.81
N LYS B 383 2.75 -17.90 -19.19
CA LYS B 383 2.64 -17.98 -17.73
C LYS B 383 2.51 -19.42 -17.28
N LEU B 384 1.84 -20.26 -18.08
CA LEU B 384 1.78 -21.68 -17.77
C LEU B 384 3.17 -22.32 -17.83
N ASN B 385 3.92 -22.03 -18.89
CA ASN B 385 5.29 -22.52 -19.00
C ASN B 385 6.15 -22.08 -17.83
N ASP B 386 5.92 -20.88 -17.30
CA ASP B 386 6.70 -20.37 -16.19
C ASP B 386 6.26 -20.89 -14.83
N LEU B 387 4.98 -21.26 -14.69
CA LEU B 387 4.46 -21.67 -13.39
C LEU B 387 4.79 -23.13 -13.10
N CYS B 388 4.59 -23.51 -11.84
CA CYS B 388 4.73 -24.90 -11.41
C CYS B 388 3.56 -25.27 -10.52
N PHE B 389 3.30 -26.57 -10.39
CA PHE B 389 2.06 -27.05 -9.80
C PHE B 389 2.32 -28.32 -8.99
N THR B 390 1.26 -28.78 -8.31
CA THR B 390 1.34 -30.00 -7.53
C THR B 390 1.36 -31.23 -8.43
N ASN B 391 0.30 -31.42 -9.21
CA ASN B 391 0.18 -32.56 -10.09
C ASN B 391 -0.86 -32.22 -11.16
N VAL B 392 -0.91 -33.05 -12.19
CA VAL B 392 -1.77 -32.83 -13.35
C VAL B 392 -2.76 -33.97 -13.44
N TYR B 393 -4.04 -33.62 -13.60
CA TYR B 393 -5.09 -34.58 -13.92
C TYR B 393 -5.32 -34.53 -15.43
N ALA B 394 -4.76 -35.48 -16.16
CA ALA B 394 -4.77 -35.47 -17.61
C ALA B 394 -5.95 -36.30 -18.12
N ASP B 395 -6.76 -35.70 -18.99
CA ASP B 395 -7.88 -36.36 -19.62
C ASP B 395 -7.60 -36.50 -21.11
N SER B 396 -7.62 -37.73 -21.60
CA SER B 396 -7.31 -38.03 -23.00
C SER B 396 -8.49 -38.75 -23.63
N PHE B 397 -9.05 -38.16 -24.68
CA PHE B 397 -10.19 -38.76 -25.38
C PHE B 397 -10.24 -38.23 -26.80
N VAL B 398 -11.19 -38.74 -27.57
CA VAL B 398 -11.40 -38.34 -28.95
C VAL B 398 -12.81 -37.78 -29.07
N ILE B 399 -12.94 -36.71 -29.86
CA ILE B 399 -14.22 -36.03 -30.05
C ILE B 399 -14.42 -35.77 -31.54
N ARG B 400 -15.66 -35.43 -31.89
CA ARG B 400 -15.98 -35.06 -33.26
C ARG B 400 -15.76 -33.57 -33.48
N GLY B 401 -15.82 -33.16 -34.75
CA GLY B 401 -15.64 -31.75 -35.08
C GLY B 401 -16.67 -30.83 -34.47
N ASN B 402 -17.90 -31.32 -34.30
CA ASN B 402 -18.94 -30.52 -33.66
C ASN B 402 -18.79 -30.46 -32.14
N GLU B 403 -17.79 -31.14 -31.59
CA GLU B 403 -17.56 -31.13 -30.15
C GLU B 403 -16.41 -30.25 -29.74
N VAL B 404 -15.60 -29.76 -30.68
CA VAL B 404 -14.49 -28.89 -30.32
C VAL B 404 -14.99 -27.62 -29.65
N SER B 405 -16.15 -27.12 -30.08
CA SER B 405 -16.79 -25.98 -29.45
C SER B 405 -17.66 -26.39 -28.27
N GLN B 406 -17.91 -27.68 -28.08
CA GLN B 406 -18.72 -28.16 -26.96
C GLN B 406 -17.88 -28.40 -25.72
N ILE B 407 -16.60 -28.76 -25.89
CA ILE B 407 -15.70 -28.95 -24.76
C ILE B 407 -15.20 -27.57 -24.33
N ALA B 408 -15.90 -26.95 -23.38
CA ALA B 408 -15.54 -25.64 -22.88
C ALA B 408 -16.00 -25.52 -21.44
N PRO B 409 -15.36 -24.66 -20.64
CA PRO B 409 -15.76 -24.55 -19.22
C PRO B 409 -17.19 -24.08 -19.08
N GLY B 410 -17.96 -24.80 -18.26
CA GLY B 410 -19.30 -24.40 -17.89
C GLY B 410 -20.40 -24.74 -18.88
N GLN B 411 -20.08 -25.24 -20.06
CA GLN B 411 -21.09 -25.56 -21.05
C GLN B 411 -21.61 -26.97 -20.84
N THR B 412 -22.91 -27.16 -21.06
CA THR B 412 -23.53 -28.47 -20.95
C THR B 412 -23.49 -29.20 -22.29
N GLY B 413 -23.51 -30.53 -22.21
CA GLY B 413 -23.43 -31.34 -23.41
C GLY B 413 -23.92 -32.76 -23.19
N ASN B 414 -23.42 -33.70 -23.99
CA ASN B 414 -23.85 -35.09 -23.92
C ASN B 414 -22.70 -36.02 -23.52
N ILE B 415 -21.58 -35.98 -24.24
CA ILE B 415 -20.52 -36.96 -24.01
C ILE B 415 -19.65 -36.54 -22.83
N ALA B 416 -19.53 -35.24 -22.59
CA ALA B 416 -18.83 -34.74 -21.43
C ALA B 416 -19.81 -34.57 -20.27
N ASP B 417 -20.97 -35.24 -20.35
CA ASP B 417 -22.00 -35.14 -19.33
C ASP B 417 -22.59 -36.49 -18.91
N TYR B 418 -22.53 -37.51 -19.76
CA TYR B 418 -23.12 -38.81 -19.43
C TYR B 418 -22.11 -39.88 -19.01
N ASN B 419 -20.83 -39.75 -19.39
CA ASN B 419 -19.81 -40.68 -18.95
C ASN B 419 -18.84 -40.05 -17.98
N TYR B 420 -18.18 -38.96 -18.38
CA TYR B 420 -17.32 -38.19 -17.49
C TYR B 420 -17.58 -36.72 -17.76
N LYS B 421 -17.37 -35.89 -16.74
CA LYS B 421 -17.69 -34.47 -16.81
C LYS B 421 -16.54 -33.64 -16.31
N LEU B 422 -16.26 -32.54 -17.02
CA LEU B 422 -15.28 -31.57 -16.57
C LEU B 422 -15.94 -30.53 -15.68
N PRO B 423 -15.19 -29.91 -14.77
CA PRO B 423 -15.81 -28.94 -13.85
C PRO B 423 -16.27 -27.69 -14.56
N ASP B 424 -17.24 -27.00 -13.95
CA ASP B 424 -17.71 -25.74 -14.49
C ASP B 424 -16.72 -24.61 -14.22
N ASP B 425 -15.96 -24.71 -13.13
CA ASP B 425 -14.91 -23.75 -12.82
C ASP B 425 -13.53 -24.21 -13.30
N PHE B 426 -13.49 -24.97 -14.39
CA PHE B 426 -12.24 -25.53 -14.86
C PHE B 426 -11.24 -24.44 -15.22
N THR B 427 -9.96 -24.71 -14.95
CA THR B 427 -8.86 -23.85 -15.36
C THR B 427 -7.67 -24.71 -15.73
N GLY B 428 -7.18 -24.56 -16.95
CA GLY B 428 -6.08 -25.35 -17.45
C GLY B 428 -5.86 -25.06 -18.93
N CYS B 429 -5.53 -26.11 -19.68
CA CYS B 429 -5.31 -25.99 -21.11
C CYS B 429 -5.72 -27.29 -21.80
N VAL B 430 -6.01 -27.16 -23.10
CA VAL B 430 -6.49 -28.27 -23.92
C VAL B 430 -5.80 -28.22 -25.26
N ILE B 431 -5.61 -29.39 -25.87
CA ILE B 431 -5.00 -29.52 -27.19
C ILE B 431 -5.82 -30.53 -27.99
N ALA B 432 -5.91 -30.31 -29.30
CA ALA B 432 -6.73 -31.14 -30.17
C ALA B 432 -5.98 -31.41 -31.47
N TRP B 433 -6.02 -32.68 -31.90
CA TRP B 433 -5.48 -33.10 -33.18
C TRP B 433 -6.61 -33.57 -34.07
N ASN B 434 -6.59 -33.14 -35.34
CA ASN B 434 -7.53 -33.63 -36.33
C ASN B 434 -7.02 -34.97 -36.88
N SER B 435 -7.59 -36.07 -36.39
CA SER B 435 -7.18 -37.42 -36.76
C SER B 435 -8.18 -38.07 -37.72
N ASN B 436 -8.76 -37.29 -38.63
CA ASN B 436 -9.81 -37.80 -39.50
C ASN B 436 -9.32 -38.96 -40.36
N LYS B 437 -8.12 -38.86 -40.94
CA LYS B 437 -7.65 -39.87 -41.87
C LYS B 437 -7.17 -41.15 -41.18
N LEU B 438 -7.26 -41.22 -39.85
CA LEU B 438 -6.76 -42.40 -39.14
C LEU B 438 -7.71 -43.58 -39.26
N ASP B 439 -8.98 -43.38 -38.89
CA ASP B 439 -9.94 -44.49 -38.85
C ASP B 439 -11.26 -44.00 -39.46
N SER B 440 -11.64 -44.59 -40.59
CA SER B 440 -12.91 -44.31 -41.23
C SER B 440 -13.13 -45.35 -42.33
N LYS B 441 -14.36 -45.38 -42.84
CA LYS B 441 -14.73 -46.31 -43.90
C LYS B 441 -15.61 -45.58 -44.91
N VAL B 442 -15.65 -46.13 -46.12
CA VAL B 442 -16.44 -45.53 -47.19
C VAL B 442 -17.94 -45.56 -46.89
N GLY B 443 -18.46 -46.68 -46.43
CA GLY B 443 -19.88 -46.78 -46.12
C GLY B 443 -20.18 -47.55 -44.85
N GLY B 444 -19.21 -47.60 -43.92
CA GLY B 444 -19.39 -48.38 -42.72
C GLY B 444 -18.79 -47.76 -41.47
N ASN B 445 -18.09 -48.58 -40.67
CA ASN B 445 -17.50 -48.15 -39.41
C ASN B 445 -18.58 -47.81 -38.38
N TYR B 446 -19.44 -48.78 -38.10
CA TYR B 446 -20.48 -48.64 -37.08
C TYR B 446 -20.02 -49.09 -35.70
N ASN B 447 -18.73 -49.35 -35.51
CA ASN B 447 -18.21 -49.73 -34.20
C ASN B 447 -17.70 -48.55 -33.38
N TYR B 448 -17.53 -47.39 -34.00
CA TYR B 448 -17.16 -46.18 -33.29
C TYR B 448 -18.42 -45.54 -32.75
N LEU B 449 -18.68 -45.69 -31.46
CA LEU B 449 -19.96 -45.35 -30.84
C LEU B 449 -19.77 -44.24 -29.82
N TYR B 450 -20.80 -43.40 -29.68
CA TYR B 450 -20.78 -42.30 -28.71
C TYR B 450 -22.22 -42.02 -28.27
N ARG B 451 -22.39 -40.93 -27.51
CA ARG B 451 -23.67 -40.56 -26.92
C ARG B 451 -24.25 -39.38 -27.69
N LEU B 452 -25.49 -39.53 -28.17
CA LEU B 452 -26.22 -38.43 -28.78
C LEU B 452 -27.56 -38.16 -28.11
N PHE B 453 -27.98 -38.99 -27.15
CA PHE B 453 -29.26 -38.80 -26.50
C PHE B 453 -29.25 -39.46 -25.12
N ARG B 454 -29.58 -38.68 -24.10
CA ARG B 454 -29.79 -39.19 -22.75
C ARG B 454 -30.39 -38.08 -21.92
N LYS B 455 -30.96 -38.45 -20.77
CA LYS B 455 -31.72 -37.50 -19.96
C LYS B 455 -30.90 -36.87 -18.86
N SER B 456 -30.28 -37.68 -18.00
CA SER B 456 -29.67 -37.19 -16.76
C SER B 456 -28.24 -36.74 -17.00
N ASN B 457 -27.81 -35.74 -16.24
CA ASN B 457 -26.44 -35.25 -16.30
C ASN B 457 -25.61 -35.90 -15.19
N LEU B 458 -24.30 -35.91 -15.38
CA LEU B 458 -23.35 -36.46 -14.43
C LEU B 458 -22.46 -35.35 -13.89
N LYS B 459 -22.04 -35.49 -12.63
CA LYS B 459 -21.25 -34.45 -12.00
C LYS B 459 -19.80 -34.50 -12.49
N PRO B 460 -19.03 -33.47 -12.21
CA PRO B 460 -17.63 -33.45 -12.67
C PRO B 460 -16.83 -34.62 -12.11
N PHE B 461 -16.09 -35.28 -12.99
CA PHE B 461 -15.17 -36.35 -12.61
C PHE B 461 -15.88 -37.52 -11.93
N GLU B 462 -17.19 -37.64 -12.12
CA GLU B 462 -17.93 -38.77 -11.57
C GLU B 462 -17.74 -40.01 -12.44
N ARG B 463 -17.84 -41.17 -11.82
CA ARG B 463 -17.61 -42.45 -12.49
C ARG B 463 -18.95 -43.05 -12.93
N ASP B 464 -19.00 -43.53 -14.17
CA ASP B 464 -20.20 -44.14 -14.71
C ASP B 464 -19.83 -45.08 -15.85
N ILE B 465 -20.49 -46.24 -15.89
CA ILE B 465 -20.23 -47.26 -16.89
C ILE B 465 -21.54 -47.74 -17.49
N SER B 466 -22.65 -47.14 -17.07
CA SER B 466 -23.97 -47.66 -17.40
C SER B 466 -24.21 -47.66 -18.90
N THR B 467 -24.93 -48.69 -19.37
CA THR B 467 -25.39 -48.77 -20.75
C THR B 467 -26.83 -49.29 -20.80
N GLU B 468 -27.62 -48.96 -19.80
CA GLU B 468 -28.97 -49.49 -19.67
C GLU B 468 -29.93 -48.78 -20.62
N ILE B 469 -31.00 -49.48 -21.00
CA ILE B 469 -31.97 -48.92 -21.93
C ILE B 469 -32.58 -47.65 -21.34
N TYR B 470 -32.96 -46.73 -22.22
CA TYR B 470 -33.57 -45.48 -21.79
C TYR B 470 -35.07 -45.66 -21.62
N GLN B 471 -35.66 -44.79 -20.79
CA GLN B 471 -37.10 -44.82 -20.59
C GLN B 471 -37.84 -44.36 -21.85
N ALA B 472 -39.14 -44.59 -21.86
CA ALA B 472 -39.99 -44.25 -23.00
C ALA B 472 -41.01 -43.17 -22.65
N GLY B 473 -40.64 -42.19 -21.84
CA GLY B 473 -41.60 -41.23 -21.32
C GLY B 473 -42.42 -41.87 -20.23
N ASN B 474 -43.11 -42.95 -20.57
CA ASN B 474 -43.72 -43.81 -19.56
C ASN B 474 -42.64 -44.66 -18.89
N LYS B 475 -43.08 -45.64 -18.10
CA LYS B 475 -42.14 -46.49 -17.40
C LYS B 475 -41.14 -47.10 -18.39
N PRO B 476 -39.94 -47.44 -17.94
CA PRO B 476 -38.85 -47.71 -18.87
C PRO B 476 -39.03 -48.98 -19.68
N CYS B 477 -38.23 -49.09 -20.74
CA CYS B 477 -38.22 -50.26 -21.63
C CYS B 477 -37.22 -51.27 -21.06
N ASN B 478 -37.75 -52.23 -20.31
CA ASN B 478 -36.92 -53.29 -19.74
C ASN B 478 -36.72 -54.41 -20.74
N GLY B 479 -35.89 -54.19 -21.76
CA GLY B 479 -35.66 -55.20 -22.78
C GLY B 479 -36.84 -55.45 -23.68
N VAL B 480 -37.71 -54.45 -23.88
CA VAL B 480 -38.88 -54.58 -24.72
C VAL B 480 -39.07 -53.28 -25.49
N ALA B 481 -40.02 -53.30 -26.42
CA ALA B 481 -40.32 -52.11 -27.21
C ALA B 481 -41.15 -51.12 -26.40
N GLY B 482 -41.23 -49.91 -26.91
CA GLY B 482 -42.01 -48.88 -26.26
C GLY B 482 -42.25 -47.73 -27.20
N PHE B 483 -42.42 -46.53 -26.62
CA PHE B 483 -42.62 -45.36 -27.45
C PHE B 483 -41.39 -45.09 -28.31
N ASN B 484 -40.27 -44.71 -27.69
CA ASN B 484 -38.99 -44.77 -28.38
C ASN B 484 -37.93 -45.52 -27.57
N CYS B 485 -37.82 -45.19 -26.29
CA CYS B 485 -36.73 -45.67 -25.43
C CYS B 485 -35.44 -45.83 -26.24
N TYR B 486 -35.01 -44.73 -26.85
CA TYR B 486 -33.84 -44.74 -27.72
C TYR B 486 -32.60 -45.14 -26.93
N PHE B 487 -31.64 -45.73 -27.65
CA PHE B 487 -30.47 -46.32 -27.00
C PHE B 487 -29.52 -45.23 -26.50
N PRO B 488 -28.77 -45.50 -25.41
CA PRO B 488 -27.76 -44.51 -24.98
C PRO B 488 -26.69 -44.26 -26.02
N LEU B 489 -25.97 -45.29 -26.46
CA LEU B 489 -24.88 -45.14 -27.40
C LEU B 489 -25.40 -45.02 -28.83
N ARG B 490 -24.54 -44.51 -29.71
CA ARG B 490 -24.88 -44.34 -31.12
C ARG B 490 -23.59 -44.27 -31.91
N SER B 491 -23.59 -44.86 -33.10
CA SER B 491 -22.41 -44.85 -33.95
C SER B 491 -22.14 -43.44 -34.46
N TYR B 492 -20.85 -43.04 -34.44
CA TYR B 492 -20.48 -41.76 -35.03
C TYR B 492 -20.91 -41.68 -36.49
N GLY B 493 -20.70 -42.75 -37.25
CA GLY B 493 -20.80 -42.70 -38.70
C GLY B 493 -19.51 -42.22 -39.32
N PHE B 494 -18.40 -42.83 -38.92
CA PHE B 494 -17.07 -42.42 -39.37
C PHE B 494 -16.92 -42.77 -40.84
N ARG B 495 -17.07 -41.77 -41.71
CA ARG B 495 -16.91 -41.95 -43.14
C ARG B 495 -16.62 -40.58 -43.74
N PRO B 496 -15.93 -40.53 -44.89
CA PRO B 496 -15.66 -39.24 -45.53
C PRO B 496 -16.91 -38.57 -46.12
N THR B 497 -18.08 -39.20 -46.03
CA THR B 497 -19.29 -38.57 -46.55
C THR B 497 -19.70 -37.38 -45.69
N TYR B 498 -19.72 -37.54 -44.38
CA TYR B 498 -20.07 -36.45 -43.49
C TYR B 498 -18.97 -35.39 -43.48
N GLY B 499 -19.30 -34.22 -42.97
CA GLY B 499 -18.34 -33.15 -42.85
C GLY B 499 -17.34 -33.41 -41.75
N VAL B 500 -16.52 -32.39 -41.49
CA VAL B 500 -15.52 -32.48 -40.43
C VAL B 500 -16.17 -32.56 -39.06
N GLY B 501 -17.46 -32.24 -38.95
CA GLY B 501 -18.13 -32.29 -37.67
C GLY B 501 -18.21 -33.68 -37.07
N HIS B 502 -18.11 -34.71 -37.92
CA HIS B 502 -18.25 -36.08 -37.45
C HIS B 502 -17.02 -36.91 -37.82
N GLN B 503 -15.82 -36.35 -37.60
CA GLN B 503 -14.58 -37.06 -37.78
C GLN B 503 -13.77 -37.04 -36.48
N PRO B 504 -12.96 -38.06 -36.23
CA PRO B 504 -12.30 -38.16 -34.92
C PRO B 504 -11.22 -37.08 -34.74
N TYR B 505 -11.28 -36.41 -33.60
CA TYR B 505 -10.26 -35.45 -33.18
C TYR B 505 -9.60 -35.97 -31.92
N ARG B 506 -8.28 -36.15 -31.97
CA ARG B 506 -7.54 -36.54 -30.77
C ARG B 506 -7.29 -35.31 -29.90
N VAL B 507 -7.85 -35.32 -28.69
CA VAL B 507 -7.85 -34.14 -27.82
C VAL B 507 -7.43 -34.56 -26.41
N VAL B 508 -6.73 -33.67 -25.72
CA VAL B 508 -6.28 -33.88 -24.35
C VAL B 508 -6.56 -32.62 -23.55
N VAL B 509 -7.15 -32.80 -22.36
CA VAL B 509 -7.47 -31.70 -21.46
C VAL B 509 -6.71 -31.93 -20.16
N LEU B 510 -6.11 -30.87 -19.64
CA LEU B 510 -5.27 -30.94 -18.45
C LEU B 510 -5.84 -30.04 -17.35
N SER B 511 -5.91 -30.57 -16.14
CA SER B 511 -6.32 -29.82 -14.95
C SER B 511 -5.17 -29.85 -13.94
N PHE B 512 -4.76 -28.67 -13.50
CA PHE B 512 -3.58 -28.51 -12.65
C PHE B 512 -4.01 -28.20 -11.23
N GLU B 513 -3.34 -28.83 -10.26
CA GLU B 513 -3.59 -28.59 -8.84
C GLU B 513 -2.49 -27.70 -8.27
N LEU B 514 -2.86 -26.83 -7.32
CA LEU B 514 -1.92 -25.87 -6.76
C LEU B 514 -1.95 -25.77 -5.25
N LEU B 515 -2.92 -26.39 -4.58
CA LEU B 515 -2.99 -26.32 -3.13
C LEU B 515 -2.02 -27.31 -2.50
N HIS B 516 -1.28 -26.84 -1.49
CA HIS B 516 -0.28 -27.66 -0.81
C HIS B 516 0.67 -28.31 -1.83
N ALA B 517 1.33 -27.48 -2.63
CA ALA B 517 2.06 -27.97 -3.80
C ALA B 517 3.53 -28.19 -3.48
N PRO B 518 4.03 -29.44 -3.47
CA PRO B 518 5.49 -29.67 -3.52
C PRO B 518 5.95 -29.71 -4.97
N ALA B 519 6.07 -28.51 -5.56
CA ALA B 519 6.25 -28.35 -7.00
C ALA B 519 7.32 -29.30 -7.53
N THR B 520 6.89 -30.28 -8.34
CA THR B 520 7.86 -31.18 -8.96
C THR B 520 7.56 -31.46 -10.43
N VAL B 521 6.55 -30.81 -11.03
CA VAL B 521 6.19 -31.08 -12.42
C VAL B 521 5.77 -29.79 -13.11
N CYS B 522 6.58 -29.32 -14.05
CA CYS B 522 6.27 -28.07 -14.75
C CYS B 522 7.23 -27.86 -15.91
N GLY B 523 7.09 -26.69 -16.54
CA GLY B 523 7.72 -26.38 -17.80
C GLY B 523 9.24 -26.45 -17.83
N PRO B 524 9.92 -25.60 -17.05
CA PRO B 524 11.34 -25.33 -17.30
C PRO B 524 12.19 -26.57 -17.48
N LYS B 525 12.80 -26.70 -18.65
CA LYS B 525 13.69 -27.81 -18.96
C LYS B 525 15.12 -27.42 -18.57
N LYS B 526 16.09 -28.21 -19.03
CA LYS B 526 17.48 -28.00 -18.64
C LYS B 526 18.18 -27.00 -19.56
N SER B 527 17.86 -25.72 -19.40
CA SER B 527 18.57 -24.67 -20.11
C SER B 527 19.70 -24.14 -19.23
N THR B 528 20.93 -24.20 -19.74
CA THR B 528 22.10 -23.89 -18.92
C THR B 528 23.13 -23.12 -19.74
N ASN B 529 24.00 -22.42 -19.01
CA ASN B 529 25.16 -21.73 -19.57
C ASN B 529 26.25 -21.72 -18.51
N LEU B 530 27.47 -21.36 -18.93
CA LEU B 530 28.57 -21.32 -18.00
C LEU B 530 29.74 -20.52 -18.59
N VAL B 531 30.44 -19.80 -17.73
CA VAL B 531 31.65 -19.07 -18.09
C VAL B 531 32.45 -18.86 -16.82
N LYS B 532 33.78 -18.83 -16.96
CA LYS B 532 34.68 -18.76 -15.83
C LYS B 532 35.65 -17.59 -15.99
N ASN B 533 36.43 -17.35 -14.94
CA ASN B 533 37.48 -16.33 -14.92
C ASN B 533 36.91 -14.92 -15.07
N LYS B 534 35.66 -14.71 -14.69
CA LYS B 534 35.05 -13.39 -14.68
C LYS B 534 33.76 -13.47 -13.89
N CYS B 535 33.47 -12.41 -13.13
CA CYS B 535 32.33 -12.44 -12.22
C CYS B 535 31.03 -12.23 -12.99
N VAL B 536 30.11 -13.18 -12.82
CA VAL B 536 28.87 -13.23 -13.58
C VAL B 536 27.70 -13.28 -12.60
N ASN B 537 26.54 -12.85 -13.07
CA ASN B 537 25.29 -12.97 -12.31
C ASN B 537 24.85 -14.43 -12.39
N PHE B 538 25.21 -15.22 -11.38
CA PHE B 538 25.06 -16.66 -11.41
C PHE B 538 23.79 -17.10 -10.69
N ASN B 539 23.16 -18.14 -11.22
CA ASN B 539 22.03 -18.80 -10.59
C ASN B 539 22.27 -20.30 -10.60
N PHE B 540 22.50 -20.87 -9.43
CA PHE B 540 22.84 -22.29 -9.28
C PHE B 540 21.68 -22.97 -8.56
N ASN B 541 20.71 -23.46 -9.33
CA ASN B 541 19.50 -24.08 -8.78
C ASN B 541 18.90 -23.18 -7.70
N GLY B 542 18.71 -21.92 -8.07
CA GLY B 542 18.39 -20.90 -7.10
C GLY B 542 19.63 -20.21 -6.59
N LEU B 543 19.50 -19.59 -5.43
CA LEU B 543 20.63 -18.93 -4.76
C LEU B 543 21.29 -17.92 -5.70
N THR B 544 20.50 -16.92 -6.08
CA THR B 544 20.99 -15.89 -7.00
C THR B 544 22.10 -15.09 -6.34
N GLY B 545 23.06 -14.65 -7.15
CA GLY B 545 24.17 -13.88 -6.64
C GLY B 545 25.03 -13.37 -7.77
N THR B 546 26.10 -12.66 -7.40
CA THR B 546 27.06 -12.11 -8.35
C THR B 546 28.47 -12.44 -7.86
N GLY B 547 29.29 -12.96 -8.75
CA GLY B 547 30.65 -13.32 -8.40
C GLY B 547 31.28 -14.16 -9.48
N VAL B 548 32.57 -14.41 -9.31
CA VAL B 548 33.38 -15.16 -10.26
C VAL B 548 33.56 -16.58 -9.74
N LEU B 549 33.60 -17.54 -10.65
CA LEU B 549 33.74 -18.95 -10.32
C LEU B 549 35.17 -19.40 -10.60
N THR B 550 35.80 -20.03 -9.61
CA THR B 550 37.16 -20.53 -9.72
C THR B 550 37.22 -21.93 -9.14
N GLU B 551 37.95 -22.81 -9.82
CA GLU B 551 38.10 -24.18 -9.35
C GLU B 551 38.79 -24.20 -7.99
N SER B 552 38.28 -25.05 -7.11
CA SER B 552 38.78 -25.16 -5.74
C SER B 552 39.18 -26.60 -5.44
N ASN B 553 39.80 -26.79 -4.28
CA ASN B 553 40.24 -28.10 -3.82
C ASN B 553 39.38 -28.63 -2.69
N LYS B 554 38.40 -27.87 -2.21
CA LYS B 554 37.52 -28.35 -1.15
C LYS B 554 36.75 -29.58 -1.63
N LYS B 555 36.33 -30.40 -0.66
CA LYS B 555 35.64 -31.67 -0.95
C LYS B 555 34.30 -31.64 -0.21
N PHE B 556 33.25 -31.23 -0.92
CA PHE B 556 31.91 -31.29 -0.36
C PHE B 556 31.51 -32.75 -0.13
N LEU B 557 30.57 -32.94 0.80
CA LEU B 557 30.06 -34.28 1.05
C LEU B 557 29.04 -34.65 -0.04
N PRO B 558 28.78 -35.95 -0.23
CA PRO B 558 27.90 -36.36 -1.33
C PRO B 558 26.49 -35.78 -1.27
N PHE B 559 26.09 -35.18 -0.16
CA PHE B 559 24.73 -34.66 0.00
C PHE B 559 24.66 -33.15 0.11
N GLN B 560 25.78 -32.46 0.27
CA GLN B 560 25.78 -31.01 0.41
C GLN B 560 25.70 -30.36 -0.96
N GLN B 561 24.82 -29.37 -1.10
CA GLN B 561 24.63 -28.68 -2.37
C GLN B 561 25.55 -27.47 -2.51
N PHE B 562 25.69 -26.67 -1.45
CA PHE B 562 26.58 -25.52 -1.47
C PHE B 562 27.17 -25.33 -0.09
N GLY B 563 28.25 -24.58 -0.02
CA GLY B 563 28.96 -24.33 1.22
C GLY B 563 28.96 -22.86 1.56
N ARG B 564 29.06 -22.57 2.86
CA ARG B 564 29.06 -21.21 3.37
C ARG B 564 30.26 -20.99 4.28
N ASP B 565 30.90 -19.83 4.15
CA ASP B 565 31.98 -19.45 5.05
C ASP B 565 31.41 -18.83 6.32
N ILE B 566 32.31 -18.28 7.13
CA ILE B 566 31.87 -17.65 8.38
C ILE B 566 31.02 -16.43 8.06
N ALA B 567 30.16 -16.06 9.02
CA ALA B 567 29.32 -14.87 8.92
C ALA B 567 28.29 -15.01 7.79
N ASP B 568 27.84 -16.23 7.56
CA ASP B 568 26.77 -16.51 6.61
C ASP B 568 27.08 -15.91 5.23
N THR B 569 28.14 -16.41 4.60
CA THR B 569 28.56 -15.96 3.29
C THR B 569 28.65 -17.16 2.34
N THR B 570 28.11 -17.00 1.14
CA THR B 570 28.16 -18.06 0.13
C THR B 570 29.57 -18.13 -0.43
N ASP B 571 30.36 -19.09 0.04
CA ASP B 571 31.75 -19.20 -0.38
C ASP B 571 31.90 -20.06 -1.63
N ALA B 572 31.40 -21.29 -1.59
CA ALA B 572 31.53 -22.24 -2.70
C ALA B 572 30.19 -22.87 -2.99
N VAL B 573 29.98 -23.22 -4.25
CA VAL B 573 28.74 -23.86 -4.71
C VAL B 573 29.11 -24.99 -5.66
N ARG B 574 28.34 -26.08 -5.59
CA ARG B 574 28.54 -27.23 -6.47
C ARG B 574 27.69 -27.07 -7.71
N ASP B 575 28.31 -27.26 -8.88
CA ASP B 575 27.60 -27.15 -10.14
C ASP B 575 26.55 -28.26 -10.23
N PRO B 576 25.26 -27.94 -10.30
CA PRO B 576 24.26 -29.02 -10.37
C PRO B 576 24.43 -29.92 -11.57
N GLN B 577 25.02 -29.43 -12.66
CA GLN B 577 25.15 -30.22 -13.87
C GLN B 577 26.33 -31.19 -13.79
N THR B 578 27.55 -30.64 -13.65
CA THR B 578 28.77 -31.44 -13.66
C THR B 578 29.27 -31.78 -12.26
N LEU B 579 28.53 -31.42 -11.22
CA LEU B 579 28.91 -31.73 -9.83
C LEU B 579 30.27 -31.15 -9.46
N GLU B 580 30.72 -30.11 -10.16
CA GLU B 580 32.00 -29.48 -9.89
C GLU B 580 31.83 -28.37 -8.86
N ILE B 581 32.81 -28.26 -7.96
CA ILE B 581 32.80 -27.24 -6.92
C ILE B 581 33.51 -26.00 -7.44
N LEU B 582 32.90 -24.84 -7.23
CA LEU B 582 33.46 -23.56 -7.66
C LEU B 582 33.26 -22.53 -6.56
N ASP B 583 34.29 -21.74 -6.30
CA ASP B 583 34.19 -20.69 -5.30
C ASP B 583 33.36 -19.52 -5.84
N ILE B 584 32.90 -18.68 -4.91
CA ILE B 584 32.12 -17.50 -5.23
C ILE B 584 32.88 -16.30 -4.67
N THR B 585 33.69 -15.66 -5.52
CA THR B 585 34.50 -14.52 -5.11
C THR B 585 33.94 -13.25 -5.74
N PRO B 586 33.61 -12.22 -4.95
CA PRO B 586 33.12 -10.97 -5.55
C PRO B 586 34.25 -10.27 -6.30
N CYS B 587 33.95 -9.81 -7.52
CA CYS B 587 34.96 -9.16 -8.33
C CYS B 587 35.45 -7.88 -7.66
N SER B 588 36.49 -7.29 -8.24
CA SER B 588 37.22 -6.19 -7.62
C SER B 588 36.29 -5.04 -7.25
N PHE B 589 36.48 -4.51 -6.04
CA PHE B 589 35.81 -3.31 -5.61
C PHE B 589 36.67 -2.64 -4.54
N GLY B 590 36.59 -1.31 -4.48
CA GLY B 590 37.38 -0.58 -3.51
C GLY B 590 37.13 0.91 -3.65
N GLY B 591 37.68 1.65 -2.70
CA GLY B 591 37.50 3.09 -2.70
C GLY B 591 38.57 3.78 -3.54
N VAL B 592 38.17 4.87 -4.19
CA VAL B 592 39.07 5.66 -5.02
C VAL B 592 39.37 6.96 -4.29
N SER B 593 40.64 7.18 -3.99
CA SER B 593 41.10 8.39 -3.31
C SER B 593 41.90 9.25 -4.29
N VAL B 594 41.49 10.50 -4.44
CA VAL B 594 42.09 11.40 -5.41
C VAL B 594 43.21 12.18 -4.74
N ILE B 595 44.43 12.03 -5.25
CA ILE B 595 45.58 12.81 -4.81
C ILE B 595 45.60 14.09 -5.62
N THR B 596 45.46 15.24 -4.94
CA THR B 596 45.40 16.52 -5.61
C THR B 596 46.45 17.45 -5.00
N PRO B 597 47.23 18.16 -5.83
CA PRO B 597 48.17 19.14 -5.28
C PRO B 597 47.53 20.46 -4.91
N GLY B 598 46.21 20.57 -5.01
CA GLY B 598 45.51 21.81 -4.72
C GLY B 598 45.16 22.59 -5.96
N THR B 599 43.92 23.08 -6.03
CA THR B 599 43.50 23.90 -7.16
C THR B 599 44.37 25.14 -7.32
N ASN B 600 45.09 25.52 -6.26
CA ASN B 600 45.96 26.69 -6.34
C ASN B 600 47.09 26.49 -7.34
N THR B 601 47.68 25.30 -7.36
CA THR B 601 48.87 25.03 -8.16
C THR B 601 48.54 24.52 -9.56
N SER B 602 47.81 23.40 -9.66
CA SER B 602 47.51 22.82 -10.96
C SER B 602 46.30 21.92 -10.83
N ASN B 603 45.77 21.50 -11.98
CA ASN B 603 44.61 20.63 -12.04
C ASN B 603 44.98 19.16 -12.13
N GLN B 604 46.27 18.83 -12.16
CA GLN B 604 46.68 17.43 -12.20
C GLN B 604 46.18 16.69 -10.97
N VAL B 605 45.83 15.42 -11.16
CA VAL B 605 45.32 14.59 -10.08
C VAL B 605 45.75 13.15 -10.31
N ALA B 606 46.05 12.44 -9.22
CA ALA B 606 46.37 11.03 -9.24
C ALA B 606 45.37 10.28 -8.39
N VAL B 607 44.95 9.10 -8.85
CA VAL B 607 43.90 8.32 -8.22
C VAL B 607 44.53 7.11 -7.55
N LEU B 608 44.13 6.84 -6.31
CA LEU B 608 44.60 5.69 -5.55
C LEU B 608 43.45 4.69 -5.42
N TYR B 609 43.59 3.54 -6.06
CA TYR B 609 42.60 2.47 -5.97
C TYR B 609 42.94 1.62 -4.75
N GLN B 610 42.32 1.92 -3.62
CA GLN B 610 42.69 1.29 -2.36
C GLN B 610 42.40 -0.21 -2.41
N GLY B 611 43.37 -1.01 -1.97
CA GLY B 611 43.21 -2.45 -1.89
C GLY B 611 43.22 -3.18 -3.21
N VAL B 612 43.20 -2.47 -4.34
CA VAL B 612 43.15 -3.13 -5.64
C VAL B 612 44.55 -3.43 -6.13
N ASN B 613 44.74 -4.63 -6.67
CA ASN B 613 45.94 -4.99 -7.41
C ASN B 613 45.67 -4.69 -8.88
N CYS B 614 46.38 -3.70 -9.42
CA CYS B 614 46.02 -3.18 -10.73
C CYS B 614 46.36 -4.15 -11.86
N THR B 615 46.83 -5.35 -11.52
CA THR B 615 46.84 -6.43 -12.50
C THR B 615 45.46 -6.65 -13.09
N GLU B 616 44.41 -6.28 -12.36
CA GLU B 616 43.05 -6.18 -12.86
C GLU B 616 42.61 -4.74 -12.76
N VAL B 617 41.52 -4.41 -13.46
CA VAL B 617 41.03 -3.04 -13.52
C VAL B 617 41.01 -2.40 -12.13
N SER B 637 49.66 8.79 -15.89
CA SER B 637 49.80 7.69 -16.83
C SER B 637 50.61 6.55 -16.21
N ASN B 638 51.53 6.90 -15.32
CA ASN B 638 52.36 5.89 -14.67
C ASN B 638 51.54 5.11 -13.65
N VAL B 639 51.67 3.79 -13.70
CA VAL B 639 50.97 2.88 -12.80
C VAL B 639 51.99 2.34 -11.81
N PHE B 640 51.67 2.46 -10.52
CA PHE B 640 52.57 2.04 -9.44
C PHE B 640 51.77 1.37 -8.34
N GLN B 641 52.18 0.17 -7.97
CA GLN B 641 51.49 -0.62 -6.97
C GLN B 641 52.06 -0.32 -5.59
N THR B 642 51.18 -0.03 -4.63
CA THR B 642 51.56 0.23 -3.25
C THR B 642 50.77 -0.70 -2.33
N ARG B 643 51.33 -0.94 -1.15
CA ARG B 643 50.65 -1.79 -0.16
C ARG B 643 49.25 -1.30 0.15
N ALA B 644 48.99 0.00 -0.01
CA ALA B 644 47.65 0.53 0.21
C ALA B 644 46.76 0.43 -1.03
N GLY B 645 47.34 0.12 -2.18
CA GLY B 645 46.60 0.03 -3.41
C GLY B 645 47.49 0.42 -4.58
N CYS B 646 46.87 0.57 -5.74
CA CYS B 646 47.58 0.99 -6.94
C CYS B 646 47.40 2.48 -7.15
N LEU B 647 48.48 3.17 -7.52
CA LEU B 647 48.49 4.61 -7.72
C LEU B 647 48.73 4.90 -9.18
N ILE B 648 47.79 5.59 -9.82
CA ILE B 648 47.86 5.94 -11.23
C ILE B 648 47.98 7.45 -11.35
N GLY B 649 48.94 7.91 -12.15
CA GLY B 649 49.16 9.32 -12.37
C GLY B 649 50.29 9.94 -11.57
N ALA B 650 51.11 9.12 -10.90
CA ALA B 650 52.22 9.61 -10.11
C ALA B 650 53.47 8.79 -10.43
N GLU B 651 54.61 9.47 -10.46
CA GLU B 651 55.90 8.84 -10.76
C GLU B 651 56.62 8.50 -9.45
N TYR B 652 57.14 7.28 -9.37
CA TYR B 652 57.87 6.83 -8.20
C TYR B 652 59.29 7.40 -8.24
N VAL B 653 59.65 8.18 -7.23
CA VAL B 653 60.97 8.78 -7.12
C VAL B 653 61.73 8.07 -6.01
N ASN B 654 62.98 7.70 -6.29
CA ASN B 654 63.78 6.97 -5.32
C ASN B 654 64.35 7.88 -4.24
N ASN B 655 64.30 9.20 -4.43
CA ASN B 655 64.70 10.12 -3.37
C ASN B 655 63.64 10.13 -2.27
N SER B 656 64.09 10.40 -1.04
CA SER B 656 63.21 10.43 0.12
C SER B 656 63.08 11.86 0.63
N TYR B 657 61.85 12.31 0.81
CA TYR B 657 61.55 13.64 1.31
C TYR B 657 60.53 13.54 2.44
N GLU B 658 60.19 14.69 3.00
CA GLU B 658 59.15 14.74 4.01
C GLU B 658 57.79 14.41 3.38
N CYS B 659 56.87 13.95 4.23
CA CYS B 659 55.56 13.52 3.75
C CYS B 659 54.67 14.75 3.52
N ASP B 660 54.36 15.02 2.26
CA ASP B 660 53.46 16.12 1.93
C ASP B 660 52.01 15.66 1.96
N ILE B 661 51.69 14.62 1.19
CA ILE B 661 50.37 14.01 1.16
C ILE B 661 50.54 12.53 1.52
N PRO B 662 49.93 12.06 2.62
CA PRO B 662 50.12 10.65 3.01
C PRO B 662 49.22 9.73 2.17
N ILE B 663 49.82 8.70 1.60
CA ILE B 663 49.08 7.69 0.85
C ILE B 663 48.87 6.42 1.66
N GLY B 664 49.93 5.91 2.27
CA GLY B 664 49.86 4.73 3.11
C GLY B 664 51.05 3.82 2.87
N ALA B 665 51.30 2.94 3.84
CA ALA B 665 52.37 1.96 3.76
C ALA B 665 53.73 2.64 3.57
N GLY B 666 53.90 3.79 4.22
CA GLY B 666 55.15 4.51 4.18
C GLY B 666 55.40 5.33 2.93
N ILE B 667 54.45 5.39 2.01
CA ILE B 667 54.60 6.14 0.76
C ILE B 667 53.80 7.42 0.86
N CYS B 668 54.38 8.51 0.39
CA CYS B 668 53.74 9.82 0.34
C CYS B 668 53.92 10.41 -1.05
N ALA B 669 53.18 11.49 -1.32
CA ALA B 669 53.20 12.14 -2.62
C ALA B 669 53.31 13.65 -2.43
N SER B 670 53.70 14.32 -3.51
CA SER B 670 53.84 15.78 -3.48
C SER B 670 54.00 16.28 -4.92
N TYR B 671 53.95 17.59 -5.07
CA TYR B 671 54.09 18.25 -6.36
C TYR B 671 55.56 18.62 -6.55
N GLN B 672 56.18 18.07 -7.60
CA GLN B 672 57.62 18.24 -7.78
C GLN B 672 57.97 19.69 -8.11
N THR B 673 57.45 20.22 -9.22
CA THR B 673 57.77 21.58 -9.64
C THR B 673 59.24 21.68 -10.02
N GLN B 687 55.45 20.44 -11.59
CA GLN B 687 55.62 19.90 -12.93
C GLN B 687 54.91 18.55 -13.05
N SER B 688 54.90 17.78 -11.97
CA SER B 688 54.28 16.46 -11.97
C SER B 688 54.20 15.94 -10.54
N ILE B 689 53.21 15.09 -10.30
CA ILE B 689 53.08 14.45 -9.00
C ILE B 689 54.10 13.33 -8.88
N ILE B 690 54.76 13.25 -7.73
CA ILE B 690 55.77 12.25 -7.47
C ILE B 690 55.43 11.52 -6.18
N ALA B 691 55.65 10.20 -6.19
CA ALA B 691 55.44 9.36 -5.02
C ALA B 691 56.79 8.87 -4.51
N TYR B 692 56.93 8.79 -3.19
CA TYR B 692 58.22 8.46 -2.59
C TYR B 692 57.99 7.91 -1.19
N THR B 693 59.01 7.22 -0.69
CA THR B 693 59.01 6.77 0.70
C THR B 693 59.45 7.92 1.60
N MET B 694 58.64 8.20 2.62
CA MET B 694 58.90 9.35 3.47
C MET B 694 60.20 9.17 4.25
N SER B 695 60.92 10.27 4.42
CA SER B 695 62.17 10.25 5.17
C SER B 695 61.91 10.57 6.63
N LEU B 696 62.53 9.79 7.53
CA LEU B 696 62.35 10.01 8.96
C LEU B 696 63.22 11.13 9.50
N GLY B 697 64.23 11.56 8.75
CA GLY B 697 65.11 12.62 9.19
C GLY B 697 66.56 12.34 8.88
N ALA B 698 67.44 13.30 9.21
CA ALA B 698 68.86 13.12 8.94
C ALA B 698 69.48 12.13 9.91
N GLU B 699 70.49 11.41 9.44
CA GLU B 699 71.19 10.42 10.25
C GLU B 699 72.40 11.09 10.90
N ASN B 700 72.49 11.00 12.22
CA ASN B 700 73.56 11.61 13.01
C ASN B 700 74.25 10.51 13.81
N SER B 701 75.42 10.08 13.35
CA SER B 701 76.23 9.09 14.08
C SER B 701 77.00 9.84 15.16
N VAL B 702 76.47 9.77 16.39
CA VAL B 702 77.06 10.51 17.49
C VAL B 702 78.47 10.01 17.75
N ALA B 703 79.36 10.92 18.14
CA ALA B 703 80.75 10.58 18.42
C ALA B 703 80.90 10.07 19.86
N TYR B 704 80.36 8.89 20.14
CA TYR B 704 80.40 8.36 21.49
C TYR B 704 81.79 7.82 21.81
N SER B 705 82.30 8.17 22.99
CA SER B 705 83.56 7.65 23.49
C SER B 705 83.56 7.76 25.00
N ASN B 706 84.16 6.77 25.66
CA ASN B 706 84.13 6.67 27.11
C ASN B 706 85.14 7.58 27.79
N ASN B 707 85.72 8.54 27.07
CA ASN B 707 86.60 9.54 27.68
C ASN B 707 86.38 10.92 27.10
N SER B 708 85.23 11.16 26.46
CA SER B 708 84.91 12.43 25.83
C SER B 708 83.52 12.87 26.24
N ILE B 709 83.36 14.18 26.46
CA ILE B 709 82.10 14.78 26.84
C ILE B 709 81.93 16.09 26.10
N ALA B 710 80.71 16.38 25.65
CA ALA B 710 80.38 17.61 24.95
C ALA B 710 79.66 18.54 25.91
N ILE B 711 80.21 19.74 26.11
CA ILE B 711 79.64 20.76 26.98
C ILE B 711 79.39 22.01 26.15
N PRO B 712 78.19 22.56 26.13
CA PRO B 712 77.95 23.74 25.29
C PRO B 712 78.68 24.98 25.81
N THR B 713 78.89 25.94 24.91
CA THR B 713 79.50 27.21 25.25
C THR B 713 78.57 28.40 25.03
N ASN B 714 77.56 28.26 24.17
CA ASN B 714 76.59 29.31 23.89
C ASN B 714 75.18 28.72 24.06
N PHE B 715 74.21 29.61 24.26
CA PHE B 715 72.83 29.17 24.46
C PHE B 715 71.89 30.22 23.89
N THR B 716 70.64 29.82 23.70
CA THR B 716 69.61 30.67 23.12
C THR B 716 68.32 30.52 23.92
N ILE B 717 67.66 31.64 24.19
CA ILE B 717 66.37 31.66 24.85
C ILE B 717 65.30 31.80 23.78
N SER B 718 64.47 30.77 23.63
CA SER B 718 63.44 30.72 22.60
C SER B 718 62.06 30.65 23.25
N VAL B 719 61.04 30.80 22.41
CA VAL B 719 59.64 30.75 22.84
C VAL B 719 58.90 29.78 21.92
N THR B 720 58.10 28.90 22.51
CA THR B 720 57.32 27.91 21.78
C THR B 720 55.83 28.21 21.97
N THR B 721 55.08 28.18 20.87
CA THR B 721 53.65 28.46 20.89
C THR B 721 52.87 27.15 20.93
N GLU B 722 51.85 27.10 21.79
CA GLU B 722 50.99 25.94 21.92
C GLU B 722 49.54 26.40 22.01
N ILE B 723 48.66 25.69 21.31
CA ILE B 723 47.24 26.03 21.27
C ILE B 723 46.46 24.91 21.95
N LEU B 724 45.42 25.28 22.68
CA LEU B 724 44.60 24.31 23.39
C LEU B 724 43.16 24.80 23.50
N PRO B 725 42.19 24.11 22.91
CA PRO B 725 40.80 24.53 23.07
C PRO B 725 40.28 24.24 24.46
N VAL B 726 39.34 25.07 24.91
CA VAL B 726 38.87 25.02 26.29
C VAL B 726 37.37 24.74 26.37
N SER B 727 36.62 25.15 25.35
CA SER B 727 35.17 25.06 25.41
C SER B 727 34.59 25.01 24.00
N MET B 728 33.28 24.83 23.95
CA MET B 728 32.50 24.78 22.71
C MET B 728 31.35 25.79 22.81
N THR B 729 30.44 25.72 21.85
CA THR B 729 29.24 26.54 21.85
C THR B 729 28.13 25.82 22.64
N LYS B 730 27.52 26.54 23.57
CA LYS B 730 26.45 25.98 24.41
C LYS B 730 25.18 25.90 23.59
N THR B 731 24.90 24.70 23.07
CA THR B 731 23.75 24.52 22.19
C THR B 731 22.53 24.07 22.99
N SER B 732 21.35 24.42 22.48
CA SER B 732 20.08 24.01 23.06
C SER B 732 19.06 23.88 21.93
N VAL B 733 18.15 22.93 22.08
CA VAL B 733 17.22 22.56 21.02
C VAL B 733 15.81 22.45 21.60
N ASP B 734 14.81 22.78 20.79
CA ASP B 734 13.42 22.66 21.18
C ASP B 734 12.79 21.51 20.37
N CYS B 735 12.41 20.44 21.08
CA CYS B 735 11.87 19.26 20.41
C CYS B 735 10.64 19.61 19.57
N THR B 736 9.68 20.32 20.16
CA THR B 736 8.46 20.64 19.42
C THR B 736 8.79 21.38 18.13
N MET B 737 9.52 22.49 18.24
CA MET B 737 9.82 23.29 17.05
C MET B 737 10.57 22.48 16.01
N TYR B 738 11.56 21.69 16.43
CA TYR B 738 12.37 20.96 15.46
C TYR B 738 11.57 19.84 14.80
N ILE B 739 11.08 18.89 15.60
CA ILE B 739 10.44 17.71 15.03
C ILE B 739 9.13 18.10 14.35
N CYS B 740 8.24 18.78 15.06
CA CYS B 740 6.89 19.03 14.57
C CYS B 740 6.66 20.45 14.09
N GLY B 741 7.18 21.45 14.80
CA GLY B 741 6.92 22.83 14.41
C GLY B 741 5.61 23.32 15.02
N ASP B 742 4.70 23.77 14.16
CA ASP B 742 3.41 24.28 14.61
C ASP B 742 2.30 23.26 14.52
N SER B 743 2.59 22.03 14.08
CA SER B 743 1.55 21.03 13.87
C SER B 743 1.08 20.43 15.19
N THR B 744 -0.17 20.75 15.58
CA THR B 744 -0.70 20.24 16.84
C THR B 744 -0.95 18.74 16.79
N GLU B 745 -1.43 18.22 15.65
CA GLU B 745 -1.57 16.78 15.51
C GLU B 745 -0.21 16.09 15.55
N CYS B 746 0.81 16.72 14.98
CA CYS B 746 2.16 16.15 15.08
C CYS B 746 2.63 16.13 16.52
N SER B 747 2.33 17.19 17.27
CA SER B 747 2.70 17.22 18.69
C SER B 747 1.97 16.12 19.46
N ASN B 748 0.69 15.91 19.14
CA ASN B 748 -0.06 14.84 19.80
C ASN B 748 0.54 13.48 19.48
N LEU B 749 0.94 13.26 18.23
CA LEU B 749 1.60 12.00 17.87
C LEU B 749 2.95 11.86 18.57
N LEU B 750 3.68 12.96 18.71
CA LEU B 750 4.98 12.92 19.37
C LEU B 750 4.86 12.60 20.84
N LEU B 751 3.82 13.11 21.51
CA LEU B 751 3.63 12.82 22.92
C LEU B 751 3.50 11.33 23.20
N GLN B 752 3.22 10.52 22.18
CA GLN B 752 3.10 9.08 22.38
C GLN B 752 4.45 8.39 22.48
N TYR B 753 5.53 9.04 22.04
CA TYR B 753 6.85 8.40 22.02
C TYR B 753 7.48 8.33 23.41
N GLY B 754 7.10 9.21 24.33
CA GLY B 754 7.57 9.12 25.70
C GLY B 754 8.48 10.25 26.12
N SER B 755 9.53 9.91 26.88
CA SER B 755 10.41 10.89 27.50
C SER B 755 11.76 10.99 26.80
N PHE B 756 11.79 10.84 25.48
CA PHE B 756 13.04 11.01 24.74
C PHE B 756 13.55 12.44 24.88
N CYS B 757 12.65 13.41 24.78
CA CYS B 757 13.06 14.81 24.74
C CYS B 757 13.52 15.32 26.09
N THR B 758 12.99 14.76 27.19
CA THR B 758 13.56 15.07 28.50
C THR B 758 15.04 14.72 28.54
N GLN B 759 15.37 13.51 28.09
CA GLN B 759 16.77 13.09 28.06
C GLN B 759 17.59 13.99 27.12
N LEU B 760 17.03 14.32 25.95
CA LEU B 760 17.75 15.17 25.02
C LEU B 760 18.09 16.52 25.64
N LYS B 761 17.08 17.20 26.21
CA LYS B 761 17.30 18.50 26.82
C LYS B 761 18.24 18.40 28.01
N ARG B 762 18.12 17.33 28.80
CA ARG B 762 19.02 17.15 29.94
C ARG B 762 20.46 17.01 29.47
N ALA B 763 20.70 16.23 28.43
CA ALA B 763 22.05 16.06 27.92
C ALA B 763 22.60 17.37 27.36
N LEU B 764 21.76 18.13 26.66
CA LEU B 764 22.23 19.40 26.10
C LEU B 764 22.59 20.39 27.21
N THR B 765 21.73 20.51 28.22
CA THR B 765 22.03 21.40 29.34
C THR B 765 23.26 20.93 30.10
N GLY B 766 23.44 19.61 30.22
CA GLY B 766 24.64 19.10 30.86
C GLY B 766 25.89 19.45 30.08
N ILE B 767 25.83 19.35 28.76
CA ILE B 767 26.97 19.75 27.93
C ILE B 767 27.26 21.23 28.11
N ALA B 768 26.22 22.05 28.15
CA ALA B 768 26.43 23.49 28.35
C ALA B 768 27.10 23.77 29.68
N VAL B 769 26.59 23.17 30.75
CA VAL B 769 27.18 23.38 32.07
C VAL B 769 28.60 22.83 32.12
N GLU B 770 28.87 21.75 31.38
CA GLU B 770 30.22 21.19 31.35
C GLU B 770 31.19 22.14 30.66
N GLN B 771 30.78 22.74 29.54
CA GLN B 771 31.63 23.72 28.87
C GLN B 771 31.87 24.93 29.77
N ASP B 772 30.84 25.38 30.48
CA ASP B 772 31.01 26.51 31.40
C ASP B 772 31.99 26.15 32.52
N LYS B 773 31.85 24.95 33.09
CA LYS B 773 32.75 24.52 34.15
C LYS B 773 34.18 24.39 33.64
N ASN B 774 34.34 23.93 32.40
CA ASN B 774 35.68 23.84 31.82
C ASN B 774 36.30 25.22 31.69
N THR B 775 35.55 26.17 31.12
CA THR B 775 36.06 27.54 31.00
C THR B 775 36.44 28.09 32.37
N GLN B 776 35.60 27.87 33.37
CA GLN B 776 35.90 28.36 34.71
C GLN B 776 37.17 27.73 35.28
N GLU B 777 37.23 26.40 35.29
CA GLU B 777 38.41 25.72 35.83
C GLU B 777 39.67 26.10 35.09
N VAL B 778 39.56 26.49 33.81
CA VAL B 778 40.75 26.80 33.04
C VAL B 778 41.22 28.22 33.29
N PHE B 779 40.30 29.19 33.26
CA PHE B 779 40.68 30.60 33.25
C PHE B 779 40.53 31.30 34.60
N ALA B 780 39.96 30.63 35.61
CA ALA B 780 39.76 31.23 36.93
C ALA B 780 40.66 30.61 37.98
N GLN B 781 41.89 30.26 37.61
CA GLN B 781 42.81 29.66 38.57
C GLN B 781 43.44 30.68 39.50
N VAL B 782 43.57 31.94 39.04
CA VAL B 782 44.13 32.99 39.89
C VAL B 782 43.11 33.36 40.96
N LYS B 783 43.61 33.66 42.16
CA LYS B 783 42.73 33.97 43.28
C LYS B 783 42.16 35.39 43.16
N GLN B 784 43.03 36.37 42.96
CA GLN B 784 42.62 37.77 42.87
C GLN B 784 43.25 38.41 41.64
N ILE B 785 42.59 39.47 41.15
CA ILE B 785 43.05 40.18 39.97
C ILE B 785 44.23 41.06 40.36
N TYR B 786 45.44 40.64 40.00
CA TYR B 786 46.62 41.41 40.29
C TYR B 786 46.80 42.53 39.26
N LYS B 787 47.56 43.55 39.65
CA LYS B 787 47.82 44.71 38.81
C LYS B 787 49.30 44.78 38.45
N THR B 788 49.60 45.61 37.45
CA THR B 788 50.97 45.81 36.97
C THR B 788 51.45 47.21 37.32
N PRO B 789 52.74 47.39 37.59
CA PRO B 789 53.22 48.73 37.92
C PRO B 789 53.16 49.64 36.71
N PRO B 790 53.07 50.95 36.91
CA PRO B 790 53.04 51.86 35.75
C PRO B 790 54.34 51.89 34.98
N ILE B 791 55.48 51.79 35.68
CA ILE B 791 56.79 51.78 35.03
C ILE B 791 56.99 50.40 34.42
N LYS B 792 56.83 50.31 33.09
CA LYS B 792 56.94 49.04 32.38
C LYS B 792 58.41 48.74 32.04
N TYR B 793 59.23 48.66 33.08
CA TYR B 793 60.64 48.31 32.95
C TYR B 793 60.93 47.14 33.87
N PHE B 794 61.47 46.07 33.31
CA PHE B 794 61.77 44.84 34.05
C PHE B 794 63.19 44.38 33.76
N GLY B 795 64.13 45.31 33.78
CA GLY B 795 65.53 44.98 33.55
C GLY B 795 65.86 44.65 32.12
N GLY B 796 65.30 45.40 31.17
CA GLY B 796 65.56 45.17 29.77
C GLY B 796 64.57 44.26 29.07
N PHE B 797 63.82 43.45 29.82
CA PHE B 797 62.84 42.56 29.22
C PHE B 797 61.62 43.36 28.78
N ASN B 798 61.23 43.20 27.52
CA ASN B 798 60.12 43.95 26.92
C ASN B 798 58.90 43.05 26.85
N PHE B 799 57.89 43.36 27.67
CA PHE B 799 56.64 42.61 27.69
C PHE B 799 55.51 43.34 26.98
N SER B 800 55.81 44.35 26.17
CA SER B 800 54.76 45.13 25.53
C SER B 800 53.91 44.30 24.59
N GLN B 801 54.45 43.20 24.05
CA GLN B 801 53.71 42.36 23.12
C GLN B 801 52.79 41.37 23.82
N ILE B 802 52.95 41.15 25.12
CA ILE B 802 52.08 40.26 25.86
C ILE B 802 51.24 41.00 26.90
N LEU B 803 51.64 42.19 27.34
CA LEU B 803 50.84 42.95 28.29
C LEU B 803 49.68 43.65 27.58
N PRO B 804 48.61 43.96 28.30
CA PRO B 804 47.48 44.63 27.66
C PRO B 804 47.84 46.03 27.21
N ASP B 805 47.16 46.48 26.16
CA ASP B 805 47.39 47.80 25.57
C ASP B 805 46.14 48.66 25.71
N PRO B 806 46.13 49.69 26.58
CA PRO B 806 44.94 50.52 26.70
C PRO B 806 44.65 51.37 25.47
N SER B 807 45.46 51.31 24.42
CA SER B 807 45.27 52.11 23.23
C SER B 807 44.16 51.58 22.32
N LYS B 808 43.43 50.56 22.75
CA LYS B 808 42.33 49.99 21.99
C LYS B 808 41.16 49.77 22.93
N PRO B 809 39.94 49.61 22.39
CA PRO B 809 38.76 49.47 23.25
C PRO B 809 38.89 48.34 24.27
N SER B 810 39.11 47.12 23.78
CA SER B 810 39.23 45.96 24.65
C SER B 810 40.67 45.83 25.14
N LYS B 811 40.83 45.68 26.45
CA LYS B 811 42.17 45.63 27.03
C LYS B 811 42.82 44.28 26.74
N ARG B 812 43.25 44.09 25.50
CA ARG B 812 43.92 42.88 25.06
C ARG B 812 45.29 43.22 24.49
N SER B 813 46.26 42.34 24.72
CA SER B 813 47.59 42.52 24.17
C SER B 813 47.54 42.45 22.65
N PRO B 814 48.59 42.92 21.97
CA PRO B 814 48.60 42.80 20.50
C PRO B 814 48.64 41.36 20.03
N ILE B 815 49.36 40.48 20.73
CA ILE B 815 49.38 39.08 20.36
C ILE B 815 47.99 38.47 20.50
N GLU B 816 47.29 38.81 21.59
CA GLU B 816 45.92 38.33 21.77
C GLU B 816 45.00 38.89 20.69
N ASP B 817 45.20 40.16 20.30
CA ASP B 817 44.39 40.74 19.23
C ASP B 817 44.61 39.98 17.92
N LEU B 818 45.87 39.68 17.59
CA LEU B 818 46.15 38.91 16.38
C LEU B 818 45.53 37.51 16.45
N LEU B 819 45.63 36.86 17.62
CA LEU B 819 45.03 35.54 17.77
C LEU B 819 43.52 35.59 17.58
N PHE B 820 42.88 36.63 18.10
CA PHE B 820 41.42 36.76 17.96
C PHE B 820 41.04 37.08 16.52
N ASN B 821 41.84 37.89 15.84
CA ASN B 821 41.52 38.25 14.46
C ASN B 821 41.74 37.09 13.50
N LYS B 822 42.74 36.25 13.77
CA LYS B 822 43.02 35.12 12.88
C LYS B 822 41.98 34.01 12.99
N VAL B 823 41.13 34.03 14.02
CA VAL B 823 40.13 32.99 14.23
C VAL B 823 38.76 33.58 13.90
N THR B 824 38.11 33.00 12.90
CA THR B 824 36.77 33.43 12.51
C THR B 824 35.72 32.73 13.35
N LEU B 825 34.61 33.41 13.58
CA LEU B 825 33.53 32.87 14.39
C LEU B 825 32.20 32.94 13.63
N LYS B 851 16.93 32.15 17.20
CA LYS B 851 16.57 30.73 17.27
C LYS B 851 16.11 30.23 15.91
N PHE B 852 16.84 29.26 15.36
CA PHE B 852 16.56 28.70 14.05
C PHE B 852 15.75 27.41 14.22
N ASN B 853 14.43 27.52 14.05
CA ASN B 853 13.53 26.37 14.12
C ASN B 853 13.87 25.42 15.26
N GLY B 854 14.19 25.97 16.44
CA GLY B 854 14.44 25.17 17.61
C GLY B 854 15.84 25.29 18.16
N LEU B 855 16.82 25.43 17.27
CA LEU B 855 18.22 25.48 17.69
C LEU B 855 18.55 26.86 18.24
N THR B 856 19.35 26.87 19.31
CA THR B 856 19.79 28.11 19.94
C THR B 856 21.21 27.93 20.46
N VAL B 857 21.93 29.05 20.57
CA VAL B 857 23.31 29.07 21.04
C VAL B 857 23.35 30.00 22.25
N LEU B 858 23.54 29.43 23.44
CA LEU B 858 23.58 30.24 24.64
C LEU B 858 24.97 30.87 24.80
N PRO B 859 25.06 32.06 25.37
CA PRO B 859 26.37 32.71 25.52
C PRO B 859 27.11 32.15 26.71
N PRO B 860 28.44 32.34 26.76
CA PRO B 860 29.19 31.89 27.94
C PRO B 860 28.99 32.83 29.12
N LEU B 861 29.31 32.32 30.30
CA LEU B 861 29.19 33.14 31.50
C LEU B 861 30.28 34.20 31.55
N LEU B 862 31.54 33.78 31.37
CA LEU B 862 32.66 34.71 31.33
C LEU B 862 32.78 35.31 29.94
N THR B 863 32.66 36.64 29.85
CA THR B 863 32.78 37.31 28.57
C THR B 863 34.24 37.34 28.11
N ASP B 864 34.43 37.69 26.84
CA ASP B 864 35.79 37.82 26.32
C ASP B 864 36.59 38.83 27.13
N GLU B 865 35.94 39.92 27.56
CA GLU B 865 36.64 40.91 28.36
C GLU B 865 37.06 40.32 29.71
N MET B 866 36.22 39.48 30.30
CA MET B 866 36.57 38.88 31.59
C MET B 866 37.70 37.87 31.43
N ILE B 867 37.70 37.10 30.33
CA ILE B 867 38.80 36.18 30.08
C ILE B 867 40.09 36.96 29.87
N ALA B 868 40.01 38.08 29.16
CA ALA B 868 41.19 38.92 28.95
C ALA B 868 41.68 39.50 30.27
N GLN B 869 40.75 39.86 31.16
CA GLN B 869 41.15 40.37 32.46
C GLN B 869 41.84 39.29 33.30
N TYR B 870 41.32 38.07 33.26
CA TYR B 870 41.99 36.97 33.95
C TYR B 870 43.39 36.74 33.38
N THR B 871 43.51 36.79 32.05
CA THR B 871 44.83 36.61 31.44
C THR B 871 45.79 37.71 31.85
N SER B 872 45.32 38.96 31.89
CA SER B 872 46.17 40.07 32.30
C SER B 872 46.58 39.93 33.76
N ALA B 873 45.67 39.47 34.61
CA ALA B 873 46.01 39.24 36.02
C ALA B 873 47.09 38.16 36.13
N LEU B 874 46.94 37.07 35.39
CA LEU B 874 47.95 36.02 35.40
C LEU B 874 49.30 36.55 34.92
N LEU B 875 49.29 37.36 33.87
CA LEU B 875 50.53 37.92 33.35
C LEU B 875 51.20 38.81 34.39
N ALA B 876 50.42 39.72 34.99
CA ALA B 876 50.97 40.61 36.00
C ALA B 876 51.56 39.81 37.16
N GLY B 877 50.81 38.82 37.66
CA GLY B 877 51.34 37.98 38.72
C GLY B 877 52.64 37.30 38.34
N THR B 878 52.67 36.68 37.15
CA THR B 878 53.87 35.96 36.73
C THR B 878 55.07 36.90 36.64
N ILE B 879 54.88 38.11 36.11
CA ILE B 879 56.01 39.01 35.90
C ILE B 879 56.36 39.81 37.15
N THR B 880 55.51 39.83 38.17
CA THR B 880 55.74 40.67 39.34
C THR B 880 56.06 39.88 40.60
N SER B 881 55.67 38.60 40.70
CA SER B 881 55.90 37.87 41.93
C SER B 881 56.40 36.44 41.69
N GLY B 882 56.88 36.12 40.50
CA GLY B 882 57.40 34.79 40.26
C GLY B 882 56.31 33.74 40.42
N TRP B 883 56.71 32.58 40.95
CA TRP B 883 55.79 31.47 41.13
C TRP B 883 55.04 31.50 42.46
N THR B 884 55.23 32.55 43.27
CA THR B 884 54.66 32.55 44.61
C THR B 884 53.17 32.87 44.60
N PHE B 885 52.71 33.71 43.68
CA PHE B 885 51.28 34.06 43.66
C PHE B 885 50.39 32.85 43.46
N GLY B 886 50.91 31.77 42.88
CA GLY B 886 50.17 30.54 42.74
C GLY B 886 50.27 29.60 43.93
N ALA B 887 50.94 30.02 45.01
CA ALA B 887 51.10 29.19 46.19
C ALA B 887 50.86 29.95 47.49
N GLY B 888 50.43 31.21 47.43
CA GLY B 888 50.20 32.00 48.61
C GLY B 888 50.30 33.49 48.32
N PRO B 889 50.83 34.26 49.26
CA PRO B 889 50.93 35.71 49.03
C PRO B 889 51.89 36.03 47.90
N ALA B 890 51.50 36.98 47.06
CA ALA B 890 52.29 37.38 45.90
C ALA B 890 53.46 38.22 46.39
N LEU B 891 54.60 37.56 46.58
CA LEU B 891 55.81 38.25 47.02
C LEU B 891 56.42 39.02 45.87
N GLN B 892 56.51 40.34 46.01
CA GLN B 892 57.14 41.16 44.98
C GLN B 892 58.62 40.83 44.90
N ILE B 893 59.09 40.50 43.70
CA ILE B 893 60.46 40.07 43.49
C ILE B 893 60.95 40.62 42.15
N PRO B 894 62.20 41.08 42.04
CA PRO B 894 62.68 41.56 40.75
C PRO B 894 62.74 40.47 39.70
N PHE B 895 62.50 40.85 38.44
CA PHE B 895 62.46 39.88 37.37
C PHE B 895 63.82 39.25 37.07
N PRO B 896 64.94 39.99 37.09
CA PRO B 896 66.24 39.30 36.98
C PRO B 896 66.47 38.27 38.05
N MET B 897 65.99 38.51 39.28
CA MET B 897 66.12 37.49 40.32
C MET B 897 65.18 36.32 40.09
N GLN B 898 63.98 36.56 39.54
CA GLN B 898 63.15 35.45 39.10
C GLN B 898 63.89 34.61 38.05
N MET B 899 64.54 35.27 37.11
CA MET B 899 65.27 34.55 36.06
C MET B 899 66.44 33.78 36.66
N ALA B 900 67.10 34.33 37.67
CA ALA B 900 68.16 33.59 38.35
C ALA B 900 67.60 32.37 39.07
N TYR B 901 66.48 32.53 39.75
CA TYR B 901 65.79 31.39 40.37
C TYR B 901 65.56 30.29 39.35
N ARG B 902 64.99 30.64 38.19
CA ARG B 902 64.65 29.62 37.20
C ARG B 902 65.90 29.04 36.55
N PHE B 903 66.95 29.84 36.36
CA PHE B 903 68.21 29.30 35.86
C PHE B 903 68.76 28.25 36.82
N ASN B 904 68.78 28.57 38.12
CA ASN B 904 69.14 27.55 39.11
C ASN B 904 68.23 26.34 38.98
N GLY B 905 66.94 26.57 38.72
CA GLY B 905 66.01 25.47 38.56
C GLY B 905 66.39 24.54 37.41
N ILE B 906 66.92 25.09 36.32
CA ILE B 906 67.32 24.29 35.18
C ILE B 906 68.78 23.86 35.26
N GLY B 907 69.40 24.01 36.43
CA GLY B 907 70.76 23.54 36.63
C GLY B 907 71.85 24.50 36.20
N VAL B 908 71.53 25.76 35.95
CA VAL B 908 72.51 26.77 35.56
C VAL B 908 72.61 27.79 36.68
N THR B 909 73.84 28.19 36.99
CA THR B 909 74.06 29.09 38.13
C THR B 909 73.57 30.50 37.81
N GLN B 910 73.45 31.30 38.86
CA GLN B 910 72.89 32.65 38.71
C GLN B 910 73.86 33.58 37.98
N ASN B 911 75.17 33.38 38.19
CA ASN B 911 76.14 34.22 37.50
C ASN B 911 76.04 34.08 35.99
N VAL B 912 75.72 32.90 35.48
CA VAL B 912 75.51 32.73 34.04
C VAL B 912 74.48 33.73 33.54
N LEU B 913 73.43 33.98 34.32
CA LEU B 913 72.47 35.03 33.98
C LEU B 913 73.09 36.41 34.16
N TYR B 914 73.48 36.73 35.39
CA TYR B 914 73.85 38.12 35.71
C TYR B 914 74.99 38.62 34.81
N GLU B 915 75.76 37.71 34.20
CA GLU B 915 76.85 38.14 33.33
C GLU B 915 76.41 38.32 31.88
N ASN B 916 75.19 37.91 31.52
CA ASN B 916 74.69 38.00 30.15
C ASN B 916 73.31 38.65 30.08
N GLN B 917 72.83 39.17 31.22
CA GLN B 917 71.48 39.72 31.30
C GLN B 917 71.09 40.48 30.05
N LYS B 918 71.97 41.34 29.54
CA LYS B 918 71.63 42.16 28.37
C LYS B 918 71.38 41.28 27.15
N LEU B 919 72.31 40.38 26.85
CA LEU B 919 72.16 39.48 25.70
C LEU B 919 70.90 38.63 25.85
N ILE B 920 70.65 38.13 27.07
CA ILE B 920 69.50 37.27 27.30
C ILE B 920 68.21 38.03 27.05
N ALA B 921 68.13 39.27 27.55
CA ALA B 921 66.93 40.07 27.36
C ALA B 921 66.73 40.41 25.88
N ASN B 922 67.81 40.72 25.18
CA ASN B 922 67.70 41.00 23.75
C ASN B 922 67.19 39.78 22.99
N GLN B 923 67.73 38.61 23.32
CA GLN B 923 67.29 37.37 22.66
C GLN B 923 65.83 37.09 22.98
N PHE B 924 65.40 37.36 24.21
CA PHE B 924 64.01 37.14 24.59
C PHE B 924 63.08 38.06 23.81
N ASN B 925 63.47 39.33 23.68
CA ASN B 925 62.67 40.27 22.90
C ASN B 925 62.58 39.83 21.44
N SER B 926 63.71 39.40 20.86
CA SER B 926 63.70 38.92 19.50
C SER B 926 62.82 37.69 19.36
N ALA B 927 62.81 36.83 20.39
CA ALA B 927 61.98 35.63 20.36
C ALA B 927 60.50 35.98 20.39
N ILE B 928 60.13 36.97 21.20
CA ILE B 928 58.73 37.40 21.24
C ILE B 928 58.33 37.99 19.89
N GLY B 929 59.21 38.80 19.30
CA GLY B 929 58.95 39.31 17.96
C GLY B 929 58.76 38.19 16.95
N LYS B 930 59.60 37.16 17.03
CA LYS B 930 59.48 36.04 16.11
C LYS B 930 58.18 35.27 16.36
N ILE B 931 57.74 35.20 17.61
CA ILE B 931 56.47 34.55 17.93
C ILE B 931 55.33 35.27 17.22
N GLN B 932 55.28 36.60 17.37
CA GLN B 932 54.21 37.35 16.71
C GLN B 932 54.34 37.27 15.19
N ASP B 933 55.57 37.23 14.68
CA ASP B 933 55.77 37.09 13.24
C ASP B 933 55.23 35.76 12.74
N SER B 934 55.48 34.68 13.49
CA SER B 934 54.95 33.39 13.11
C SER B 934 53.42 33.37 13.18
N LEU B 935 52.86 34.01 14.20
CA LEU B 935 51.41 34.10 14.29
C LEU B 935 50.82 34.82 13.09
N SER B 936 51.50 35.87 12.61
CA SER B 936 51.04 36.60 11.43
C SER B 936 51.31 35.85 10.13
N SER B 937 52.32 34.99 10.09
CA SER B 937 52.69 34.32 8.85
C SER B 937 51.88 33.05 8.62
N THR B 938 51.66 32.26 9.67
CA THR B 938 50.97 30.98 9.54
C THR B 938 49.51 31.16 9.90
N PRO B 939 48.58 31.20 8.93
CA PRO B 939 47.16 31.29 9.29
C PRO B 939 46.59 29.98 9.80
N SER B 940 47.10 28.84 9.31
CA SER B 940 46.63 27.54 9.75
C SER B 940 47.22 27.10 11.09
N ALA B 941 48.13 27.89 11.66
CA ALA B 941 48.68 27.55 12.96
C ALA B 941 47.59 27.45 14.02
N LEU B 942 46.53 28.24 13.89
CA LEU B 942 45.37 28.19 14.76
C LEU B 942 44.29 27.22 14.25
N GLY B 943 44.69 26.23 13.45
CA GLY B 943 43.72 25.25 12.98
C GLY B 943 43.15 24.42 14.11
N LYS B 944 43.99 24.04 15.07
CA LYS B 944 43.51 23.28 16.21
C LYS B 944 42.44 24.02 16.98
N LEU B 945 42.39 25.35 16.87
CA LEU B 945 41.38 26.15 17.55
C LEU B 945 40.18 26.46 16.65
N GLN B 946 40.40 26.59 15.34
CA GLN B 946 39.32 26.91 14.42
C GLN B 946 38.52 25.68 14.03
N ASP B 947 39.11 24.49 14.19
CA ASP B 947 38.47 23.27 13.72
C ASP B 947 37.21 22.96 14.52
N VAL B 948 37.26 23.19 15.84
CA VAL B 948 36.09 22.90 16.67
C VAL B 948 34.94 23.85 16.34
N VAL B 949 35.28 25.11 16.03
CA VAL B 949 34.26 26.07 15.63
C VAL B 949 33.62 25.64 14.31
N ASN B 950 34.47 25.27 13.35
CA ASN B 950 33.95 24.78 12.07
C ASN B 950 33.10 23.53 12.27
N HIS B 951 33.47 22.71 13.26
CA HIS B 951 32.71 21.49 13.54
C HIS B 951 31.34 21.83 14.10
N ASN B 952 31.28 22.80 15.01
CA ASN B 952 29.99 23.24 15.54
C ASN B 952 29.10 23.78 14.42
N ALA B 953 29.67 24.61 13.55
CA ALA B 953 28.90 25.13 12.43
C ALA B 953 28.39 24.01 11.53
N GLN B 954 29.27 23.05 11.22
CA GLN B 954 28.90 21.93 10.37
C GLN B 954 27.79 21.11 11.01
N ALA B 955 27.86 20.90 12.32
CA ALA B 955 26.84 20.12 13.01
C ALA B 955 25.50 20.82 12.98
N LEU B 956 25.51 22.15 13.22
CA LEU B 956 24.27 22.91 13.13
C LEU B 956 23.66 22.80 11.74
N ASN B 957 24.49 23.01 10.71
CA ASN B 957 23.98 22.94 9.34
C ASN B 957 23.47 21.56 9.00
N THR B 958 24.15 20.51 9.49
CA THR B 958 23.69 19.14 9.23
C THR B 958 22.35 18.89 9.89
N LEU B 959 22.20 19.29 11.16
CA LEU B 959 20.94 19.09 11.85
C LEU B 959 19.80 19.85 11.18
N VAL B 960 20.09 21.03 10.63
CA VAL B 960 19.04 21.79 9.97
C VAL B 960 18.71 21.19 8.61
N LYS B 961 19.72 20.67 7.90
CA LYS B 961 19.48 20.06 6.60
C LYS B 961 18.75 18.74 6.73
N GLN B 962 18.91 18.05 7.87
CA GLN B 962 18.18 16.81 8.09
C GLN B 962 16.67 17.01 8.09
N LEU B 963 16.19 18.25 8.14
CA LEU B 963 14.77 18.53 7.99
C LEU B 963 14.33 18.56 6.54
N SER B 964 15.27 18.66 5.60
CA SER B 964 14.92 18.68 4.19
C SER B 964 14.75 17.29 3.60
N SER B 965 15.37 16.28 4.22
CA SER B 965 15.24 14.92 3.74
C SER B 965 13.81 14.41 3.94
N LYS B 966 13.39 13.53 3.04
CA LYS B 966 12.02 13.02 3.08
C LYS B 966 11.86 11.83 4.02
N PHE B 967 12.93 11.09 4.29
CA PHE B 967 12.86 9.91 5.15
C PHE B 967 11.88 8.87 4.61
N GLY B 968 11.66 8.90 3.29
CA GLY B 968 10.75 7.96 2.67
C GLY B 968 9.30 8.38 2.64
N ALA B 969 8.98 9.54 3.20
CA ALA B 969 7.60 10.02 3.20
C ALA B 969 7.24 10.60 1.84
N ILE B 970 5.95 10.89 1.66
CA ILE B 970 5.47 11.45 0.41
C ILE B 970 6.05 12.84 0.17
N SER B 971 6.42 13.56 1.23
CA SER B 971 7.00 14.88 1.09
C SER B 971 7.69 15.25 2.39
N SER B 972 8.52 16.29 2.32
CA SER B 972 9.23 16.78 3.49
C SER B 972 8.50 17.91 4.20
N VAL B 973 7.26 18.22 3.80
CA VAL B 973 6.51 19.35 4.35
C VAL B 973 5.25 18.80 5.04
N LEU B 974 5.19 19.00 6.35
CA LEU B 974 4.14 18.42 7.17
C LEU B 974 2.77 18.93 6.76
N ASN B 975 2.66 20.22 6.42
CA ASN B 975 1.38 20.77 6.03
C ASN B 975 0.88 20.14 4.74
N ASP B 976 1.77 19.95 3.77
CA ASP B 976 1.37 19.31 2.52
C ASP B 976 0.93 17.87 2.77
N ILE B 977 1.66 17.14 3.62
CA ILE B 977 1.23 15.79 3.96
C ILE B 977 -0.18 15.81 4.53
N LEU B 978 -0.39 16.64 5.57
CA LEU B 978 -1.69 16.68 6.24
C LEU B 978 -2.80 17.07 5.29
N SER B 979 -2.52 17.97 4.34
CA SER B 979 -3.56 18.47 3.44
C SER B 979 -3.88 17.49 2.32
N ARG B 980 -2.87 16.76 1.83
CA ARG B 980 -3.05 15.91 0.67
C ARG B 980 -3.27 14.44 1.02
N LEU B 981 -3.19 14.05 2.30
CA LEU B 981 -3.49 12.68 2.69
C LEU B 981 -4.51 12.66 3.81
N ASP B 982 -5.36 11.63 3.79
CA ASP B 982 -6.39 11.48 4.80
C ASP B 982 -5.78 11.00 6.12
N PRO B 983 -6.49 11.17 7.23
CA PRO B 983 -5.90 10.95 8.55
C PRO B 983 -5.22 9.59 8.67
N PRO B 984 -5.85 8.51 8.21
CA PRO B 984 -5.22 7.19 8.41
C PRO B 984 -3.80 7.10 7.86
N GLU B 985 -3.60 7.42 6.58
CA GLU B 985 -2.26 7.32 6.00
C GLU B 985 -1.36 8.48 6.40
N ALA B 986 -1.94 9.66 6.60
CA ALA B 986 -1.15 10.79 7.09
C ALA B 986 -0.54 10.47 8.45
N GLU B 987 -1.23 9.66 9.25
CA GLU B 987 -0.68 9.27 10.54
C GLU B 987 0.64 8.53 10.38
N VAL B 988 0.67 7.50 9.51
CA VAL B 988 1.91 6.74 9.34
C VAL B 988 2.96 7.57 8.62
N GLN B 989 2.56 8.47 7.72
CA GLN B 989 3.55 9.33 7.07
C GLN B 989 4.22 10.27 8.08
N ILE B 990 3.41 10.91 8.94
CA ILE B 990 3.96 11.78 9.96
C ILE B 990 4.79 10.98 10.95
N ASP B 991 4.38 9.73 11.22
CA ASP B 991 5.18 8.89 12.10
C ASP B 991 6.54 8.58 11.49
N ARG B 992 6.58 8.31 10.19
CA ARG B 992 7.86 8.12 9.50
C ARG B 992 8.72 9.37 9.63
N LEU B 993 8.16 10.53 9.29
CA LEU B 993 8.93 11.77 9.37
C LEU B 993 9.45 12.02 10.79
N ILE B 994 8.60 11.74 11.79
CA ILE B 994 8.95 12.06 13.17
C ILE B 994 10.01 11.10 13.68
N THR B 995 9.89 9.81 13.35
CA THR B 995 10.94 8.87 13.69
C THR B 995 12.27 9.28 13.07
N GLY B 996 12.26 9.65 11.79
CA GLY B 996 13.50 10.09 11.15
C GLY B 996 14.10 11.30 11.85
N ARG B 997 13.28 12.31 12.13
CA ARG B 997 13.80 13.53 12.73
C ARG B 997 14.29 13.30 14.15
N LEU B 998 13.58 12.47 14.92
CA LEU B 998 14.01 12.17 16.28
C LEU B 998 15.31 11.40 16.28
N GLN B 999 15.45 10.43 15.36
CA GLN B 999 16.72 9.72 15.26
C GLN B 999 17.85 10.64 14.84
N SER B 1000 17.59 11.59 13.94
CA SER B 1000 18.62 12.54 13.55
C SER B 1000 19.05 13.41 14.72
N LEU B 1001 18.08 13.88 15.51
CA LEU B 1001 18.41 14.68 16.68
C LEU B 1001 19.18 13.87 17.71
N GLN B 1002 18.81 12.61 17.90
CA GLN B 1002 19.55 11.75 18.81
C GLN B 1002 20.98 11.56 18.34
N THR B 1003 21.18 11.34 17.04
CA THR B 1003 22.53 11.22 16.50
C THR B 1003 23.32 12.50 16.74
N TYR B 1004 22.70 13.65 16.48
CA TYR B 1004 23.38 14.93 16.70
C TYR B 1004 23.81 15.07 18.15
N VAL B 1005 22.91 14.73 19.09
CA VAL B 1005 23.23 14.91 20.51
C VAL B 1005 24.29 13.90 20.95
N THR B 1006 24.30 12.70 20.38
CA THR B 1006 25.34 11.73 20.73
C THR B 1006 26.70 12.21 20.24
N GLN B 1007 26.77 12.69 19.00
CA GLN B 1007 28.04 13.24 18.50
C GLN B 1007 28.46 14.45 19.33
N GLN B 1008 27.49 15.26 19.77
CA GLN B 1008 27.81 16.41 20.61
C GLN B 1008 28.36 15.96 21.96
N LEU B 1009 27.81 14.88 22.53
CA LEU B 1009 28.34 14.34 23.77
C LEU B 1009 29.76 13.84 23.61
N ILE B 1010 30.04 13.16 22.49
CA ILE B 1010 31.39 12.66 22.25
C ILE B 1010 32.37 13.84 22.13
N ARG B 1011 32.00 14.85 21.34
CA ARG B 1011 32.85 16.03 21.20
C ARG B 1011 33.01 16.76 22.52
N ALA B 1012 31.98 16.77 23.35
CA ALA B 1012 32.08 17.43 24.65
C ALA B 1012 33.02 16.68 25.58
N ALA B 1013 33.01 15.36 25.52
CA ALA B 1013 33.99 14.59 26.30
C ALA B 1013 35.41 14.86 25.82
N GLU B 1014 35.61 14.90 24.50
CA GLU B 1014 36.92 15.23 23.97
C GLU B 1014 37.38 16.61 24.45
N ILE B 1015 36.48 17.60 24.40
CA ILE B 1015 36.85 18.95 24.81
C ILE B 1015 37.05 19.03 26.31
N ARG B 1016 36.34 18.19 27.09
CA ARG B 1016 36.61 18.11 28.52
C ARG B 1016 38.02 17.60 28.78
N ALA B 1017 38.44 16.57 28.07
CA ALA B 1017 39.83 16.10 28.20
C ALA B 1017 40.80 17.21 27.82
N SER B 1018 40.52 17.91 26.71
CA SER B 1018 41.41 18.99 26.28
C SER B 1018 41.48 20.10 27.34
N ALA B 1019 40.34 20.43 27.96
CA ALA B 1019 40.34 21.49 28.97
C ALA B 1019 41.06 21.05 30.23
N ASN B 1020 40.95 19.77 30.60
CA ASN B 1020 41.72 19.26 31.73
C ASN B 1020 43.21 19.38 31.45
N LEU B 1021 43.64 19.00 30.24
CA LEU B 1021 45.04 19.15 29.88
C LEU B 1021 45.46 20.62 29.92
N ALA B 1022 44.59 21.52 29.45
CA ALA B 1022 44.92 22.94 29.44
C ALA B 1022 45.06 23.48 30.86
N ALA B 1023 44.19 23.03 31.77
CA ALA B 1023 44.29 23.48 33.16
C ALA B 1023 45.56 22.94 33.81
N THR B 1024 45.90 21.68 33.54
CA THR B 1024 47.16 21.14 34.04
C THR B 1024 48.35 21.95 33.53
N LYS B 1025 48.34 22.29 32.23
CA LYS B 1025 49.41 23.10 31.67
C LYS B 1025 49.48 24.47 32.35
N MET B 1026 48.34 25.15 32.47
CA MET B 1026 48.31 26.41 33.19
C MET B 1026 48.98 26.28 34.55
N SER B 1027 48.47 25.39 35.39
CA SER B 1027 48.98 25.24 36.75
C SER B 1027 50.49 24.99 36.74
N GLU B 1028 50.94 24.02 35.93
CA GLU B 1028 52.33 23.57 36.03
C GLU B 1028 53.29 24.60 35.44
N CYS B 1029 53.03 25.07 34.22
CA CYS B 1029 53.96 25.95 33.54
C CYS B 1029 53.84 27.41 34.00
N VAL B 1030 52.63 27.95 34.06
CA VAL B 1030 52.48 29.38 34.34
C VAL B 1030 52.72 29.67 35.81
N LEU B 1031 52.01 28.97 36.70
CA LEU B 1031 52.09 29.23 38.13
C LEU B 1031 53.31 28.59 38.78
N GLY B 1032 54.26 28.10 38.00
CA GLY B 1032 55.46 27.51 38.57
C GLY B 1032 56.48 27.20 37.50
N GLN B 1033 57.37 26.27 37.83
CA GLN B 1033 58.41 25.84 36.89
C GLN B 1033 58.51 24.32 36.99
N SER B 1034 58.20 23.63 35.90
CA SER B 1034 58.14 22.19 35.90
C SER B 1034 59.45 21.57 35.45
N LYS B 1035 59.86 20.50 36.12
CA LYS B 1035 61.00 19.70 35.68
C LYS B 1035 60.64 18.73 34.57
N ARG B 1036 59.36 18.61 34.23
CA ARG B 1036 58.93 17.74 33.13
C ARG B 1036 59.61 18.21 31.85
N VAL B 1037 60.33 17.29 31.19
CA VAL B 1037 61.20 17.67 30.09
C VAL B 1037 60.45 18.06 28.82
N ASP B 1038 59.17 17.70 28.70
CA ASP B 1038 58.44 17.98 27.48
C ASP B 1038 56.99 18.43 27.73
N PHE B 1039 56.66 18.92 28.92
CA PHE B 1039 55.29 19.35 29.18
C PHE B 1039 55.07 20.82 28.92
N CYS B 1040 56.11 21.65 29.07
CA CYS B 1040 55.99 23.08 28.85
C CYS B 1040 56.90 23.53 27.72
N GLY B 1041 56.90 22.79 26.62
CA GLY B 1041 57.67 23.16 25.45
C GLY B 1041 59.01 22.44 25.39
N LYS B 1042 59.64 22.53 24.21
CA LYS B 1042 60.94 21.91 24.00
C LYS B 1042 62.02 22.66 24.78
N GLY B 1043 63.09 21.94 25.10
CA GLY B 1043 64.19 22.52 25.86
C GLY B 1043 63.87 22.63 27.33
N TYR B 1044 64.86 23.12 28.07
CA TYR B 1044 64.71 23.31 29.50
C TYR B 1044 63.78 24.50 29.76
N HIS B 1045 62.70 24.24 30.49
CA HIS B 1045 61.64 25.23 30.66
C HIS B 1045 62.01 26.25 31.72
N LEU B 1046 61.85 27.54 31.39
CA LEU B 1046 62.04 28.62 32.34
C LEU B 1046 60.70 29.15 32.85
N MET B 1047 59.83 29.60 31.94
CA MET B 1047 58.53 30.14 32.33
C MET B 1047 57.63 30.11 31.11
N SER B 1048 56.35 30.42 31.34
CA SER B 1048 55.35 30.45 30.28
C SER B 1048 54.34 31.55 30.56
N PHE B 1049 53.77 32.11 29.50
CA PHE B 1049 52.79 33.18 29.60
C PHE B 1049 51.50 32.78 28.91
N PRO B 1050 50.35 32.81 29.60
CA PRO B 1050 49.10 32.46 28.94
C PRO B 1050 48.54 33.60 28.12
N GLN B 1051 47.75 33.25 27.11
CA GLN B 1051 47.08 34.22 26.26
C GLN B 1051 45.68 33.71 25.94
N SER B 1052 44.70 34.60 26.02
CA SER B 1052 43.31 34.20 25.80
C SER B 1052 43.04 34.00 24.31
N ALA B 1053 41.94 33.29 24.04
CA ALA B 1053 41.50 33.03 22.67
C ALA B 1053 39.99 32.86 22.70
N PRO B 1054 39.31 33.07 21.57
CA PRO B 1054 37.83 32.98 21.58
C PRO B 1054 37.31 31.66 22.11
N HIS B 1055 38.05 30.57 21.88
CA HIS B 1055 37.60 29.25 22.30
C HIS B 1055 38.75 28.41 22.85
N GLY B 1056 39.79 29.04 23.38
CA GLY B 1056 40.91 28.30 23.91
C GLY B 1056 41.91 29.19 24.59
N VAL B 1057 43.11 28.66 24.77
CA VAL B 1057 44.22 29.37 25.41
C VAL B 1057 45.49 29.10 24.62
N VAL B 1058 46.32 30.13 24.49
CA VAL B 1058 47.60 30.04 23.77
C VAL B 1058 48.72 30.23 24.78
N PHE B 1059 49.57 29.22 24.92
CA PHE B 1059 50.69 29.25 25.86
C PHE B 1059 51.98 29.57 25.12
N LEU B 1060 52.73 30.55 25.65
CA LEU B 1060 54.03 30.93 25.10
C LEU B 1060 55.10 30.43 26.05
N HIS B 1061 55.67 29.26 25.75
CA HIS B 1061 56.64 28.62 26.63
C HIS B 1061 58.01 29.21 26.38
N VAL B 1062 58.52 29.96 27.36
CA VAL B 1062 59.90 30.46 27.31
C VAL B 1062 60.81 29.38 27.86
N THR B 1063 61.72 28.89 27.02
CA THR B 1063 62.57 27.76 27.37
C THR B 1063 64.03 28.08 27.09
N TYR B 1064 64.91 27.19 27.54
CA TYR B 1064 66.35 27.35 27.43
C TYR B 1064 66.91 26.22 26.57
N VAL B 1065 67.71 26.59 25.57
CA VAL B 1065 68.31 25.62 24.66
C VAL B 1065 69.79 25.95 24.52
N PRO B 1066 70.70 25.00 24.80
CA PRO B 1066 72.12 25.28 24.62
C PRO B 1066 72.54 25.17 23.16
N ALA B 1067 73.82 25.45 22.91
CA ALA B 1067 74.38 25.39 21.57
C ALA B 1067 75.90 25.46 21.69
N GLN B 1068 76.57 25.26 20.55
CA GLN B 1068 78.03 25.25 20.49
C GLN B 1068 78.60 24.18 21.42
N GLU B 1069 78.27 22.93 21.09
CA GLU B 1069 78.66 21.77 21.90
C GLU B 1069 80.12 21.42 21.60
N LYS B 1070 81.02 22.11 22.30
CA LYS B 1070 82.44 21.84 22.13
C LYS B 1070 82.83 20.51 22.77
N ASN B 1071 83.78 19.83 22.14
CA ASN B 1071 84.26 18.55 22.63
C ASN B 1071 85.29 18.75 23.72
N PHE B 1072 85.23 17.92 24.76
CA PHE B 1072 86.17 17.98 25.88
C PHE B 1072 86.53 16.57 26.32
N THR B 1073 87.72 16.43 26.90
CA THR B 1073 88.15 15.16 27.47
C THR B 1073 87.79 15.12 28.94
N THR B 1074 87.17 14.02 29.38
CA THR B 1074 86.66 13.90 30.73
C THR B 1074 87.17 12.62 31.38
N ALA B 1075 87.13 12.60 32.71
CA ALA B 1075 87.48 11.44 33.50
C ALA B 1075 86.50 11.33 34.67
N PRO B 1076 86.22 10.11 35.14
CA PRO B 1076 85.21 9.97 36.21
C PRO B 1076 85.64 10.58 37.54
N ALA B 1077 86.93 10.54 37.87
CA ALA B 1077 87.40 11.05 39.15
C ALA B 1077 88.86 11.45 39.02
N ILE B 1078 89.41 11.97 40.11
CA ILE B 1078 90.79 12.45 40.15
C ILE B 1078 91.48 11.80 41.35
N CYS B 1079 92.66 11.21 41.11
CA CYS B 1079 93.43 10.59 42.17
C CYS B 1079 94.49 11.57 42.67
N HIS B 1080 94.44 11.88 43.97
CA HIS B 1080 95.40 12.78 44.59
C HIS B 1080 95.69 12.30 46.00
N ASP B 1081 96.98 12.19 46.33
CA ASP B 1081 97.40 11.70 47.64
C ASP B 1081 96.85 10.31 47.93
N GLY B 1082 96.70 9.50 46.89
CA GLY B 1082 96.15 8.16 47.02
C GLY B 1082 94.66 8.10 47.24
N LYS B 1083 93.98 9.24 47.26
CA LYS B 1083 92.54 9.30 47.49
C LYS B 1083 91.81 9.69 46.21
N ALA B 1084 90.59 9.20 46.07
CA ALA B 1084 89.75 9.52 44.93
C ALA B 1084 88.89 10.74 45.24
N HIS B 1085 88.79 11.64 44.26
CA HIS B 1085 88.05 12.88 44.40
C HIS B 1085 86.98 12.97 43.32
N PHE B 1086 85.75 13.28 43.72
CA PHE B 1086 84.63 13.44 42.81
C PHE B 1086 84.02 14.83 42.97
N PRO B 1087 83.40 15.36 41.92
CA PRO B 1087 82.84 16.71 42.00
C PRO B 1087 81.50 16.73 42.72
N ARG B 1088 81.29 17.78 43.51
CA ARG B 1088 80.01 17.94 44.18
C ARG B 1088 78.91 18.27 43.18
N GLU B 1089 79.20 19.15 42.22
CA GLU B 1089 78.29 19.46 41.13
C GLU B 1089 79.10 19.78 39.89
N GLY B 1090 78.82 19.05 38.81
CA GLY B 1090 79.55 19.23 37.57
C GLY B 1090 80.35 18.00 37.21
N VAL B 1091 81.36 18.22 36.36
CA VAL B 1091 82.21 17.15 35.86
C VAL B 1091 83.59 17.71 35.56
N PHE B 1092 84.56 16.82 35.38
CA PHE B 1092 85.91 17.21 35.01
C PHE B 1092 86.04 17.29 33.50
N VAL B 1093 86.76 18.30 33.02
CA VAL B 1093 87.03 18.47 31.60
C VAL B 1093 88.51 18.77 31.42
N SER B 1094 89.04 18.36 30.27
CA SER B 1094 90.46 18.52 29.98
C SER B 1094 90.63 19.10 28.58
N ASN B 1095 91.48 20.11 28.47
CA ASN B 1095 91.83 20.72 27.18
C ASN B 1095 93.27 20.44 26.80
N GLY B 1096 93.93 19.51 27.47
CA GLY B 1096 95.33 19.22 27.21
C GLY B 1096 96.23 19.60 28.36
N THR B 1097 96.67 18.60 29.13
CA THR B 1097 97.55 18.78 30.29
C THR B 1097 96.94 19.66 31.37
N HIS B 1098 95.63 19.89 31.32
CA HIS B 1098 94.94 20.67 32.33
C HIS B 1098 93.56 20.06 32.59
N TRP B 1099 93.07 20.23 33.82
CA TRP B 1099 91.77 19.71 34.22
C TRP B 1099 91.01 20.79 34.98
N PHE B 1100 89.71 20.90 34.71
CA PHE B 1100 88.87 21.90 35.34
C PHE B 1100 87.52 21.27 35.70
N VAL B 1101 86.85 21.89 36.67
CA VAL B 1101 85.50 21.50 37.08
C VAL B 1101 84.51 22.48 36.46
N THR B 1102 83.46 21.94 35.84
CA THR B 1102 82.48 22.77 35.16
C THR B 1102 81.11 22.12 35.28
N GLN B 1103 80.09 22.97 35.41
CA GLN B 1103 78.72 22.48 35.47
C GLN B 1103 78.34 21.79 34.16
N ARG B 1104 77.39 20.86 34.27
CA ARG B 1104 77.03 20.00 33.14
C ARG B 1104 76.04 20.64 32.19
N ASN B 1105 75.81 21.96 32.27
CA ASN B 1105 74.89 22.64 31.36
C ASN B 1105 75.44 23.96 30.84
N PHE B 1106 76.66 24.34 31.20
CA PHE B 1106 77.27 25.56 30.68
C PHE B 1106 78.76 25.50 30.94
N TYR B 1107 79.54 25.93 29.95
CA TYR B 1107 80.99 25.88 30.05
C TYR B 1107 81.47 26.92 31.06
N GLU B 1108 82.06 26.43 32.16
CA GLU B 1108 82.61 27.31 33.20
C GLU B 1108 83.75 26.59 33.88
N PRO B 1109 84.95 26.66 33.30
CA PRO B 1109 86.09 25.93 33.89
C PRO B 1109 86.50 26.52 35.23
N GLN B 1110 86.76 25.65 36.20
CA GLN B 1110 87.19 26.05 37.53
C GLN B 1110 88.31 25.14 37.98
N ILE B 1111 89.26 25.70 38.74
CA ILE B 1111 90.40 24.93 39.20
C ILE B 1111 89.94 23.90 40.23
N ILE B 1112 90.49 22.70 40.14
CA ILE B 1112 90.13 21.62 41.06
C ILE B 1112 90.65 21.96 42.46
N THR B 1113 89.73 22.11 43.41
CA THR B 1113 90.07 22.39 44.78
C THR B 1113 89.26 21.48 45.70
N THR B 1114 89.64 21.45 46.97
CA THR B 1114 88.95 20.62 47.96
C THR B 1114 87.57 21.14 48.30
N ASP B 1115 87.21 22.35 47.85
CA ASP B 1115 85.91 22.90 48.18
C ASP B 1115 84.81 22.29 47.32
N ASN B 1116 85.05 22.20 46.01
CA ASN B 1116 84.06 21.68 45.07
C ASN B 1116 84.25 20.20 44.76
N THR B 1117 85.12 19.51 45.48
CA THR B 1117 85.34 18.08 45.31
C THR B 1117 85.33 17.39 46.67
N PHE B 1118 84.67 16.24 46.74
CA PHE B 1118 84.63 15.43 47.95
C PHE B 1118 85.36 14.12 47.73
N VAL B 1119 85.82 13.52 48.83
CA VAL B 1119 86.66 12.33 48.80
C VAL B 1119 85.90 11.18 49.45
N SER B 1120 86.01 9.99 48.84
CA SER B 1120 85.41 8.78 49.41
C SER B 1120 86.19 7.59 48.86
N GLY B 1121 87.07 7.02 49.68
CA GLY B 1121 87.84 5.86 49.29
C GLY B 1121 89.08 6.23 48.50
N ASN B 1122 89.92 5.22 48.27
CA ASN B 1122 91.15 5.40 47.53
C ASN B 1122 90.89 5.30 46.03
N CYS B 1123 91.91 5.66 45.25
CA CYS B 1123 91.81 5.68 43.79
C CYS B 1123 92.31 4.38 43.15
N ASP B 1124 92.29 3.27 43.89
CA ASP B 1124 92.72 1.98 43.35
C ASP B 1124 91.56 1.24 42.69
N VAL B 1125 90.44 1.08 43.40
CA VAL B 1125 89.30 0.37 42.86
C VAL B 1125 88.47 1.22 41.91
N VAL B 1126 88.66 2.54 41.92
CA VAL B 1126 87.92 3.42 41.02
C VAL B 1126 88.37 3.15 39.59
N ILE B 1127 87.40 2.85 38.72
CA ILE B 1127 87.71 2.51 37.33
C ILE B 1127 87.83 3.79 36.51
N GLY B 1128 88.90 3.90 35.74
CA GLY B 1128 89.10 5.04 34.87
C GLY B 1128 89.61 6.30 35.54
N ILE B 1129 89.95 6.23 36.82
CA ILE B 1129 90.43 7.42 37.53
C ILE B 1129 91.83 7.75 37.06
N VAL B 1130 92.12 9.04 36.91
CA VAL B 1130 93.43 9.54 36.52
C VAL B 1130 93.94 10.46 37.62
N ASN B 1131 95.20 10.81 37.50
CA ASN B 1131 96.02 11.39 38.57
C ASN B 1131 96.04 12.86 38.20
N ASN B 1132 95.65 13.78 39.08
CA ASN B 1132 95.79 15.19 38.75
C ASN B 1132 95.96 15.97 40.05
N THR B 1133 96.54 17.16 39.93
CA THR B 1133 96.84 17.98 41.10
C THR B 1133 95.55 18.57 41.66
N VAL B 1134 95.36 18.41 42.96
CA VAL B 1134 94.21 18.97 43.68
C VAL B 1134 94.78 19.87 44.77
N TYR B 1135 94.71 21.18 44.55
CA TYR B 1135 95.27 22.17 45.48
C TYR B 1135 94.16 22.68 46.40
N ASP B 1136 94.38 22.58 47.70
CA ASP B 1136 93.42 23.09 48.66
C ASP B 1136 93.68 24.57 48.96
N PRO B 1137 92.62 25.33 49.28
CA PRO B 1137 92.81 26.77 49.53
C PRO B 1137 93.51 27.09 50.84
N LEU B 1138 93.71 26.10 51.72
CA LEU B 1138 94.32 26.37 53.02
C LEU B 1138 95.84 26.48 52.93
N GLN B 1139 96.47 25.74 52.01
CA GLN B 1139 97.93 25.77 51.92
C GLN B 1139 98.44 27.14 51.50
N PRO B 1140 97.91 27.77 50.45
CA PRO B 1140 98.44 29.10 50.09
C PRO B 1140 98.27 30.14 51.18
N GLU B 1141 97.15 30.12 51.90
CA GLU B 1141 96.92 31.10 52.95
C GLU B 1141 97.73 30.79 54.21
N LEU B 1142 98.09 29.52 54.43
CA LEU B 1142 98.92 29.17 55.57
C LEU B 1142 100.42 29.29 55.28
N ASP B 1143 100.80 29.36 54.02
CA ASP B 1143 102.21 29.49 53.66
C ASP B 1143 102.78 30.80 54.19
N SER C 24 12.32 -51.70 28.61
CA SER C 24 13.47 -51.31 29.48
C SER C 24 13.84 -49.85 29.25
N TYR C 25 15.00 -49.45 29.78
CA TYR C 25 15.47 -48.08 29.65
C TYR C 25 17.00 -48.08 29.65
N THR C 26 17.57 -47.06 29.00
CA THR C 26 19.01 -46.91 28.92
C THR C 26 19.31 -45.49 28.48
N ASN C 27 20.28 -44.86 29.14
CA ASN C 27 20.64 -43.48 28.81
C ASN C 27 21.26 -43.44 27.43
N SER C 28 20.84 -42.45 26.63
CA SER C 28 21.39 -42.26 25.29
C SER C 28 22.64 -41.39 25.37
N PHE C 29 23.73 -41.89 24.81
CA PHE C 29 25.00 -41.19 24.83
C PHE C 29 24.98 -40.08 23.78
N THR C 30 26.15 -39.67 23.30
CA THR C 30 26.21 -38.58 22.33
C THR C 30 25.83 -39.08 20.94
N ARG C 31 24.54 -39.25 20.70
CA ARG C 31 24.03 -39.81 19.46
C ARG C 31 22.82 -39.01 19.01
N GLY C 32 22.33 -39.32 17.81
CA GLY C 32 21.13 -38.70 17.29
C GLY C 32 21.35 -37.39 16.55
N VAL C 33 22.56 -36.84 16.59
CA VAL C 33 22.84 -35.59 15.88
C VAL C 33 22.88 -35.86 14.39
N TYR C 34 22.40 -34.90 13.60
CA TYR C 34 22.33 -35.04 12.15
C TYR C 34 22.61 -33.71 11.50
N TYR C 35 22.96 -33.76 10.21
CA TYR C 35 23.20 -32.58 9.42
C TYR C 35 21.88 -31.84 9.19
N PRO C 36 21.70 -30.62 9.72
CA PRO C 36 20.37 -30.00 9.66
C PRO C 36 20.08 -29.21 8.39
N ASP C 37 21.11 -28.73 7.69
CA ASP C 37 20.88 -27.80 6.59
C ASP C 37 21.56 -28.20 5.28
N LYS C 38 22.18 -29.36 5.20
CA LYS C 38 22.84 -29.83 3.97
C LYS C 38 23.68 -28.73 3.32
N VAL C 39 24.29 -27.88 4.13
CA VAL C 39 25.18 -26.83 3.67
C VAL C 39 26.58 -27.11 4.22
N PHE C 40 27.59 -27.01 3.35
CA PHE C 40 28.94 -27.35 3.74
C PHE C 40 29.54 -26.25 4.61
N ARG C 41 30.26 -26.67 5.65
CA ARG C 41 30.98 -25.77 6.54
C ARG C 41 32.27 -26.45 6.97
N SER C 42 33.34 -25.65 7.06
CA SER C 42 34.68 -26.17 7.30
C SER C 42 35.29 -25.48 8.51
N SER C 43 35.79 -26.30 9.45
CA SER C 43 36.54 -25.80 10.60
C SER C 43 35.85 -24.60 11.24
N VAL C 44 34.59 -24.79 11.63
CA VAL C 44 33.80 -23.73 12.25
C VAL C 44 32.74 -24.37 13.13
N LEU C 45 32.26 -23.59 14.10
CA LEU C 45 31.18 -24.01 15.00
C LEU C 45 29.90 -23.33 14.59
N HIS C 46 28.79 -24.05 14.64
CA HIS C 46 27.49 -23.55 14.23
C HIS C 46 26.43 -23.95 15.25
N SER C 47 25.57 -23.00 15.58
CA SER C 47 24.48 -23.22 16.52
C SER C 47 23.16 -23.25 15.74
N THR C 48 22.37 -24.29 15.97
CA THR C 48 21.12 -24.49 15.25
C THR C 48 20.03 -24.90 16.23
N GLN C 49 18.83 -24.35 16.03
CA GLN C 49 17.66 -24.71 16.81
C GLN C 49 16.79 -25.65 15.98
N ASP C 50 16.74 -26.91 16.37
CA ASP C 50 15.98 -27.91 15.61
C ASP C 50 15.59 -29.04 16.56
N LEU C 51 14.87 -30.02 16.02
CA LEU C 51 14.39 -31.16 16.78
C LEU C 51 15.51 -32.19 16.86
N PHE C 52 16.17 -32.27 18.01
CA PHE C 52 17.25 -33.21 18.26
C PHE C 52 16.85 -34.17 19.38
N LEU C 53 17.69 -35.19 19.57
CA LEU C 53 17.51 -36.14 20.66
C LEU C 53 18.35 -35.66 21.85
N PRO C 54 17.73 -35.20 22.94
CA PRO C 54 18.53 -34.72 24.07
C PRO C 54 19.50 -35.80 24.57
N PHE C 55 20.72 -35.37 24.89
CA PHE C 55 21.72 -36.30 25.37
C PHE C 55 21.36 -36.83 26.75
N PHE C 56 21.81 -38.06 27.03
CA PHE C 56 21.56 -38.71 28.32
C PHE C 56 20.06 -38.87 28.57
N SER C 57 19.28 -38.93 27.50
CA SER C 57 17.84 -39.15 27.60
C SER C 57 17.52 -40.62 27.45
N ASN C 58 16.46 -41.05 28.14
CA ASN C 58 16.05 -42.44 28.10
C ASN C 58 15.29 -42.75 26.82
N VAL C 59 15.47 -43.98 26.32
CA VAL C 59 14.80 -44.43 25.11
C VAL C 59 14.24 -45.83 25.35
N THR C 60 13.07 -46.08 24.79
CA THR C 60 12.43 -47.38 24.96
C THR C 60 13.26 -48.45 24.25
N TRP C 61 13.32 -49.63 24.86
CA TRP C 61 14.14 -50.74 24.38
C TRP C 61 13.27 -51.96 24.16
N PHE C 62 13.36 -52.55 22.97
CA PHE C 62 12.62 -53.75 22.63
C PHE C 62 13.54 -54.72 21.90
N HIS C 63 13.18 -55.99 21.92
CA HIS C 63 13.96 -57.05 21.31
C HIS C 63 13.21 -57.67 20.14
N ALA C 64 14.00 -58.24 19.21
CA ALA C 64 13.39 -58.73 17.96
C ALA C 64 13.36 -60.26 17.89
N ILE C 65 12.67 -60.90 18.83
CA ILE C 65 12.49 -62.39 18.75
C ILE C 65 11.01 -62.61 18.37
N HIS C 66 10.04 -62.36 19.28
CA HIS C 66 8.62 -62.46 18.86
C HIS C 66 7.65 -61.76 19.81
N VAL C 67 6.54 -61.22 19.27
CA VAL C 67 5.40 -60.61 20.05
C VAL C 67 5.76 -60.33 21.51
N ASP C 77 0.28 -58.21 18.30
CA ASP C 77 1.67 -58.56 18.70
C ASP C 77 2.38 -57.30 19.18
N ASN C 78 2.18 -56.16 18.52
CA ASN C 78 2.92 -54.93 18.87
C ASN C 78 1.94 -53.81 19.28
N PRO C 79 2.19 -53.08 20.39
CA PRO C 79 1.33 -51.98 20.79
C PRO C 79 1.55 -50.71 19.96
N VAL C 80 0.54 -49.84 19.88
CA VAL C 80 0.76 -48.68 19.03
C VAL C 80 1.55 -47.63 19.80
N LEU C 81 2.45 -46.93 19.10
CA LEU C 81 3.27 -45.90 19.69
C LEU C 81 3.04 -44.58 18.96
N PRO C 82 2.82 -43.47 19.67
CA PRO C 82 2.54 -42.20 18.98
C PRO C 82 3.79 -41.59 18.35
N PHE C 83 3.54 -40.78 17.32
CA PHE C 83 4.59 -40.01 16.64
C PHE C 83 4.44 -38.55 17.08
N ASN C 84 4.94 -38.26 18.29
CA ASN C 84 4.66 -36.98 18.92
C ASN C 84 5.19 -35.81 18.09
N ASP C 85 6.51 -35.76 17.88
CA ASP C 85 7.12 -34.64 17.18
C ASP C 85 8.25 -35.09 16.26
N GLY C 86 8.67 -36.34 16.38
CA GLY C 86 9.79 -36.88 15.66
C GLY C 86 10.33 -38.07 16.42
N VAL C 87 10.72 -39.11 15.68
CA VAL C 87 11.11 -40.38 16.25
C VAL C 87 12.52 -40.72 15.79
N TYR C 88 13.35 -41.20 16.72
CA TYR C 88 14.70 -41.64 16.43
C TYR C 88 14.74 -43.16 16.61
N PHE C 89 14.84 -43.88 15.50
CA PHE C 89 14.76 -45.33 15.49
C PHE C 89 16.16 -45.89 15.26
N ALA C 90 16.71 -46.52 16.30
CA ALA C 90 18.00 -47.20 16.22
C ALA C 90 17.78 -48.70 16.36
N SER C 91 18.58 -49.48 15.63
CA SER C 91 18.44 -50.93 15.63
C SER C 91 19.81 -51.58 15.51
N THR C 92 20.09 -52.54 16.39
CA THR C 92 21.32 -53.34 16.33
C THR C 92 20.93 -54.75 15.92
N GLU C 93 21.23 -55.11 14.67
CA GLU C 93 20.81 -56.40 14.13
C GLU C 93 21.82 -56.83 13.08
N LYS C 94 21.80 -58.14 12.79
CA LYS C 94 22.70 -58.70 11.78
C LYS C 94 22.01 -59.74 10.91
N SER C 95 20.67 -59.70 10.82
CA SER C 95 19.95 -60.66 10.00
C SER C 95 18.81 -60.05 9.20
N ASN C 96 18.70 -58.72 9.12
CA ASN C 96 17.61 -58.06 8.40
C ASN C 96 16.26 -58.51 8.95
N ILE C 97 16.15 -58.55 10.28
CA ILE C 97 14.90 -59.00 10.90
C ILE C 97 13.87 -57.88 10.93
N ILE C 98 14.31 -56.62 11.03
CA ILE C 98 13.43 -55.46 10.95
C ILE C 98 13.58 -54.89 9.55
N ARG C 99 12.46 -54.73 8.84
CA ARG C 99 12.50 -54.47 7.41
C ARG C 99 11.68 -53.27 6.95
N GLY C 100 10.97 -52.58 7.83
CA GLY C 100 10.20 -51.43 7.40
C GLY C 100 9.44 -50.80 8.54
N TRP C 101 8.64 -49.79 8.18
CA TRP C 101 7.83 -49.05 9.12
C TRP C 101 6.51 -48.68 8.46
N ILE C 102 5.58 -48.20 9.28
CA ILE C 102 4.29 -47.70 8.81
C ILE C 102 3.90 -46.49 9.64
N PHE C 103 3.48 -45.42 8.97
CA PHE C 103 3.14 -44.17 9.64
C PHE C 103 1.74 -43.75 9.22
N GLY C 104 1.20 -42.77 9.94
CA GLY C 104 -0.11 -42.23 9.62
C GLY C 104 -0.83 -41.81 10.88
N THR C 105 -2.02 -41.22 10.68
CA THR C 105 -2.87 -40.82 11.80
C THR C 105 -3.75 -41.94 12.31
N THR C 106 -3.86 -43.04 11.57
CA THR C 106 -4.67 -44.18 11.98
C THR C 106 -4.34 -45.36 11.07
N LEU C 107 -4.58 -46.56 11.59
CA LEU C 107 -4.32 -47.78 10.85
C LEU C 107 -5.41 -48.11 9.84
N ASP C 108 -6.55 -47.43 9.89
CA ASP C 108 -7.64 -47.70 8.97
C ASP C 108 -7.40 -47.00 7.64
N SER C 109 -8.19 -47.38 6.64
CA SER C 109 -8.07 -46.80 5.31
C SER C 109 -8.77 -45.45 5.18
N LYS C 110 -9.28 -44.89 6.28
CA LYS C 110 -9.96 -43.60 6.22
C LYS C 110 -9.03 -42.45 5.90
N THR C 111 -7.71 -42.68 5.89
CA THR C 111 -6.75 -41.62 5.60
C THR C 111 -5.54 -42.25 4.91
N GLN C 112 -4.81 -41.43 4.16
CA GLN C 112 -3.70 -41.93 3.36
C GLN C 112 -2.49 -42.25 4.24
N SER C 113 -2.52 -43.40 4.90
CA SER C 113 -1.38 -43.83 5.71
C SER C 113 -0.16 -44.05 4.82
N LEU C 114 0.96 -44.37 5.48
CA LEU C 114 2.26 -44.45 4.82
C LEU C 114 2.86 -45.83 4.98
N LEU C 115 3.66 -46.24 4.00
CA LEU C 115 4.34 -47.52 3.99
C LEU C 115 5.79 -47.33 3.55
N ILE C 116 6.70 -47.96 4.29
CA ILE C 116 8.11 -48.02 3.91
C ILE C 116 8.58 -49.46 4.10
N VAL C 117 9.00 -50.10 3.00
CA VAL C 117 9.35 -51.51 3.02
C VAL C 117 10.68 -51.72 2.33
N ASN C 118 11.66 -52.25 3.06
CA ASN C 118 12.97 -52.54 2.49
C ASN C 118 12.98 -53.96 1.91
N ASN C 119 14.07 -54.27 1.21
CA ASN C 119 14.24 -55.59 0.60
C ASN C 119 15.70 -55.74 0.22
N ALA C 120 16.07 -56.95 -0.20
CA ALA C 120 17.44 -57.22 -0.59
C ALA C 120 17.81 -56.47 -1.87
N THR C 121 16.83 -56.09 -2.67
CA THR C 121 17.06 -55.43 -3.95
C THR C 121 16.77 -53.94 -3.91
N ASN C 122 15.71 -53.51 -3.21
CA ASN C 122 15.32 -52.11 -3.23
C ASN C 122 14.28 -51.88 -2.13
N VAL C 123 14.01 -50.60 -1.87
CA VAL C 123 12.95 -50.19 -0.95
C VAL C 123 11.71 -49.87 -1.75
N VAL C 124 10.54 -50.17 -1.18
CA VAL C 124 9.26 -49.80 -1.76
C VAL C 124 8.52 -48.92 -0.77
N ILE C 125 8.33 -47.66 -1.14
CA ILE C 125 7.65 -46.67 -0.30
C ILE C 125 6.32 -46.34 -0.94
N LYS C 126 5.26 -46.33 -0.14
CA LYS C 126 3.91 -46.15 -0.63
C LYS C 126 3.09 -45.32 0.36
N VAL C 127 2.17 -44.54 -0.19
CA VAL C 127 1.18 -43.80 0.59
C VAL C 127 -0.16 -44.07 -0.06
N CYS C 128 -0.88 -45.08 0.44
CA CYS C 128 -2.08 -45.56 -0.23
C CYS C 128 -3.26 -45.83 0.68
N GLU C 129 -3.21 -45.43 1.95
CA GLU C 129 -4.35 -45.62 2.87
C GLU C 129 -4.72 -47.09 2.99
N PHE C 130 -3.73 -47.97 2.91
CA PHE C 130 -4.00 -49.40 3.01
C PHE C 130 -4.30 -49.76 4.46
N GLN C 131 -5.45 -50.40 4.68
CA GLN C 131 -5.83 -50.79 6.03
C GLN C 131 -4.96 -51.94 6.52
N PHE C 132 -4.48 -51.82 7.75
CA PHE C 132 -3.62 -52.83 8.36
C PHE C 132 -4.41 -53.67 9.35
N CYS C 133 -3.80 -54.78 9.75
CA CYS C 133 -4.40 -55.68 10.71
C CYS C 133 -4.16 -55.15 12.13
N ASN C 134 -4.65 -55.91 13.13
CA ASN C 134 -4.44 -55.52 14.52
C ASN C 134 -2.96 -55.40 14.86
N ASP C 135 -2.10 -56.14 14.17
CA ASP C 135 -0.66 -56.08 14.38
C ASP C 135 0.04 -55.97 13.03
N PRO C 136 1.21 -55.32 12.99
CA PRO C 136 1.95 -55.24 11.72
C PRO C 136 2.34 -56.62 11.21
N PHE C 137 2.15 -56.83 9.92
CA PHE C 137 2.43 -58.13 9.32
C PHE C 137 3.90 -58.49 9.50
N LEU C 138 4.16 -59.79 9.71
CA LEU C 138 5.50 -60.31 9.90
C LEU C 138 5.94 -60.99 8.61
N ASP C 139 6.92 -60.39 7.93
CA ASP C 139 7.41 -60.93 6.67
C ASP C 139 7.99 -62.33 6.87
N PHE C 154 3.41 -65.43 1.98
CA PHE C 154 3.48 -64.62 3.19
C PHE C 154 4.41 -63.42 2.97
N ARG C 155 4.29 -62.79 1.80
CA ARG C 155 5.13 -61.65 1.45
C ARG C 155 4.45 -60.31 1.70
N VAL C 156 3.12 -60.27 1.76
CA VAL C 156 2.39 -59.03 1.97
C VAL C 156 1.11 -59.33 2.73
N TYR C 157 0.65 -58.34 3.50
CA TYR C 157 -0.61 -58.48 4.25
C TYR C 157 -1.17 -57.08 4.45
N SER C 158 -2.16 -56.72 3.66
CA SER C 158 -2.78 -55.40 3.74
C SER C 158 -4.05 -55.39 2.91
N SER C 159 -4.89 -54.38 3.16
CA SER C 159 -6.15 -54.25 2.45
C SER C 159 -5.93 -53.51 1.12
N ALA C 160 -7.03 -53.18 0.45
CA ALA C 160 -6.96 -52.45 -0.80
C ALA C 160 -6.27 -51.11 -0.60
N ASN C 161 -5.89 -50.48 -1.71
CA ASN C 161 -5.13 -49.25 -1.68
C ASN C 161 -5.76 -48.23 -2.63
N ASN C 162 -5.48 -46.96 -2.34
CA ASN C 162 -5.91 -45.82 -3.14
C ASN C 162 -4.72 -44.88 -3.37
N CYS C 163 -3.61 -45.47 -3.81
CA CYS C 163 -2.31 -44.81 -3.80
C CYS C 163 -2.37 -43.38 -4.30
N THR C 164 -1.63 -42.50 -3.62
CA THR C 164 -1.38 -41.14 -4.08
C THR C 164 0.09 -40.88 -4.34
N PHE C 165 0.98 -41.70 -3.78
CA PHE C 165 2.41 -41.55 -3.97
C PHE C 165 3.07 -42.92 -3.90
N GLU C 166 4.08 -43.14 -4.74
CA GLU C 166 4.82 -44.39 -4.76
C GLU C 166 6.26 -44.10 -5.18
N TYR C 167 7.19 -44.89 -4.65
CA TYR C 167 8.60 -44.59 -4.82
C TYR C 167 9.41 -45.86 -4.61
N VAL C 168 10.58 -45.92 -5.25
CA VAL C 168 11.46 -47.08 -5.18
C VAL C 168 12.90 -46.60 -5.33
N SER C 169 13.82 -47.26 -4.64
CA SER C 169 15.23 -46.92 -4.70
C SER C 169 16.04 -48.03 -4.03
N GLN C 170 17.36 -47.83 -4.01
CA GLN C 170 18.25 -48.84 -3.46
C GLN C 170 17.90 -49.13 -2.00
N PRO C 171 18.29 -50.30 -1.50
CA PRO C 171 17.88 -50.68 -0.15
C PRO C 171 18.64 -49.93 0.92
N PHE C 172 18.06 -49.88 2.12
CA PHE C 172 18.73 -49.32 3.29
C PHE C 172 19.63 -50.33 3.98
N LEU C 173 20.53 -50.97 3.24
CA LEU C 173 21.36 -52.04 3.79
C LEU C 173 22.80 -51.86 3.34
N LYS C 184 25.66 -56.95 14.60
CA LYS C 184 26.83 -56.13 14.90
C LYS C 184 26.72 -54.76 14.24
N ASN C 185 25.84 -54.65 13.25
CA ASN C 185 25.66 -53.40 12.53
C ASN C 185 24.64 -52.53 13.27
N LEU C 186 25.06 -51.33 13.66
CA LEU C 186 24.18 -50.39 14.37
C LEU C 186 23.54 -49.48 13.34
N ARG C 187 22.26 -49.74 13.03
CA ARG C 187 21.51 -48.89 12.11
C ARG C 187 20.74 -47.83 12.90
N GLU C 188 20.88 -46.58 12.47
CA GLU C 188 20.21 -45.45 13.12
C GLU C 188 19.35 -44.73 12.08
N PHE C 189 18.18 -44.27 12.52
CA PHE C 189 17.25 -43.56 11.65
C PHE C 189 16.56 -42.45 12.43
N VAL C 190 16.29 -41.34 11.75
CA VAL C 190 15.55 -40.22 12.31
C VAL C 190 14.44 -39.86 11.34
N PHE C 191 13.20 -39.87 11.82
CA PHE C 191 12.03 -39.57 11.02
C PHE C 191 11.41 -38.27 11.49
N LYS C 192 11.19 -37.35 10.56
CA LYS C 192 10.68 -36.02 10.88
C LYS C 192 9.63 -35.62 9.86
N ASN C 193 8.57 -34.98 10.35
CA ASN C 193 7.49 -34.49 9.49
C ASN C 193 6.91 -33.24 10.13
N ILE C 194 7.40 -32.07 9.71
CA ILE C 194 7.00 -30.81 10.31
C ILE C 194 6.49 -29.84 9.25
N ASP C 195 7.31 -29.59 8.24
CA ASP C 195 7.06 -28.51 7.27
C ASP C 195 6.39 -29.00 5.99
N GLY C 196 5.48 -29.95 6.10
CA GLY C 196 4.83 -30.49 4.92
C GLY C 196 5.61 -31.55 4.19
N TYR C 197 6.83 -31.86 4.65
CA TYR C 197 7.65 -32.89 4.05
C TYR C 197 8.01 -33.93 5.11
N PHE C 198 8.22 -35.16 4.66
CA PHE C 198 8.67 -36.25 5.52
C PHE C 198 10.10 -36.61 5.12
N LYS C 199 11.03 -36.49 6.07
CA LYS C 199 12.44 -36.59 5.79
C LYS C 199 13.05 -37.73 6.59
N ILE C 200 14.05 -38.40 6.01
CA ILE C 200 14.73 -39.53 6.63
C ILE C 200 16.21 -39.23 6.72
N TYR C 201 16.80 -39.50 7.88
CA TYR C 201 18.24 -39.47 8.08
C TYR C 201 18.68 -40.84 8.58
N SER C 202 19.93 -41.21 8.25
CA SER C 202 20.41 -42.54 8.61
C SER C 202 21.93 -42.56 8.61
N LYS C 203 22.47 -43.60 9.24
CA LYS C 203 23.90 -43.85 9.30
C LYS C 203 24.13 -45.27 9.79
N HIS C 204 25.14 -45.93 9.21
CA HIS C 204 25.45 -47.32 9.52
C HIS C 204 26.86 -47.38 10.09
N THR C 205 27.03 -47.83 11.33
CA THR C 205 28.38 -47.74 11.93
C THR C 205 28.80 -49.06 12.56
N PRO C 206 30.10 -49.38 12.57
CA PRO C 206 30.60 -50.56 13.27
C PRO C 206 30.34 -50.52 14.79
N ILE C 207 30.48 -51.65 15.48
CA ILE C 207 30.30 -51.70 16.96
C ILE C 207 31.28 -52.73 17.56
N ASP C 212 24.91 -52.36 23.70
CA ASP C 212 24.56 -50.99 24.03
C ASP C 212 25.02 -50.04 22.94
N LEU C 213 24.50 -48.82 22.95
CA LEU C 213 24.90 -47.83 21.96
C LEU C 213 26.31 -47.35 22.26
N PRO C 214 27.19 -47.26 21.26
CA PRO C 214 28.58 -46.87 21.53
C PRO C 214 28.70 -45.39 21.87
N GLN C 215 29.79 -45.06 22.54
CA GLN C 215 30.09 -43.69 22.92
C GLN C 215 30.69 -42.87 21.77
N GLY C 216 30.96 -43.50 20.63
CA GLY C 216 31.59 -42.78 19.53
C GLY C 216 30.63 -41.79 18.90
N PHE C 217 31.18 -40.66 18.47
CA PHE C 217 30.38 -39.63 17.82
C PHE C 217 30.24 -39.92 16.33
N SER C 218 29.03 -39.74 15.82
CA SER C 218 28.76 -39.94 14.40
C SER C 218 27.41 -39.31 14.08
N ALA C 219 27.37 -38.48 13.04
CA ALA C 219 26.16 -37.78 12.65
C ALA C 219 25.41 -38.54 11.57
N LEU C 220 24.09 -38.41 11.59
CA LEU C 220 23.25 -39.01 10.57
C LEU C 220 23.17 -38.10 9.35
N GLU C 221 23.12 -38.71 8.17
CA GLU C 221 23.11 -37.95 6.93
C GLU C 221 21.71 -37.94 6.32
N PRO C 222 21.29 -36.83 5.71
CA PRO C 222 19.96 -36.81 5.08
C PRO C 222 19.88 -37.83 3.96
N LEU C 223 18.96 -38.79 4.12
CA LEU C 223 18.80 -39.90 3.19
C LEU C 223 17.78 -39.60 2.10
N VAL C 224 16.56 -39.21 2.48
CA VAL C 224 15.51 -38.90 1.52
C VAL C 224 14.71 -37.72 2.03
N ASP C 225 14.28 -36.86 1.09
CA ASP C 225 13.42 -35.72 1.39
C ASP C 225 12.16 -35.89 0.52
N LEU C 226 11.12 -36.46 1.13
CA LEU C 226 9.93 -36.83 0.37
C LEU C 226 8.91 -35.70 0.39
N PRO C 227 8.13 -35.53 -0.69
CA PRO C 227 7.14 -34.45 -0.72
C PRO C 227 5.80 -34.82 -0.09
N ILE C 228 5.63 -36.07 0.34
CA ILE C 228 4.35 -36.50 0.90
C ILE C 228 4.01 -35.64 2.11
N GLY C 229 2.79 -35.13 2.14
CA GLY C 229 2.31 -34.30 3.23
C GLY C 229 1.34 -34.96 4.17
N ILE C 230 1.43 -36.28 4.33
CA ILE C 230 0.49 -36.98 5.21
C ILE C 230 0.72 -36.54 6.65
N ASN C 231 -0.39 -36.39 7.39
CA ASN C 231 -0.36 -36.02 8.79
C ASN C 231 0.00 -37.25 9.62
N ILE C 232 1.27 -37.38 9.97
CA ILE C 232 1.74 -38.52 10.74
C ILE C 232 1.52 -38.25 12.22
N THR C 233 0.78 -39.13 12.89
CA THR C 233 0.56 -39.03 14.34
C THR C 233 0.86 -40.31 15.09
N ARG C 234 0.81 -41.47 14.45
CA ARG C 234 1.17 -42.74 15.08
C ARG C 234 2.12 -43.49 14.15
N PHE C 235 2.88 -44.41 14.73
CA PHE C 235 3.92 -45.11 13.98
C PHE C 235 4.10 -46.51 14.53
N GLN C 236 4.51 -47.43 13.65
CA GLN C 236 4.73 -48.81 14.02
C GLN C 236 5.92 -49.35 13.22
N THR C 237 6.34 -50.56 13.56
CA THR C 237 7.45 -51.21 12.91
C THR C 237 7.00 -52.46 12.16
N LEU C 238 7.86 -52.96 11.28
CA LEU C 238 7.62 -54.16 10.51
C LEU C 238 8.74 -55.15 10.78
N LEU C 239 8.39 -56.39 11.08
CA LEU C 239 9.35 -57.44 11.40
C LEU C 239 9.36 -58.51 10.32
N ALA C 240 10.32 -59.43 10.44
CA ALA C 240 10.47 -60.53 9.49
C ALA C 240 11.01 -61.75 10.23
N LEU C 241 10.95 -62.90 9.56
CA LEU C 241 11.43 -64.14 10.14
C LEU C 241 11.47 -65.20 9.05
N HIS C 242 12.41 -66.14 9.21
CA HIS C 242 12.55 -67.22 8.24
C HIS C 242 11.52 -68.31 8.48
N ARG C 243 10.80 -68.68 7.43
CA ARG C 243 9.83 -69.77 7.50
C ARG C 243 8.84 -69.58 8.65
N SER C 244 8.28 -68.37 8.73
CA SER C 244 7.29 -68.04 9.75
C SER C 244 5.91 -67.93 9.13
N TYR C 245 4.90 -68.42 9.87
CA TYR C 245 3.53 -68.33 9.42
C TYR C 245 3.01 -66.90 9.55
N LEU C 246 1.97 -66.59 8.79
CA LEU C 246 1.39 -65.25 8.77
C LEU C 246 -0.13 -65.37 8.78
N THR C 247 -0.77 -64.64 9.69
CA THR C 247 -2.21 -64.61 9.81
C THR C 247 -2.62 -63.19 10.20
N PRO C 248 -3.85 -62.78 9.87
CA PRO C 248 -4.31 -61.45 10.29
C PRO C 248 -4.23 -61.23 11.79
N GLY C 249 -4.46 -62.28 12.58
CA GLY C 249 -4.37 -62.17 14.03
C GLY C 249 -3.63 -63.34 14.64
N ASP C 250 -2.74 -63.06 15.59
CA ASP C 250 -1.96 -64.11 16.23
C ASP C 250 -1.75 -63.75 17.70
N SER C 251 -1.43 -64.76 18.50
CA SER C 251 -1.19 -64.58 19.92
C SER C 251 0.24 -64.08 20.14
N SER C 252 0.68 -64.06 21.39
CA SER C 252 2.02 -63.60 21.74
C SER C 252 3.08 -64.68 21.58
N SER C 253 2.74 -65.82 20.98
CA SER C 253 3.73 -66.88 20.80
C SER C 253 4.78 -66.47 19.76
N GLY C 254 4.33 -65.92 18.64
CA GLY C 254 5.27 -65.48 17.62
C GLY C 254 6.06 -66.62 17.01
N TRP C 255 7.15 -66.26 16.35
CA TRP C 255 8.04 -67.22 15.72
C TRP C 255 9.48 -66.80 15.96
N THR C 256 10.38 -67.78 15.89
CA THR C 256 11.79 -67.54 16.16
C THR C 256 12.37 -66.56 15.15
N ALA C 257 13.41 -65.85 15.58
CA ALA C 257 14.10 -64.90 14.72
C ALA C 257 15.51 -64.68 15.25
N GLY C 258 16.33 -64.05 14.42
CA GLY C 258 17.70 -63.78 14.82
C GLY C 258 17.79 -62.79 15.96
N ALA C 259 18.93 -62.84 16.65
CA ALA C 259 19.17 -61.94 17.77
C ALA C 259 19.28 -60.50 17.27
N ALA C 260 18.42 -59.63 17.78
CA ALA C 260 18.41 -58.23 17.37
C ALA C 260 17.65 -57.41 18.39
N ALA C 261 17.79 -56.10 18.29
CA ALA C 261 17.12 -55.16 19.19
C ALA C 261 17.03 -53.81 18.52
N TYR C 262 16.04 -53.02 18.94
CA TYR C 262 15.84 -51.69 18.40
C TYR C 262 15.33 -50.76 19.49
N TYR C 263 15.86 -49.54 19.51
CA TYR C 263 15.47 -48.51 20.46
C TYR C 263 14.64 -47.45 19.75
N VAL C 264 13.79 -46.77 20.51
CA VAL C 264 12.94 -45.71 19.99
C VAL C 264 13.06 -44.50 20.92
N GLY C 265 13.23 -43.32 20.33
CA GLY C 265 13.33 -42.11 21.09
C GLY C 265 12.52 -41.00 20.44
N TYR C 266 12.14 -40.02 21.27
CA TYR C 266 11.32 -38.90 20.84
C TYR C 266 12.19 -37.64 20.76
N LEU C 267 12.14 -36.97 19.60
CA LEU C 267 12.90 -35.75 19.42
C LEU C 267 12.18 -34.57 20.08
N GLN C 268 12.95 -33.56 20.43
CA GLN C 268 12.44 -32.36 21.09
C GLN C 268 13.17 -31.15 20.56
N PRO C 269 12.53 -29.97 20.57
CA PRO C 269 13.20 -28.75 20.09
C PRO C 269 14.34 -28.36 21.03
N ARG C 270 15.56 -28.39 20.50
CA ARG C 270 16.75 -28.07 21.28
C ARG C 270 17.69 -27.21 20.45
N THR C 271 18.63 -26.57 21.13
CA THR C 271 19.68 -25.78 20.49
C THR C 271 20.99 -26.54 20.59
N PHE C 272 21.58 -26.89 19.45
CA PHE C 272 22.80 -27.68 19.38
C PHE C 272 23.92 -26.85 18.76
N LEU C 273 25.10 -26.94 19.36
CA LEU C 273 26.31 -26.32 18.83
C LEU C 273 27.14 -27.40 18.15
N LEU C 274 27.17 -27.37 16.82
CA LEU C 274 27.82 -28.40 16.03
C LEU C 274 29.20 -27.93 15.60
N LYS C 275 30.17 -28.85 15.65
CA LYS C 275 31.55 -28.56 15.27
C LYS C 275 31.88 -29.28 13.96
N TYR C 276 32.22 -28.52 12.94
CA TYR C 276 32.62 -29.06 11.65
C TYR C 276 34.13 -29.08 11.55
N ASN C 277 34.68 -30.16 11.00
CA ASN C 277 36.12 -30.27 10.81
C ASN C 277 36.51 -29.72 9.44
N GLU C 278 37.79 -29.82 9.12
CA GLU C 278 38.29 -29.29 7.85
C GLU C 278 37.74 -30.03 6.64
N ASN C 279 37.16 -31.21 6.83
CA ASN C 279 36.62 -32.01 5.73
C ASN C 279 35.10 -31.93 5.64
N GLY C 280 34.46 -31.06 6.42
CA GLY C 280 33.04 -30.83 6.27
C GLY C 280 32.15 -31.82 7.00
N THR C 281 32.67 -32.55 7.97
CA THR C 281 31.90 -33.52 8.74
C THR C 281 31.81 -33.08 10.19
N ILE C 282 30.66 -33.34 10.81
CA ILE C 282 30.46 -33.00 12.21
C ILE C 282 31.20 -34.02 13.07
N THR C 283 32.07 -33.51 13.97
CA THR C 283 32.85 -34.38 14.85
C THR C 283 32.43 -34.30 16.31
N ASP C 284 31.88 -33.17 16.74
CA ASP C 284 31.43 -33.02 18.13
C ASP C 284 30.20 -32.12 18.15
N ALA C 285 29.49 -32.19 19.28
CA ALA C 285 28.29 -31.39 19.46
C ALA C 285 28.06 -31.15 20.95
N VAL C 286 27.42 -30.03 21.26
CA VAL C 286 27.13 -29.63 22.64
C VAL C 286 25.64 -29.32 22.74
N ASP C 287 24.97 -29.97 23.68
CA ASP C 287 23.56 -29.70 23.95
C ASP C 287 23.47 -28.43 24.80
N CYS C 288 22.87 -27.38 24.24
CA CYS C 288 22.86 -26.07 24.88
C CYS C 288 22.14 -26.08 26.23
N ALA C 289 21.32 -27.09 26.51
CA ALA C 289 20.52 -27.14 27.73
C ALA C 289 20.79 -28.40 28.56
N LEU C 290 21.98 -28.99 28.47
CA LEU C 290 22.27 -30.19 29.24
C LEU C 290 22.70 -29.85 30.65
N ASP C 291 23.79 -29.11 30.79
CA ASP C 291 24.34 -28.76 32.09
C ASP C 291 24.88 -27.34 32.02
N PRO C 292 25.24 -26.75 33.16
CA PRO C 292 25.74 -25.37 33.12
C PRO C 292 27.01 -25.20 32.29
N LEU C 293 27.92 -26.17 32.31
CA LEU C 293 29.12 -26.06 31.47
C LEU C 293 28.76 -26.11 30.00
N SER C 294 27.81 -26.98 29.63
CA SER C 294 27.36 -27.03 28.24
C SER C 294 26.70 -25.73 27.84
N GLU C 295 25.93 -25.12 28.75
CA GLU C 295 25.30 -23.84 28.45
C GLU C 295 26.35 -22.74 28.29
N THR C 296 27.41 -22.79 29.09
CA THR C 296 28.49 -21.81 28.95
C THR C 296 29.20 -21.98 27.61
N LYS C 297 29.46 -23.22 27.21
CA LYS C 297 30.02 -23.49 25.89
C LYS C 297 29.11 -22.94 24.80
N CYS C 298 27.81 -23.19 24.93
CA CYS C 298 26.84 -22.74 23.93
C CYS C 298 26.74 -21.22 23.88
N THR C 299 26.97 -20.56 25.01
CA THR C 299 26.91 -19.09 25.04
C THR C 299 28.18 -18.50 24.42
N LEU C 300 29.35 -18.98 24.82
CA LEU C 300 30.60 -18.45 24.29
C LEU C 300 30.90 -18.96 22.88
N LYS C 301 30.11 -19.89 22.36
CA LYS C 301 30.33 -20.44 21.03
C LYS C 301 31.76 -20.98 20.89
N SER C 302 32.17 -21.76 21.89
CA SER C 302 33.51 -22.34 21.91
C SER C 302 33.48 -23.58 22.79
N PHE C 303 34.05 -24.67 22.29
CA PHE C 303 34.06 -25.92 23.06
C PHE C 303 34.96 -25.82 24.28
N THR C 304 35.93 -24.90 24.27
CA THR C 304 36.83 -24.70 25.38
C THR C 304 36.54 -23.34 26.01
N VAL C 305 36.08 -23.35 27.26
CA VAL C 305 35.79 -22.13 28.01
C VAL C 305 36.91 -21.93 29.02
N GLU C 306 37.42 -20.71 29.09
CA GLU C 306 38.54 -20.40 29.97
C GLU C 306 38.06 -20.16 31.40
N LYS C 307 39.01 -20.13 32.33
CA LYS C 307 38.70 -19.88 33.73
C LYS C 307 38.07 -18.50 33.90
N GLY C 308 36.94 -18.45 34.59
CA GLY C 308 36.28 -17.18 34.84
C GLY C 308 34.83 -17.40 35.22
N ILE C 309 34.10 -16.30 35.27
CA ILE C 309 32.68 -16.28 35.60
C ILE C 309 31.93 -15.77 34.38
N TYR C 310 30.87 -16.48 34.00
CA TYR C 310 30.09 -16.16 32.81
C TYR C 310 28.60 -16.12 33.16
N GLN C 311 27.92 -15.08 32.69
CA GLN C 311 26.47 -14.97 32.85
C GLN C 311 25.82 -15.70 31.69
N THR C 312 25.41 -16.95 31.94
CA THR C 312 24.95 -17.81 30.86
C THR C 312 23.50 -17.56 30.48
N SER C 313 22.59 -17.50 31.45
CA SER C 313 21.17 -17.39 31.16
C SER C 313 20.47 -16.80 32.39
N ASN C 314 19.14 -16.84 32.37
CA ASN C 314 18.31 -16.38 33.46
C ASN C 314 17.30 -17.46 33.82
N PHE C 315 16.83 -17.42 35.06
CA PHE C 315 15.86 -18.39 35.56
C PHE C 315 14.60 -17.69 36.03
N ARG C 316 13.48 -18.39 35.93
CA ARG C 316 12.19 -17.86 36.37
C ARG C 316 11.25 -19.02 36.60
N VAL C 317 10.74 -19.15 37.83
CA VAL C 317 9.82 -20.24 38.15
C VAL C 317 8.56 -20.10 37.32
N GLN C 318 8.14 -21.21 36.71
CA GLN C 318 7.00 -21.19 35.80
C GLN C 318 5.70 -21.28 36.59
N PRO C 319 4.59 -20.80 36.00
CA PRO C 319 3.31 -20.88 36.71
C PRO C 319 2.84 -22.32 36.84
N THR C 320 2.33 -22.65 38.03
CA THR C 320 1.88 -24.01 38.32
C THR C 320 0.40 -24.21 38.04
N GLU C 321 -0.36 -23.13 37.84
CA GLU C 321 -1.78 -23.23 37.61
C GLU C 321 -2.27 -21.99 36.89
N SER C 322 -3.46 -22.09 36.29
CA SER C 322 -4.10 -20.98 35.60
C SER C 322 -5.51 -20.84 36.12
N ILE C 323 -5.91 -19.60 36.41
CA ILE C 323 -7.22 -19.30 36.98
C ILE C 323 -7.85 -18.16 36.19
N VAL C 324 -9.19 -18.19 36.09
CA VAL C 324 -9.96 -17.13 35.47
C VAL C 324 -10.98 -16.63 36.49
N ARG C 325 -11.12 -15.30 36.57
CA ARG C 325 -11.98 -14.66 37.57
C ARG C 325 -12.81 -13.59 36.87
N PHE C 326 -14.11 -13.84 36.77
CA PHE C 326 -15.05 -12.93 36.13
C PHE C 326 -16.26 -12.70 37.04
N PRO C 327 -16.99 -11.60 36.85
CA PRO C 327 -18.10 -11.30 37.75
C PRO C 327 -19.19 -12.36 37.70
N ASN C 328 -20.21 -12.17 38.55
CA ASN C 328 -21.28 -13.15 38.71
C ASN C 328 -22.41 -12.94 37.71
N ILE C 329 -22.29 -12.00 36.76
CA ILE C 329 -23.36 -11.76 35.80
C ILE C 329 -23.71 -13.05 35.08
N THR C 330 -25.01 -13.27 34.89
CA THR C 330 -25.50 -14.49 34.25
C THR C 330 -26.54 -14.24 33.16
N ASN C 331 -27.23 -13.12 33.16
CA ASN C 331 -28.26 -12.88 32.15
C ASN C 331 -27.63 -12.53 30.81
N LEU C 332 -28.38 -12.80 29.74
CA LEU C 332 -27.90 -12.54 28.39
C LEU C 332 -28.10 -11.07 28.02
N CYS C 333 -27.45 -10.66 26.93
CA CYS C 333 -27.50 -9.28 26.48
C CYS C 333 -28.60 -9.08 25.43
N PRO C 334 -29.00 -7.83 25.18
CA PRO C 334 -30.05 -7.59 24.17
C PRO C 334 -29.52 -7.55 22.74
N PHE C 335 -28.32 -8.11 22.54
CA PHE C 335 -27.75 -8.17 21.19
C PHE C 335 -28.76 -8.67 20.18
N ASP C 336 -29.58 -9.66 20.56
CA ASP C 336 -30.60 -10.15 19.65
C ASP C 336 -31.64 -9.09 19.35
N GLU C 337 -32.19 -8.45 20.38
CA GLU C 337 -33.18 -7.38 20.17
C GLU C 337 -32.61 -6.27 19.29
N VAL C 338 -31.30 -6.05 19.34
CA VAL C 338 -30.68 -4.98 18.56
C VAL C 338 -30.44 -5.41 17.12
N PHE C 339 -29.98 -6.64 16.91
CA PHE C 339 -29.58 -7.07 15.58
C PHE C 339 -30.78 -7.52 14.74
N ASN C 340 -31.64 -8.36 15.32
CA ASN C 340 -32.73 -8.97 14.57
C ASN C 340 -33.99 -8.11 14.57
N ALA C 341 -33.87 -6.80 14.73
CA ALA C 341 -35.03 -5.93 14.69
C ALA C 341 -35.53 -5.76 13.26
N THR C 342 -36.84 -5.56 13.12
CA THR C 342 -37.43 -5.38 11.80
C THR C 342 -37.14 -3.99 11.26
N ARG C 343 -37.31 -2.96 12.08
CA ARG C 343 -37.15 -1.58 11.67
C ARG C 343 -35.78 -1.07 12.08
N PHE C 344 -35.10 -0.40 11.14
CA PHE C 344 -33.81 0.22 11.40
C PHE C 344 -33.90 1.71 11.07
N ALA C 345 -33.11 2.51 11.79
CA ALA C 345 -33.18 3.96 11.64
C ALA C 345 -32.38 4.41 10.42
N SER C 346 -32.60 5.66 10.03
CA SER C 346 -31.82 6.26 8.95
C SER C 346 -30.40 6.53 9.41
N VAL C 347 -29.52 6.77 8.44
CA VAL C 347 -28.13 7.08 8.79
C VAL C 347 -28.05 8.36 9.61
N TYR C 348 -28.94 9.31 9.33
CA TYR C 348 -29.10 10.47 10.20
C TYR C 348 -30.15 10.16 11.27
N ALA C 349 -29.92 10.71 12.46
CA ALA C 349 -30.75 10.37 13.63
C ALA C 349 -30.68 8.87 13.91
N TRP C 350 -29.47 8.33 13.80
CA TRP C 350 -29.27 6.89 13.96
C TRP C 350 -29.63 6.44 15.37
N ASN C 351 -29.99 5.17 15.49
CA ASN C 351 -30.36 4.60 16.79
C ASN C 351 -29.13 4.27 17.60
N ARG C 352 -29.29 4.28 18.92
CA ARG C 352 -28.20 4.01 19.86
C ARG C 352 -28.76 3.25 21.05
N LYS C 353 -28.18 2.09 21.34
CA LYS C 353 -28.62 1.23 22.43
C LYS C 353 -27.43 0.92 23.33
N ARG C 354 -27.59 1.15 24.63
CA ARG C 354 -26.54 0.87 25.60
C ARG C 354 -26.70 -0.54 26.16
N ILE C 355 -25.64 -1.32 26.09
CA ILE C 355 -25.62 -2.70 26.58
C ILE C 355 -24.72 -2.75 27.80
N SER C 356 -25.27 -3.19 28.93
CA SER C 356 -24.51 -3.22 30.18
C SER C 356 -25.10 -4.27 31.10
N ASN C 357 -24.26 -4.78 31.99
CA ASN C 357 -24.67 -5.74 33.01
C ASN C 357 -25.36 -6.96 32.36
N CYS C 358 -24.60 -7.69 31.55
CA CYS C 358 -25.11 -8.88 30.90
C CYS C 358 -23.95 -9.66 30.32
N VAL C 359 -24.24 -10.89 29.90
CA VAL C 359 -23.23 -11.77 29.30
C VAL C 359 -23.31 -11.61 27.79
N ALA C 360 -22.17 -11.29 27.17
CA ALA C 360 -22.10 -11.06 25.74
C ALA C 360 -21.60 -12.33 25.06
N ASP C 361 -22.52 -13.05 24.42
CA ASP C 361 -22.18 -14.26 23.69
C ASP C 361 -21.96 -13.94 22.21
N TYR C 362 -20.74 -13.47 21.91
CA TYR C 362 -20.43 -13.03 20.56
C TYR C 362 -20.41 -14.17 19.55
N SER C 363 -20.41 -15.42 20.02
CA SER C 363 -20.44 -16.56 19.10
C SER C 363 -21.72 -16.58 18.28
N VAL C 364 -22.87 -16.38 18.93
CA VAL C 364 -24.14 -16.32 18.22
C VAL C 364 -24.22 -15.14 17.27
N LEU C 365 -23.35 -14.15 17.45
CA LEU C 365 -23.27 -13.00 16.55
C LEU C 365 -22.39 -13.29 15.34
N TYR C 366 -21.24 -13.93 15.57
CA TYR C 366 -20.33 -14.24 14.47
C TYR C 366 -20.87 -15.36 13.60
N ASN C 367 -21.58 -16.33 14.19
CA ASN C 367 -22.07 -17.48 13.43
C ASN C 367 -23.30 -17.16 12.57
N PHE C 368 -23.66 -15.89 12.44
CA PHE C 368 -24.76 -15.53 11.55
C PHE C 368 -24.28 -15.51 10.11
N ALA C 369 -25.11 -16.05 9.21
CA ALA C 369 -24.71 -16.15 7.81
C ALA C 369 -24.78 -14.83 7.05
N PRO C 370 -25.87 -14.05 7.13
CA PRO C 370 -25.99 -12.87 6.25
C PRO C 370 -24.99 -11.75 6.54
N PHE C 371 -24.20 -11.86 7.60
CA PHE C 371 -23.22 -10.82 7.91
C PHE C 371 -22.05 -10.92 6.94
N PHE C 372 -22.23 -10.38 5.72
CA PHE C 372 -21.21 -10.51 4.69
C PHE C 372 -19.97 -9.67 4.98
N ALA C 373 -20.09 -8.63 5.79
CA ALA C 373 -18.97 -7.79 6.16
C ALA C 373 -18.88 -7.69 7.68
N PHE C 374 -17.71 -8.05 8.23
CA PHE C 374 -17.51 -8.09 9.67
C PHE C 374 -16.04 -7.70 9.93
N LYS C 375 -15.85 -6.41 10.21
CA LYS C 375 -14.52 -5.86 10.46
C LYS C 375 -14.46 -5.27 11.87
N CYS C 376 -13.42 -5.63 12.61
CA CYS C 376 -13.23 -5.16 13.97
C CYS C 376 -11.88 -4.43 14.07
N TYR C 377 -11.86 -3.38 14.89
CA TYR C 377 -10.67 -2.56 15.09
C TYR C 377 -10.22 -2.69 16.53
N GLY C 378 -8.93 -2.96 16.73
CA GLY C 378 -8.39 -3.16 18.06
C GLY C 378 -8.78 -4.45 18.73
N VAL C 379 -9.65 -5.25 18.12
CA VAL C 379 -10.08 -6.52 18.69
C VAL C 379 -10.29 -7.50 17.54
N SER C 380 -9.98 -8.77 17.79
CA SER C 380 -10.21 -9.83 16.84
C SER C 380 -11.50 -10.56 17.17
N PRO C 381 -12.38 -10.83 16.21
CA PRO C 381 -13.65 -11.49 16.54
C PRO C 381 -13.48 -12.77 17.33
N THR C 382 -12.41 -13.53 17.07
CA THR C 382 -12.22 -14.79 17.78
C THR C 382 -11.95 -14.57 19.27
N LYS C 383 -11.43 -13.40 19.64
CA LYS C 383 -11.08 -13.10 21.02
C LYS C 383 -12.20 -12.41 21.79
N LEU C 384 -13.30 -12.07 21.14
CA LEU C 384 -14.37 -11.33 21.83
C LEU C 384 -14.91 -12.12 23.01
N ASN C 385 -15.07 -13.43 22.86
CA ASN C 385 -15.64 -14.26 23.92
C ASN C 385 -14.75 -14.33 25.16
N ASP C 386 -13.49 -13.93 25.07
CA ASP C 386 -12.56 -13.99 26.19
C ASP C 386 -12.33 -12.63 26.85
N LEU C 387 -12.88 -11.56 26.31
CA LEU C 387 -12.64 -10.22 26.82
C LEU C 387 -13.81 -9.74 27.67
N CYS C 388 -13.60 -8.62 28.35
CA CYS C 388 -14.65 -7.95 29.10
C CYS C 388 -14.42 -6.44 28.99
N PHE C 389 -15.51 -5.70 28.85
CA PHE C 389 -15.47 -4.27 28.58
C PHE C 389 -16.21 -3.51 29.67
N THR C 390 -16.00 -2.20 29.69
CA THR C 390 -16.68 -1.34 30.65
C THR C 390 -18.08 -0.96 30.18
N ASN C 391 -18.32 -0.94 28.88
CA ASN C 391 -19.62 -0.64 28.33
C ASN C 391 -19.62 -0.97 26.84
N VAL C 392 -20.82 -1.12 26.29
CA VAL C 392 -21.00 -1.43 24.87
C VAL C 392 -22.13 -0.56 24.33
N TYR C 393 -21.90 0.04 23.17
CA TYR C 393 -22.89 0.87 22.49
C TYR C 393 -23.10 0.32 21.09
N ALA C 394 -24.36 0.08 20.74
CA ALA C 394 -24.74 -0.46 19.44
C ALA C 394 -25.49 0.62 18.65
N ASP C 395 -24.91 1.03 17.52
CA ASP C 395 -25.51 2.03 16.65
C ASP C 395 -25.93 1.35 15.36
N SER C 396 -27.18 1.59 14.96
CA SER C 396 -27.78 0.90 13.82
C SER C 396 -28.29 1.92 12.80
N PHE C 397 -28.20 1.57 11.52
CA PHE C 397 -28.71 2.41 10.45
C PHE C 397 -28.57 1.66 9.14
N VAL C 398 -29.13 2.25 8.08
CA VAL C 398 -29.12 1.67 6.75
C VAL C 398 -28.48 2.66 5.79
N ILE C 399 -27.68 2.14 4.85
CA ILE C 399 -26.96 2.95 3.87
C ILE C 399 -26.85 2.16 2.57
N ARG C 400 -26.28 2.82 1.56
CA ARG C 400 -26.07 2.17 0.27
C ARG C 400 -25.06 1.02 0.42
N GLY C 401 -24.81 0.33 -0.68
CA GLY C 401 -23.91 -0.81 -0.67
C GLY C 401 -22.45 -0.43 -0.57
N ASN C 402 -21.91 0.22 -1.61
CA ASN C 402 -20.52 0.64 -1.57
C ASN C 402 -20.29 1.78 -0.60
N GLU C 403 -21.36 2.49 -0.20
CA GLU C 403 -21.23 3.54 0.78
C GLU C 403 -20.79 3.01 2.13
N VAL C 404 -20.89 1.70 2.37
CA VAL C 404 -20.45 1.11 3.62
C VAL C 404 -18.95 1.29 3.81
N SER C 405 -18.20 1.52 2.72
CA SER C 405 -16.77 1.77 2.84
C SER C 405 -16.47 3.02 3.65
N GLN C 406 -17.43 3.94 3.77
CA GLN C 406 -17.25 5.16 4.55
C GLN C 406 -17.40 4.91 6.06
N ILE C 407 -17.90 3.74 6.45
CA ILE C 407 -18.07 3.42 7.87
C ILE C 407 -16.77 2.83 8.39
N ALA C 408 -15.85 3.69 8.80
CA ALA C 408 -14.56 3.27 9.34
C ALA C 408 -13.87 4.48 9.95
N PRO C 409 -12.85 4.26 10.77
CA PRO C 409 -12.20 5.40 11.45
C PRO C 409 -11.49 6.31 10.45
N GLY C 410 -11.70 7.62 10.63
CA GLY C 410 -10.97 8.60 9.84
C GLY C 410 -11.26 8.58 8.36
N GLN C 411 -12.48 8.23 7.95
CA GLN C 411 -12.84 8.23 6.55
C GLN C 411 -13.45 9.56 6.14
N THR C 412 -13.54 9.79 4.84
CA THR C 412 -14.10 11.00 4.28
C THR C 412 -15.23 10.65 3.31
N GLY C 413 -16.26 11.49 3.31
CA GLY C 413 -17.41 11.27 2.46
C GLY C 413 -18.65 11.86 3.09
N ASN C 414 -19.74 11.81 2.32
CA ASN C 414 -21.00 12.37 2.81
C ASN C 414 -21.38 11.80 4.17
N ILE C 415 -21.48 10.47 4.27
CA ILE C 415 -21.85 9.85 5.54
C ILE C 415 -20.81 10.16 6.60
N ALA C 416 -19.57 9.73 6.37
CA ALA C 416 -18.51 9.86 7.37
C ALA C 416 -18.27 11.30 7.81
N ASP C 417 -18.83 12.29 7.11
CA ASP C 417 -18.58 13.68 7.44
C ASP C 417 -19.81 14.44 7.95
N TYR C 418 -21.02 14.00 7.61
CA TYR C 418 -22.21 14.75 7.99
C TYR C 418 -23.31 13.89 8.60
N ASN C 419 -23.16 12.57 8.62
CA ASN C 419 -24.21 11.69 9.15
C ASN C 419 -23.73 10.88 10.35
N TYR C 420 -22.56 10.23 10.21
CA TYR C 420 -22.06 9.35 11.26
C TYR C 420 -20.55 9.21 11.06
N LYS C 421 -19.78 9.73 12.01
CA LYS C 421 -18.33 9.72 11.96
C LYS C 421 -17.79 8.89 13.11
N LEU C 422 -16.92 7.93 12.81
CA LEU C 422 -16.30 7.12 13.84
C LEU C 422 -15.01 7.79 14.33
N PRO C 423 -14.68 7.67 15.62
CA PRO C 423 -13.46 8.31 16.11
C PRO C 423 -12.21 7.64 15.56
N ASP C 424 -11.10 8.39 15.60
CA ASP C 424 -9.84 7.87 15.08
C ASP C 424 -9.35 6.69 15.91
N ASP C 425 -9.58 6.69 17.21
CA ASP C 425 -9.18 5.61 18.10
C ASP C 425 -10.31 4.61 18.34
N PHE C 426 -11.19 4.43 17.36
CA PHE C 426 -12.33 3.55 17.52
C PHE C 426 -11.87 2.11 17.72
N THR C 427 -12.44 1.47 18.74
CA THR C 427 -12.25 0.04 18.98
C THR C 427 -13.62 -0.61 19.11
N GLY C 428 -13.87 -1.60 18.26
CA GLY C 428 -15.16 -2.25 18.19
C GLY C 428 -15.26 -3.05 16.92
N CYS C 429 -16.48 -3.10 16.37
CA CYS C 429 -16.73 -3.86 15.15
C CYS C 429 -17.81 -3.18 14.33
N VAL C 430 -17.73 -3.33 13.02
CA VAL C 430 -18.72 -2.83 12.08
C VAL C 430 -19.29 -4.03 11.33
N ILE C 431 -20.58 -4.27 11.48
CA ILE C 431 -21.27 -5.42 10.89
C ILE C 431 -22.30 -4.90 9.90
N ALA C 432 -22.29 -5.48 8.70
CA ALA C 432 -23.19 -5.06 7.63
C ALA C 432 -23.71 -6.28 6.89
N TRP C 433 -24.95 -6.19 6.40
CA TRP C 433 -25.55 -7.26 5.61
C TRP C 433 -26.57 -6.66 4.66
N ASN C 434 -26.76 -7.32 3.53
CA ASN C 434 -27.70 -6.84 2.52
C ASN C 434 -29.12 -6.86 3.07
N SER C 435 -29.93 -5.91 2.61
CA SER C 435 -31.32 -5.79 3.06
C SER C 435 -32.27 -5.54 1.89
N ASN C 436 -31.98 -6.14 0.74
CA ASN C 436 -32.87 -5.97 -0.42
C ASN C 436 -34.20 -6.67 -0.21
N LYS C 437 -34.20 -7.78 0.53
CA LYS C 437 -35.44 -8.50 0.80
C LYS C 437 -36.31 -7.81 1.84
N LEU C 438 -35.82 -6.74 2.48
CA LEU C 438 -36.54 -6.06 3.54
C LEU C 438 -36.87 -4.61 3.19
N ASP C 439 -35.89 -3.82 2.77
CA ASP C 439 -36.07 -2.37 2.69
C ASP C 439 -36.33 -1.87 1.28
N SER C 440 -36.06 -2.66 0.24
CA SER C 440 -36.17 -2.19 -1.12
C SER C 440 -37.62 -2.21 -1.60
N LYS C 441 -38.04 -1.12 -2.24
CA LYS C 441 -39.34 -1.02 -2.88
C LYS C 441 -39.16 -0.32 -4.22
N VAL C 442 -39.89 -0.79 -5.23
CA VAL C 442 -39.80 -0.19 -6.56
C VAL C 442 -40.30 1.25 -6.48
N GLY C 443 -39.41 2.20 -6.70
CA GLY C 443 -39.76 3.60 -6.60
C GLY C 443 -40.35 3.99 -5.26
N GLY C 444 -39.80 3.50 -4.18
CA GLY C 444 -40.31 3.79 -2.84
C GLY C 444 -39.21 3.71 -1.81
N ASN C 445 -39.60 3.43 -0.56
CA ASN C 445 -38.65 3.31 0.55
C ASN C 445 -38.00 4.66 0.85
N TYR C 446 -38.83 5.70 0.94
CA TYR C 446 -38.34 7.05 1.20
C TYR C 446 -37.93 7.27 2.65
N ASN C 447 -38.29 6.37 3.56
CA ASN C 447 -38.02 6.58 4.97
C ASN C 447 -36.54 6.60 5.31
N TYR C 448 -35.66 6.20 4.39
CA TYR C 448 -34.23 6.21 4.61
C TYR C 448 -33.63 7.44 3.93
N LEU C 449 -32.97 8.29 4.72
CA LEU C 449 -32.46 9.55 4.22
C LEU C 449 -31.06 9.80 4.79
N TYR C 450 -30.34 10.73 4.15
CA TYR C 450 -29.02 11.13 4.60
C TYR C 450 -28.81 12.60 4.26
N ARG C 451 -27.96 13.25 5.05
CA ARG C 451 -27.65 14.67 4.84
C ARG C 451 -26.54 14.81 3.81
N LEU C 452 -26.77 15.67 2.82
CA LEU C 452 -25.77 15.87 1.78
C LEU C 452 -24.74 16.92 2.18
N PHE C 453 -25.20 18.02 2.78
CA PHE C 453 -24.31 19.12 3.15
C PHE C 453 -24.63 19.55 4.57
N ARG C 454 -23.68 20.25 5.18
CA ARG C 454 -23.82 20.71 6.56
C ARG C 454 -23.01 21.97 6.75
N LYS C 455 -23.38 22.76 7.76
CA LYS C 455 -22.65 23.98 8.05
C LYS C 455 -21.20 23.70 8.40
N SER C 456 -20.93 22.56 9.03
CA SER C 456 -19.57 22.18 9.39
C SER C 456 -19.51 20.67 9.54
N ASN C 457 -18.29 20.14 9.51
CA ASN C 457 -18.10 18.71 9.63
C ASN C 457 -18.62 18.21 10.98
N LEU C 458 -19.30 17.07 10.95
CA LEU C 458 -19.86 16.50 12.17
C LEU C 458 -18.74 15.91 13.03
N LYS C 459 -18.84 16.13 14.34
CA LYS C 459 -17.84 15.62 15.25
C LYS C 459 -18.03 14.12 15.47
N PRO C 460 -17.01 13.43 15.97
CA PRO C 460 -17.13 11.98 16.20
C PRO C 460 -18.31 11.66 17.11
N PHE C 461 -19.10 10.66 16.70
CA PHE C 461 -20.25 10.19 17.46
C PHE C 461 -21.27 11.30 17.70
N GLU C 462 -21.29 12.31 16.83
CA GLU C 462 -22.30 13.35 16.93
C GLU C 462 -23.57 12.92 16.20
N ARG C 463 -24.66 13.66 16.47
CA ARG C 463 -25.95 13.34 15.87
C ARG C 463 -26.80 14.60 15.86
N ASP C 464 -27.19 15.05 14.67
CA ASP C 464 -28.00 16.25 14.51
C ASP C 464 -29.42 15.82 14.15
N ILE C 465 -30.32 15.89 15.13
CA ILE C 465 -31.71 15.49 14.91
C ILE C 465 -32.43 16.53 14.05
N SER C 466 -32.08 17.80 14.21
CA SER C 466 -32.76 18.86 13.48
C SER C 466 -32.50 18.75 11.98
N THR C 467 -33.47 19.21 11.19
CA THR C 467 -33.37 19.21 9.74
C THR C 467 -33.55 20.62 9.18
N GLU C 468 -33.02 21.62 9.88
CA GLU C 468 -33.17 22.99 9.45
C GLU C 468 -32.44 23.21 8.12
N ILE C 469 -33.02 24.07 7.28
CA ILE C 469 -32.46 24.30 5.95
C ILE C 469 -31.17 25.09 6.06
N TYR C 470 -30.13 24.60 5.38
CA TYR C 470 -28.83 25.27 5.40
C TYR C 470 -28.96 26.66 4.80
N GLN C 471 -28.25 27.63 5.40
CA GLN C 471 -28.28 29.00 4.91
C GLN C 471 -27.29 29.19 3.78
N ALA C 472 -27.70 29.97 2.78
CA ALA C 472 -26.84 30.26 1.63
C ALA C 472 -25.91 31.44 1.86
N GLY C 473 -26.36 32.43 2.61
CA GLY C 473 -25.54 33.61 2.91
C GLY C 473 -25.72 34.76 1.95
N ASN C 474 -25.63 34.48 0.65
CA ASN C 474 -25.76 35.54 -0.35
C ASN C 474 -27.18 36.07 -0.47
N LYS C 475 -28.16 35.38 0.11
CA LYS C 475 -29.55 35.80 0.08
C LYS C 475 -30.25 35.32 1.33
N PRO C 476 -31.24 36.07 1.83
CA PRO C 476 -31.98 35.60 3.02
C PRO C 476 -32.78 34.36 2.71
N CYS C 477 -32.84 33.45 3.68
CA CYS C 477 -33.52 32.15 3.50
C CYS C 477 -34.37 31.89 4.74
N ASN C 478 -35.65 32.20 4.64
CA ASN C 478 -36.63 31.82 5.65
C ASN C 478 -37.52 30.68 5.19
N GLY C 479 -37.84 30.64 3.90
CA GLY C 479 -38.53 29.51 3.30
C GLY C 479 -37.60 28.71 2.40
N VAL C 480 -38.20 27.94 1.50
CA VAL C 480 -37.42 27.17 0.54
C VAL C 480 -36.77 28.12 -0.46
N ALA C 481 -35.57 27.76 -0.90
CA ALA C 481 -34.80 28.60 -1.80
C ALA C 481 -33.96 27.69 -2.70
N GLY C 482 -32.99 28.27 -3.41
CA GLY C 482 -32.34 27.59 -4.51
C GLY C 482 -31.03 26.89 -4.18
N PHE C 483 -29.91 27.54 -4.54
CA PHE C 483 -28.63 26.84 -4.64
C PHE C 483 -28.27 26.14 -3.34
N ASN C 484 -28.07 26.90 -2.26
CA ASN C 484 -27.58 26.36 -1.00
C ASN C 484 -28.65 26.14 0.05
N CYS C 485 -29.87 26.67 -0.14
CA CYS C 485 -30.94 26.55 0.83
C CYS C 485 -31.88 25.40 0.53
N TYR C 486 -31.40 24.35 -0.13
CA TYR C 486 -32.22 23.18 -0.38
C TYR C 486 -32.35 22.32 0.88
N PHE C 487 -33.42 21.54 0.93
CA PHE C 487 -33.63 20.63 2.05
C PHE C 487 -32.39 19.76 2.25
N PRO C 488 -31.73 19.82 3.41
CA PRO C 488 -30.45 19.10 3.54
C PRO C 488 -30.59 17.59 3.37
N LEU C 489 -31.74 17.02 3.69
CA LEU C 489 -31.93 15.58 3.59
C LEU C 489 -32.44 15.20 2.21
N ARG C 490 -31.97 14.05 1.72
CA ARG C 490 -32.50 13.44 0.51
C ARG C 490 -32.49 11.93 0.68
N SER C 491 -33.51 11.28 0.14
CA SER C 491 -33.73 9.87 0.37
C SER C 491 -33.03 9.03 -0.70
N TYR C 492 -32.66 7.80 -0.30
CA TYR C 492 -32.04 6.88 -1.25
C TYR C 492 -33.04 6.39 -2.29
N GLY C 493 -34.28 6.14 -1.87
CA GLY C 493 -35.27 5.56 -2.77
C GLY C 493 -34.79 4.25 -3.35
N PHE C 494 -34.63 3.24 -2.49
CA PHE C 494 -34.03 1.98 -2.90
C PHE C 494 -34.94 1.23 -3.87
N ARG C 495 -34.57 1.23 -5.15
CA ARG C 495 -35.30 0.47 -6.15
C ARG C 495 -34.63 -0.89 -6.34
N PRO C 496 -35.41 -1.97 -6.44
CA PRO C 496 -34.79 -3.29 -6.69
C PRO C 496 -33.94 -3.33 -7.94
N THR C 497 -34.21 -2.45 -8.92
CA THR C 497 -33.42 -2.45 -10.15
C THR C 497 -31.99 -1.95 -9.91
N TYR C 498 -31.75 -1.24 -8.80
CA TYR C 498 -30.41 -0.75 -8.51
C TYR C 498 -29.46 -1.92 -8.31
N GLY C 499 -28.19 -1.68 -8.62
CA GLY C 499 -27.15 -2.67 -8.41
C GLY C 499 -26.60 -2.61 -6.99
N VAL C 500 -25.55 -3.40 -6.77
CA VAL C 500 -24.93 -3.46 -5.45
C VAL C 500 -24.40 -2.10 -5.03
N GLY C 501 -24.08 -1.22 -5.98
CA GLY C 501 -23.58 0.10 -5.65
C GLY C 501 -24.63 1.00 -5.02
N HIS C 502 -25.91 0.67 -5.17
CA HIS C 502 -26.98 1.48 -4.60
C HIS C 502 -28.02 0.64 -3.86
N GLN C 503 -27.76 -0.65 -3.66
CA GLN C 503 -28.71 -1.48 -2.93
C GLN C 503 -28.64 -1.16 -1.43
N PRO C 504 -29.75 -1.36 -0.72
CA PRO C 504 -29.74 -1.04 0.72
C PRO C 504 -28.99 -2.10 1.51
N TYR C 505 -28.10 -1.65 2.39
CA TYR C 505 -27.33 -2.52 3.26
C TYR C 505 -27.56 -2.10 4.70
N ARG C 506 -27.97 -3.04 5.53
CA ARG C 506 -28.25 -2.80 6.94
C ARG C 506 -26.97 -2.93 7.75
N VAL C 507 -26.66 -1.90 8.54
CA VAL C 507 -25.40 -1.81 9.25
C VAL C 507 -25.68 -1.59 10.73
N VAL C 508 -24.81 -2.15 11.57
CA VAL C 508 -24.83 -1.91 13.01
C VAL C 508 -23.39 -1.87 13.50
N VAL C 509 -23.04 -0.82 14.22
CA VAL C 509 -21.68 -0.61 14.71
C VAL C 509 -21.66 -0.86 16.21
N LEU C 510 -20.79 -1.78 16.65
CA LEU C 510 -20.64 -2.10 18.06
C LEU C 510 -19.42 -1.37 18.59
N SER C 511 -19.65 -0.36 19.41
CA SER C 511 -18.57 0.43 20.00
C SER C 511 -18.29 -0.07 21.41
N PHE C 512 -17.04 -0.48 21.66
CA PHE C 512 -16.63 -0.98 22.96
C PHE C 512 -15.68 0.02 23.62
N GLU C 513 -15.91 0.29 24.89
CA GLU C 513 -14.98 1.04 25.73
C GLU C 513 -14.12 0.04 26.47
N LEU C 514 -12.79 0.21 26.38
CA LEU C 514 -11.88 -0.85 26.80
C LEU C 514 -10.87 -0.36 27.83
N LEU C 515 -11.24 0.61 28.66
CA LEU C 515 -10.43 0.91 29.83
C LEU C 515 -10.66 -0.14 30.90
N HIS C 516 -9.99 0.05 32.04
CA HIS C 516 -10.22 -0.88 33.20
C HIS C 516 -10.97 -0.18 34.34
N ALA C 517 -12.28 0.09 34.19
CA ALA C 517 -13.11 0.68 35.25
C ALA C 517 -14.16 -0.38 35.58
N PRO C 518 -15.21 -0.20 36.43
CA PRO C 518 -16.12 -1.29 36.74
C PRO C 518 -16.59 -1.94 35.44
N ALA C 519 -16.38 -3.24 35.29
CA ALA C 519 -16.68 -3.90 34.01
C ALA C 519 -17.97 -4.71 34.15
N THR C 520 -18.79 -4.76 33.10
CA THR C 520 -20.05 -5.47 33.30
C THR C 520 -20.57 -6.22 32.08
N VAL C 521 -19.80 -6.37 31.02
CA VAL C 521 -20.29 -7.00 29.80
C VAL C 521 -19.37 -8.16 29.39
N CYS C 522 -18.78 -8.81 30.38
CA CYS C 522 -17.87 -9.92 30.11
C CYS C 522 -18.54 -10.99 29.25
N GLY C 523 -17.72 -11.85 28.65
CA GLY C 523 -18.20 -12.88 27.78
C GLY C 523 -18.65 -14.12 28.53
N PRO C 524 -18.83 -15.23 27.81
CA PRO C 524 -19.32 -16.46 28.43
C PRO C 524 -18.25 -17.25 29.19
N LYS C 525 -17.07 -16.68 29.41
CA LYS C 525 -16.03 -17.38 30.15
C LYS C 525 -16.52 -17.75 31.54
N LYS C 526 -16.04 -18.89 32.05
CA LYS C 526 -16.42 -19.40 33.34
C LYS C 526 -15.32 -19.11 34.36
N SER C 527 -15.71 -18.75 35.57
CA SER C 527 -14.74 -18.43 36.61
C SER C 527 -14.16 -19.72 37.20
N THR C 528 -13.07 -19.56 37.93
CA THR C 528 -12.38 -20.66 38.59
C THR C 528 -12.01 -20.27 40.01
N ASN C 529 -11.98 -21.27 40.90
CA ASN C 529 -11.60 -21.02 42.28
C ASN C 529 -10.25 -20.34 42.34
N LEU C 530 -10.11 -19.40 43.28
CA LEU C 530 -8.90 -18.58 43.36
C LEU C 530 -7.78 -19.36 44.03
N VAL C 531 -6.55 -19.09 43.58
CA VAL C 531 -5.34 -19.69 44.15
C VAL C 531 -4.49 -18.56 44.70
N LYS C 532 -3.98 -18.74 45.91
CA LYS C 532 -3.16 -17.74 46.58
C LYS C 532 -1.81 -18.34 46.96
N ASN C 533 -0.80 -17.48 47.06
CA ASN C 533 0.55 -17.82 47.50
C ASN C 533 1.26 -18.78 46.54
N LYS C 534 0.80 -18.89 45.30
CA LYS C 534 1.43 -19.75 44.31
C LYS C 534 1.52 -19.03 42.98
N CYS C 535 2.61 -19.27 42.26
CA CYS C 535 2.78 -18.70 40.93
C CYS C 535 1.68 -19.21 40.02
N VAL C 536 0.77 -18.32 39.62
CA VAL C 536 -0.44 -18.70 38.90
C VAL C 536 -0.69 -17.69 37.79
N ASN C 537 -1.21 -18.19 36.66
CA ASN C 537 -1.67 -17.31 35.59
C ASN C 537 -3.10 -16.87 35.91
N PHE C 538 -3.32 -15.56 35.90
CA PHE C 538 -4.60 -14.99 36.31
C PHE C 538 -5.23 -14.23 35.15
N ASN C 539 -6.57 -14.17 35.18
CA ASN C 539 -7.36 -13.38 34.22
C ASN C 539 -8.45 -12.69 35.04
N PHE C 540 -8.15 -11.49 35.53
CA PHE C 540 -9.04 -10.75 36.41
C PHE C 540 -9.90 -9.80 35.59
N ASN C 541 -11.14 -10.19 35.31
CA ASN C 541 -12.09 -9.34 34.61
C ASN C 541 -11.53 -8.83 33.29
N GLY C 542 -10.66 -9.62 32.66
CA GLY C 542 -10.05 -9.29 31.40
C GLY C 542 -8.55 -9.05 31.46
N LEU C 543 -8.04 -8.65 32.62
CA LEU C 543 -6.61 -8.40 32.79
C LEU C 543 -5.89 -9.74 32.95
N THR C 544 -5.06 -10.09 31.98
CA THR C 544 -4.34 -11.36 31.97
C THR C 544 -2.87 -11.12 32.30
N GLY C 545 -2.32 -11.97 33.16
CA GLY C 545 -0.92 -11.84 33.54
C GLY C 545 -0.49 -13.04 34.35
N THR C 546 0.73 -12.95 34.87
CA THR C 546 1.32 -14.01 35.67
C THR C 546 1.93 -13.42 36.94
N GLY C 547 1.90 -14.20 38.02
CA GLY C 547 2.46 -13.74 39.27
C GLY C 547 1.82 -14.48 40.44
N VAL C 548 2.32 -14.16 41.63
CA VAL C 548 1.82 -14.73 42.87
C VAL C 548 0.81 -13.75 43.48
N LEU C 549 -0.32 -14.27 43.93
CA LEU C 549 -1.37 -13.46 44.53
C LEU C 549 -1.28 -13.55 46.04
N THR C 550 -1.35 -12.40 46.71
CA THR C 550 -1.22 -12.32 48.15
C THR C 550 -2.29 -11.39 48.71
N GLU C 551 -2.73 -11.66 49.93
CA GLU C 551 -3.69 -10.80 50.59
C GLU C 551 -3.12 -9.39 50.74
N SER C 552 -3.89 -8.40 50.33
CA SER C 552 -3.41 -7.02 50.34
C SER C 552 -3.48 -6.43 51.74
N ASN C 553 -2.65 -5.41 51.97
CA ASN C 553 -2.63 -4.67 53.22
C ASN C 553 -2.77 -3.17 53.00
N LYS C 554 -3.07 -2.75 51.78
CA LYS C 554 -3.25 -1.33 51.44
C LYS C 554 -4.75 -1.03 51.34
N LYS C 555 -5.13 0.16 51.79
CA LYS C 555 -6.55 0.52 51.92
C LYS C 555 -7.06 1.06 50.59
N PHE C 556 -7.67 0.16 49.82
CA PHE C 556 -8.37 0.57 48.61
C PHE C 556 -9.65 1.31 48.98
N LEU C 557 -9.89 2.44 48.34
CA LEU C 557 -11.13 3.17 48.56
C LEU C 557 -12.29 2.45 47.88
N PRO C 558 -13.50 2.57 48.41
CA PRO C 558 -14.62 1.77 47.89
C PRO C 558 -14.90 1.98 46.41
N PHE C 559 -14.42 3.08 45.82
CA PHE C 559 -14.66 3.35 44.41
C PHE C 559 -13.52 2.90 43.51
N GLN C 560 -12.45 2.34 44.07
CA GLN C 560 -11.29 1.91 43.30
C GLN C 560 -11.36 0.41 43.05
N GLN C 561 -10.89 0.00 41.87
CA GLN C 561 -10.88 -1.40 41.48
C GLN C 561 -9.50 -1.94 41.11
N PHE C 562 -8.53 -1.07 40.81
CA PHE C 562 -7.21 -1.49 40.41
C PHE C 562 -6.17 -0.60 41.09
N GLY C 563 -4.95 -1.13 41.19
CA GLY C 563 -3.83 -0.38 41.73
C GLY C 563 -2.61 -0.51 40.86
N ARG C 564 -1.80 0.55 40.76
CA ARG C 564 -0.67 0.58 39.84
C ARG C 564 0.56 1.12 40.54
N ASP C 565 1.70 0.51 40.23
CA ASP C 565 3.01 1.03 40.62
C ASP C 565 3.54 1.91 39.49
N ILE C 566 4.82 2.28 39.58
CA ILE C 566 5.42 3.09 38.52
C ILE C 566 5.40 2.31 37.20
N ALA C 567 5.25 3.03 36.10
CA ALA C 567 5.27 2.46 34.76
C ALA C 567 4.05 1.59 34.50
N ASP C 568 2.89 2.03 35.00
CA ASP C 568 1.60 1.38 34.75
C ASP C 568 1.60 -0.10 35.16
N THR C 569 2.50 -0.49 36.06
CA THR C 569 2.53 -1.88 36.51
C THR C 569 1.42 -2.13 37.52
N THR C 570 0.51 -3.04 37.18
CA THR C 570 -0.62 -3.37 38.05
C THR C 570 -0.08 -3.99 39.33
N ASP C 571 -0.18 -3.26 40.44
CA ASP C 571 0.36 -3.73 41.71
C ASP C 571 -0.68 -4.50 42.52
N ALA C 572 -1.98 -4.22 42.30
CA ALA C 572 -3.03 -4.87 43.07
C ALA C 572 -4.30 -4.91 42.24
N VAL C 573 -5.22 -5.78 42.65
CA VAL C 573 -6.51 -5.95 41.99
C VAL C 573 -7.48 -6.51 43.00
N ARG C 574 -8.75 -6.11 42.88
CA ARG C 574 -9.82 -6.62 43.73
C ARG C 574 -10.62 -7.66 42.97
N ASP C 575 -10.96 -8.75 43.65
CA ASP C 575 -11.66 -9.84 42.99
C ASP C 575 -13.06 -9.40 42.59
N PRO C 576 -13.50 -9.67 41.35
CA PRO C 576 -14.87 -9.30 40.96
C PRO C 576 -15.95 -10.16 41.61
N GLN C 577 -15.57 -11.16 42.41
CA GLN C 577 -16.53 -12.05 43.07
C GLN C 577 -16.68 -11.75 44.56
N THR C 578 -15.58 -11.73 45.30
CA THR C 578 -15.60 -11.46 46.73
C THR C 578 -15.10 -10.07 47.09
N LEU C 579 -14.63 -9.29 46.11
CA LEU C 579 -14.22 -7.91 46.28
C LEU C 579 -13.03 -7.75 47.21
N GLU C 580 -12.31 -8.83 47.51
CA GLU C 580 -11.12 -8.72 48.33
C GLU C 580 -9.95 -8.21 47.50
N ILE C 581 -9.13 -7.35 48.11
CA ILE C 581 -7.97 -6.75 47.46
C ILE C 581 -6.84 -7.76 47.49
N LEU C 582 -6.15 -7.92 46.36
CA LEU C 582 -5.05 -8.86 46.22
C LEU C 582 -3.83 -8.14 45.66
N ASP C 583 -2.66 -8.46 46.19
CA ASP C 583 -1.41 -7.92 45.66
C ASP C 583 -0.82 -8.88 44.64
N ILE C 584 -0.23 -8.30 43.58
CA ILE C 584 0.40 -9.08 42.51
C ILE C 584 1.89 -8.82 42.56
N THR C 585 2.67 -9.91 42.66
CA THR C 585 4.12 -9.84 42.65
C THR C 585 4.66 -10.82 41.62
N PRO C 586 5.59 -10.42 40.78
CA PRO C 586 6.14 -11.34 39.78
C PRO C 586 6.87 -12.50 40.45
N CYS C 587 6.62 -13.70 39.96
CA CYS C 587 7.24 -14.89 40.52
C CYS C 587 8.76 -14.76 40.48
N SER C 588 9.42 -15.48 41.38
CA SER C 588 10.86 -15.32 41.55
C SER C 588 11.60 -15.52 40.24
N PHE C 589 12.55 -14.63 39.96
CA PHE C 589 13.37 -14.71 38.76
C PHE C 589 14.68 -13.97 39.01
N GLY C 590 15.65 -14.23 38.15
CA GLY C 590 16.95 -13.58 38.26
C GLY C 590 17.93 -14.19 37.29
N GLY C 591 19.12 -13.59 37.26
CA GLY C 591 20.17 -14.10 36.40
C GLY C 591 21.03 -15.13 37.11
N VAL C 592 21.61 -16.03 36.32
CA VAL C 592 22.46 -17.10 36.83
C VAL C 592 23.79 -17.05 36.11
N SER C 593 24.87 -17.22 36.86
CA SER C 593 26.23 -17.19 36.32
C SER C 593 26.92 -18.51 36.63
N VAL C 594 27.86 -18.88 35.76
CA VAL C 594 28.57 -20.16 35.87
C VAL C 594 30.01 -19.89 36.29
N ILE C 595 30.46 -20.59 37.31
CA ILE C 595 31.85 -20.54 37.77
C ILE C 595 32.55 -21.79 37.26
N THR C 596 33.63 -21.61 36.50
CA THR C 596 34.35 -22.71 35.90
C THR C 596 35.85 -22.49 36.07
N PRO C 597 36.61 -23.50 36.52
CA PRO C 597 38.06 -23.37 36.59
C PRO C 597 38.79 -23.67 35.28
N GLY C 598 38.06 -23.81 34.18
CA GLY C 598 38.66 -24.13 32.89
C GLY C 598 38.30 -25.53 32.42
N THR C 599 37.97 -25.66 31.14
CA THR C 599 37.63 -26.96 30.59
C THR C 599 38.79 -27.93 30.74
N ASN C 600 40.02 -27.44 30.58
CA ASN C 600 41.23 -28.25 30.63
C ASN C 600 41.71 -28.48 32.05
N THR C 601 41.16 -27.76 33.03
CA THR C 601 41.44 -28.06 34.43
C THR C 601 40.51 -29.16 34.95
N SER C 602 39.21 -29.00 34.73
CA SER C 602 38.22 -29.98 35.14
C SER C 602 36.86 -29.56 34.59
N ASN C 603 35.96 -30.54 34.49
CA ASN C 603 34.59 -30.27 34.04
C ASN C 603 33.68 -29.82 35.17
N GLN C 604 34.15 -29.83 36.42
CA GLN C 604 33.33 -29.38 37.53
C GLN C 604 32.89 -27.94 37.31
N VAL C 605 31.76 -27.59 37.91
CA VAL C 605 31.15 -26.29 37.70
C VAL C 605 30.36 -25.91 38.94
N ALA C 606 30.37 -24.61 39.27
CA ALA C 606 29.54 -24.05 40.32
C ALA C 606 28.64 -22.98 39.73
N VAL C 607 27.43 -22.88 40.27
CA VAL C 607 26.39 -22.01 39.73
C VAL C 607 26.06 -20.96 40.77
N LEU C 608 25.97 -19.70 40.33
CA LEU C 608 25.66 -18.57 41.19
C LEU C 608 24.34 -17.96 40.73
N TYR C 609 23.30 -18.11 41.54
CA TYR C 609 22.02 -17.44 41.31
C TYR C 609 22.10 -16.07 41.95
N GLN C 610 22.10 -15.02 41.13
CA GLN C 610 22.42 -13.68 41.62
C GLN C 610 21.27 -13.09 42.44
N GLY C 611 20.11 -12.90 41.82
CA GLY C 611 18.99 -12.25 42.48
C GLY C 611 18.07 -13.21 43.21
N VAL C 612 18.61 -13.96 44.17
CA VAL C 612 17.83 -14.92 44.94
C VAL C 612 18.52 -15.20 46.27
N ASN C 613 17.72 -15.65 47.24
CA ASN C 613 18.20 -16.21 48.49
C ASN C 613 17.94 -17.71 48.43
N CYS C 614 18.89 -18.49 48.96
CA CYS C 614 18.85 -19.94 48.83
C CYS C 614 17.56 -20.56 49.32
N THR C 615 16.76 -19.83 50.11
CA THR C 615 15.50 -20.36 50.59
C THR C 615 14.46 -20.49 49.47
N GLU C 616 14.67 -19.82 48.34
CA GLU C 616 13.73 -19.86 47.23
C GLU C 616 14.46 -20.03 45.90
N VAL C 617 15.55 -20.79 45.89
CA VAL C 617 16.30 -21.03 44.67
C VAL C 617 15.44 -21.78 43.66
N ASN C 638 27.11 -28.55 47.47
CA ASN C 638 26.85 -27.73 48.66
C ASN C 638 26.20 -26.42 48.27
N VAL C 639 25.64 -25.72 49.26
CA VAL C 639 24.95 -24.46 49.05
C VAL C 639 25.54 -23.42 49.99
N PHE C 640 25.71 -22.20 49.50
CA PHE C 640 26.27 -21.11 50.30
C PHE C 640 25.61 -19.81 49.88
N GLN C 641 25.40 -18.92 50.85
CA GLN C 641 24.75 -17.64 50.63
C GLN C 641 25.79 -16.52 50.66
N THR C 642 25.68 -15.60 49.71
CA THR C 642 26.56 -14.44 49.62
C THR C 642 25.74 -13.20 49.30
N ARG C 643 26.36 -12.04 49.50
CA ARG C 643 25.71 -10.79 49.13
C ARG C 643 25.49 -10.68 47.63
N ALA C 644 26.21 -11.46 46.84
CA ALA C 644 26.04 -11.45 45.39
C ALA C 644 24.97 -12.43 44.92
N GLY C 645 24.50 -13.32 45.79
CA GLY C 645 23.48 -14.28 45.44
C GLY C 645 23.75 -15.60 46.13
N CYS C 646 22.99 -16.62 45.71
CA CYS C 646 23.13 -17.96 46.25
C CYS C 646 24.10 -18.75 45.38
N LEU C 647 25.13 -19.31 46.00
CA LEU C 647 26.18 -20.05 45.31
C LEU C 647 26.01 -21.54 45.61
N ILE C 648 25.92 -22.34 44.55
CA ILE C 648 25.76 -23.79 44.65
C ILE C 648 26.90 -24.44 43.90
N GLY C 649 27.47 -25.50 44.48
CA GLY C 649 28.57 -26.21 43.88
C GLY C 649 29.95 -25.86 44.41
N ALA C 650 30.04 -24.97 45.39
CA ALA C 650 31.30 -24.58 45.99
C ALA C 650 31.16 -24.52 47.50
N GLU C 651 32.18 -24.96 48.21
CA GLU C 651 32.18 -25.00 49.67
C GLU C 651 32.96 -23.82 50.21
N TYR C 652 32.42 -23.19 51.25
CA TYR C 652 33.07 -22.04 51.87
C TYR C 652 34.17 -22.50 52.83
N VAL C 653 35.38 -21.98 52.63
CA VAL C 653 36.53 -22.30 53.48
C VAL C 653 36.93 -21.03 54.22
N ASN C 654 37.40 -21.20 55.46
CA ASN C 654 37.79 -20.06 56.28
C ASN C 654 39.14 -19.48 55.88
N ASN C 655 39.93 -20.19 55.08
CA ASN C 655 41.23 -19.68 54.66
C ASN C 655 41.05 -18.60 53.60
N SER C 656 41.91 -17.60 53.64
CA SER C 656 41.90 -16.50 52.69
C SER C 656 43.09 -16.63 51.75
N TYR C 657 42.83 -16.45 50.45
CA TYR C 657 43.85 -16.60 49.42
C TYR C 657 43.75 -15.46 48.42
N GLU C 658 44.77 -15.35 47.58
CA GLU C 658 44.74 -14.44 46.44
C GLU C 658 43.72 -14.96 45.44
N CYS C 659 42.66 -14.19 45.21
CA CYS C 659 41.51 -14.69 44.47
C CYS C 659 41.69 -14.43 42.97
N ASP C 660 41.15 -15.37 42.17
CA ASP C 660 41.27 -15.31 40.72
C ASP C 660 39.93 -15.26 40.00
N ILE C 661 38.87 -15.83 40.54
CA ILE C 661 37.53 -15.78 39.96
C ILE C 661 36.68 -14.89 40.86
N PRO C 662 36.43 -13.63 40.48
CA PRO C 662 35.64 -12.75 41.35
C PRO C 662 34.15 -13.07 41.28
N ILE C 663 33.56 -13.38 42.44
CA ILE C 663 32.12 -13.63 42.52
C ILE C 663 31.37 -12.37 42.92
N GLY C 664 31.86 -11.68 43.95
CA GLY C 664 31.24 -10.44 44.40
C GLY C 664 31.14 -10.31 45.90
N ALA C 665 31.07 -9.07 46.39
CA ALA C 665 30.92 -8.80 47.82
C ALA C 665 32.08 -9.42 48.60
N GLY C 666 33.29 -9.32 48.05
CA GLY C 666 34.47 -9.82 48.72
C GLY C 666 34.65 -11.32 48.68
N ILE C 667 33.74 -12.05 48.03
CA ILE C 667 33.81 -13.51 47.94
C ILE C 667 34.30 -13.89 46.56
N CYS C 668 35.11 -14.95 46.50
CA CYS C 668 35.65 -15.48 45.26
C CYS C 668 35.55 -16.99 45.27
N ALA C 669 36.07 -17.62 44.22
CA ALA C 669 36.11 -19.08 44.12
C ALA C 669 37.35 -19.48 43.34
N SER C 670 37.81 -20.71 43.60
CA SER C 670 38.99 -21.23 42.92
C SER C 670 39.01 -22.74 43.08
N TYR C 671 39.87 -23.39 42.29
CA TYR C 671 40.02 -24.84 42.34
C TYR C 671 40.88 -25.21 43.54
N GLN C 672 40.32 -26.02 44.44
CA GLN C 672 41.06 -26.42 45.64
C GLN C 672 42.32 -27.20 45.27
N THR C 673 42.15 -28.35 44.62
CA THR C 673 43.29 -29.18 44.22
C THR C 673 44.09 -29.62 45.44
N GLN C 687 40.46 -30.87 43.35
CA GLN C 687 39.37 -31.82 43.17
C GLN C 687 38.03 -31.21 43.59
N SER C 688 38.03 -29.93 43.94
CA SER C 688 36.82 -29.25 44.36
C SER C 688 36.99 -27.75 44.14
N ILE C 689 35.85 -27.06 44.08
CA ILE C 689 35.82 -25.61 43.97
C ILE C 689 35.54 -25.03 45.35
N ILE C 690 36.43 -24.18 45.83
CA ILE C 690 36.35 -23.60 47.17
C ILE C 690 36.05 -22.11 47.05
N ALA C 691 35.12 -21.65 47.86
CA ALA C 691 34.79 -20.23 47.96
C ALA C 691 35.42 -19.67 49.23
N TYR C 692 35.93 -18.44 49.15
CA TYR C 692 36.68 -17.86 50.25
C TYR C 692 36.65 -16.35 50.15
N THR C 693 36.95 -15.69 51.27
CA THR C 693 37.09 -14.25 51.29
C THR C 693 38.48 -13.85 50.83
N MET C 694 38.56 -12.72 50.12
CA MET C 694 39.84 -12.28 49.56
C MET C 694 40.81 -11.92 50.68
N SER C 695 42.10 -12.13 50.40
CA SER C 695 43.16 -11.69 51.29
C SER C 695 43.87 -10.49 50.67
N LEU C 696 43.94 -9.39 51.41
CA LEU C 696 44.54 -8.16 50.93
C LEU C 696 46.04 -8.10 51.15
N GLY C 697 46.68 -9.25 51.30
CA GLY C 697 48.12 -9.32 51.52
C GLY C 697 48.45 -9.62 52.97
N ALA C 698 49.74 -9.81 53.21
CA ALA C 698 50.23 -10.09 54.54
C ALA C 698 50.27 -8.82 55.38
N GLU C 699 50.16 -9.00 56.69
CA GLU C 699 50.18 -7.89 57.64
C GLU C 699 51.61 -7.70 58.14
N ASN C 700 52.13 -6.48 57.98
CA ASN C 700 53.50 -6.14 58.37
C ASN C 700 53.43 -4.99 59.38
N SER C 701 53.67 -5.31 60.64
CA SER C 701 53.67 -4.31 61.72
C SER C 701 55.08 -3.77 61.86
N VAL C 702 55.43 -2.79 61.01
CA VAL C 702 56.76 -2.19 61.07
C VAL C 702 56.97 -1.60 62.45
N ALA C 703 58.16 -1.85 63.00
CA ALA C 703 58.48 -1.39 64.35
C ALA C 703 58.75 0.11 64.37
N TYR C 704 57.73 0.89 64.70
CA TYR C 704 57.89 2.34 64.79
C TYR C 704 58.53 2.72 66.11
N SER C 705 59.27 3.83 66.10
CA SER C 705 59.91 4.33 67.31
C SER C 705 60.33 5.77 67.07
N ASN C 706 60.37 6.54 68.15
CA ASN C 706 60.75 7.94 68.09
C ASN C 706 62.25 8.15 67.90
N ASN C 707 63.05 7.08 67.94
CA ASN C 707 64.49 7.20 67.82
C ASN C 707 65.11 6.10 66.97
N SER C 708 64.30 5.34 66.22
CA SER C 708 64.78 4.24 65.40
C SER C 708 64.64 4.59 63.93
N ILE C 709 65.64 4.18 63.14
CA ILE C 709 65.65 4.41 61.70
C ILE C 709 66.13 3.13 61.01
N ALA C 710 65.47 2.80 59.89
CA ALA C 710 65.89 1.69 59.05
C ALA C 710 66.50 2.26 57.77
N ILE C 711 67.76 1.93 57.51
CA ILE C 711 68.48 2.47 56.37
C ILE C 711 69.01 1.31 55.52
N PRO C 712 68.98 1.41 54.19
CA PRO C 712 69.47 0.30 53.36
C PRO C 712 70.99 0.26 53.31
N THR C 713 71.54 -0.94 53.35
CA THR C 713 72.98 -1.16 53.19
C THR C 713 73.34 -1.70 51.81
N ASN C 714 72.34 -2.01 50.98
CA ASN C 714 72.57 -2.51 49.63
C ASN C 714 71.42 -2.04 48.76
N PHE C 715 71.52 -2.32 47.46
CA PHE C 715 70.52 -1.90 46.50
C PHE C 715 70.34 -2.98 45.43
N THR C 716 69.33 -2.78 44.59
CA THR C 716 69.08 -3.66 43.46
C THR C 716 68.27 -2.89 42.42
N ILE C 717 68.75 -2.88 41.19
CA ILE C 717 68.07 -2.20 40.09
C ILE C 717 67.40 -3.26 39.23
N SER C 718 66.11 -3.07 38.97
CA SER C 718 65.30 -4.02 38.22
C SER C 718 64.73 -3.36 36.98
N VAL C 719 64.15 -4.17 36.11
CA VAL C 719 63.54 -3.73 34.86
C VAL C 719 62.10 -4.23 34.83
N THR C 720 61.17 -3.30 34.60
CA THR C 720 59.75 -3.61 34.53
C THR C 720 59.21 -3.26 33.15
N THR C 721 58.39 -4.15 32.60
CA THR C 721 57.82 -3.98 31.27
C THR C 721 56.40 -3.46 31.39
N GLU C 722 56.14 -2.31 30.75
CA GLU C 722 54.81 -1.71 30.71
C GLU C 722 54.34 -1.61 29.28
N ILE C 723 53.11 -2.06 29.02
CA ILE C 723 52.54 -2.10 27.68
C ILE C 723 51.42 -1.07 27.61
N LEU C 724 51.33 -0.38 26.47
CA LEU C 724 50.31 0.64 26.25
C LEU C 724 49.92 0.64 24.78
N PRO C 725 48.62 0.54 24.46
CA PRO C 725 48.22 0.65 23.06
C PRO C 725 48.29 2.08 22.56
N VAL C 726 48.64 2.26 21.29
CA VAL C 726 48.86 3.58 20.72
C VAL C 726 47.84 3.87 19.62
N SER C 727 47.38 2.82 18.94
CA SER C 727 46.47 3.02 17.82
C SER C 727 45.71 1.73 17.55
N MET C 728 44.72 1.83 16.66
CA MET C 728 43.91 0.71 16.25
C MET C 728 43.78 0.69 14.73
N THR C 729 43.14 -0.36 14.22
CA THR C 729 43.02 -0.52 12.78
C THR C 729 42.13 0.55 12.18
N LYS C 730 42.60 1.17 11.10
CA LYS C 730 41.80 2.17 10.38
C LYS C 730 40.80 1.46 9.49
N THR C 731 39.53 1.86 9.59
CA THR C 731 38.45 1.22 8.87
C THR C 731 37.74 2.22 7.96
N SER C 732 37.39 1.76 6.76
CA SER C 732 36.57 2.53 5.82
C SER C 732 35.36 1.70 5.43
N VAL C 733 34.23 2.37 5.24
CA VAL C 733 32.95 1.70 4.99
C VAL C 733 32.32 2.30 3.75
N ASP C 734 31.74 1.44 2.91
CA ASP C 734 30.96 1.87 1.74
C ASP C 734 29.49 1.83 2.15
N CYS C 735 28.89 3.02 2.25
CA CYS C 735 27.54 3.13 2.79
C CYS C 735 26.54 2.34 1.96
N THR C 736 26.38 2.71 0.68
CA THR C 736 25.38 2.05 -0.16
C THR C 736 25.65 0.56 -0.27
N MET C 737 26.92 0.17 -0.36
CA MET C 737 27.26 -1.25 -0.45
C MET C 737 26.79 -2.00 0.80
N TYR C 738 27.19 -1.54 1.98
CA TYR C 738 26.75 -2.21 3.20
C TYR C 738 25.23 -2.22 3.30
N ILE C 739 24.57 -1.16 2.81
CA ILE C 739 23.12 -1.04 3.00
C ILE C 739 22.40 -2.07 2.12
N CYS C 740 22.57 -1.99 0.80
CA CYS C 740 21.82 -2.89 -0.09
C CYS C 740 22.66 -3.33 -1.28
N GLY C 741 23.90 -3.75 -1.03
CA GLY C 741 24.68 -4.49 -2.03
C GLY C 741 24.49 -4.05 -3.46
N ASP C 742 24.68 -2.76 -3.74
CA ASP C 742 24.68 -2.25 -5.11
C ASP C 742 23.37 -2.58 -5.83
N SER C 743 22.28 -1.99 -5.36
CA SER C 743 20.98 -2.13 -5.99
C SER C 743 20.48 -0.77 -6.46
N THR C 744 20.14 -0.69 -7.75
CA THR C 744 19.71 0.59 -8.31
C THR C 744 18.38 1.04 -7.71
N GLU C 745 17.42 0.12 -7.63
CA GLU C 745 16.11 0.47 -7.07
C GLU C 745 16.24 0.86 -5.60
N CYS C 746 17.20 0.26 -4.88
CA CYS C 746 17.38 0.62 -3.48
C CYS C 746 18.10 1.95 -3.34
N SER C 747 19.03 2.25 -4.24
CA SER C 747 19.71 3.55 -4.19
C SER C 747 18.75 4.69 -4.51
N ASN C 748 17.86 4.48 -5.47
CA ASN C 748 16.88 5.50 -5.81
C ASN C 748 16.03 5.88 -4.59
N LEU C 749 15.79 4.92 -3.69
CA LEU C 749 15.04 5.16 -2.46
C LEU C 749 15.91 5.61 -1.30
N LEU C 750 17.19 5.22 -1.30
CA LEU C 750 18.10 5.60 -0.23
C LEU C 750 18.52 7.06 -0.36
N LEU C 751 18.55 7.59 -1.58
CA LEU C 751 18.86 9.00 -1.75
C LEU C 751 17.91 9.91 -0.99
N GLN C 752 16.77 9.39 -0.54
CA GLN C 752 15.78 10.18 0.18
C GLN C 752 16.06 10.28 1.67
N TYR C 753 17.08 9.59 2.19
CA TYR C 753 17.28 9.52 3.63
C TYR C 753 18.15 10.66 4.17
N GLY C 754 18.94 11.31 3.33
CA GLY C 754 19.72 12.47 3.78
C GLY C 754 21.22 12.29 3.70
N SER C 755 21.92 12.87 4.67
CA SER C 755 23.39 12.89 4.69
C SER C 755 23.94 12.01 5.82
N PHE C 756 23.21 10.96 6.18
CA PHE C 756 23.71 10.02 7.17
C PHE C 756 25.01 9.38 6.70
N CYS C 757 25.08 9.00 5.41
CA CYS C 757 26.31 8.42 4.89
C CYS C 757 27.46 9.42 4.91
N THR C 758 27.18 10.69 4.59
CA THR C 758 28.21 11.72 4.67
C THR C 758 28.75 11.83 6.09
N GLN C 759 27.85 11.91 7.07
CA GLN C 759 28.29 12.03 8.45
C GLN C 759 29.11 10.81 8.88
N LEU C 760 28.65 9.61 8.50
CA LEU C 760 29.36 8.39 8.89
C LEU C 760 30.75 8.34 8.27
N LYS C 761 30.85 8.68 6.98
CA LYS C 761 32.15 8.67 6.32
C LYS C 761 33.08 9.70 6.94
N ARG C 762 32.57 10.89 7.25
CA ARG C 762 33.39 11.90 7.91
C ARG C 762 33.89 11.39 9.26
N ALA C 763 33.02 10.75 10.04
CA ALA C 763 33.43 10.25 11.35
C ALA C 763 34.51 9.19 11.21
N LEU C 764 34.35 8.28 10.25
CA LEU C 764 35.32 7.20 10.09
C LEU C 764 36.67 7.74 9.60
N THR C 765 36.65 8.68 8.65
CA THR C 765 37.89 9.30 8.20
C THR C 765 38.57 10.06 9.34
N GLY C 766 37.78 10.73 10.18
CA GLY C 766 38.34 11.38 11.35
C GLY C 766 38.98 10.39 12.29
N ILE C 767 38.34 9.24 12.51
CA ILE C 767 38.93 8.21 13.37
C ILE C 767 40.26 7.73 12.80
N ALA C 768 40.30 7.51 11.49
CA ALA C 768 41.54 7.04 10.86
C ALA C 768 42.66 8.07 11.01
N VAL C 769 42.37 9.32 10.68
CA VAL C 769 43.37 10.38 10.81
C VAL C 769 43.78 10.54 12.26
N GLU C 770 42.86 10.30 13.19
CA GLU C 770 43.18 10.39 14.61
C GLU C 770 44.14 9.29 15.03
N GLN C 771 43.92 8.06 14.57
CA GLN C 771 44.87 7.00 14.86
C GLN C 771 46.24 7.30 14.29
N ASP C 772 46.29 7.79 13.05
CA ASP C 772 47.57 8.16 12.46
C ASP C 772 48.25 9.26 13.26
N LYS C 773 47.51 10.29 13.68
CA LYS C 773 48.08 11.37 14.46
C LYS C 773 48.57 10.87 15.81
N ASN C 774 47.85 9.93 16.41
CA ASN C 774 48.31 9.35 17.68
C ASN C 774 49.63 8.63 17.50
N THR C 775 49.71 7.78 16.47
CA THR C 775 50.98 7.08 16.20
C THR C 775 52.11 8.09 16.00
N GLN C 776 51.86 9.15 15.22
CA GLN C 776 52.89 10.14 14.99
C GLN C 776 53.31 10.82 16.29
N GLU C 777 52.35 11.33 17.06
CA GLU C 777 52.67 12.01 18.30
C GLU C 777 53.43 11.11 19.26
N VAL C 778 53.13 9.81 19.26
CA VAL C 778 53.79 8.91 20.20
C VAL C 778 55.21 8.62 19.76
N PHE C 779 55.40 8.19 18.50
CA PHE C 779 56.70 7.67 18.09
C PHE C 779 57.62 8.73 17.50
N ALA C 780 57.10 9.66 16.72
CA ALA C 780 57.92 10.69 16.08
C ALA C 780 58.25 11.85 17.01
N GLN C 781 58.84 11.57 18.17
CA GLN C 781 59.22 12.65 19.08
C GLN C 781 60.61 13.18 18.77
N VAL C 782 61.53 12.30 18.39
CA VAL C 782 62.87 12.70 18.02
C VAL C 782 62.87 13.21 16.59
N LYS C 783 63.68 14.25 16.33
CA LYS C 783 63.73 14.87 15.01
C LYS C 783 64.80 14.26 14.12
N GLN C 784 65.95 13.91 14.70
CA GLN C 784 67.06 13.34 13.95
C GLN C 784 67.29 11.90 14.37
N ILE C 785 67.52 11.04 13.37
CA ILE C 785 67.72 9.61 13.60
C ILE C 785 69.17 9.41 14.04
N TYR C 786 69.37 9.25 15.34
CA TYR C 786 70.71 9.00 15.86
C TYR C 786 71.13 7.56 15.61
N LYS C 787 72.34 7.38 15.10
CA LYS C 787 72.86 6.07 14.74
C LYS C 787 73.63 5.46 15.92
N THR C 788 73.60 4.14 16.00
CA THR C 788 74.30 3.45 17.06
C THR C 788 75.79 3.38 16.74
N PRO C 789 76.68 3.65 17.70
CA PRO C 789 78.11 3.58 17.41
C PRO C 789 78.52 2.16 17.08
N PRO C 790 79.64 1.98 16.37
CA PRO C 790 80.05 0.60 16.03
C PRO C 790 80.61 -0.16 17.21
N ILE C 791 81.44 0.48 18.04
CA ILE C 791 82.00 -0.16 19.23
C ILE C 791 80.89 -0.19 20.28
N LYS C 792 80.25 -1.35 20.43
CA LYS C 792 79.12 -1.51 21.36
C LYS C 792 79.61 -1.90 22.75
N TYR C 793 80.51 -1.10 23.31
CA TYR C 793 81.00 -1.27 24.67
C TYR C 793 80.58 -0.06 25.48
N PHE C 794 79.78 -0.30 26.52
CA PHE C 794 79.22 0.78 27.34
C PHE C 794 79.57 0.58 28.82
N GLY C 795 80.79 0.14 29.10
CA GLY C 795 81.22 -0.06 30.47
C GLY C 795 80.63 -1.30 31.12
N GLY C 796 80.68 -2.43 30.44
CA GLY C 796 80.14 -3.67 30.96
C GLY C 796 78.67 -3.90 30.64
N PHE C 797 77.92 -2.86 30.33
CA PHE C 797 76.51 -3.01 30.01
C PHE C 797 76.36 -3.68 28.65
N ASN C 798 75.39 -4.60 28.57
CA ASN C 798 75.12 -5.38 27.35
C ASN C 798 73.72 -5.02 26.87
N PHE C 799 73.64 -4.08 25.92
CA PHE C 799 72.38 -3.65 25.33
C PHE C 799 71.98 -4.50 24.13
N SER C 800 72.60 -5.68 23.95
CA SER C 800 72.28 -6.50 22.79
C SER C 800 70.81 -6.90 22.77
N GLN C 801 70.19 -7.04 23.95
CA GLN C 801 68.80 -7.46 24.00
C GLN C 801 67.84 -6.35 23.58
N ILE C 802 68.28 -5.10 23.57
CA ILE C 802 67.43 -3.99 23.17
C ILE C 802 67.91 -3.30 21.90
N LEU C 803 69.19 -3.42 21.54
CA LEU C 803 69.67 -2.79 20.32
C LEU C 803 69.19 -3.57 19.11
N PRO C 804 69.07 -2.91 17.96
CA PRO C 804 68.58 -3.61 16.76
C PRO C 804 69.56 -4.68 16.31
N ASP C 805 69.01 -5.77 15.78
CA ASP C 805 69.82 -6.89 15.31
C ASP C 805 70.15 -6.69 13.83
N PRO C 806 71.41 -6.42 13.46
CA PRO C 806 71.72 -6.25 12.04
C PRO C 806 71.58 -7.53 11.23
N SER C 807 71.57 -8.70 11.87
CA SER C 807 71.47 -9.95 11.14
C SER C 807 70.11 -10.08 10.45
N LYS C 808 69.03 -10.05 11.23
CA LYS C 808 67.70 -10.19 10.65
C LYS C 808 67.38 -8.99 9.78
N PRO C 809 66.59 -9.17 8.71
CA PRO C 809 66.29 -8.03 7.83
C PRO C 809 65.39 -7.00 8.48
N SER C 810 64.50 -7.41 9.38
CA SER C 810 63.59 -6.46 10.04
C SER C 810 64.32 -5.52 10.98
N LYS C 811 65.56 -5.83 11.37
CA LYS C 811 66.37 -4.95 12.20
C LYS C 811 65.73 -4.72 13.57
N ARG C 812 65.05 -5.73 14.10
CA ARG C 812 64.43 -5.66 15.42
C ARG C 812 65.28 -6.39 16.44
N SER C 813 65.30 -5.85 17.66
CA SER C 813 65.98 -6.51 18.76
C SER C 813 65.31 -7.85 19.06
N PRO C 814 65.96 -8.72 19.84
CA PRO C 814 65.29 -9.97 20.22
C PRO C 814 64.02 -9.73 21.02
N ILE C 815 64.02 -8.75 21.93
CA ILE C 815 62.82 -8.44 22.69
C ILE C 815 61.71 -7.96 21.76
N GLU C 816 62.06 -7.13 20.78
CA GLU C 816 61.07 -6.64 19.83
C GLU C 816 60.53 -7.79 18.99
N ASP C 817 61.39 -8.72 18.59
CA ASP C 817 60.93 -9.88 17.84
C ASP C 817 59.97 -10.72 18.66
N LEU C 818 60.30 -10.97 19.92
CA LEU C 818 59.40 -11.72 20.79
C LEU C 818 58.06 -11.01 20.95
N LEU C 819 58.10 -9.68 21.11
CA LEU C 819 56.86 -8.92 21.26
C LEU C 819 56.01 -9.02 20.00
N PHE C 820 56.64 -8.89 18.82
CA PHE C 820 55.88 -8.97 17.58
C PHE C 820 55.36 -10.37 17.31
N ASN C 821 56.05 -11.40 17.81
CA ASN C 821 55.61 -12.77 17.57
C ASN C 821 54.55 -13.21 18.57
N LYS C 822 54.53 -12.62 19.78
CA LYS C 822 53.58 -13.06 20.79
C LYS C 822 52.14 -12.67 20.45
N VAL C 823 51.96 -11.58 19.72
CA VAL C 823 50.63 -11.07 19.37
C VAL C 823 50.48 -11.12 17.85
N THR C 824 49.33 -11.59 17.40
CA THR C 824 49.03 -11.69 15.97
C THR C 824 47.59 -11.23 15.73
N LEU C 825 47.25 -11.09 14.47
CA LEU C 825 45.91 -10.66 14.09
C LEU C 825 44.87 -11.74 14.41
N PHE C 852 34.39 -8.79 0.75
CA PHE C 852 33.72 -8.11 1.85
C PHE C 852 32.38 -7.55 1.39
N ASN C 853 31.72 -6.81 2.29
CA ASN C 853 30.44 -6.20 1.98
C ASN C 853 30.51 -4.69 2.15
N GLY C 854 31.58 -4.09 1.65
CA GLY C 854 31.77 -2.65 1.75
C GLY C 854 32.64 -2.20 2.89
N LEU C 855 33.28 -3.12 3.62
CA LEU C 855 34.15 -2.79 4.72
C LEU C 855 35.60 -3.11 4.35
N THR C 856 36.48 -2.12 4.50
CA THR C 856 37.88 -2.28 4.16
C THR C 856 38.74 -1.69 5.29
N VAL C 857 39.88 -2.33 5.54
CA VAL C 857 40.82 -1.88 6.56
C VAL C 857 42.00 -1.23 5.85
N LEU C 858 42.27 0.04 6.17
CA LEU C 858 43.36 0.75 5.53
C LEU C 858 44.67 0.52 6.30
N PRO C 859 45.81 0.60 5.62
CA PRO C 859 47.08 0.36 6.30
C PRO C 859 47.55 1.61 7.03
N PRO C 860 48.45 1.47 8.00
CA PRO C 860 48.99 2.65 8.68
C PRO C 860 50.00 3.38 7.80
N LEU C 861 50.21 4.65 8.12
CA LEU C 861 51.19 5.45 7.37
C LEU C 861 52.60 5.02 7.72
N LEU C 862 52.91 4.89 9.00
CA LEU C 862 54.21 4.42 9.45
C LEU C 862 54.24 2.90 9.46
N THR C 863 55.08 2.31 8.63
CA THR C 863 55.18 0.85 8.57
C THR C 863 55.94 0.33 9.79
N ASP C 864 55.91 -0.98 9.97
CA ASP C 864 56.61 -1.60 11.07
C ASP C 864 58.11 -1.29 11.02
N GLU C 865 58.68 -1.28 9.82
CA GLU C 865 60.10 -0.98 9.68
C GLU C 865 60.41 0.43 10.15
N MET C 866 59.59 1.40 9.77
CA MET C 866 59.86 2.79 10.17
C MET C 866 59.60 2.99 11.66
N ILE C 867 58.61 2.29 12.22
CA ILE C 867 58.39 2.38 13.67
C ILE C 867 59.57 1.79 14.42
N ALA C 868 60.11 0.67 13.93
CA ALA C 868 61.30 0.09 14.56
C ALA C 868 62.49 1.01 14.42
N GLN C 869 62.59 1.72 13.29
CA GLN C 869 63.67 2.68 13.11
C GLN C 869 63.55 3.83 14.11
N TYR C 870 62.33 4.32 14.32
CA TYR C 870 62.12 5.36 15.34
C TYR C 870 62.50 4.85 16.72
N THR C 871 62.10 3.62 17.04
CA THR C 871 62.46 3.05 18.34
C THR C 871 63.97 2.93 18.50
N SER C 872 64.65 2.47 17.46
CA SER C 872 66.11 2.37 17.52
C SER C 872 66.76 3.74 17.65
N ALA C 873 66.19 4.75 16.99
CA ALA C 873 66.71 6.10 17.13
C ALA C 873 66.58 6.59 18.57
N LEU C 874 65.42 6.37 19.18
CA LEU C 874 65.24 6.77 20.58
C LEU C 874 66.20 6.01 21.49
N LEU C 875 66.38 4.72 21.24
CA LEU C 875 67.29 3.92 22.04
C LEU C 875 68.72 4.45 21.93
N ALA C 876 69.18 4.72 20.71
CA ALA C 876 70.52 5.25 20.52
C ALA C 876 70.67 6.61 21.20
N GLY C 877 69.65 7.46 21.10
CA GLY C 877 69.70 8.75 21.76
C GLY C 877 69.86 8.61 23.26
N THR C 878 69.02 7.78 23.89
CA THR C 878 69.09 7.64 25.34
C THR C 878 70.39 6.95 25.77
N ILE C 879 70.95 6.12 24.89
CA ILE C 879 72.15 5.37 25.26
C ILE C 879 73.40 6.25 25.11
N THR C 880 73.39 7.17 24.16
CA THR C 880 74.60 7.92 23.84
C THR C 880 74.60 9.35 24.37
N SER C 881 73.43 9.91 24.70
CA SER C 881 73.36 11.34 25.04
C SER C 881 72.57 11.64 26.30
N GLY C 882 72.00 10.64 26.97
CA GLY C 882 71.27 10.93 28.20
C GLY C 882 70.07 11.83 27.95
N TRP C 883 69.90 12.83 28.81
CA TRP C 883 68.77 13.75 28.68
C TRP C 883 68.97 14.72 27.52
N THR C 884 70.22 14.94 27.11
CA THR C 884 70.53 16.07 26.23
C THR C 884 69.82 15.96 24.88
N PHE C 885 69.68 14.74 24.35
CA PHE C 885 69.07 14.59 23.02
C PHE C 885 67.59 14.95 23.02
N GLY C 886 66.97 15.07 24.19
CA GLY C 886 65.57 15.44 24.26
C GLY C 886 65.35 16.91 24.52
N ALA C 887 66.40 17.61 24.98
CA ALA C 887 66.32 19.01 25.31
C ALA C 887 66.98 19.92 24.27
N GLY C 888 67.70 19.36 23.30
CA GLY C 888 68.37 20.15 22.30
C GLY C 888 69.50 19.39 21.62
N PRO C 889 70.67 20.01 21.50
CA PRO C 889 71.79 19.32 20.82
C PRO C 889 72.25 18.12 21.62
N ALA C 890 72.39 16.99 20.94
CA ALA C 890 72.82 15.76 21.59
C ALA C 890 74.27 15.88 22.03
N LEU C 891 74.50 15.78 23.34
CA LEU C 891 75.85 15.84 23.91
C LEU C 891 76.25 14.45 24.36
N GLN C 892 77.33 13.93 23.77
CA GLN C 892 77.80 12.60 24.14
C GLN C 892 78.39 12.61 25.55
N ILE C 893 78.10 11.56 26.31
CA ILE C 893 78.59 11.43 27.67
C ILE C 893 78.80 9.95 27.96
N PRO C 894 79.89 9.56 28.63
CA PRO C 894 80.07 8.15 28.96
C PRO C 894 78.87 7.62 29.73
N PHE C 895 78.46 6.39 29.41
CA PHE C 895 77.29 5.81 30.05
C PHE C 895 77.46 5.65 31.56
N PRO C 896 78.62 5.28 32.10
CA PRO C 896 78.76 5.29 33.56
C PRO C 896 78.54 6.67 34.16
N MET C 897 79.02 7.73 33.50
CA MET C 897 78.78 9.07 34.01
C MET C 897 77.31 9.46 33.89
N GLN C 898 76.61 8.96 32.86
CA GLN C 898 75.17 9.21 32.74
C GLN C 898 74.40 8.51 33.86
N MET C 899 74.75 7.25 34.14
CA MET C 899 74.13 6.56 35.25
C MET C 899 74.48 7.22 36.58
N ALA C 900 75.66 7.83 36.68
CA ALA C 900 76.00 8.60 37.87
C ALA C 900 75.12 9.84 37.99
N TYR C 901 74.92 10.55 36.88
CA TYR C 901 73.96 11.65 36.86
C TYR C 901 72.62 11.20 37.41
N ARG C 902 72.10 10.08 36.91
CA ARG C 902 70.79 9.62 37.34
C ARG C 902 70.79 9.17 38.80
N PHE C 903 71.86 8.53 39.25
CA PHE C 903 71.98 8.17 40.66
C PHE C 903 71.89 9.41 41.54
N ASN C 904 72.68 10.44 41.22
CA ASN C 904 72.54 11.72 41.91
C ASN C 904 71.11 12.22 41.85
N GLY C 905 70.45 12.03 40.71
CA GLY C 905 69.06 12.42 40.56
C GLY C 905 68.13 11.72 41.52
N ILE C 906 68.44 10.48 41.90
CA ILE C 906 67.62 9.74 42.86
C ILE C 906 68.21 9.83 44.27
N GLY C 907 69.07 10.82 44.52
CA GLY C 907 69.56 11.07 45.86
C GLY C 907 70.67 10.16 46.33
N VAL C 908 71.33 9.44 45.43
CA VAL C 908 72.45 8.56 45.78
C VAL C 908 73.70 9.14 45.14
N THR C 909 74.76 9.29 45.93
CA THR C 909 75.99 9.89 45.42
C THR C 909 76.63 8.99 44.37
N GLN C 910 77.26 9.62 43.37
CA GLN C 910 77.81 8.88 42.25
C GLN C 910 78.97 7.97 42.66
N ASN C 911 79.63 8.25 43.79
CA ASN C 911 80.67 7.35 44.25
C ASN C 911 80.10 5.96 44.54
N VAL C 912 78.83 5.88 44.93
CA VAL C 912 78.20 4.58 45.12
C VAL C 912 78.18 3.79 43.82
N LEU C 913 78.06 4.49 42.68
CA LEU C 913 78.10 3.82 41.39
C LEU C 913 79.54 3.51 40.98
N TYR C 914 80.46 4.44 41.26
CA TYR C 914 81.85 4.22 40.85
C TYR C 914 82.50 3.11 41.65
N GLU C 915 81.97 2.81 42.84
CA GLU C 915 82.56 1.74 43.66
C GLU C 915 81.88 0.40 43.43
N ASN C 916 80.75 0.36 42.73
CA ASN C 916 80.00 -0.88 42.50
C ASN C 916 79.55 -0.99 41.06
N GLN C 917 80.28 -0.36 40.13
CA GLN C 917 79.96 -0.46 38.72
C GLN C 917 79.86 -1.90 38.25
N LYS C 918 80.79 -2.75 38.65
CA LYS C 918 80.75 -4.14 38.19
C LYS C 918 79.48 -4.84 38.62
N LEU C 919 79.14 -4.74 39.91
CA LEU C 919 77.92 -5.39 40.41
C LEU C 919 76.68 -4.79 39.76
N ILE C 920 76.65 -3.47 39.56
CA ILE C 920 75.49 -2.83 38.97
C ILE C 920 75.30 -3.29 37.54
N ALA C 921 76.40 -3.36 36.77
CA ALA C 921 76.31 -3.81 35.39
C ALA C 921 75.87 -5.27 35.32
N ASN C 922 76.40 -6.11 36.20
CA ASN C 922 75.98 -7.51 36.22
C ASN C 922 74.51 -7.64 36.54
N GLN C 923 74.01 -6.87 37.52
CA GLN C 923 72.59 -6.92 37.86
C GLN C 923 71.73 -6.42 36.71
N PHE C 924 72.16 -5.35 36.05
CA PHE C 924 71.40 -4.84 34.91
C PHE C 924 71.34 -5.86 33.78
N ASN C 925 72.48 -6.51 33.50
CA ASN C 925 72.49 -7.53 32.46
C ASN C 925 71.59 -8.70 32.82
N SER C 926 71.63 -9.15 34.08
CA SER C 926 70.77 -10.24 34.50
C SER C 926 69.30 -9.86 34.38
N ALA C 927 68.95 -8.63 34.77
CA ALA C 927 67.56 -8.20 34.67
C ALA C 927 67.11 -8.11 33.21
N ILE C 928 67.96 -7.57 32.34
CA ILE C 928 67.59 -7.46 30.93
C ILE C 928 67.45 -8.84 30.31
N GLY C 929 68.29 -9.80 30.74
CA GLY C 929 68.15 -11.14 30.23
C GLY C 929 66.90 -11.84 30.73
N LYS C 930 66.53 -11.60 31.98
CA LYS C 930 65.32 -12.21 32.54
C LYS C 930 64.06 -11.55 32.02
N ILE C 931 64.16 -10.32 31.50
CA ILE C 931 62.99 -9.65 30.93
C ILE C 931 62.41 -10.48 29.79
N GLN C 932 63.29 -10.98 28.90
CA GLN C 932 62.81 -11.78 27.78
C GLN C 932 62.18 -13.09 28.27
N ASP C 933 62.80 -13.74 29.24
CA ASP C 933 62.23 -14.97 29.78
C ASP C 933 60.86 -14.73 30.37
N SER C 934 60.70 -13.63 31.12
CA SER C 934 59.40 -13.31 31.70
C SER C 934 58.37 -13.00 30.63
N LEU C 935 58.74 -12.22 29.62
CA LEU C 935 57.80 -11.91 28.54
C LEU C 935 57.38 -13.16 27.79
N SER C 936 58.29 -14.13 27.64
CA SER C 936 57.96 -15.35 26.91
C SER C 936 57.13 -16.30 27.76
N SER C 937 57.39 -16.36 29.07
CA SER C 937 56.66 -17.26 29.93
C SER C 937 55.28 -16.74 30.30
N THR C 938 55.10 -15.42 30.31
CA THR C 938 53.81 -14.85 30.66
C THR C 938 52.79 -15.21 29.58
N PRO C 939 51.61 -15.72 29.94
CA PRO C 939 50.65 -16.13 28.91
C PRO C 939 49.89 -14.95 28.30
N SER C 940 49.69 -13.89 29.07
CA SER C 940 48.89 -12.74 28.66
C SER C 940 49.63 -11.45 28.95
N ALA C 941 50.91 -11.38 28.57
CA ALA C 941 51.69 -10.17 28.78
C ALA C 941 51.27 -9.06 27.83
N LEU C 942 50.88 -9.41 26.60
CA LEU C 942 50.43 -8.45 25.60
C LEU C 942 48.90 -8.39 25.54
N GLY C 943 48.27 -8.55 26.71
CA GLY C 943 46.82 -8.58 26.79
C GLY C 943 46.15 -7.36 26.22
N LYS C 944 46.74 -6.17 26.41
CA LYS C 944 46.09 -4.94 25.93
C LYS C 944 46.04 -4.90 24.41
N LEU C 945 47.17 -5.17 23.76
CA LEU C 945 47.18 -5.19 22.29
C LEU C 945 46.29 -6.30 21.76
N GLN C 946 46.35 -7.49 22.37
CA GLN C 946 45.49 -8.58 21.93
C GLN C 946 44.03 -8.21 22.08
N ASP C 947 43.67 -7.50 23.15
CA ASP C 947 42.29 -7.10 23.38
C ASP C 947 41.84 -6.06 22.37
N VAL C 948 42.71 -5.12 22.02
CA VAL C 948 42.37 -4.14 20.99
C VAL C 948 42.11 -4.85 19.66
N VAL C 949 43.01 -5.77 19.29
CA VAL C 949 42.85 -6.49 18.03
C VAL C 949 41.55 -7.29 18.05
N ASN C 950 41.28 -7.98 19.15
CA ASN C 950 40.07 -8.79 19.25
C ASN C 950 38.82 -7.91 19.22
N HIS C 951 38.88 -6.73 19.83
CA HIS C 951 37.73 -5.83 19.80
C HIS C 951 37.43 -5.39 18.38
N ASN C 952 38.46 -4.98 17.63
CA ASN C 952 38.24 -4.58 16.25
C ASN C 952 37.71 -5.74 15.42
N ALA C 953 38.30 -6.93 15.57
CA ALA C 953 37.85 -8.08 14.81
C ALA C 953 36.40 -8.43 15.13
N GLN C 954 36.03 -8.40 16.41
CA GLN C 954 34.66 -8.70 16.80
C GLN C 954 33.69 -7.65 16.29
N ALA C 955 34.07 -6.38 16.31
CA ALA C 955 33.21 -5.34 15.77
C ALA C 955 32.94 -5.57 14.30
N LEU C 956 33.99 -5.82 13.52
CA LEU C 956 33.78 -6.09 12.10
C LEU C 956 32.96 -7.35 11.88
N ASN C 957 33.21 -8.40 12.69
CA ASN C 957 32.47 -9.65 12.54
C ASN C 957 30.98 -9.44 12.78
N THR C 958 30.62 -8.75 13.87
CA THR C 958 29.21 -8.51 14.15
C THR C 958 28.58 -7.59 13.14
N LEU C 959 29.33 -6.60 12.64
CA LEU C 959 28.78 -5.72 11.61
C LEU C 959 28.48 -6.49 10.33
N VAL C 960 29.35 -7.44 9.97
CA VAL C 960 29.10 -8.25 8.79
C VAL C 960 27.96 -9.23 9.04
N LYS C 961 27.86 -9.76 10.26
CA LYS C 961 26.82 -10.75 10.56
C LYS C 961 25.45 -10.10 10.59
N GLN C 962 25.35 -8.84 11.00
CA GLN C 962 24.05 -8.18 11.08
C GLN C 962 23.40 -7.98 9.71
N LEU C 963 24.08 -8.34 8.62
CA LEU C 963 23.45 -8.27 7.30
C LEU C 963 22.45 -9.41 7.11
N SER C 964 22.62 -10.51 7.85
CA SER C 964 21.73 -11.66 7.69
C SER C 964 20.37 -11.42 8.33
N SER C 965 20.30 -10.49 9.29
CA SER C 965 19.05 -10.25 9.98
C SER C 965 17.98 -9.73 9.02
N LYS C 966 16.73 -10.10 9.28
CA LYS C 966 15.62 -9.65 8.44
C LYS C 966 15.06 -8.31 8.88
N PHE C 967 15.24 -7.94 10.15
CA PHE C 967 14.75 -6.66 10.67
C PHE C 967 13.24 -6.54 10.53
N GLY C 968 12.53 -7.65 10.43
CA GLY C 968 11.09 -7.65 10.28
C GLY C 968 10.60 -7.86 8.87
N ALA C 969 11.48 -7.73 7.86
CA ALA C 969 11.08 -7.96 6.49
C ALA C 969 10.90 -9.44 6.22
N ILE C 970 10.15 -9.75 5.16
CA ILE C 970 9.88 -11.15 4.82
C ILE C 970 11.15 -11.87 4.38
N SER C 971 12.21 -11.13 4.05
CA SER C 971 13.49 -11.73 3.70
C SER C 971 14.56 -10.66 3.77
N SER C 972 15.80 -11.11 3.96
CA SER C 972 16.91 -10.19 4.19
C SER C 972 17.64 -9.80 2.90
N VAL C 973 17.65 -10.68 1.91
CA VAL C 973 18.36 -10.41 0.66
C VAL C 973 17.48 -9.57 -0.26
N LEU C 974 18.08 -8.58 -0.91
CA LEU C 974 17.31 -7.66 -1.75
C LEU C 974 16.67 -8.36 -2.94
N ASN C 975 17.31 -9.41 -3.45
CA ASN C 975 16.82 -10.07 -4.66
C ASN C 975 15.44 -10.65 -4.44
N ASP C 976 15.24 -11.38 -3.34
CA ASP C 976 13.93 -11.96 -3.06
C ASP C 976 12.88 -10.88 -2.88
N ILE C 977 13.21 -9.84 -2.11
CA ILE C 977 12.26 -8.75 -1.87
C ILE C 977 11.81 -8.14 -3.19
N LEU C 978 12.74 -7.89 -4.10
CA LEU C 978 12.40 -7.27 -5.38
C LEU C 978 11.83 -8.28 -6.39
N SER C 979 11.94 -9.58 -6.11
CA SER C 979 11.42 -10.59 -7.03
C SER C 979 9.97 -10.97 -6.70
N ARG C 980 9.71 -11.39 -5.46
CA ARG C 980 8.41 -11.93 -5.10
C ARG C 980 7.48 -10.89 -4.48
N LEU C 981 7.60 -9.63 -4.88
CA LEU C 981 6.70 -8.59 -4.43
C LEU C 981 6.74 -7.43 -5.40
N ASP C 982 5.60 -6.74 -5.53
CA ASP C 982 5.52 -5.59 -6.43
C ASP C 982 6.30 -4.42 -5.84
N PRO C 983 6.70 -3.46 -6.66
CA PRO C 983 7.51 -2.33 -6.17
C PRO C 983 6.81 -1.54 -5.08
N PRO C 984 5.49 -1.31 -5.19
CA PRO C 984 4.82 -0.52 -4.16
C PRO C 984 4.95 -1.12 -2.76
N GLU C 985 4.81 -2.44 -2.62
CA GLU C 985 4.97 -3.06 -1.31
C GLU C 985 6.44 -3.27 -0.97
N ALA C 986 7.27 -3.50 -1.99
CA ALA C 986 8.70 -3.61 -1.77
C ALA C 986 9.25 -2.32 -1.18
N GLU C 987 8.61 -1.19 -1.46
CA GLU C 987 9.05 0.07 -0.87
C GLU C 987 8.98 0.01 0.65
N VAL C 988 7.82 -0.37 1.20
CA VAL C 988 7.66 -0.44 2.65
C VAL C 988 8.35 -1.66 3.25
N GLN C 989 8.62 -2.70 2.46
CA GLN C 989 9.43 -3.81 2.94
C GLN C 989 10.92 -3.51 2.92
N ILE C 990 11.34 -2.51 2.13
CA ILE C 990 12.74 -2.11 2.07
C ILE C 990 13.01 -0.99 3.06
N ASP C 991 11.98 -0.23 3.43
CA ASP C 991 12.13 0.75 4.49
C ASP C 991 12.73 0.10 5.73
N ARG C 992 12.23 -1.07 6.11
CA ARG C 992 12.73 -1.75 7.30
C ARG C 992 14.19 -2.13 7.15
N LEU C 993 14.57 -2.72 6.01
CA LEU C 993 15.97 -3.09 5.82
C LEU C 993 16.88 -1.87 5.84
N ILE C 994 16.49 -0.80 5.13
CA ILE C 994 17.30 0.41 5.11
C ILE C 994 17.50 0.94 6.53
N THR C 995 16.39 1.14 7.26
CA THR C 995 16.52 1.74 8.59
C THR C 995 17.31 0.82 9.53
N GLY C 996 17.10 -0.49 9.45
CA GLY C 996 17.79 -1.39 10.34
C GLY C 996 19.29 -1.44 10.08
N ARG C 997 19.68 -1.54 8.81
CA ARG C 997 21.10 -1.59 8.49
C ARG C 997 21.77 -0.24 8.75
N LEU C 998 21.05 0.87 8.54
CA LEU C 998 21.61 2.17 8.87
C LEU C 998 21.79 2.30 10.38
N GLN C 999 20.84 1.80 11.16
CA GLN C 999 20.99 1.82 12.62
C GLN C 999 22.16 0.95 13.06
N SER C 1000 22.35 -0.20 12.41
CA SER C 1000 23.48 -1.06 12.74
C SER C 1000 24.81 -0.36 12.45
N LEU C 1001 24.91 0.28 11.28
CA LEU C 1001 26.14 0.98 10.94
C LEU C 1001 26.37 2.17 11.88
N GLN C 1002 25.30 2.84 12.28
CA GLN C 1002 25.43 3.95 13.23
C GLN C 1002 25.91 3.45 14.59
N THR C 1003 25.38 2.32 15.06
CA THR C 1003 25.85 1.73 16.31
C THR C 1003 27.32 1.37 16.20
N TYR C 1004 27.72 0.77 15.09
CA TYR C 1004 29.12 0.42 14.89
C TYR C 1004 30.00 1.66 14.94
N VAL C 1005 29.58 2.73 14.26
CA VAL C 1005 30.39 3.94 14.22
C VAL C 1005 30.46 4.59 15.60
N THR C 1006 29.38 4.54 16.38
CA THR C 1006 29.41 5.10 17.73
C THR C 1006 30.35 4.30 18.63
N GLN C 1007 30.27 2.98 18.57
CA GLN C 1007 31.19 2.15 19.34
C GLN C 1007 32.63 2.42 18.94
N GLN C 1008 32.88 2.59 17.64
CA GLN C 1008 34.24 2.87 17.18
C GLN C 1008 34.70 4.25 17.61
N LEU C 1009 33.79 5.22 17.69
CA LEU C 1009 34.16 6.54 18.20
C LEU C 1009 34.55 6.46 19.68
N ILE C 1010 33.79 5.71 20.47
CA ILE C 1010 34.14 5.54 21.88
C ILE C 1010 35.50 4.87 22.02
N ARG C 1011 35.71 3.79 21.25
CA ARG C 1011 37.00 3.10 21.30
C ARG C 1011 38.13 4.00 20.84
N ALA C 1012 37.87 4.87 19.86
CA ALA C 1012 38.90 5.78 19.37
C ALA C 1012 39.24 6.83 20.41
N ALA C 1013 38.24 7.30 21.16
CA ALA C 1013 38.53 8.20 22.28
C ALA C 1013 39.39 7.51 23.33
N GLU C 1014 39.05 6.27 23.67
CA GLU C 1014 39.87 5.51 24.61
C GLU C 1014 41.30 5.37 24.11
N ILE C 1015 41.45 5.02 22.83
CA ILE C 1015 42.78 4.84 22.26
C ILE C 1015 43.54 6.16 22.21
N ARG C 1016 42.84 7.28 22.00
CA ARG C 1016 43.49 8.58 22.03
C ARG C 1016 44.02 8.89 23.42
N ALA C 1017 43.22 8.61 24.45
CA ALA C 1017 43.71 8.79 25.81
C ALA C 1017 44.93 7.93 26.07
N SER C 1018 44.88 6.66 25.65
CA SER C 1018 46.03 5.77 25.85
C SER C 1018 47.26 6.29 25.11
N ALA C 1019 47.08 6.82 23.90
CA ALA C 1019 48.21 7.31 23.13
C ALA C 1019 48.80 8.57 23.74
N ASN C 1020 47.94 9.45 24.27
CA ASN C 1020 48.45 10.62 24.98
C ASN C 1020 49.27 10.20 26.19
N LEU C 1021 48.78 9.22 26.95
CA LEU C 1021 49.55 8.72 28.09
C LEU C 1021 50.87 8.12 27.63
N ALA C 1022 50.86 7.38 26.51
CA ALA C 1022 52.07 6.76 26.00
C ALA C 1022 53.09 7.82 25.59
N ALA C 1023 52.63 8.90 24.94
CA ALA C 1023 53.54 9.96 24.53
C ALA C 1023 54.12 10.68 25.75
N THR C 1024 53.27 10.96 26.75
CA THR C 1024 53.76 11.58 27.97
C THR C 1024 54.83 10.71 28.63
N LYS C 1025 54.58 9.40 28.70
CA LYS C 1025 55.54 8.50 29.33
C LYS C 1025 56.83 8.43 28.53
N MET C 1026 56.74 8.34 27.21
CA MET C 1026 57.92 8.43 26.37
C MET C 1026 58.74 9.66 26.74
N SER C 1027 58.12 10.85 26.65
CA SER C 1027 58.82 12.09 26.91
C SER C 1027 59.49 12.07 28.28
N GLU C 1028 58.75 11.65 29.31
CA GLU C 1028 59.23 11.84 30.67
C GLU C 1028 60.23 10.78 31.11
N CYS C 1029 60.04 9.52 30.72
CA CYS C 1029 60.91 8.44 31.16
C CYS C 1029 62.07 8.17 30.20
N VAL C 1030 61.83 8.22 28.90
CA VAL C 1030 62.88 7.91 27.92
C VAL C 1030 63.76 9.13 27.68
N LEU C 1031 63.16 10.27 27.34
CA LEU C 1031 63.91 11.49 27.04
C LEU C 1031 64.36 12.23 28.29
N GLY C 1032 64.20 11.64 29.47
CA GLY C 1032 64.62 12.28 30.69
C GLY C 1032 64.47 11.37 31.88
N GLN C 1033 64.44 11.98 33.06
CA GLN C 1033 64.28 11.25 34.32
C GLN C 1033 63.19 11.92 35.14
N SER C 1034 62.24 11.13 35.62
CA SER C 1034 61.06 11.62 36.32
C SER C 1034 61.18 11.35 37.81
N LYS C 1035 60.81 12.34 38.61
CA LYS C 1035 60.72 12.19 40.05
C LYS C 1035 59.32 11.76 40.50
N ARG C 1036 58.37 11.62 39.58
CA ARG C 1036 57.03 11.22 39.92
C ARG C 1036 57.03 9.80 40.47
N VAL C 1037 56.37 9.59 41.60
CA VAL C 1037 56.40 8.30 42.27
C VAL C 1037 55.55 7.30 41.50
N ASP C 1038 56.16 6.18 41.13
CA ASP C 1038 55.45 5.08 40.49
C ASP C 1038 54.79 5.52 39.18
N PHE C 1039 55.49 6.38 38.43
CA PHE C 1039 55.04 6.75 37.09
C PHE C 1039 55.82 5.97 36.03
N CYS C 1040 57.15 6.08 36.05
CA CYS C 1040 58.01 5.29 35.18
C CYS C 1040 58.50 4.03 35.91
N GLY C 1041 57.54 3.22 36.32
CA GLY C 1041 57.83 1.99 37.04
C GLY C 1041 57.84 2.19 38.55
N LYS C 1042 57.75 1.06 39.25
CA LYS C 1042 57.73 1.07 40.70
C LYS C 1042 59.16 1.16 41.24
N GLY C 1043 59.44 2.20 42.00
CA GLY C 1043 60.75 2.45 42.56
C GLY C 1043 61.36 3.73 42.05
N TYR C 1044 62.54 4.03 42.57
CA TYR C 1044 63.26 5.23 42.15
C TYR C 1044 63.71 5.08 40.70
N HIS C 1045 63.16 5.91 39.82
CA HIS C 1045 63.37 5.75 38.39
C HIS C 1045 64.78 6.19 38.00
N LEU C 1046 65.47 5.35 37.25
CA LEU C 1046 66.77 5.70 36.67
C LEU C 1046 66.63 6.07 35.20
N MET C 1047 66.08 5.16 34.40
CA MET C 1047 65.91 5.40 32.97
C MET C 1047 64.87 4.42 32.45
N SER C 1048 64.56 4.57 31.16
CA SER C 1048 63.57 3.71 30.50
C SER C 1048 63.95 3.56 29.04
N PHE C 1049 63.66 2.38 28.49
CA PHE C 1049 63.97 2.05 27.11
C PHE C 1049 62.69 1.68 26.36
N PRO C 1050 62.42 2.27 25.20
CA PRO C 1050 61.22 1.90 24.45
C PRO C 1050 61.47 0.73 23.52
N GLN C 1051 60.40 -0.06 23.31
CA GLN C 1051 60.43 -1.19 22.40
C GLN C 1051 59.16 -1.17 21.55
N SER C 1052 59.33 -1.36 20.25
CA SER C 1052 58.20 -1.28 19.33
C SER C 1052 57.28 -2.48 19.50
N ALA C 1053 56.00 -2.25 19.23
CA ALA C 1053 54.98 -3.29 19.23
C ALA C 1053 54.05 -3.06 18.06
N PRO C 1054 53.34 -4.11 17.62
CA PRO C 1054 52.45 -3.92 16.46
C PRO C 1054 51.44 -2.80 16.64
N HIS C 1055 50.92 -2.61 17.85
CA HIS C 1055 49.90 -1.59 18.10
C HIS C 1055 50.14 -0.84 19.41
N GLY C 1056 51.37 -0.79 19.88
CA GLY C 1056 51.63 -0.08 21.11
C GLY C 1056 53.12 0.06 21.37
N VAL C 1057 53.44 0.43 22.62
CA VAL C 1057 54.81 0.60 23.06
C VAL C 1057 55.03 -0.29 24.29
N VAL C 1058 56.29 -0.70 24.48
CA VAL C 1058 56.69 -1.50 25.63
C VAL C 1058 57.86 -0.78 26.29
N PHE C 1059 57.60 -0.16 27.44
CA PHE C 1059 58.61 0.60 28.15
C PHE C 1059 59.31 -0.30 29.17
N LEU C 1060 60.65 -0.33 29.09
CA LEU C 1060 61.46 -1.11 30.03
C LEU C 1060 61.99 -0.15 31.10
N HIS C 1061 61.12 0.16 32.07
CA HIS C 1061 61.49 1.06 33.14
C HIS C 1061 62.55 0.43 34.03
N VAL C 1062 63.64 1.15 34.26
CA VAL C 1062 64.70 0.72 35.16
C VAL C 1062 64.50 1.43 36.49
N THR C 1063 64.28 0.65 37.55
CA THR C 1063 63.94 1.18 38.86
C THR C 1063 65.01 0.79 39.87
N TYR C 1064 65.26 1.69 40.82
CA TYR C 1064 66.22 1.46 41.90
C TYR C 1064 65.45 1.20 43.20
N VAL C 1065 65.72 0.06 43.82
CA VAL C 1065 65.01 -0.37 45.01
C VAL C 1065 66.03 -0.68 46.11
N PRO C 1066 65.91 -0.09 47.30
CA PRO C 1066 66.83 -0.45 48.39
C PRO C 1066 66.58 -1.88 48.86
N ALA C 1067 67.56 -2.40 49.59
CA ALA C 1067 67.48 -3.76 50.13
C ALA C 1067 68.54 -3.93 51.20
N GLN C 1068 68.44 -5.03 51.93
CA GLN C 1068 69.37 -5.36 53.01
C GLN C 1068 69.43 -4.21 54.03
N GLU C 1069 68.26 -3.82 54.52
CA GLU C 1069 68.19 -2.72 55.47
C GLU C 1069 68.60 -3.19 56.87
N LYS C 1070 68.85 -2.21 57.74
CA LYS C 1070 69.31 -2.48 59.09
C LYS C 1070 68.78 -1.40 60.02
N ASN C 1071 68.53 -1.78 61.27
CA ASN C 1071 68.02 -0.84 62.26
C ASN C 1071 69.14 0.05 62.79
N PHE C 1072 68.79 1.28 63.13
CA PHE C 1072 69.76 2.25 63.62
C PHE C 1072 69.07 3.19 64.60
N THR C 1073 69.87 3.80 65.47
CA THR C 1073 69.41 4.85 66.38
C THR C 1073 69.85 6.20 65.85
N THR C 1074 68.95 7.17 65.89
CA THR C 1074 69.20 8.49 65.31
C THR C 1074 68.68 9.57 66.23
N ALA C 1075 69.11 10.79 65.96
CA ALA C 1075 68.67 11.99 66.67
C ALA C 1075 68.54 13.12 65.67
N PRO C 1076 67.65 14.08 65.91
CA PRO C 1076 67.45 15.16 64.94
C PRO C 1076 68.59 16.15 64.87
N ALA C 1077 69.43 16.25 65.90
CA ALA C 1077 70.51 17.22 65.91
C ALA C 1077 71.56 16.79 66.92
N ILE C 1078 72.77 17.34 66.76
CA ILE C 1078 73.88 17.11 67.67
C ILE C 1078 74.19 18.42 68.39
N CYS C 1079 74.45 18.34 69.69
CA CYS C 1079 74.78 19.50 70.51
C CYS C 1079 76.25 19.46 70.88
N HIS C 1080 77.00 20.46 70.42
CA HIS C 1080 78.41 20.59 70.72
C HIS C 1080 78.74 22.06 70.98
N ASP C 1081 79.50 22.30 72.04
CA ASP C 1081 79.86 23.67 72.44
C ASP C 1081 78.62 24.53 72.68
N GLY C 1082 77.51 23.89 73.05
CA GLY C 1082 76.29 24.60 73.38
C GLY C 1082 75.41 24.98 72.22
N LYS C 1083 75.82 24.68 70.98
CA LYS C 1083 75.04 24.99 69.81
C LYS C 1083 74.63 23.71 69.10
N ALA C 1084 73.47 23.76 68.45
CA ALA C 1084 72.89 22.58 67.80
C ALA C 1084 73.42 22.47 66.37
N HIS C 1085 73.73 21.25 65.96
CA HIS C 1085 74.21 20.97 64.61
C HIS C 1085 73.18 20.12 63.88
N PHE C 1086 72.97 20.43 62.60
CA PHE C 1086 72.06 19.69 61.75
C PHE C 1086 72.78 19.21 60.50
N PRO C 1087 72.33 18.10 59.88
CA PRO C 1087 73.05 17.56 58.74
C PRO C 1087 72.67 18.27 57.45
N ARG C 1088 73.69 18.56 56.64
CA ARG C 1088 73.44 19.13 55.31
C ARG C 1088 72.69 18.14 54.43
N GLU C 1089 73.15 16.90 54.40
CA GLU C 1089 72.48 15.82 53.68
C GLU C 1089 72.67 14.53 54.44
N GLY C 1090 71.57 13.80 54.65
CA GLY C 1090 71.62 12.53 55.35
C GLY C 1090 70.97 12.58 56.72
N VAL C 1091 71.34 11.61 57.55
CA VAL C 1091 70.77 11.44 58.88
C VAL C 1091 71.89 11.11 59.86
N PHE C 1092 71.74 11.57 61.10
CA PHE C 1092 72.67 11.21 62.17
C PHE C 1092 72.33 9.79 62.62
N VAL C 1093 73.26 8.87 62.39
CA VAL C 1093 73.03 7.45 62.66
C VAL C 1093 74.01 7.00 63.75
N SER C 1094 73.49 6.31 64.76
CA SER C 1094 74.29 5.71 65.80
C SER C 1094 74.23 4.19 65.70
N ASN C 1095 75.39 3.54 65.78
CA ASN C 1095 75.47 2.09 65.68
C ASN C 1095 75.74 1.43 67.03
N GLY C 1096 75.30 2.06 68.12
CA GLY C 1096 75.43 1.51 69.46
C GLY C 1096 76.38 2.30 70.35
N THR C 1097 77.51 2.73 69.81
CA THR C 1097 78.49 3.47 70.59
C THR C 1097 79.03 4.73 69.91
N HIS C 1098 78.93 4.85 68.59
CA HIS C 1098 79.48 5.98 67.86
C HIS C 1098 78.40 6.58 66.96
N TRP C 1099 78.49 7.89 66.72
CA TRP C 1099 77.54 8.61 65.89
C TRP C 1099 78.19 8.94 64.55
N PHE C 1100 77.42 8.85 63.47
CA PHE C 1100 77.92 9.11 62.13
C PHE C 1100 76.83 9.80 61.31
N VAL C 1101 77.25 10.34 60.16
CA VAL C 1101 76.32 10.88 59.17
C VAL C 1101 76.32 9.97 57.96
N THR C 1102 75.14 9.72 57.41
CA THR C 1102 74.98 8.82 56.27
C THR C 1102 73.83 9.30 55.40
N GLN C 1103 74.02 9.22 54.09
CA GLN C 1103 72.95 9.58 53.17
C GLN C 1103 71.75 8.65 53.37
N ARG C 1104 70.56 9.16 53.05
CA ARG C 1104 69.34 8.46 53.40
C ARG C 1104 69.15 7.18 52.59
N ASN C 1105 69.46 7.21 51.30
CA ASN C 1105 69.14 6.10 50.40
C ASN C 1105 70.26 5.09 50.27
N PHE C 1106 71.33 5.21 51.06
CA PHE C 1106 72.41 4.22 51.03
C PHE C 1106 73.32 4.41 52.24
N TYR C 1107 73.62 3.33 52.96
CA TYR C 1107 74.43 3.41 54.16
C TYR C 1107 75.87 3.76 53.78
N GLU C 1108 76.32 4.93 54.19
CA GLU C 1108 77.70 5.37 53.95
C GLU C 1108 78.12 6.26 55.11
N PRO C 1109 78.49 5.69 56.25
CA PRO C 1109 78.76 6.50 57.43
C PRO C 1109 79.98 7.38 57.26
N GLN C 1110 79.88 8.60 57.80
CA GLN C 1110 80.97 9.56 57.78
C GLN C 1110 81.14 10.15 59.18
N ILE C 1111 82.35 10.62 59.46
CA ILE C 1111 82.60 11.30 60.73
C ILE C 1111 81.84 12.62 60.75
N ILE C 1112 81.23 12.92 61.89
CA ILE C 1112 80.49 14.17 62.03
C ILE C 1112 81.48 15.32 62.09
N THR C 1113 81.44 16.21 61.11
CA THR C 1113 82.37 17.32 61.01
C THR C 1113 81.60 18.58 60.67
N THR C 1114 82.31 19.72 60.75
CA THR C 1114 81.72 21.00 60.38
C THR C 1114 81.43 21.10 58.89
N ASP C 1115 81.97 20.19 58.08
CA ASP C 1115 81.76 20.25 56.64
C ASP C 1115 80.40 19.68 56.24
N ASN C 1116 79.95 18.62 56.93
CA ASN C 1116 78.70 17.96 56.62
C ASN C 1116 77.58 18.30 57.61
N THR C 1117 77.74 19.38 58.37
CA THR C 1117 76.72 19.82 59.31
C THR C 1117 76.70 21.34 59.36
N PHE C 1118 75.55 21.90 59.74
CA PHE C 1118 75.38 23.33 59.90
C PHE C 1118 74.70 23.62 61.22
N VAL C 1119 74.94 24.83 61.74
CA VAL C 1119 74.54 25.22 63.09
C VAL C 1119 73.30 26.11 63.02
N SER C 1120 72.46 26.02 64.05
CA SER C 1120 71.29 26.90 64.16
C SER C 1120 70.93 27.00 65.64
N GLY C 1121 71.28 28.12 66.26
CA GLY C 1121 70.86 28.42 67.62
C GLY C 1121 71.42 27.45 68.64
N ASN C 1122 71.14 27.75 69.91
CA ASN C 1122 71.56 26.93 71.01
C ASN C 1122 70.79 25.60 71.02
N CYS C 1123 71.30 24.64 71.80
CA CYS C 1123 70.86 23.26 71.72
C CYS C 1123 69.88 22.87 72.82
N ASP C 1124 69.06 23.80 73.30
CA ASP C 1124 68.00 23.48 74.25
C ASP C 1124 66.61 23.61 73.66
N VAL C 1125 66.47 24.12 72.44
CA VAL C 1125 65.15 24.28 71.83
C VAL C 1125 64.74 23.01 71.10
N VAL C 1126 65.71 22.28 70.54
CA VAL C 1126 65.42 21.07 69.80
C VAL C 1126 65.10 19.95 70.78
N ILE C 1127 64.11 19.14 70.43
CA ILE C 1127 63.69 18.02 71.27
C ILE C 1127 64.38 16.75 70.78
N GLY C 1128 64.87 15.95 71.71
CA GLY C 1128 65.60 14.73 71.37
C GLY C 1128 67.04 14.96 70.96
N ILE C 1129 67.62 16.12 71.29
CA ILE C 1129 68.99 16.39 70.88
C ILE C 1129 69.95 15.55 71.71
N VAL C 1130 71.08 15.16 71.10
CA VAL C 1130 72.08 14.34 71.74
C VAL C 1130 73.43 15.02 71.62
N ASN C 1131 74.44 14.42 72.27
CA ASN C 1131 75.78 14.98 72.33
C ASN C 1131 76.76 14.07 71.60
N ASN C 1132 77.70 14.67 70.89
CA ASN C 1132 78.80 13.94 70.26
C ASN C 1132 79.80 14.95 69.72
N THR C 1133 81.01 14.46 69.45
CA THR C 1133 82.09 15.33 69.01
C THR C 1133 81.91 15.72 67.55
N VAL C 1134 81.98 17.02 67.27
CA VAL C 1134 81.91 17.53 65.91
C VAL C 1134 83.27 18.11 65.57
N TYR C 1135 84.13 17.31 64.93
CA TYR C 1135 85.49 17.74 64.64
C TYR C 1135 85.49 18.86 63.62
N ASP C 1136 86.45 19.78 63.78
CA ASP C 1136 86.64 20.88 62.83
C ASP C 1136 87.93 20.65 62.07
N PRO C 1137 87.90 20.49 60.74
CA PRO C 1137 89.14 20.16 60.02
C PRO C 1137 90.22 21.23 60.12
N LEU C 1138 89.87 22.44 60.55
CA LEU C 1138 90.89 23.48 60.69
C LEU C 1138 91.78 23.26 61.90
N GLN C 1139 91.29 22.57 62.93
CA GLN C 1139 92.10 22.36 64.12
C GLN C 1139 93.32 21.48 63.83
N PRO C 1140 93.17 20.27 63.28
CA PRO C 1140 94.36 19.47 62.98
C PRO C 1140 95.33 20.17 62.06
N GLU C 1141 94.84 21.01 61.14
CA GLU C 1141 95.74 21.74 60.26
C GLU C 1141 96.51 22.82 61.01
N LEU C 1142 95.82 23.54 61.90
CA LEU C 1142 96.46 24.60 62.69
C LEU C 1142 97.08 25.65 61.78
N ASP C 1143 96.27 26.20 60.87
CA ASP C 1143 96.74 27.21 59.94
C ASP C 1143 96.89 28.56 60.64
N GLN D 1 -28.18 18.54 -54.42
CA GLN D 1 -28.67 19.84 -54.96
C GLN D 1 -30.19 19.92 -54.84
N VAL D 2 -30.69 21.07 -54.39
CA VAL D 2 -32.12 21.28 -54.17
C VAL D 2 -32.60 22.32 -55.16
N GLN D 3 -33.70 22.01 -55.85
CA GLN D 3 -34.29 22.89 -56.83
C GLN D 3 -35.80 22.98 -56.63
N LEU D 4 -36.38 24.10 -57.02
CA LEU D 4 -37.82 24.30 -57.01
C LEU D 4 -38.25 24.96 -58.30
N VAL D 5 -39.22 24.35 -58.99
CA VAL D 5 -39.69 24.83 -60.28
C VAL D 5 -40.97 25.63 -60.06
N GLN D 6 -41.19 26.62 -60.92
CA GLN D 6 -42.32 27.53 -60.79
C GLN D 6 -43.19 27.46 -62.06
N SER D 7 -44.45 27.82 -61.89
CA SER D 7 -45.38 27.81 -63.02
C SER D 7 -45.16 29.05 -63.89
N GLY D 8 -45.77 29.01 -65.08
CA GLY D 8 -45.64 30.11 -66.01
C GLY D 8 -46.50 31.30 -65.64
N ALA D 9 -46.54 32.27 -66.55
CA ALA D 9 -47.32 33.48 -66.32
C ALA D 9 -48.81 33.15 -66.25
N GLU D 10 -49.54 33.91 -65.44
CA GLU D 10 -50.97 33.71 -65.25
C GLU D 10 -51.64 35.07 -65.15
N VAL D 11 -52.66 35.28 -65.99
CA VAL D 11 -53.43 36.52 -65.99
C VAL D 11 -54.88 36.21 -66.26
N LYS D 12 -55.77 36.61 -65.35
CA LYS D 12 -57.19 36.36 -65.49
C LYS D 12 -57.97 37.52 -64.88
N LYS D 13 -59.28 37.51 -65.09
CA LYS D 13 -60.12 38.60 -64.64
C LYS D 13 -60.31 38.52 -63.13
N PRO D 14 -60.72 39.62 -62.49
CA PRO D 14 -60.93 39.60 -61.04
C PRO D 14 -61.94 38.55 -60.63
N GLY D 15 -61.82 38.07 -59.40
CA GLY D 15 -62.71 37.08 -58.85
C GLY D 15 -62.45 35.65 -59.31
N SER D 16 -61.37 35.42 -60.05
CA SER D 16 -61.07 34.08 -60.54
C SER D 16 -60.28 33.30 -59.49
N SER D 17 -59.89 32.08 -59.86
CA SER D 17 -59.11 31.23 -58.98
C SER D 17 -58.23 30.32 -59.84
N VAL D 18 -57.06 29.97 -59.31
CA VAL D 18 -56.08 29.18 -60.04
C VAL D 18 -55.36 28.26 -59.07
N LYS D 19 -54.60 27.32 -59.65
CA LYS D 19 -53.81 26.35 -58.89
C LYS D 19 -52.39 26.39 -59.44
N VAL D 20 -51.47 26.95 -58.66
CA VAL D 20 -50.07 27.09 -59.06
C VAL D 20 -49.26 25.99 -58.39
N SER D 21 -48.31 25.43 -59.13
CA SER D 21 -47.52 24.31 -58.65
C SER D 21 -46.14 24.77 -58.18
N CYS D 22 -45.54 23.99 -57.29
CA CYS D 22 -44.19 24.21 -56.80
C CYS D 22 -43.50 22.85 -56.71
N LYS D 23 -42.82 22.46 -57.78
CA LYS D 23 -42.17 21.15 -57.84
C LYS D 23 -40.83 21.20 -57.13
N ALA D 24 -40.79 20.76 -55.88
CA ALA D 24 -39.54 20.65 -55.15
C ALA D 24 -38.81 19.37 -55.52
N SER D 25 -37.49 19.43 -55.55
CA SER D 25 -36.67 18.28 -55.90
C SER D 25 -35.37 18.35 -55.12
N GLY D 26 -34.77 17.19 -54.89
CA GLY D 26 -33.55 17.09 -54.12
C GLY D 26 -33.79 16.76 -52.67
N GLY D 27 -32.88 15.97 -52.11
CA GLY D 27 -33.02 15.54 -50.74
C GLY D 27 -33.96 14.35 -50.60
N THR D 28 -34.68 14.32 -49.48
CA THR D 28 -35.63 13.25 -49.20
C THR D 28 -36.89 13.85 -48.59
N PHE D 29 -38.05 13.40 -49.06
CA PHE D 29 -39.33 13.85 -48.52
C PHE D 29 -39.59 13.21 -47.18
N SER D 30 -38.82 13.57 -46.15
CA SER D 30 -38.98 12.99 -44.83
C SER D 30 -39.12 14.00 -43.71
N SER D 31 -38.53 15.20 -43.81
CA SER D 31 -38.53 16.13 -42.69
C SER D 31 -38.68 17.59 -43.14
N TYR D 32 -38.58 17.84 -44.44
CA TYR D 32 -38.46 19.20 -44.93
C TYR D 32 -39.74 19.99 -44.71
N ALA D 33 -39.57 21.27 -44.34
CA ALA D 33 -40.66 22.23 -44.35
C ALA D 33 -40.46 23.21 -45.49
N ILE D 34 -41.54 23.88 -45.88
CA ILE D 34 -41.52 24.79 -47.02
C ILE D 34 -42.21 26.09 -46.62
N SER D 35 -41.64 27.21 -47.02
CA SER D 35 -42.21 28.53 -46.76
C SER D 35 -42.70 29.14 -48.06
N TRP D 36 -43.90 29.70 -48.03
CA TRP D 36 -44.49 30.39 -49.16
C TRP D 36 -44.40 31.88 -48.93
N VAL D 37 -43.70 32.57 -49.83
CA VAL D 37 -43.35 33.98 -49.66
C VAL D 37 -43.89 34.77 -50.83
N ARG D 38 -44.46 35.94 -50.55
CA ARG D 38 -44.98 36.84 -51.57
C ARG D 38 -44.12 38.09 -51.63
N GLN D 39 -43.78 38.52 -52.85
CA GLN D 39 -42.96 39.71 -53.07
C GLN D 39 -43.75 40.66 -53.96
N ALA D 40 -44.11 41.82 -53.41
CA ALA D 40 -44.87 42.84 -54.13
C ALA D 40 -44.04 43.43 -55.25
N PRO D 41 -44.60 44.33 -56.07
CA PRO D 41 -43.81 44.94 -57.16
C PRO D 41 -42.82 45.99 -56.67
N GLY D 42 -42.50 45.97 -55.38
CA GLY D 42 -41.61 46.96 -54.81
C GLY D 42 -41.95 47.32 -53.37
N GLN D 43 -43.09 46.83 -52.89
CA GLN D 43 -43.43 46.95 -51.48
C GLN D 43 -42.75 45.85 -50.69
N GLY D 44 -43.07 45.76 -49.40
CA GLY D 44 -42.36 44.83 -48.54
C GLY D 44 -42.75 43.39 -48.79
N LEU D 45 -41.78 42.50 -48.59
CA LEU D 45 -42.04 41.08 -48.65
C LEU D 45 -43.11 40.68 -47.64
N GLU D 46 -43.73 39.53 -47.85
CA GLU D 46 -44.77 39.04 -46.96
C GLU D 46 -44.87 37.52 -47.06
N TRP D 47 -45.05 36.86 -45.92
CA TRP D 47 -45.21 35.42 -45.92
C TRP D 47 -46.66 35.05 -46.21
N MET D 48 -46.83 33.90 -46.88
CA MET D 48 -48.15 33.36 -47.16
C MET D 48 -48.53 32.20 -46.26
N GLY D 49 -47.54 31.49 -45.70
CA GLY D 49 -47.82 30.38 -44.82
C GLY D 49 -46.68 29.39 -44.73
N ARG D 50 -46.55 28.73 -43.57
CA ARG D 50 -45.57 27.68 -43.37
C ARG D 50 -46.27 26.34 -43.47
N ILE D 51 -45.66 25.40 -44.19
CA ILE D 51 -46.23 24.08 -44.38
C ILE D 51 -45.11 23.04 -44.31
N ILE D 52 -45.41 21.91 -43.70
CA ILE D 52 -44.51 20.75 -43.72
C ILE D 52 -45.15 19.73 -44.67
N PRO D 53 -44.92 19.84 -45.97
CA PRO D 53 -45.68 19.00 -46.91
C PRO D 53 -45.52 17.51 -46.66
N ILE D 54 -44.46 17.08 -45.99
CA ILE D 54 -44.24 15.66 -45.74
C ILE D 54 -45.10 15.14 -44.59
N PHE D 55 -45.63 16.03 -43.74
CA PHE D 55 -46.42 15.62 -42.60
C PHE D 55 -47.77 16.33 -42.49
N GLY D 56 -48.05 17.31 -43.35
CA GLY D 56 -49.36 17.89 -43.45
C GLY D 56 -49.63 19.10 -42.58
N THR D 57 -48.78 19.39 -41.59
CA THR D 57 -49.00 20.53 -40.72
C THR D 57 -48.77 21.83 -41.50
N ALA D 58 -49.65 22.80 -41.32
CA ALA D 58 -49.60 24.04 -42.10
C ALA D 58 -50.23 25.18 -41.32
N ASN D 59 -49.80 26.40 -41.65
CA ASN D 59 -50.37 27.62 -41.12
C ASN D 59 -50.24 28.71 -42.18
N TYR D 60 -51.26 29.54 -42.32
CA TYR D 60 -51.34 30.52 -43.39
C TYR D 60 -51.30 31.94 -42.83
N ALA D 61 -51.03 32.90 -43.71
CA ALA D 61 -50.89 34.28 -43.29
C ALA D 61 -52.25 34.97 -43.24
N GLN D 62 -52.35 35.96 -42.35
CA GLN D 62 -53.65 36.59 -42.07
C GLN D 62 -54.31 37.10 -43.34
N LYS D 63 -53.53 37.73 -44.23
CA LYS D 63 -54.10 38.27 -45.47
C LYS D 63 -54.68 37.18 -46.37
N PHE D 64 -54.21 35.94 -46.23
CA PHE D 64 -54.58 34.88 -47.16
C PHE D 64 -55.49 33.82 -46.56
N GLN D 65 -55.72 33.84 -45.24
CA GLN D 65 -56.60 32.86 -44.63
C GLN D 65 -58.00 32.95 -45.23
N GLY D 66 -58.61 31.78 -45.44
CA GLY D 66 -59.95 31.71 -45.98
C GLY D 66 -60.01 31.93 -47.48
N ARG D 67 -59.63 33.14 -47.93
CA ARG D 67 -59.68 33.45 -49.35
C ARG D 67 -58.61 32.70 -50.14
N VAL D 68 -57.60 32.14 -49.47
CA VAL D 68 -56.54 31.39 -50.12
C VAL D 68 -56.06 30.30 -49.18
N THR D 69 -55.64 29.18 -49.77
CA THR D 69 -55.12 28.05 -49.00
C THR D 69 -53.88 27.51 -49.70
N ILE D 70 -53.09 26.75 -48.94
CA ILE D 70 -51.86 26.14 -49.43
C ILE D 70 -51.97 24.63 -49.20
N THR D 71 -51.54 23.85 -50.19
CA THR D 71 -51.65 22.40 -50.14
C THR D 71 -50.38 21.77 -50.68
N ALA D 72 -50.31 20.44 -50.55
CA ALA D 72 -49.18 19.67 -51.04
C ALA D 72 -49.63 18.24 -51.26
N ASP D 73 -48.77 17.45 -51.91
CA ASP D 73 -49.10 16.06 -52.21
C ASP D 73 -47.84 15.33 -52.65
N GLU D 74 -47.68 14.09 -52.19
CA GLU D 74 -46.55 13.27 -52.61
C GLU D 74 -46.83 12.55 -53.92
N SER D 75 -48.11 12.36 -54.27
CA SER D 75 -48.44 11.68 -55.52
C SER D 75 -47.77 12.36 -56.71
N THR D 76 -47.69 13.70 -56.69
CA THR D 76 -47.01 14.45 -57.74
C THR D 76 -45.65 14.97 -57.32
N SER D 77 -45.28 14.83 -56.04
CA SER D 77 -44.01 15.35 -55.53
C SER D 77 -43.92 16.87 -55.71
N THR D 78 -44.98 17.55 -55.28
CA THR D 78 -45.09 18.99 -55.46
C THR D 78 -45.78 19.62 -54.26
N ALA D 79 -45.54 20.91 -54.08
CA ALA D 79 -46.34 21.76 -53.21
C ALA D 79 -47.25 22.64 -54.06
N TYR D 80 -48.36 23.05 -53.47
CA TYR D 80 -49.38 23.78 -54.22
C TYR D 80 -49.85 24.98 -53.42
N MET D 81 -50.53 25.89 -54.11
CA MET D 81 -51.12 27.08 -53.51
C MET D 81 -52.27 27.53 -54.39
N GLU D 82 -53.45 27.64 -53.79
CA GLU D 82 -54.69 27.93 -54.54
C GLU D 82 -55.02 29.42 -54.40
N LEU D 83 -54.36 30.23 -55.23
CA LEU D 83 -54.69 31.65 -55.31
C LEU D 83 -56.12 31.81 -55.79
N SER D 84 -56.94 32.51 -55.00
CA SER D 84 -58.35 32.69 -55.34
C SER D 84 -58.76 34.12 -54.98
N SER D 85 -59.97 34.48 -55.41
CA SER D 85 -60.49 35.84 -55.21
C SER D 85 -59.54 36.88 -55.77
N LEU D 86 -59.02 36.62 -56.97
CA LEU D 86 -58.02 37.50 -57.58
C LEU D 86 -58.57 38.92 -57.72
N ARG D 87 -57.72 39.90 -57.39
CA ARG D 87 -58.08 41.30 -57.51
C ARG D 87 -56.89 42.06 -58.07
N SER D 88 -57.12 43.34 -58.39
CA SER D 88 -56.09 44.14 -59.03
C SER D 88 -54.87 44.33 -58.12
N GLU D 89 -55.09 44.28 -56.80
CA GLU D 89 -53.99 44.48 -55.87
C GLU D 89 -53.10 43.24 -55.73
N ASP D 90 -53.45 42.14 -56.41
CA ASP D 90 -52.69 40.90 -56.31
C ASP D 90 -51.48 40.86 -57.24
N THR D 91 -51.14 41.98 -57.90
CA THR D 91 -49.93 42.03 -58.71
C THR D 91 -48.70 41.91 -57.83
N ALA D 92 -47.98 40.79 -57.93
CA ALA D 92 -46.82 40.56 -57.10
C ALA D 92 -46.13 39.29 -57.58
N VAL D 93 -44.89 39.11 -57.13
CA VAL D 93 -44.11 37.92 -57.42
C VAL D 93 -44.26 36.96 -56.24
N TYR D 94 -44.81 35.78 -56.51
CA TYR D 94 -45.10 34.79 -55.48
C TYR D 94 -44.09 33.66 -55.56
N TYR D 95 -43.44 33.35 -54.44
CA TYR D 95 -42.41 32.33 -54.38
C TYR D 95 -42.83 31.20 -53.45
N CYS D 96 -42.13 30.08 -53.58
CA CYS D 96 -42.10 29.04 -52.57
C CYS D 96 -40.65 28.72 -52.25
N ALA D 97 -40.30 28.82 -50.96
CA ALA D 97 -38.91 28.76 -50.54
C ALA D 97 -38.68 27.52 -49.68
N SER D 98 -37.64 26.76 -50.03
CA SER D 98 -37.25 25.61 -49.23
C SER D 98 -36.70 26.10 -47.89
N LEU D 99 -37.50 25.95 -46.83
CA LEU D 99 -37.13 26.43 -45.50
C LEU D 99 -36.15 25.46 -44.85
N ALA D 100 -34.91 25.50 -45.32
CA ALA D 100 -33.88 24.59 -44.84
C ALA D 100 -33.62 24.75 -43.35
N SER D 101 -34.02 25.86 -42.76
CA SER D 101 -33.76 26.12 -41.34
C SER D 101 -34.77 25.41 -40.45
N TYR D 102 -34.79 24.08 -40.50
CA TYR D 102 -35.65 23.28 -39.64
C TYR D 102 -34.90 22.56 -38.52
N SER D 103 -33.79 21.90 -38.85
CA SER D 103 -33.00 21.19 -37.85
C SER D 103 -31.50 21.37 -38.11
N SER D 104 -31.15 22.22 -39.06
CA SER D 104 -29.76 22.43 -39.43
C SER D 104 -29.05 23.45 -38.56
N GLY D 105 -29.55 23.72 -37.35
CA GLY D 105 -29.02 24.74 -36.48
C GLY D 105 -29.68 26.10 -36.68
N TRP D 106 -30.01 26.45 -37.92
CA TRP D 106 -30.77 27.66 -38.19
C TRP D 106 -32.24 27.41 -37.97
N GLU D 107 -33.00 28.49 -37.76
CA GLU D 107 -34.42 28.40 -37.46
C GLU D 107 -35.17 29.55 -38.11
N ASP D 108 -36.19 29.22 -38.91
CA ASP D 108 -37.15 30.20 -39.43
C ASP D 108 -36.47 31.26 -40.28
N VAL D 109 -35.64 30.84 -41.23
CA VAL D 109 -35.05 31.74 -42.23
C VAL D 109 -34.98 30.98 -43.54
N PHE D 110 -35.29 31.67 -44.64
CA PHE D 110 -35.41 31.02 -45.95
C PHE D 110 -34.10 31.19 -46.70
N ASP D 111 -33.33 30.11 -46.76
CA ASP D 111 -32.01 30.15 -47.39
C ASP D 111 -32.07 29.96 -48.90
N ILE D 112 -33.13 29.34 -49.41
CA ILE D 112 -33.23 28.99 -50.82
C ILE D 112 -34.50 29.61 -51.40
N TRP D 113 -34.38 30.20 -52.59
CA TRP D 113 -35.52 30.71 -53.34
C TRP D 113 -35.21 30.59 -54.82
N GLY D 114 -36.26 30.71 -55.64
CA GLY D 114 -36.16 30.58 -57.07
C GLY D 114 -36.42 31.88 -57.79
N GLN D 115 -36.93 31.75 -59.02
CA GLN D 115 -37.24 32.92 -59.85
C GLN D 115 -38.64 33.47 -59.61
N GLY D 116 -39.52 32.68 -59.01
CA GLY D 116 -40.84 33.17 -58.65
C GLY D 116 -41.83 33.17 -59.80
N THR D 117 -43.08 33.48 -59.50
CA THR D 117 -44.16 33.54 -60.49
C THR D 117 -44.69 34.96 -60.55
N MET D 118 -44.71 35.53 -61.76
CA MET D 118 -45.19 36.90 -61.95
C MET D 118 -46.69 36.85 -62.23
N VAL D 119 -47.49 37.35 -61.30
CA VAL D 119 -48.95 37.35 -61.41
C VAL D 119 -49.42 38.79 -61.57
N THR D 120 -50.41 38.99 -62.44
CA THR D 120 -51.07 40.28 -62.59
C THR D 120 -52.53 40.04 -62.94
N VAL D 121 -53.39 40.95 -62.47
CA VAL D 121 -54.83 40.78 -62.58
C VAL D 121 -55.42 42.03 -63.22
N SER D 122 -56.34 41.82 -64.17
CA SER D 122 -57.06 42.91 -64.80
C SER D 122 -58.13 42.33 -65.71
N SER D 123 -59.08 43.18 -66.09
CA SER D 123 -60.14 42.76 -67.01
C SER D 123 -59.73 42.90 -68.47
N ALA D 124 -58.57 43.48 -68.76
CA ALA D 124 -58.14 43.65 -70.14
C ALA D 124 -57.77 42.31 -70.76
N SER D 125 -57.89 42.25 -72.09
CA SER D 125 -57.59 41.02 -72.82
C SER D 125 -56.11 40.99 -73.21
N THR D 126 -55.66 39.81 -73.63
CA THR D 126 -54.28 39.59 -74.03
C THR D 126 -54.11 40.03 -75.48
N LYS D 127 -53.32 41.07 -75.70
CA LYS D 127 -53.07 41.58 -77.05
C LYS D 127 -51.70 42.26 -77.08
N GLY D 128 -51.25 42.59 -78.29
CA GLY D 128 -49.92 43.11 -78.48
C GLY D 128 -49.90 44.62 -78.57
N PRO D 129 -48.67 45.18 -78.64
CA PRO D 129 -48.53 46.64 -78.64
C PRO D 129 -48.68 47.29 -80.00
N SER D 130 -48.48 48.61 -80.04
CA SER D 130 -48.48 49.38 -81.28
C SER D 130 -47.40 50.45 -81.18
N VAL D 131 -46.90 50.90 -82.33
CA VAL D 131 -45.77 51.81 -82.38
C VAL D 131 -45.90 52.72 -83.58
N PHE D 132 -45.12 53.80 -83.57
CA PHE D 132 -45.05 54.74 -84.68
C PHE D 132 -43.64 55.33 -84.73
N PRO D 133 -43.22 55.85 -85.88
CA PRO D 133 -41.82 56.25 -86.04
C PRO D 133 -41.51 57.58 -85.38
N LEU D 134 -40.27 58.02 -85.56
CA LEU D 134 -39.74 59.24 -84.95
C LEU D 134 -38.60 59.77 -85.79
N ALA D 135 -38.59 61.09 -86.03
CA ALA D 135 -37.57 61.73 -86.84
C ALA D 135 -37.40 63.17 -86.37
N PRO D 136 -36.48 63.43 -85.45
CA PRO D 136 -36.25 64.80 -85.00
C PRO D 136 -35.18 65.51 -85.81
N SER D 137 -35.03 66.80 -85.54
CA SER D 137 -34.00 67.61 -86.17
C SER D 137 -32.69 67.53 -85.39
N SER D 138 -31.62 67.94 -86.05
CA SER D 138 -30.29 67.88 -85.44
C SER D 138 -30.04 68.99 -84.43
N LYS D 139 -30.89 70.02 -84.39
CA LYS D 139 -30.72 71.09 -83.41
C LYS D 139 -30.95 70.62 -81.98
N SER D 140 -31.59 69.46 -81.80
CA SER D 140 -31.77 68.87 -80.48
C SER D 140 -30.64 67.93 -80.10
N THR D 141 -29.50 68.02 -80.78
CA THR D 141 -28.38 67.12 -80.51
C THR D 141 -27.85 67.35 -79.10
N SER D 142 -27.25 66.30 -78.54
CA SER D 142 -26.66 66.36 -77.22
C SER D 142 -25.48 65.40 -77.18
N GLY D 143 -24.38 65.85 -76.57
CA GLY D 143 -23.18 65.05 -76.53
C GLY D 143 -22.63 64.72 -77.90
N GLY D 144 -22.96 65.52 -78.92
CA GLY D 144 -22.48 65.27 -80.26
C GLY D 144 -23.16 64.13 -80.97
N THR D 145 -24.29 63.65 -80.47
CA THR D 145 -24.99 62.51 -81.05
C THR D 145 -26.44 62.87 -81.36
N ALA D 146 -26.95 62.34 -82.47
CA ALA D 146 -28.37 62.42 -82.77
C ALA D 146 -29.07 61.17 -82.25
N ALA D 147 -30.19 61.37 -81.56
CA ALA D 147 -30.87 60.30 -80.85
C ALA D 147 -32.27 60.09 -81.40
N LEU D 148 -32.73 58.85 -81.38
CA LEU D 148 -34.06 58.49 -81.86
C LEU D 148 -34.59 57.36 -80.99
N GLY D 149 -35.85 57.00 -81.23
CA GLY D 149 -36.50 55.98 -80.42
C GLY D 149 -37.90 55.71 -80.91
N CYS D 150 -38.58 54.83 -80.17
CA CYS D 150 -39.93 54.40 -80.50
C CYS D 150 -40.81 54.44 -79.25
N LEU D 151 -41.96 55.09 -79.36
CA LEU D 151 -42.95 55.06 -78.29
C LEU D 151 -43.81 53.80 -78.46
N VAL D 152 -43.80 52.94 -77.43
CA VAL D 152 -44.52 51.68 -77.46
C VAL D 152 -45.73 51.82 -76.53
N LYS D 153 -46.85 51.26 -76.94
CA LYS D 153 -48.13 51.51 -76.29
C LYS D 153 -49.14 50.48 -76.72
N ASP D 154 -50.26 50.42 -75.99
CA ASP D 154 -51.44 49.67 -76.40
C ASP D 154 -51.23 48.15 -76.34
N TYR D 155 -50.71 47.65 -75.21
CA TYR D 155 -50.56 46.21 -75.01
C TYR D 155 -50.96 45.83 -73.60
N PHE D 156 -51.28 44.54 -73.43
CA PHE D 156 -51.49 43.96 -72.12
C PHE D 156 -51.59 42.45 -72.29
N VAL D 160 -43.46 42.54 -72.10
CA VAL D 160 -43.22 43.00 -73.47
C VAL D 160 -41.77 43.46 -73.54
N THR D 161 -40.98 42.80 -74.38
CA THR D 161 -39.57 43.11 -74.54
C THR D 161 -39.40 44.11 -75.68
N VAL D 162 -38.81 45.26 -75.37
CA VAL D 162 -38.58 46.32 -76.34
C VAL D 162 -37.09 46.36 -76.64
N SER D 163 -36.75 46.41 -77.93
CA SER D 163 -35.37 46.40 -78.37
C SER D 163 -35.33 46.81 -79.84
N TRP D 164 -34.17 46.66 -80.47
CA TRP D 164 -34.00 46.89 -81.89
C TRP D 164 -33.67 45.57 -82.56
N ASN D 165 -34.13 45.42 -83.81
CA ASN D 165 -34.30 44.10 -84.41
C ASN D 165 -33.16 43.14 -84.11
N SER D 166 -31.93 43.48 -84.49
CA SER D 166 -30.82 42.57 -84.32
C SER D 166 -29.53 43.26 -84.74
N GLY D 167 -28.41 42.66 -84.33
CA GLY D 167 -27.12 43.12 -84.79
C GLY D 167 -26.70 44.44 -84.18
N ALA D 168 -25.96 45.23 -84.95
CA ALA D 168 -25.42 46.49 -84.46
C ALA D 168 -26.47 47.58 -84.32
N LEU D 169 -27.74 47.27 -84.58
CA LEU D 169 -28.79 48.29 -84.47
C LEU D 169 -29.02 48.73 -83.03
N THR D 170 -28.39 48.06 -82.06
CA THR D 170 -28.52 48.41 -80.64
C THR D 170 -27.44 49.37 -80.16
N SER D 171 -26.85 50.16 -81.05
CA SER D 171 -25.77 51.06 -80.67
C SER D 171 -26.29 52.25 -79.89
N GLY D 172 -25.88 52.38 -78.63
CA GLY D 172 -26.26 53.52 -77.81
C GLY D 172 -27.75 53.59 -77.55
N VAL D 173 -28.27 52.64 -76.76
CA VAL D 173 -29.71 52.53 -76.52
C VAL D 173 -30.01 52.89 -75.07
N HIS D 174 -31.29 53.08 -74.80
CA HIS D 174 -31.75 53.42 -73.46
C HIS D 174 -33.24 53.12 -73.36
N THR D 175 -33.71 52.89 -72.13
CA THR D 175 -35.10 52.52 -71.89
C THR D 175 -35.43 52.79 -70.44
N PHE D 176 -36.71 53.05 -70.18
CA PHE D 176 -37.20 53.32 -68.84
C PHE D 176 -38.51 52.56 -68.63
N PRO D 177 -38.97 52.46 -67.38
CA PRO D 177 -40.17 51.66 -67.09
C PRO D 177 -41.42 52.28 -67.68
N ALA D 178 -42.55 51.65 -67.38
CA ALA D 178 -43.80 51.96 -68.05
C ALA D 178 -44.61 53.01 -67.30
N VAL D 179 -45.54 53.62 -68.02
CA VAL D 179 -46.56 54.51 -67.45
C VAL D 179 -47.93 53.94 -67.82
N LEU D 180 -48.79 53.78 -66.82
CA LEU D 180 -50.08 53.12 -67.01
C LEU D 180 -51.12 54.18 -67.33
N GLN D 181 -51.61 54.17 -68.56
CA GLN D 181 -52.69 55.08 -68.95
C GLN D 181 -54.02 54.58 -68.41
N SER D 182 -55.01 55.48 -68.40
CA SER D 182 -56.28 55.17 -67.76
C SER D 182 -57.05 54.07 -68.47
N SER D 183 -56.75 53.81 -69.75
CA SER D 183 -57.50 52.80 -70.49
C SER D 183 -57.18 51.37 -70.03
N GLY D 184 -56.18 51.19 -69.18
CA GLY D 184 -55.81 49.88 -68.69
C GLY D 184 -54.62 49.25 -69.37
N LEU D 185 -54.25 49.73 -70.56
CA LEU D 185 -53.11 49.17 -71.28
C LEU D 185 -51.82 49.88 -70.86
N TYR D 186 -50.70 49.28 -71.23
CA TYR D 186 -49.38 49.73 -70.81
C TYR D 186 -48.68 50.50 -71.92
N SER D 187 -47.51 51.05 -71.58
CA SER D 187 -46.73 51.83 -72.54
C SER D 187 -45.34 52.08 -71.97
N LEU D 188 -44.37 52.16 -72.87
CA LEU D 188 -42.97 52.43 -72.51
C LEU D 188 -42.36 53.24 -73.64
N SER D 189 -41.03 53.31 -73.66
CA SER D 189 -40.31 53.89 -74.79
C SER D 189 -38.88 53.38 -74.78
N SER D 190 -38.24 53.42 -75.95
CA SER D 190 -36.85 53.02 -76.10
C SER D 190 -36.14 54.06 -76.94
N VAL D 191 -34.81 53.97 -76.97
CA VAL D 191 -33.97 54.99 -77.59
C VAL D 191 -32.81 54.35 -78.31
N VAL D 192 -32.26 55.08 -79.29
CA VAL D 192 -31.03 54.72 -79.97
C VAL D 192 -30.37 56.01 -80.44
N THR D 193 -29.06 55.98 -80.60
CA THR D 193 -28.28 57.17 -80.93
C THR D 193 -27.37 56.88 -82.10
N VAL D 194 -26.79 57.96 -82.64
CA VAL D 194 -25.87 57.87 -83.77
C VAL D 194 -25.08 59.17 -83.83
N PRO D 195 -23.78 59.14 -84.10
CA PRO D 195 -23.02 60.39 -84.21
C PRO D 195 -23.30 61.10 -85.53
N SER D 196 -22.89 62.37 -85.57
CA SER D 196 -23.12 63.18 -86.76
C SER D 196 -22.37 62.64 -87.97
N SER D 197 -21.24 61.98 -87.75
CA SER D 197 -20.44 61.46 -88.86
C SER D 197 -21.10 60.27 -89.55
N SER D 198 -22.15 59.70 -88.94
CA SER D 198 -22.79 58.51 -89.49
C SER D 198 -24.31 58.56 -89.41
N LEU D 199 -24.92 59.75 -89.40
CA LEU D 199 -26.35 59.86 -89.28
C LEU D 199 -27.06 59.23 -90.49
N GLY D 200 -28.11 58.48 -90.22
CA GLY D 200 -28.96 57.94 -91.27
C GLY D 200 -28.39 56.71 -91.96
N THR D 201 -27.10 56.46 -91.79
CA THR D 201 -26.47 55.35 -92.52
C THR D 201 -26.93 54.00 -92.00
N GLN D 202 -27.34 53.92 -90.74
CA GLN D 202 -27.68 52.64 -90.12
C GLN D 202 -29.13 52.24 -90.34
N THR D 203 -30.03 53.19 -90.61
CA THR D 203 -31.43 52.88 -90.85
C THR D 203 -32.01 52.02 -89.72
N TYR D 204 -32.01 52.59 -88.52
CA TYR D 204 -32.42 51.85 -87.34
C TYR D 204 -33.88 51.43 -87.46
N ILE D 205 -34.19 50.26 -86.87
CA ILE D 205 -35.53 49.67 -86.93
C ILE D 205 -35.81 49.05 -85.56
N CYS D 206 -36.78 49.58 -84.85
CA CYS D 206 -37.14 49.09 -83.53
C CYS D 206 -38.17 47.97 -83.64
N ASN D 207 -38.22 47.13 -82.60
CA ASN D 207 -39.16 46.01 -82.54
C ASN D 207 -39.63 45.83 -81.10
N VAL D 208 -40.85 45.32 -80.96
CA VAL D 208 -41.45 45.02 -79.67
C VAL D 208 -42.10 43.66 -79.76
N ASN D 209 -41.83 42.80 -78.77
CA ASN D 209 -42.32 41.43 -78.76
C ASN D 209 -43.23 41.22 -77.56
N HIS D 210 -44.38 40.60 -77.79
CA HIS D 210 -45.36 40.32 -76.74
C HIS D 210 -45.22 38.86 -76.34
N LYS D 211 -44.53 38.62 -75.23
CA LYS D 211 -44.27 37.25 -74.81
C LYS D 211 -45.53 36.45 -74.53
N PRO D 212 -46.57 37.00 -73.87
CA PRO D 212 -47.78 36.19 -73.63
C PRO D 212 -48.37 35.58 -74.89
N SER D 213 -48.17 36.19 -76.05
CA SER D 213 -48.68 35.63 -77.29
C SER D 213 -47.68 35.65 -78.43
N ASN D 214 -46.45 36.13 -78.22
CA ASN D 214 -45.40 36.09 -79.24
C ASN D 214 -45.79 36.87 -80.50
N THR D 215 -46.29 38.09 -80.33
CA THR D 215 -46.57 38.96 -81.47
C THR D 215 -45.48 40.03 -81.57
N LYS D 216 -45.02 40.27 -82.80
CA LYS D 216 -43.94 41.21 -83.05
C LYS D 216 -44.46 42.41 -83.84
N VAL D 217 -43.98 43.60 -83.47
CA VAL D 217 -44.32 44.84 -84.15
C VAL D 217 -43.06 45.69 -84.24
N ASP D 218 -42.83 46.28 -85.40
CA ASP D 218 -41.63 47.07 -85.67
C ASP D 218 -42.01 48.44 -86.22
N LYS D 219 -41.06 49.37 -86.16
CA LYS D 219 -41.24 50.69 -86.73
C LYS D 219 -39.87 51.35 -86.86
N LYS D 220 -39.74 52.21 -87.87
CA LYS D 220 -38.45 52.77 -88.24
C LYS D 220 -38.26 54.16 -87.64
N VAL D 221 -37.03 54.67 -87.76
CA VAL D 221 -36.67 56.01 -87.30
C VAL D 221 -35.55 56.54 -88.19
N GLU D 222 -35.48 57.86 -88.31
CA GLU D 222 -34.47 58.48 -89.17
C GLU D 222 -34.22 59.92 -88.73
N PRO D 223 -32.96 60.34 -88.57
CA PRO D 223 -32.69 61.72 -88.13
C PRO D 223 -32.78 62.72 -89.27
N LYS D 224 -32.98 63.98 -88.90
CA LYS D 224 -33.01 65.09 -89.85
C LYS D 224 -31.96 66.12 -89.46
N SER D 225 -31.36 66.75 -90.47
CA SER D 225 -30.34 67.77 -90.24
C SER D 225 -30.55 68.96 -91.17
N ASP E 1 -50.31 42.80 -32.75
CA ASP E 1 -49.68 42.99 -34.09
C ASP E 1 -48.23 43.48 -33.93
N ILE E 2 -47.49 43.47 -35.03
CA ILE E 2 -46.08 43.84 -35.04
C ILE E 2 -45.79 44.65 -36.29
N GLN E 3 -45.08 45.76 -36.13
CA GLN E 3 -44.65 46.59 -37.24
C GLN E 3 -43.26 47.12 -36.94
N MET E 4 -42.61 47.65 -37.99
CA MET E 4 -41.25 48.15 -37.84
C MET E 4 -40.98 49.15 -38.97
N THR E 5 -39.83 49.82 -38.87
CA THR E 5 -39.41 50.78 -39.93
C THR E 5 -37.91 50.56 -40.13
N GLN E 6 -37.24 51.47 -40.83
CA GLN E 6 -35.77 51.35 -41.01
C GLN E 6 -35.12 52.73 -41.14
N SER E 7 -34.08 52.86 -41.96
CA SER E 7 -33.37 54.15 -42.13
C SER E 7 -33.99 54.95 -43.26
N PRO E 8 -34.75 56.04 -42.96
CA PRO E 8 -35.45 56.80 -44.00
C PRO E 8 -34.53 57.80 -44.71
N SER E 9 -35.08 58.62 -45.61
CA SER E 9 -34.27 59.62 -46.37
C SER E 9 -33.29 58.92 -47.32
N SER E 10 -33.26 57.58 -47.33
CA SER E 10 -32.37 56.81 -48.24
C SER E 10 -30.87 57.06 -47.93
N LEU E 11 -29.98 56.39 -48.67
CA LEU E 11 -28.55 56.54 -48.42
C LEU E 11 -27.82 56.95 -49.70
N SER E 12 -26.64 57.52 -49.51
CA SER E 12 -25.78 57.90 -50.64
C SER E 12 -24.35 57.96 -50.13
N ALA E 13 -23.55 56.96 -50.50
CA ALA E 13 -22.16 56.89 -50.06
C ALA E 13 -21.30 56.38 -51.21
N SER E 14 -20.03 56.77 -51.18
CA SER E 14 -19.08 56.40 -52.22
C SER E 14 -18.50 55.02 -51.93
N VAL E 15 -17.65 54.55 -52.85
CA VAL E 15 -17.06 53.23 -52.71
C VAL E 15 -16.05 53.26 -51.57
N GLY E 16 -16.13 52.25 -50.70
CA GLY E 16 -15.21 52.11 -49.59
C GLY E 16 -15.60 52.84 -48.33
N ASP E 17 -16.75 53.50 -48.30
CA ASP E 17 -17.17 54.25 -47.13
C ASP E 17 -17.90 53.37 -46.13
N ARG E 18 -17.76 53.69 -44.85
CA ARG E 18 -18.46 52.97 -43.80
C ARG E 18 -19.83 53.59 -43.57
N VAL E 19 -20.84 52.73 -43.43
CA VAL E 19 -22.23 53.17 -43.33
C VAL E 19 -22.92 52.36 -42.23
N THR E 20 -23.93 52.97 -41.62
CA THR E 20 -24.74 52.33 -40.58
C THR E 20 -26.18 52.78 -40.73
N ILE E 21 -27.11 51.87 -40.43
CA ILE E 21 -28.53 52.16 -40.45
C ILE E 21 -29.18 51.49 -39.25
N THR E 22 -30.40 51.91 -38.92
CA THR E 22 -31.10 51.46 -37.72
C THR E 22 -32.47 50.95 -38.10
N CYS E 23 -32.80 49.74 -37.64
CA CYS E 23 -34.15 49.21 -37.75
C CYS E 23 -34.90 49.37 -36.45
N ARG E 24 -36.11 49.91 -36.53
CA ARG E 24 -36.95 50.18 -35.35
C ARG E 24 -38.14 49.25 -35.38
N ALA E 25 -38.28 48.43 -34.34
CA ALA E 25 -39.40 47.51 -34.19
C ALA E 25 -40.29 47.96 -33.04
N SER E 26 -41.61 47.84 -33.24
CA SER E 26 -42.54 48.25 -32.20
C SER E 26 -42.48 47.35 -30.98
N GLN E 27 -42.06 46.10 -31.14
CA GLN E 27 -41.93 45.16 -30.03
C GLN E 27 -40.44 44.94 -29.75
N GLY E 28 -40.02 45.22 -28.53
CA GLY E 28 -38.63 45.01 -28.16
C GLY E 28 -38.32 43.53 -27.99
N ILE E 29 -37.16 43.13 -28.50
CA ILE E 29 -36.73 41.73 -28.44
C ILE E 29 -35.21 41.70 -28.33
N SER E 30 -34.70 40.54 -27.91
CA SER E 30 -33.27 40.31 -27.81
C SER E 30 -32.76 39.25 -28.79
N SER E 31 -33.64 38.64 -29.58
CA SER E 31 -33.23 37.62 -30.53
C SER E 31 -34.31 37.50 -31.59
N TRP E 32 -34.03 36.66 -32.59
CA TRP E 32 -34.97 36.39 -33.68
C TRP E 32 -35.23 37.64 -34.52
N LEU E 33 -34.15 38.27 -34.98
CA LEU E 33 -34.19 39.37 -35.93
C LEU E 33 -33.23 39.09 -37.06
N ALA E 34 -33.61 39.48 -38.27
CA ALA E 34 -32.80 39.23 -39.45
C ALA E 34 -32.76 40.48 -40.33
N TRP E 35 -31.77 40.52 -41.21
CA TRP E 35 -31.58 41.63 -42.15
C TRP E 35 -31.53 41.06 -43.56
N TYR E 36 -31.94 41.85 -44.53
CA TYR E 36 -32.01 41.42 -45.92
C TYR E 36 -31.61 42.55 -46.85
N GLN E 37 -31.41 42.21 -48.12
CA GLN E 37 -31.07 43.18 -49.14
C GLN E 37 -31.20 42.52 -50.50
N GLN E 38 -31.44 43.34 -51.52
CA GLN E 38 -31.58 42.84 -52.88
C GLN E 38 -31.37 43.99 -53.88
N LYS E 39 -30.71 43.66 -54.98
CA LYS E 39 -30.59 44.61 -56.07
C LYS E 39 -31.97 44.85 -56.67
N PRO E 40 -32.17 45.98 -57.35
CA PRO E 40 -33.48 46.25 -57.94
C PRO E 40 -33.93 45.17 -58.91
N GLY E 41 -35.00 44.47 -58.57
CA GLY E 41 -35.54 43.42 -59.43
C GLY E 41 -35.07 42.02 -59.12
N LYS E 42 -34.27 41.83 -58.07
CA LYS E 42 -33.77 40.53 -57.68
C LYS E 42 -34.29 40.17 -56.29
N ALA E 43 -34.31 38.87 -56.00
CA ALA E 43 -34.89 38.38 -54.77
C ALA E 43 -34.03 38.77 -53.57
N PRO E 44 -34.58 38.65 -52.35
CA PRO E 44 -33.81 39.05 -51.16
C PRO E 44 -32.66 38.11 -50.87
N LYS E 45 -31.52 38.69 -50.49
CA LYS E 45 -30.39 37.95 -49.95
C LYS E 45 -30.30 38.16 -48.45
N LEU E 46 -29.78 37.15 -47.76
CA LEU E 46 -29.74 37.13 -46.31
C LEU E 46 -28.36 37.57 -45.85
N LEU E 47 -28.32 38.41 -44.81
CA LEU E 47 -27.06 38.91 -44.27
C LEU E 47 -27.00 38.89 -42.74
N ILE E 48 -28.13 38.78 -42.04
CA ILE E 48 -28.14 38.59 -40.60
C ILE E 48 -29.17 37.52 -40.26
N TYR E 49 -28.70 36.43 -39.63
CA TYR E 49 -29.61 35.38 -39.21
C TYR E 49 -30.33 35.75 -37.91
N ASP E 50 -29.57 35.96 -36.84
CA ASP E 50 -30.13 36.34 -35.55
C ASP E 50 -29.40 37.59 -35.06
N ALA E 51 -29.82 38.07 -33.89
CA ALA E 51 -29.21 39.25 -33.29
C ALA E 51 -27.71 39.07 -33.12
N SER E 52 -26.94 39.88 -33.84
CA SER E 52 -25.48 39.85 -33.79
C SER E 52 -24.91 38.49 -34.19
N ASN E 53 -25.64 37.73 -35.00
CA ASN E 53 -25.22 36.41 -35.46
C ASN E 53 -25.18 36.42 -36.98
N LEU E 54 -24.07 35.97 -37.55
CA LEU E 54 -23.88 35.96 -38.99
C LEU E 54 -23.91 34.53 -39.51
N GLU E 55 -24.58 34.33 -40.64
CA GLU E 55 -24.57 33.02 -41.29
C GLU E 55 -23.31 32.87 -42.13
N THR E 56 -23.09 31.65 -42.60
CA THR E 56 -21.85 31.33 -43.31
C THR E 56 -21.89 31.83 -44.76
N GLY E 57 -20.72 32.25 -45.24
CA GLY E 57 -20.55 32.61 -46.63
C GLY E 57 -20.61 34.09 -46.93
N VAL E 58 -21.13 34.91 -46.02
CA VAL E 58 -21.28 36.34 -46.27
C VAL E 58 -19.91 37.00 -46.19
N PRO E 59 -19.69 38.11 -46.89
CA PRO E 59 -18.38 38.78 -46.83
C PRO E 59 -18.22 39.56 -45.54
N SER E 60 -16.98 40.03 -45.33
CA SER E 60 -16.65 40.80 -44.14
C SER E 60 -17.15 42.24 -44.21
N ARG E 61 -17.82 42.63 -45.29
CA ARG E 61 -18.24 44.02 -45.45
C ARG E 61 -19.43 44.37 -44.58
N PHE E 62 -20.04 43.41 -43.89
CA PHE E 62 -21.29 43.62 -43.19
C PHE E 62 -21.19 43.16 -41.74
N SER E 63 -22.10 43.68 -40.91
CA SER E 63 -22.16 43.34 -39.51
C SER E 63 -23.48 43.87 -38.95
N GLY E 64 -23.80 43.43 -37.73
CA GLY E 64 -25.03 43.82 -37.09
C GLY E 64 -24.89 43.88 -35.59
N SER E 65 -25.85 44.56 -34.95
CA SER E 65 -25.86 44.71 -33.50
C SER E 65 -27.16 45.39 -33.10
N GLY E 66 -27.44 45.35 -31.80
CA GLY E 66 -28.60 45.99 -31.22
C GLY E 66 -29.28 45.11 -30.20
N SER E 67 -30.26 45.70 -29.53
CA SER E 67 -31.05 45.00 -28.52
C SER E 67 -32.25 45.85 -28.16
N GLY E 68 -33.39 45.20 -27.98
CA GLY E 68 -34.62 45.90 -27.63
C GLY E 68 -35.41 46.35 -28.84
N THR E 69 -35.89 47.60 -28.81
CA THR E 69 -36.70 48.11 -29.92
C THR E 69 -35.84 48.54 -31.10
N ASP E 70 -34.58 48.90 -30.86
CA ASP E 70 -33.71 49.44 -31.88
C ASP E 70 -32.61 48.44 -32.22
N PHE E 71 -32.45 48.16 -33.51
CA PHE E 71 -31.34 47.35 -34.01
C PHE E 71 -30.70 48.08 -35.18
N THR E 72 -29.42 47.81 -35.41
CA THR E 72 -28.64 48.53 -36.40
C THR E 72 -27.88 47.55 -37.29
N PHE E 73 -27.67 47.96 -38.54
CA PHE E 73 -26.89 47.21 -39.51
C PHE E 73 -25.72 48.08 -39.97
N THR E 74 -24.50 47.65 -39.63
CA THR E 74 -23.30 48.42 -39.90
C THR E 74 -22.58 47.81 -41.09
N ILE E 75 -22.24 48.66 -42.06
CA ILE E 75 -21.52 48.24 -43.27
C ILE E 75 -20.08 48.75 -43.13
N SER E 76 -19.15 47.82 -42.90
CA SER E 76 -17.75 48.20 -42.76
C SER E 76 -17.20 48.84 -44.03
N SER E 77 -17.71 48.47 -45.20
CA SER E 77 -17.26 49.05 -46.46
C SER E 77 -18.34 48.87 -47.53
N LEU E 78 -18.51 49.88 -48.38
CA LEU E 78 -19.52 49.86 -49.43
C LEU E 78 -18.87 49.62 -50.78
N GLN E 79 -19.53 48.81 -51.60
CA GLN E 79 -19.06 48.42 -52.92
C GLN E 79 -20.17 48.66 -53.94
N PRO E 80 -19.82 48.89 -55.20
CA PRO E 80 -20.87 49.22 -56.19
C PRO E 80 -21.97 48.17 -56.29
N GLU E 81 -21.65 46.89 -56.11
CA GLU E 81 -22.68 45.86 -56.16
C GLU E 81 -23.66 45.96 -54.99
N ASP E 82 -23.39 46.82 -54.01
CA ASP E 82 -24.28 47.00 -52.87
C ASP E 82 -25.44 47.95 -53.15
N ILE E 83 -25.51 48.53 -54.34
CA ILE E 83 -26.66 49.39 -54.67
C ILE E 83 -27.91 48.52 -54.64
N ALA E 84 -28.74 48.74 -53.63
CA ALA E 84 -29.83 47.83 -53.29
C ALA E 84 -30.76 48.53 -52.31
N THR E 85 -31.68 47.76 -51.74
CA THR E 85 -32.54 48.24 -50.66
C THR E 85 -32.41 47.30 -49.48
N TYR E 86 -31.93 47.82 -48.36
CA TYR E 86 -31.81 47.03 -47.14
C TYR E 86 -33.17 46.87 -46.48
N TYR E 87 -33.32 45.78 -45.72
CA TYR E 87 -34.60 45.47 -45.09
C TYR E 87 -34.33 44.85 -43.72
N CYS E 88 -35.40 44.74 -42.95
CA CYS E 88 -35.33 44.27 -41.56
C CYS E 88 -36.59 43.48 -41.23
N GLN E 89 -36.43 42.40 -40.47
CA GLN E 89 -37.54 41.51 -40.14
C GLN E 89 -37.45 41.08 -38.68
N GLN E 90 -38.61 40.78 -38.10
CA GLN E 90 -38.72 40.22 -36.76
C GLN E 90 -39.56 38.95 -36.84
N TYR E 91 -38.97 37.82 -36.42
CA TYR E 91 -39.61 36.53 -36.67
C TYR E 91 -39.67 35.65 -35.43
N ASP E 92 -39.86 36.23 -34.24
CA ASP E 92 -40.04 35.39 -33.06
C ASP E 92 -41.32 34.57 -33.13
N ASN E 93 -42.31 35.05 -33.88
CA ASN E 93 -43.59 34.36 -34.03
C ASN E 93 -43.90 34.21 -35.51
N LEU E 94 -44.90 33.38 -35.81
CA LEU E 94 -45.24 33.11 -37.20
C LEU E 94 -45.66 34.35 -37.97
N PRO E 95 -46.61 35.18 -37.50
CA PRO E 95 -47.00 36.36 -38.28
C PRO E 95 -45.89 37.40 -38.32
N LEU E 96 -44.78 37.05 -38.97
CA LEU E 96 -43.69 37.98 -39.13
C LEU E 96 -44.10 39.12 -40.05
N THR E 97 -43.46 40.28 -39.86
CA THR E 97 -43.73 41.44 -40.67
C THR E 97 -42.42 41.95 -41.26
N PHE E 98 -42.54 42.93 -42.15
CA PHE E 98 -41.44 43.34 -43.01
C PHE E 98 -41.30 44.86 -42.96
N GLY E 99 -40.06 45.33 -42.87
CA GLY E 99 -39.83 46.76 -42.80
C GLY E 99 -40.14 47.48 -44.09
N GLY E 100 -40.06 48.81 -44.03
CA GLY E 100 -40.36 49.64 -45.19
C GLY E 100 -39.25 49.71 -46.21
N GLY E 101 -38.01 49.46 -45.81
CA GLY E 101 -36.90 49.47 -46.75
C GLY E 101 -36.00 50.68 -46.60
N THR E 102 -34.74 50.51 -47.00
CA THR E 102 -33.73 51.56 -46.94
C THR E 102 -33.02 51.61 -48.29
N LYS E 103 -33.32 52.64 -49.07
CA LYS E 103 -32.68 52.79 -50.37
C LYS E 103 -31.23 53.22 -50.19
N VAL E 104 -30.34 52.60 -50.97
CA VAL E 104 -28.92 52.92 -50.92
C VAL E 104 -28.38 52.96 -52.34
N GLU E 105 -27.45 53.88 -52.60
CA GLU E 105 -26.84 54.03 -53.91
C GLU E 105 -25.50 54.72 -53.75
N ILE E 106 -24.79 54.86 -54.87
CA ILE E 106 -23.46 55.46 -54.84
C ILE E 106 -23.58 56.98 -54.83
N LYS E 107 -22.65 57.63 -54.14
CA LYS E 107 -22.57 59.08 -54.10
C LYS E 107 -21.55 59.55 -55.13
N ARG E 108 -21.98 60.46 -56.01
CA ARG E 108 -21.12 60.95 -57.08
C ARG E 108 -21.51 62.39 -57.41
N THR E 109 -20.79 62.97 -58.36
CA THR E 109 -21.01 64.35 -58.75
C THR E 109 -22.06 64.43 -59.87
N VAL E 110 -22.63 65.61 -60.03
CA VAL E 110 -23.61 65.83 -61.09
C VAL E 110 -22.89 66.01 -62.42
N ALA E 111 -23.56 65.64 -63.50
CA ALA E 111 -23.01 65.74 -64.84
C ALA E 111 -24.05 66.32 -65.78
N ALA E 112 -23.58 66.75 -66.95
CA ALA E 112 -24.46 67.37 -67.94
C ALA E 112 -25.48 66.34 -68.45
N PRO E 113 -26.77 66.65 -68.45
CA PRO E 113 -27.75 65.67 -68.91
C PRO E 113 -27.98 65.75 -70.42
N SER E 114 -28.32 64.60 -71.01
CA SER E 114 -28.78 64.55 -72.39
C SER E 114 -30.29 64.45 -72.43
N VAL E 115 -30.90 65.08 -73.44
CA VAL E 115 -32.35 65.20 -73.53
C VAL E 115 -32.79 64.87 -74.95
N PHE E 116 -33.79 63.99 -75.07
CA PHE E 116 -34.31 63.55 -76.36
C PHE E 116 -35.83 63.59 -76.33
N ILE E 117 -36.45 63.66 -77.50
CA ILE E 117 -37.88 63.94 -77.62
C ILE E 117 -38.53 62.95 -78.59
N PHE E 118 -39.84 62.73 -78.39
CA PHE E 118 -40.64 61.82 -79.20
C PHE E 118 -41.95 62.49 -79.61
N PRO E 119 -41.99 63.20 -80.72
CA PRO E 119 -43.26 63.70 -81.23
C PRO E 119 -44.06 62.58 -81.89
N PRO E 120 -45.36 62.79 -82.15
CA PRO E 120 -46.20 61.71 -82.68
C PRO E 120 -46.26 61.67 -84.19
N SER E 121 -46.86 60.60 -84.71
CA SER E 121 -47.07 60.41 -86.14
C SER E 121 -48.54 60.58 -86.49
N ASP E 122 -48.82 60.56 -87.79
CA ASP E 122 -50.16 60.90 -88.27
C ASP E 122 -51.21 59.87 -87.90
N GLU E 123 -50.80 58.62 -87.66
CA GLU E 123 -51.77 57.59 -87.30
C GLU E 123 -52.42 57.88 -85.95
N GLN E 124 -51.63 58.36 -84.99
CA GLN E 124 -52.20 58.73 -83.70
C GLN E 124 -53.23 59.84 -83.86
N LEU E 125 -52.91 60.86 -84.66
CA LEU E 125 -53.87 61.93 -84.91
C LEU E 125 -55.13 61.38 -85.55
N LYS E 126 -54.99 60.49 -86.53
CA LYS E 126 -56.16 59.88 -87.16
C LYS E 126 -57.01 59.15 -86.14
N SER E 127 -56.39 58.42 -85.22
CA SER E 127 -57.12 57.67 -84.22
C SER E 127 -57.80 58.55 -83.18
N GLY E 128 -57.50 59.84 -83.14
CA GLY E 128 -58.13 60.75 -82.22
C GLY E 128 -57.35 61.08 -80.96
N THR E 129 -56.04 60.78 -80.94
CA THR E 129 -55.21 61.06 -79.78
C THR E 129 -53.82 61.46 -80.23
N ALA E 130 -53.02 61.92 -79.28
CA ALA E 130 -51.65 62.32 -79.55
C ALA E 130 -50.88 62.32 -78.25
N SER E 131 -49.55 62.22 -78.36
CA SER E 131 -48.69 62.17 -77.19
C SER E 131 -47.26 62.50 -77.58
N VAL E 132 -46.50 62.95 -76.59
CA VAL E 132 -45.08 63.28 -76.75
C VAL E 132 -44.34 62.79 -75.51
N VAL E 133 -43.15 62.21 -75.71
CA VAL E 133 -42.33 61.70 -74.62
C VAL E 133 -41.07 62.57 -74.51
N CYS E 134 -40.54 62.65 -73.31
CA CYS E 134 -39.30 63.37 -73.03
C CYS E 134 -38.46 62.56 -72.07
N LEU E 135 -37.14 62.55 -72.29
CA LEU E 135 -36.24 61.67 -71.56
C LEU E 135 -34.95 62.41 -71.22
N LEU E 136 -34.46 62.18 -70.01
CA LEU E 136 -33.17 62.66 -69.57
C LEU E 136 -32.33 61.47 -69.13
N ASN E 137 -31.01 61.63 -69.12
CA ASN E 137 -30.11 60.52 -68.85
C ASN E 137 -28.76 61.05 -68.37
N ASN E 138 -27.98 60.16 -67.76
CA ASN E 138 -26.61 60.44 -67.37
C ASN E 138 -26.50 61.54 -66.32
N PHE E 139 -27.07 61.32 -65.13
CA PHE E 139 -26.85 62.21 -64.01
C PHE E 139 -27.06 61.44 -62.71
N TYR E 140 -26.40 61.92 -61.64
CA TYR E 140 -26.39 61.17 -60.38
C TYR E 140 -27.67 61.35 -59.58
N PRO E 141 -28.15 62.56 -59.30
CA PRO E 141 -29.12 62.73 -58.21
C PRO E 141 -30.32 61.80 -58.33
N ARG E 142 -30.92 61.51 -57.18
CA ARG E 142 -32.02 60.54 -57.12
C ARG E 142 -33.21 61.00 -57.96
N GLU E 143 -33.49 62.30 -57.98
CA GLU E 143 -34.64 62.84 -58.68
C GLU E 143 -34.23 64.08 -59.46
N ALA E 144 -34.65 64.14 -60.72
CA ALA E 144 -34.35 65.28 -61.59
C ALA E 144 -35.52 65.52 -62.53
N LYS E 145 -36.46 66.37 -62.13
CA LYS E 145 -37.72 66.49 -62.85
C LYS E 145 -37.50 66.91 -64.30
N VAL E 146 -38.39 66.46 -65.17
CA VAL E 146 -38.39 66.85 -66.58
C VAL E 146 -39.74 67.54 -66.80
N GLN E 147 -39.73 68.86 -66.76
CA GLN E 147 -40.95 69.64 -66.76
C GLN E 147 -41.41 69.93 -68.19
N TRP E 148 -42.72 70.09 -68.35
CA TRP E 148 -43.33 70.44 -69.63
C TRP E 148 -43.75 71.90 -69.60
N LYS E 149 -43.31 72.66 -70.61
CA LYS E 149 -43.73 74.05 -70.74
C LYS E 149 -44.31 74.29 -72.12
N VAL E 150 -45.18 73.37 -72.57
CA VAL E 150 -45.84 73.46 -73.87
C VAL E 150 -46.25 74.90 -74.15
N ASP E 151 -45.96 75.37 -75.36
CA ASP E 151 -46.24 76.74 -75.76
C ASP E 151 -45.46 77.73 -74.90
N ASN E 152 -44.27 77.33 -74.45
CA ASN E 152 -43.41 78.17 -73.61
C ASN E 152 -44.10 78.59 -72.31
N ALA E 153 -45.12 77.84 -71.90
CA ALA E 153 -45.87 78.14 -70.68
C ALA E 153 -45.99 76.88 -69.84
N LEU E 154 -45.87 77.04 -68.52
CA LEU E 154 -45.91 75.91 -67.61
C LEU E 154 -47.19 75.11 -67.80
N GLN E 155 -47.07 73.79 -67.67
CA GLN E 155 -48.21 72.88 -67.74
C GLN E 155 -47.99 71.72 -66.79
N SER E 156 -49.09 71.20 -66.25
CA SER E 156 -49.04 70.09 -65.32
C SER E 156 -50.43 69.49 -65.19
N GLY E 157 -50.48 68.28 -64.62
CA GLY E 157 -51.72 67.56 -64.46
C GLY E 157 -52.17 66.78 -65.68
N ASN E 158 -51.66 67.10 -66.86
CA ASN E 158 -52.00 66.41 -68.10
C ASN E 158 -50.83 65.57 -68.61
N SER E 159 -49.94 65.13 -67.73
CA SER E 159 -48.78 64.34 -68.13
C SER E 159 -48.39 63.43 -66.97
N GLN E 160 -47.58 62.43 -67.29
CA GLN E 160 -47.11 61.46 -66.31
C GLN E 160 -45.59 61.35 -66.39
N GLU E 161 -44.97 61.06 -65.25
CA GLU E 161 -43.52 60.97 -65.14
C GLU E 161 -43.14 59.55 -64.75
N SER E 162 -41.99 59.08 -65.25
CA SER E 162 -41.54 57.72 -65.04
C SER E 162 -40.08 57.73 -64.63
N VAL E 163 -39.79 57.33 -63.40
CA VAL E 163 -38.42 57.26 -62.92
C VAL E 163 -37.73 56.01 -63.44
N THR E 164 -36.41 55.99 -63.34
CA THR E 164 -35.60 54.82 -63.65
C THR E 164 -34.78 54.43 -62.43
N GLU E 165 -34.36 53.17 -62.39
CA GLU E 165 -33.55 52.69 -61.28
C GLU E 165 -32.10 53.13 -61.49
N GLN E 166 -31.39 53.34 -60.38
CA GLN E 166 -30.05 53.90 -60.40
C GLN E 166 -29.15 53.16 -61.40
N ASP E 167 -28.68 53.87 -62.42
CA ASP E 167 -27.76 53.29 -63.40
C ASP E 167 -26.36 53.29 -62.79
N SER E 168 -25.65 52.17 -62.93
CA SER E 168 -24.39 51.99 -62.25
C SER E 168 -23.17 52.29 -63.12
N LYS E 169 -23.36 52.69 -64.38
CA LYS E 169 -22.21 52.92 -65.24
C LYS E 169 -21.33 54.04 -64.69
N ASP E 170 -21.94 55.15 -64.27
CA ASP E 170 -21.18 56.24 -63.67
C ASP E 170 -21.92 56.78 -62.45
N SER E 171 -22.56 55.88 -61.68
CA SER E 171 -23.40 56.26 -60.55
C SER E 171 -24.42 57.33 -60.97
N THR E 172 -25.22 56.95 -61.96
CA THR E 172 -26.10 57.87 -62.67
C THR E 172 -27.55 57.41 -62.53
N TYR E 173 -28.46 58.24 -63.06
CA TYR E 173 -29.89 57.99 -62.95
C TYR E 173 -30.57 58.75 -64.08
N SER E 174 -31.73 58.24 -64.48
CA SER E 174 -32.45 58.79 -65.63
C SER E 174 -33.90 59.04 -65.26
N LEU E 175 -34.52 59.98 -65.97
CA LEU E 175 -35.93 60.31 -65.77
C LEU E 175 -36.55 60.64 -67.11
N SER E 176 -37.86 60.40 -67.22
CA SER E 176 -38.59 60.66 -68.45
C SER E 176 -40.02 61.07 -68.10
N SER E 177 -40.82 61.30 -69.15
CA SER E 177 -42.20 61.70 -68.98
C SER E 177 -42.88 61.66 -70.34
N THR E 178 -44.21 61.58 -70.31
CA THR E 178 -45.03 61.58 -71.52
C THR E 178 -46.26 62.46 -71.29
N LEU E 179 -46.55 63.31 -72.27
CA LEU E 179 -47.74 64.16 -72.24
C LEU E 179 -48.73 63.63 -73.27
N THR E 180 -49.94 63.32 -72.82
CA THR E 180 -50.98 62.74 -73.66
C THR E 180 -52.15 63.69 -73.73
N LEU E 181 -52.70 63.89 -74.93
CA LEU E 181 -53.80 64.80 -75.15
C LEU E 181 -54.68 64.28 -76.28
N SER E 182 -55.85 64.90 -76.43
CA SER E 182 -56.84 64.46 -77.39
C SER E 182 -56.72 65.24 -78.71
N LYS E 183 -57.57 64.87 -79.67
CA LYS E 183 -57.50 65.46 -81.01
C LYS E 183 -57.75 66.96 -80.97
N ALA E 184 -58.94 67.36 -80.55
CA ALA E 184 -59.27 68.79 -80.52
C ALA E 184 -58.36 69.54 -79.56
N ASP E 185 -58.07 68.95 -78.41
CA ASP E 185 -57.20 69.60 -77.44
C ASP E 185 -55.76 69.66 -77.94
N TYR E 186 -55.38 68.76 -78.86
CA TYR E 186 -54.06 68.83 -79.47
C TYR E 186 -54.02 69.93 -80.53
N GLU E 187 -55.05 70.03 -81.36
CA GLU E 187 -55.10 71.09 -82.36
C GLU E 187 -55.23 72.46 -81.72
N LYS E 188 -55.83 72.55 -80.53
CA LYS E 188 -55.91 73.83 -79.83
C LYS E 188 -54.53 74.41 -79.55
N HIS E 189 -53.53 73.55 -79.35
CA HIS E 189 -52.15 73.98 -79.20
C HIS E 189 -51.38 73.74 -80.50
N LYS E 190 -50.26 74.45 -80.64
CA LYS E 190 -49.45 74.39 -81.85
C LYS E 190 -48.09 73.75 -81.62
N VAL E 191 -47.31 74.27 -80.69
CA VAL E 191 -45.92 73.85 -80.49
C VAL E 191 -45.84 73.06 -79.18
N TYR E 192 -45.30 71.85 -79.25
CA TYR E 192 -45.08 71.02 -78.08
C TYR E 192 -43.60 71.06 -77.72
N ALA E 193 -43.30 71.35 -76.44
CA ALA E 193 -41.94 71.56 -76.00
C ALA E 193 -41.73 70.89 -74.65
N CYS E 194 -40.54 70.33 -74.46
CA CYS E 194 -40.10 69.79 -73.17
C CYS E 194 -38.84 70.53 -72.73
N GLU E 195 -38.81 70.95 -71.48
CA GLU E 195 -37.69 71.70 -70.93
C GLU E 195 -37.08 70.94 -69.77
N VAL E 196 -35.86 71.34 -69.40
CA VAL E 196 -35.06 70.64 -68.39
C VAL E 196 -34.35 71.69 -67.56
N THR E 197 -34.70 71.78 -66.28
CA THR E 197 -34.02 72.63 -65.32
C THR E 197 -33.32 71.73 -64.31
N HIS E 198 -32.00 71.89 -64.18
CA HIS E 198 -31.22 71.05 -63.28
C HIS E 198 -29.95 71.78 -62.88
N GLN E 199 -29.30 71.26 -61.85
CA GLN E 199 -28.05 71.84 -61.37
C GLN E 199 -26.98 71.87 -62.45
N GLY E 200 -26.98 70.90 -63.36
CA GLY E 200 -26.01 70.88 -64.45
C GLY E 200 -26.30 71.90 -65.54
N LEU E 201 -27.36 72.68 -65.42
CA LEU E 201 -27.74 73.68 -66.40
C LEU E 201 -27.93 75.02 -65.71
N SER E 202 -27.61 76.10 -66.42
CA SER E 202 -27.79 77.44 -65.86
C SER E 202 -29.20 77.96 -66.06
N SER E 203 -29.88 77.53 -67.12
CA SER E 203 -31.25 77.93 -67.40
C SER E 203 -31.97 76.75 -68.03
N PRO E 204 -33.30 76.71 -67.96
CA PRO E 204 -34.04 75.59 -68.57
C PRO E 204 -33.88 75.55 -70.08
N VAL E 205 -33.19 74.52 -70.59
CA VAL E 205 -33.08 74.34 -72.03
C VAL E 205 -34.42 73.86 -72.59
N THR E 206 -34.66 74.15 -73.87
CA THR E 206 -35.95 73.86 -74.49
C THR E 206 -35.74 73.10 -75.80
N LYS E 207 -36.49 72.03 -75.97
CA LYS E 207 -36.56 71.28 -77.21
C LYS E 207 -38.01 71.23 -77.65
N SER E 208 -38.33 71.87 -78.77
CA SER E 208 -39.71 72.09 -79.17
C SER E 208 -39.95 71.50 -80.55
N PHE E 209 -41.15 70.99 -80.76
CA PHE E 209 -41.59 70.46 -82.05
C PHE E 209 -43.02 70.91 -82.31
N ASN E 210 -43.30 71.32 -83.54
CA ASN E 210 -44.61 71.79 -83.95
C ASN E 210 -45.29 70.74 -84.82
N ARG E 211 -46.61 70.92 -85.01
CA ARG E 211 -47.37 69.98 -85.83
C ARG E 211 -46.90 69.98 -87.27
N GLY E 212 -46.27 71.06 -87.73
CA GLY E 212 -45.73 71.12 -89.07
C GLY E 212 -44.36 70.51 -89.24
N GLU E 213 -43.76 70.03 -88.16
CA GLU E 213 -42.44 69.42 -88.22
C GLU E 213 -42.27 68.36 -87.14
N GLN F 4 -38.70 92.46 -51.26
CA GLN F 4 -38.64 91.02 -51.63
C GLN F 4 -38.33 90.16 -50.40
N VAL F 5 -38.06 88.87 -50.63
CA VAL F 5 -37.85 87.92 -49.56
C VAL F 5 -36.40 87.49 -49.44
N GLN F 6 -35.46 88.36 -49.84
CA GLN F 6 -34.06 87.99 -49.83
C GLN F 6 -33.54 87.85 -48.39
N LEU F 7 -32.40 87.18 -48.26
CA LEU F 7 -31.74 87.00 -46.97
C LEU F 7 -30.59 87.99 -46.82
N GLN F 8 -30.24 88.28 -45.56
CA GLN F 8 -29.11 89.15 -45.29
C GLN F 8 -27.81 88.35 -45.34
N GLU F 9 -26.70 89.07 -45.45
CA GLU F 9 -25.39 88.46 -45.61
C GLU F 9 -24.43 89.05 -44.59
N SER F 10 -23.29 88.37 -44.42
CA SER F 10 -22.23 88.82 -43.53
C SER F 10 -20.91 88.23 -44.00
N GLY F 11 -19.83 88.96 -43.75
CA GLY F 11 -18.51 88.52 -44.15
C GLY F 11 -18.05 89.18 -45.44
N GLY F 12 -17.06 88.54 -46.07
CA GLY F 12 -16.51 89.03 -47.31
C GLY F 12 -15.33 89.95 -47.09
N GLY F 13 -14.80 90.45 -48.20
CA GLY F 13 -13.68 91.38 -48.18
C GLY F 13 -12.50 90.86 -48.99
N LEU F 14 -11.32 91.38 -48.66
CA LEU F 14 -10.08 90.98 -49.31
C LEU F 14 -9.10 90.47 -48.26
N VAL F 15 -8.47 89.33 -48.54
CA VAL F 15 -7.63 88.64 -47.58
C VAL F 15 -6.27 88.33 -48.22
N GLN F 16 -5.32 87.98 -47.37
CA GLN F 16 -3.99 87.60 -47.84
C GLN F 16 -4.05 86.20 -48.45
N PRO F 17 -3.12 85.85 -49.33
CA PRO F 17 -3.09 84.48 -49.88
C PRO F 17 -2.90 83.46 -48.77
N GLY F 18 -3.69 82.39 -48.85
CA GLY F 18 -3.67 81.35 -47.83
C GLY F 18 -4.59 81.60 -46.66
N GLY F 19 -5.37 82.67 -46.68
CA GLY F 19 -6.28 82.97 -45.59
C GLY F 19 -7.55 82.13 -45.65
N SER F 20 -8.47 82.47 -44.77
CA SER F 20 -9.75 81.78 -44.67
C SER F 20 -10.81 82.76 -44.20
N LEU F 21 -12.07 82.44 -44.49
CA LEU F 21 -13.19 83.29 -44.13
C LEU F 21 -14.41 82.44 -43.84
N ARG F 22 -15.34 83.01 -43.08
CA ARG F 22 -16.58 82.35 -42.70
C ARG F 22 -17.75 83.21 -43.18
N LEU F 23 -18.39 82.77 -44.26
CA LEU F 23 -19.53 83.50 -44.81
C LEU F 23 -20.83 82.95 -44.23
N SER F 24 -21.90 83.74 -44.36
CA SER F 24 -23.19 83.38 -43.80
C SER F 24 -24.31 84.16 -44.46
N CYS F 25 -25.40 83.48 -44.76
CA CYS F 25 -26.64 84.12 -45.21
C CYS F 25 -27.67 83.98 -44.08
N ALA F 26 -28.28 85.10 -43.69
CA ALA F 26 -29.15 85.15 -42.53
C ALA F 26 -30.54 85.61 -42.93
N ALA F 27 -31.54 85.14 -42.20
CA ALA F 27 -32.92 85.54 -42.42
C ALA F 27 -33.44 86.36 -41.23
N SER F 28 -34.64 86.90 -41.39
CA SER F 28 -35.25 87.71 -40.35
C SER F 28 -36.74 87.83 -40.61
N GLY F 29 -37.52 87.76 -39.53
CA GLY F 29 -38.95 87.95 -39.60
C GLY F 29 -39.70 86.94 -40.44
N ARG F 30 -39.10 85.80 -40.75
CA ARG F 30 -39.77 84.81 -41.60
C ARG F 30 -38.98 83.51 -41.55
N THR F 31 -39.69 82.39 -41.64
CA THR F 31 -39.05 81.08 -41.67
C THR F 31 -38.11 80.99 -42.85
N ILE F 32 -37.02 80.22 -42.69
CA ILE F 32 -35.93 80.23 -43.66
C ILE F 32 -36.29 79.40 -44.88
N SER F 33 -37.17 78.40 -44.73
CA SER F 33 -37.37 77.41 -45.78
C SER F 33 -37.80 78.04 -47.10
N ARG F 34 -38.67 79.06 -47.05
CA ARG F 34 -39.24 79.61 -48.27
C ARG F 34 -38.17 80.14 -49.23
N TYR F 35 -37.04 80.62 -48.70
CA TYR F 35 -35.93 81.03 -49.56
C TYR F 35 -34.59 80.54 -49.01
N ALA F 36 -34.55 79.33 -48.45
CA ALA F 36 -33.30 78.78 -47.95
C ALA F 36 -32.21 78.93 -49.01
N MET F 37 -30.97 79.13 -48.55
CA MET F 37 -29.90 79.64 -49.39
C MET F 37 -28.82 78.59 -49.59
N SER F 38 -28.41 78.43 -50.84
CA SER F 38 -27.16 77.77 -51.19
C SER F 38 -26.09 78.83 -51.45
N TRP F 39 -24.86 78.38 -51.64
CA TRP F 39 -23.73 79.26 -51.96
C TRP F 39 -23.45 79.19 -53.45
N PHE F 40 -23.22 80.34 -54.06
CA PHE F 40 -23.12 80.46 -55.51
C PHE F 40 -21.95 81.36 -55.86
N ARG F 41 -21.08 80.89 -56.74
CA ARG F 41 -19.85 81.58 -57.12
C ARG F 41 -19.98 82.15 -58.53
N GLN F 42 -19.38 83.32 -58.74
CA GLN F 42 -19.40 84.01 -60.05
C GLN F 42 -18.09 84.78 -60.20
N ALA F 43 -17.15 84.21 -60.95
CA ALA F 43 -15.94 84.94 -61.29
C ALA F 43 -16.23 85.97 -62.37
N PRO F 44 -15.43 87.03 -62.46
CA PRO F 44 -15.73 88.10 -63.43
C PRO F 44 -15.88 87.57 -64.86
N GLY F 45 -17.09 87.67 -65.40
CA GLY F 45 -17.38 87.20 -66.73
C GLY F 45 -17.51 85.69 -66.86
N LYS F 46 -17.52 84.96 -65.76
CA LYS F 46 -17.52 83.51 -65.79
C LYS F 46 -18.92 82.98 -65.46
N GLU F 47 -19.27 81.84 -66.06
CA GLU F 47 -20.56 81.23 -65.79
C GLU F 47 -20.70 80.94 -64.31
N ARG F 48 -21.94 80.97 -63.82
CA ARG F 48 -22.19 80.86 -62.39
C ARG F 48 -22.20 79.40 -61.95
N GLU F 49 -21.63 79.15 -60.77
CA GLU F 49 -21.26 77.80 -60.36
C GLU F 49 -21.66 77.57 -58.90
N PHE F 50 -22.12 76.36 -58.60
CA PHE F 50 -22.54 75.98 -57.26
C PHE F 50 -21.33 75.63 -56.40
N VAL F 51 -21.47 75.79 -55.08
CA VAL F 51 -20.37 75.53 -54.17
C VAL F 51 -20.74 74.43 -53.18
N ALA F 52 -21.76 74.66 -52.35
CA ALA F 52 -22.09 73.72 -51.29
C ALA F 52 -23.47 74.03 -50.74
N VAL F 53 -24.10 72.98 -50.18
CA VAL F 53 -25.39 73.11 -49.51
C VAL F 53 -25.62 71.87 -48.64
N ALA F 54 -26.50 71.98 -47.66
CA ALA F 54 -26.85 70.85 -46.80
C ALA F 54 -28.36 70.81 -46.63
N ARG F 55 -28.87 69.64 -46.28
CA ARG F 55 -30.29 69.41 -46.14
C ARG F 55 -30.70 69.37 -44.68
N ARG F 56 -32.01 69.46 -44.44
CA ARG F 56 -32.52 69.37 -43.07
C ARG F 56 -32.30 67.97 -42.49
N SER F 57 -32.44 66.94 -43.32
CA SER F 57 -32.26 65.57 -42.82
C SER F 57 -30.89 65.37 -42.20
N GLY F 58 -29.88 66.07 -42.70
CA GLY F 58 -28.55 65.97 -42.14
C GLY F 58 -27.73 64.81 -42.65
N ASP F 59 -28.02 64.31 -43.86
CA ASP F 59 -27.27 63.21 -44.44
C ASP F 59 -25.92 63.74 -44.96
N GLY F 60 -25.01 63.97 -44.01
CA GLY F 60 -23.71 64.50 -44.37
C GLY F 60 -23.82 65.90 -44.91
N ALA F 61 -23.29 66.12 -46.10
CA ALA F 61 -23.33 67.42 -46.75
C ALA F 61 -23.22 67.22 -48.25
N PHE F 62 -23.31 68.32 -48.99
CA PHE F 62 -23.22 68.31 -50.45
C PHE F 62 -22.22 69.36 -50.88
N TYR F 63 -21.16 68.92 -51.58
CA TYR F 63 -20.11 69.80 -52.05
C TYR F 63 -19.92 69.62 -53.54
N ALA F 64 -19.16 70.53 -54.15
CA ALA F 64 -18.81 70.47 -55.55
C ALA F 64 -17.35 70.07 -55.71
N ASP F 65 -16.98 69.75 -56.95
CA ASP F 65 -15.65 69.22 -57.22
C ASP F 65 -14.56 70.16 -56.72
N SER F 66 -14.63 71.43 -57.11
CA SER F 66 -13.55 72.37 -56.82
C SER F 66 -13.53 72.85 -55.38
N VAL F 67 -14.45 72.37 -54.53
CA VAL F 67 -14.55 72.86 -53.16
C VAL F 67 -14.62 71.75 -52.13
N GLN F 68 -14.58 70.47 -52.54
CA GLN F 68 -14.67 69.38 -51.57
C GLN F 68 -13.49 69.39 -50.61
N GLY F 69 -12.30 69.73 -51.11
CA GLY F 69 -11.09 69.60 -50.31
C GLY F 69 -10.72 70.83 -49.51
N ARG F 70 -11.48 71.92 -49.64
CA ARG F 70 -11.13 73.18 -48.98
C ARG F 70 -12.29 73.87 -48.27
N PHE F 71 -13.54 73.48 -48.53
CA PHE F 71 -14.70 74.22 -48.06
C PHE F 71 -15.60 73.34 -47.20
N THR F 72 -16.36 73.98 -46.31
CA THR F 72 -17.28 73.29 -45.42
C THR F 72 -18.56 74.10 -45.32
N VAL F 73 -19.67 73.41 -45.06
CA VAL F 73 -20.98 74.03 -44.94
C VAL F 73 -21.64 73.55 -43.65
N SER F 74 -22.47 74.42 -43.08
CA SER F 74 -23.20 74.11 -41.86
C SER F 74 -24.54 74.82 -41.89
N ARG F 75 -25.53 74.21 -41.24
CA ARG F 75 -26.88 74.75 -41.17
C ARG F 75 -27.27 75.05 -39.73
N ASP F 76 -28.22 75.98 -39.58
CA ASP F 76 -28.73 76.36 -38.27
C ASP F 76 -30.19 76.75 -38.46
N ASP F 77 -31.10 75.80 -38.24
CA ASP F 77 -32.51 76.01 -38.53
C ASP F 77 -33.27 76.56 -37.33
N ALA F 78 -32.86 76.19 -36.12
CA ALA F 78 -33.60 76.63 -34.93
C ALA F 78 -33.53 78.14 -34.77
N LYS F 79 -32.51 78.80 -35.36
CA LYS F 79 -32.41 80.26 -35.35
C LYS F 79 -32.25 80.83 -36.75
N ASN F 80 -32.45 80.01 -37.78
CA ASN F 80 -32.56 80.50 -39.16
C ASN F 80 -31.30 81.24 -39.60
N THR F 81 -30.19 80.52 -39.70
CA THR F 81 -28.98 81.05 -40.31
C THR F 81 -28.15 79.89 -40.85
N VAL F 82 -27.21 80.23 -41.73
CA VAL F 82 -26.33 79.24 -42.35
C VAL F 82 -24.91 79.81 -42.38
N TYR F 83 -23.93 78.92 -42.35
CA TYR F 83 -22.53 79.28 -42.35
C TYR F 83 -21.79 78.49 -43.42
N LEU F 84 -20.77 79.11 -44.02
CA LEU F 84 -19.93 78.47 -45.01
C LEU F 84 -18.49 78.91 -44.79
N GLN F 85 -17.54 78.10 -45.23
CA GLN F 85 -16.13 78.29 -44.92
C GLN F 85 -15.31 78.29 -46.21
N MET F 86 -14.47 79.31 -46.36
CA MET F 86 -13.55 79.43 -47.49
C MET F 86 -12.13 79.18 -47.01
N ASN F 87 -11.23 78.90 -47.94
CA ASN F 87 -9.84 78.61 -47.59
C ASN F 87 -8.94 78.75 -48.80
N SER F 88 -7.72 79.25 -48.57
CA SER F 88 -6.67 79.32 -49.57
C SER F 88 -7.20 79.78 -50.92
N LEU F 89 -7.72 81.00 -50.95
CA LEU F 89 -8.23 81.56 -52.20
C LEU F 89 -7.10 81.67 -53.21
N LYS F 90 -7.48 81.63 -54.49
CA LYS F 90 -6.54 81.69 -55.60
C LYS F 90 -7.10 82.60 -56.67
N PRO F 91 -6.26 83.14 -57.56
CA PRO F 91 -6.76 84.02 -58.62
C PRO F 91 -7.92 83.42 -59.41
N GLU F 92 -8.07 82.09 -59.36
CA GLU F 92 -9.17 81.45 -60.07
C GLU F 92 -10.50 81.68 -59.36
N ASP F 93 -10.52 81.58 -58.03
CA ASP F 93 -11.77 81.67 -57.27
C ASP F 93 -11.97 83.01 -56.60
N THR F 94 -11.00 83.92 -56.66
CA THR F 94 -11.22 85.28 -56.16
C THR F 94 -12.34 85.90 -56.98
N ALA F 95 -13.51 86.10 -56.36
CA ALA F 95 -14.70 86.42 -57.13
C ALA F 95 -15.81 86.88 -56.19
N VAL F 96 -16.95 87.20 -56.78
CA VAL F 96 -18.15 87.53 -56.04
C VAL F 96 -18.96 86.26 -55.80
N TYR F 97 -19.57 86.16 -54.61
CA TYR F 97 -20.36 84.99 -54.24
C TYR F 97 -21.74 85.44 -53.81
N TYR F 98 -22.74 84.64 -54.18
CA TYR F 98 -24.14 84.95 -53.94
C TYR F 98 -24.81 83.81 -53.20
N CYS F 99 -25.71 84.16 -52.28
CA CYS F 99 -26.59 83.17 -51.66
C CYS F 99 -27.74 82.87 -52.62
N ALA F 100 -27.90 81.60 -52.99
CA ALA F 100 -28.88 81.19 -53.99
C ALA F 100 -29.97 80.36 -53.34
N ILE F 101 -31.19 80.51 -53.85
CA ILE F 101 -32.35 79.86 -53.24
C ILE F 101 -32.19 78.35 -53.25
N ASP F 102 -32.82 77.69 -52.27
CA ASP F 102 -33.03 76.25 -52.27
C ASP F 102 -34.53 76.02 -52.43
N SER F 103 -34.90 75.33 -53.51
CA SER F 103 -36.29 75.22 -53.96
C SER F 103 -37.02 74.09 -53.26
N ASP F 104 -38.10 73.61 -53.89
CA ASP F 104 -39.20 72.90 -53.26
C ASP F 104 -38.77 72.11 -52.04
N THR F 105 -39.53 72.30 -50.95
CA THR F 105 -39.18 71.73 -49.65
C THR F 105 -38.97 70.22 -49.75
N PHE F 106 -37.96 69.73 -49.05
CA PHE F 106 -37.62 68.31 -48.98
C PHE F 106 -37.48 67.68 -50.35
N TYR F 107 -37.18 68.47 -51.37
CA TYR F 107 -36.95 67.93 -52.70
C TYR F 107 -35.59 67.26 -52.77
N SER F 108 -35.55 66.05 -53.31
CA SER F 108 -34.32 65.27 -53.36
C SER F 108 -33.29 65.89 -54.29
N GLY F 109 -33.71 66.72 -55.24
CA GLY F 109 -32.81 67.41 -56.13
C GLY F 109 -32.28 68.69 -55.53
N SER F 110 -32.03 69.67 -56.41
CA SER F 110 -31.53 70.96 -55.97
C SER F 110 -31.75 71.98 -57.07
N TYR F 111 -31.54 73.25 -56.72
CA TYR F 111 -31.72 74.37 -57.63
C TYR F 111 -30.63 75.41 -57.35
N ASP F 112 -30.67 76.50 -58.10
CA ASP F 112 -29.74 77.59 -57.89
C ASP F 112 -30.22 78.83 -58.62
N TYR F 113 -30.56 79.87 -57.86
CA TYR F 113 -30.95 81.17 -58.40
C TYR F 113 -30.53 82.23 -57.40
N TRP F 114 -29.77 83.22 -57.86
CA TRP F 114 -29.12 84.17 -56.95
C TRP F 114 -30.08 85.22 -56.45
N GLY F 115 -29.99 85.54 -55.17
CA GLY F 115 -30.76 86.61 -54.56
C GLY F 115 -29.92 87.80 -54.14
N GLN F 116 -28.70 87.53 -53.66
CA GLN F 116 -27.81 88.59 -53.19
C GLN F 116 -26.44 88.00 -52.92
N GLY F 117 -25.42 88.86 -52.93
CA GLY F 117 -24.05 88.40 -52.73
C GLY F 117 -23.14 89.56 -52.39
N THR F 118 -21.86 89.22 -52.27
CA THR F 118 -20.82 90.21 -51.95
C THR F 118 -19.48 89.68 -52.44
N GLN F 119 -18.45 90.52 -52.28
CA GLN F 119 -17.13 90.19 -52.78
C GLN F 119 -16.38 89.30 -51.78
N VAL F 120 -15.69 88.29 -52.30
CA VAL F 120 -14.79 87.44 -51.52
C VAL F 120 -13.56 87.23 -52.40
N THR F 121 -12.48 87.96 -52.13
CA THR F 121 -11.36 88.04 -53.04
C THR F 121 -10.04 87.88 -52.29
N VAL F 122 -9.04 87.35 -53.00
CA VAL F 122 -7.67 87.30 -52.51
C VAL F 122 -6.97 88.60 -52.91
N SER F 123 -5.82 88.86 -52.30
CA SER F 123 -5.04 90.05 -52.64
C SER F 123 -3.56 89.72 -52.70
N GLN G 1 -47.38 18.46 16.30
CA GLN G 1 -48.84 18.20 16.10
C GLN G 1 -49.22 18.42 14.64
N VAL G 2 -50.00 17.49 14.09
CA VAL G 2 -50.41 17.53 12.69
C VAL G 2 -51.88 17.16 12.59
N GLN G 3 -52.60 17.85 11.71
CA GLN G 3 -54.00 17.53 11.42
C GLN G 3 -54.30 17.95 9.99
N LEU G 4 -55.22 17.25 9.36
CA LEU G 4 -55.55 17.47 7.96
C LEU G 4 -57.03 17.80 7.82
N VAL G 5 -57.35 18.60 6.80
CA VAL G 5 -58.72 18.97 6.46
C VAL G 5 -58.87 18.85 4.95
N GLN G 6 -59.97 18.24 4.51
CA GLN G 6 -60.23 18.01 3.10
C GLN G 6 -61.28 19.00 2.59
N SER G 7 -61.49 18.96 1.28
CA SER G 7 -62.50 19.81 0.66
C SER G 7 -63.89 19.23 0.90
N GLY G 8 -64.90 19.93 0.37
CA GLY G 8 -66.27 19.49 0.51
C GLY G 8 -66.65 18.47 -0.55
N ALA G 9 -67.91 18.08 -0.53
CA ALA G 9 -68.42 17.12 -1.49
C ALA G 9 -68.53 17.75 -2.88
N GLU G 10 -68.54 16.89 -3.89
CA GLU G 10 -68.59 17.34 -5.28
C GLU G 10 -69.51 16.41 -6.07
N VAL G 11 -70.06 16.94 -7.15
CA VAL G 11 -70.95 16.18 -8.04
C VAL G 11 -70.75 16.74 -9.44
N LYS G 12 -70.49 15.86 -10.41
CA LYS G 12 -70.24 16.28 -11.78
C LYS G 12 -70.67 15.17 -12.74
N LYS G 13 -70.57 15.47 -14.03
CA LYS G 13 -71.05 14.55 -15.05
C LYS G 13 -69.97 13.50 -15.36
N PRO G 14 -70.37 12.34 -15.88
CA PRO G 14 -69.37 11.37 -16.35
C PRO G 14 -68.52 11.93 -17.47
N GLY G 15 -67.32 11.38 -17.62
CA GLY G 15 -66.41 11.79 -18.68
C GLY G 15 -65.73 13.13 -18.46
N SER G 16 -66.06 13.83 -17.39
CA SER G 16 -65.46 15.13 -17.10
C SER G 16 -64.27 14.94 -16.16
N SER G 17 -63.71 16.05 -15.68
CA SER G 17 -62.59 16.03 -14.76
C SER G 17 -63.03 16.64 -13.43
N VAL G 18 -62.63 16.00 -12.33
CA VAL G 18 -62.99 16.44 -10.98
C VAL G 18 -61.70 16.82 -10.25
N LYS G 19 -61.74 17.95 -9.55
CA LYS G 19 -60.59 18.48 -8.84
C LYS G 19 -60.87 18.47 -7.35
N VAL G 20 -59.91 17.99 -6.57
CA VAL G 20 -60.05 17.88 -5.12
C VAL G 20 -58.66 18.02 -4.49
N SER G 21 -58.62 18.54 -3.28
CA SER G 21 -57.35 18.79 -2.61
C SER G 21 -57.54 18.66 -1.10
N CYS G 22 -56.43 18.69 -0.38
CA CYS G 22 -56.42 18.62 1.08
C CYS G 22 -55.32 19.52 1.61
N LYS G 23 -55.64 20.25 2.68
CA LYS G 23 -54.69 21.20 3.26
C LYS G 23 -53.66 20.47 4.11
N ALA G 24 -52.40 20.82 3.92
CA ALA G 24 -51.32 20.24 4.71
C ALA G 24 -51.10 21.04 6.00
N SER G 25 -52.16 21.14 6.81
CA SER G 25 -52.07 21.91 8.04
C SER G 25 -51.21 21.19 9.08
N GLY G 26 -50.78 21.93 10.09
CA GLY G 26 -49.95 21.37 11.14
C GLY G 26 -48.55 21.07 10.65
N GLY G 27 -47.62 21.03 11.60
CA GLY G 27 -46.23 20.78 11.26
C GLY G 27 -45.74 21.77 10.22
N THR G 28 -45.17 21.24 9.15
CA THR G 28 -44.70 22.06 8.04
C THR G 28 -44.93 21.29 6.74
N PHE G 29 -44.97 22.04 5.63
CA PHE G 29 -45.11 21.41 4.33
C PHE G 29 -43.85 20.63 3.95
N SER G 30 -42.70 20.99 4.53
CA SER G 30 -41.47 20.28 4.21
C SER G 30 -41.38 18.96 4.97
N SER G 31 -41.84 18.95 6.22
CA SER G 31 -41.83 17.75 7.05
C SER G 31 -43.11 16.93 6.91
N TYR G 32 -43.80 17.05 5.77
CA TYR G 32 -45.08 16.39 5.56
C TYR G 32 -45.07 15.72 4.21
N ALA G 33 -45.80 14.60 4.12
CA ALA G 33 -45.97 13.87 2.88
C ALA G 33 -47.42 13.40 2.80
N ILE G 34 -48.04 13.59 1.63
CA ILE G 34 -49.45 13.33 1.42
C ILE G 34 -49.61 12.16 0.48
N SER G 35 -50.69 11.40 0.66
CA SER G 35 -51.03 10.29 -0.21
C SER G 35 -52.55 10.15 -0.28
N TRP G 36 -53.07 9.90 -1.47
CA TRP G 36 -54.49 9.80 -1.70
C TRP G 36 -54.90 8.34 -1.82
N VAL G 37 -56.00 7.98 -1.17
CA VAL G 37 -56.50 6.60 -1.14
C VAL G 37 -58.01 6.64 -1.34
N ARG G 38 -58.52 5.75 -2.19
CA ARG G 38 -59.93 5.70 -2.54
C ARG G 38 -60.64 4.64 -1.72
N GLN G 39 -61.92 4.90 -1.41
CA GLN G 39 -62.79 3.93 -0.76
C GLN G 39 -64.13 3.96 -1.47
N ALA G 40 -64.44 2.90 -2.22
CA ALA G 40 -65.68 2.87 -2.98
C ALA G 40 -66.81 2.24 -2.17
N PRO G 41 -68.06 2.66 -2.39
CA PRO G 41 -69.18 2.02 -1.68
C PRO G 41 -69.23 0.53 -1.95
N GLY G 42 -69.12 -0.25 -0.88
CA GLY G 42 -69.06 -1.69 -1.00
C GLY G 42 -67.67 -2.24 -1.23
N GLN G 43 -66.63 -1.47 -0.92
CA GLN G 43 -65.25 -1.90 -1.13
C GLN G 43 -64.38 -1.28 -0.03
N GLY G 44 -63.26 -1.93 0.22
CA GLY G 44 -62.31 -1.41 1.19
C GLY G 44 -61.56 -0.21 0.64
N LEU G 45 -60.47 0.13 1.32
CA LEU G 45 -59.63 1.22 0.88
C LEU G 45 -58.80 0.78 -0.33
N GLU G 46 -58.45 1.75 -1.16
CA GLU G 46 -57.69 1.47 -2.39
C GLU G 46 -56.79 2.65 -2.69
N TRP G 47 -55.55 2.36 -3.06
CA TRP G 47 -54.56 3.41 -3.25
C TRP G 47 -54.79 4.15 -4.57
N MET G 48 -54.54 5.46 -4.55
CA MET G 48 -54.58 6.30 -5.74
C MET G 48 -53.20 6.80 -6.13
N GLY G 49 -52.44 7.32 -5.17
CA GLY G 49 -51.10 7.79 -5.46
C GLY G 49 -50.50 8.43 -4.22
N ARG G 50 -49.23 8.82 -4.35
CA ARG G 50 -48.50 9.48 -3.28
C ARG G 50 -47.72 10.65 -3.85
N ILE G 51 -47.49 11.66 -3.01
CA ILE G 51 -46.77 12.86 -3.40
C ILE G 51 -46.05 13.41 -2.18
N ILE G 52 -44.77 13.74 -2.37
CA ILE G 52 -43.96 14.35 -1.31
C ILE G 52 -43.72 15.81 -1.70
N PRO G 53 -44.42 16.77 -1.08
CA PRO G 53 -44.31 18.17 -1.53
C PRO G 53 -42.89 18.69 -1.62
N ILE G 54 -42.01 18.29 -0.69
CA ILE G 54 -40.66 18.85 -0.67
C ILE G 54 -39.73 18.12 -1.63
N PHE G 55 -39.87 16.80 -1.78
CA PHE G 55 -39.05 16.05 -2.72
C PHE G 55 -39.58 16.11 -4.13
N GLY G 56 -40.90 16.28 -4.31
CA GLY G 56 -41.49 16.33 -5.63
C GLY G 56 -41.69 14.99 -6.29
N THR G 57 -41.41 13.88 -5.59
CA THR G 57 -41.59 12.55 -6.16
C THR G 57 -43.05 12.13 -6.05
N ALA G 58 -43.58 11.56 -7.13
CA ALA G 58 -44.97 11.14 -7.18
C ALA G 58 -45.09 9.84 -7.96
N ASN G 59 -46.12 9.06 -7.65
CA ASN G 59 -46.40 7.82 -8.35
C ASN G 59 -47.89 7.53 -8.24
N TYR G 60 -48.34 6.53 -8.99
CA TYR G 60 -49.75 6.19 -9.08
C TYR G 60 -49.93 4.68 -8.98
N ALA G 61 -51.19 4.27 -8.88
CA ALA G 61 -51.53 2.85 -8.92
C ALA G 61 -51.51 2.35 -10.37
N GLN G 62 -51.29 1.04 -10.52
CA GLN G 62 -51.15 0.46 -11.86
C GLN G 62 -52.45 0.48 -12.66
N LYS G 63 -53.56 0.94 -12.09
CA LYS G 63 -54.83 1.00 -12.79
C LYS G 63 -55.43 2.39 -12.86
N PHE G 64 -54.73 3.42 -12.37
CA PHE G 64 -55.25 4.78 -12.36
C PHE G 64 -54.29 5.79 -12.98
N GLN G 65 -53.18 5.34 -13.56
CA GLN G 65 -52.27 6.28 -14.22
C GLN G 65 -52.98 6.98 -15.38
N GLY G 66 -52.66 8.25 -15.56
CA GLY G 66 -53.33 9.05 -16.58
C GLY G 66 -54.73 9.43 -16.16
N ARG G 67 -55.55 8.41 -15.87
CA ARG G 67 -56.88 8.68 -15.31
C ARG G 67 -56.78 9.56 -14.07
N VAL G 68 -55.74 9.37 -13.26
CA VAL G 68 -55.51 10.15 -12.05
C VAL G 68 -54.21 10.91 -12.20
N THR G 69 -54.21 12.15 -11.72
CA THR G 69 -53.02 12.99 -11.70
C THR G 69 -52.90 13.65 -10.33
N ILE G 70 -51.66 13.77 -9.83
CA ILE G 70 -51.40 14.30 -8.51
C ILE G 70 -50.41 15.45 -8.62
N THR G 71 -50.61 16.47 -7.80
CA THR G 71 -49.74 17.65 -7.79
C THR G 71 -49.79 18.26 -6.39
N ALA G 72 -48.78 19.06 -6.08
CA ALA G 72 -48.70 19.72 -4.78
C ALA G 72 -47.87 20.99 -4.92
N ASP G 73 -47.96 21.84 -3.90
CA ASP G 73 -47.19 23.08 -3.84
C ASP G 73 -46.98 23.47 -2.39
N GLU G 74 -46.21 24.54 -2.20
CA GLU G 74 -45.96 25.08 -0.86
C GLU G 74 -46.63 26.42 -0.63
N SER G 75 -46.82 27.22 -1.67
CA SER G 75 -47.51 28.50 -1.50
C SER G 75 -48.89 28.31 -0.89
N THR G 76 -49.58 27.22 -1.26
CA THR G 76 -50.85 26.87 -0.65
C THR G 76 -50.73 25.73 0.36
N SER G 77 -49.65 24.94 0.28
CA SER G 77 -49.38 23.85 1.22
C SER G 77 -50.53 22.83 1.21
N THR G 78 -50.69 22.20 0.05
CA THR G 78 -51.77 21.24 -0.16
C THR G 78 -51.42 20.33 -1.32
N ALA G 79 -51.95 19.11 -1.28
CA ALA G 79 -51.80 18.17 -2.38
C ALA G 79 -53.02 18.25 -3.30
N TYR G 80 -52.76 18.50 -4.58
CA TYR G 80 -53.83 18.62 -5.57
C TYR G 80 -54.07 17.27 -6.22
N MET G 81 -55.33 16.91 -6.39
CA MET G 81 -55.74 15.66 -7.01
C MET G 81 -56.75 15.97 -8.11
N GLU G 82 -56.53 15.36 -9.28
CA GLU G 82 -57.41 15.55 -10.43
C GLU G 82 -57.65 14.21 -11.10
N LEU G 83 -58.92 13.87 -11.29
CA LEU G 83 -59.32 12.61 -11.90
C LEU G 83 -60.07 12.92 -13.20
N SER G 84 -59.50 12.49 -14.31
CA SER G 84 -60.01 12.81 -15.64
C SER G 84 -60.76 11.63 -16.22
N SER G 85 -61.63 11.93 -17.19
CA SER G 85 -62.47 10.93 -17.85
C SER G 85 -63.08 9.97 -16.83
N LEU G 86 -63.64 10.53 -15.76
CA LEU G 86 -64.17 9.72 -14.68
C LEU G 86 -65.40 8.96 -15.16
N ARG G 87 -65.45 7.67 -14.83
CA ARG G 87 -66.60 6.83 -15.16
C ARG G 87 -67.74 7.09 -14.20
N SER G 88 -68.89 6.46 -14.49
CA SER G 88 -69.99 6.46 -13.54
C SER G 88 -69.64 5.64 -12.31
N GLU G 89 -68.73 4.67 -12.45
CA GLU G 89 -68.30 3.86 -11.32
C GLU G 89 -67.39 4.63 -10.37
N ASP G 90 -66.85 5.78 -10.80
CA ASP G 90 -65.98 6.57 -9.95
C ASP G 90 -66.71 7.24 -8.79
N THR G 91 -68.00 6.98 -8.62
CA THR G 91 -68.73 7.50 -7.47
C THR G 91 -68.19 6.87 -6.20
N ALA G 92 -67.46 7.65 -5.40
CA ALA G 92 -66.80 7.14 -4.22
C ALA G 92 -66.31 8.30 -3.37
N VAL G 93 -65.78 7.97 -2.20
CA VAL G 93 -65.22 8.95 -1.27
C VAL G 93 -63.70 8.80 -1.29
N TYR G 94 -63.00 9.92 -1.48
CA TYR G 94 -61.54 9.93 -1.54
C TYR G 94 -60.98 10.49 -0.24
N TYR G 95 -59.87 9.91 0.21
CA TYR G 95 -59.22 10.28 1.45
C TYR G 95 -57.82 10.82 1.17
N CYS G 96 -57.39 11.77 2.00
CA CYS G 96 -56.03 12.31 1.97
C CYS G 96 -55.40 12.11 3.33
N ALA G 97 -54.31 11.35 3.38
CA ALA G 97 -53.71 10.95 4.65
C ALA G 97 -52.23 11.29 4.66
N SER G 98 -51.63 11.18 5.85
CA SER G 98 -50.22 11.48 6.01
C SER G 98 -49.39 10.25 5.69
N LEU G 99 -48.34 10.44 4.89
CA LEU G 99 -47.44 9.34 4.50
C LEU G 99 -46.27 9.36 5.47
N ALA G 100 -46.22 8.34 6.34
CA ALA G 100 -45.21 8.31 7.40
C ALA G 100 -43.86 7.81 6.88
N SER G 101 -43.85 7.10 5.76
CA SER G 101 -42.61 6.51 5.24
C SER G 101 -41.66 7.57 4.69
N TYR G 102 -41.96 8.85 4.92
CA TYR G 102 -41.17 9.91 4.32
C TYR G 102 -39.88 10.18 5.08
N SER G 103 -39.86 9.96 6.39
CA SER G 103 -38.73 10.43 7.20
C SER G 103 -38.46 9.50 8.37
N SER G 104 -37.18 9.50 8.79
CA SER G 104 -36.75 8.98 10.09
C SER G 104 -37.26 7.56 10.36
N GLY G 105 -36.99 6.64 9.44
CA GLY G 105 -37.18 5.23 9.73
C GLY G 105 -38.60 4.81 10.02
N TRP G 106 -39.59 5.68 9.81
CA TRP G 106 -40.97 5.23 9.87
C TRP G 106 -41.28 4.39 8.63
N GLU G 107 -42.52 3.89 8.53
CA GLU G 107 -42.89 3.04 7.41
C GLU G 107 -44.17 3.54 6.79
N ASP G 108 -44.54 2.91 5.66
CA ASP G 108 -45.63 3.36 4.81
C ASP G 108 -46.97 3.02 5.45
N VAL G 109 -47.28 3.77 6.51
CA VAL G 109 -48.58 3.73 7.16
C VAL G 109 -49.07 5.15 7.32
N PHE G 110 -50.35 5.28 7.63
CA PHE G 110 -51.03 6.58 7.70
C PHE G 110 -51.44 6.83 9.16
N ASP G 111 -50.70 7.72 9.83
CA ASP G 111 -50.97 8.02 11.23
C ASP G 111 -52.04 9.09 11.39
N ILE G 112 -52.17 10.00 10.43
CA ILE G 112 -53.17 11.06 10.47
C ILE G 112 -54.02 10.97 9.20
N TRP G 113 -55.34 11.12 9.37
CA TRP G 113 -56.28 11.03 8.27
C TRP G 113 -57.16 12.27 8.25
N GLY G 114 -57.60 12.66 7.04
CA GLY G 114 -58.56 13.73 6.92
C GLY G 114 -59.98 13.23 7.09
N GLN G 115 -60.93 14.13 6.81
CA GLN G 115 -62.34 13.78 6.96
C GLN G 115 -62.82 12.89 5.82
N GLY G 116 -62.75 13.40 4.59
CA GLY G 116 -63.19 12.65 3.44
C GLY G 116 -63.93 13.51 2.43
N THR G 117 -63.68 13.28 1.15
CA THR G 117 -64.30 14.03 0.06
C THR G 117 -65.18 13.08 -0.75
N MET G 118 -66.48 13.32 -0.72
CA MET G 118 -67.44 12.47 -1.43
C MET G 118 -67.64 13.00 -2.84
N VAL G 119 -67.30 12.19 -3.83
CA VAL G 119 -67.49 12.52 -5.24
C VAL G 119 -68.52 11.56 -5.81
N THR G 120 -69.63 12.10 -6.31
CA THR G 120 -70.71 11.31 -6.86
C THR G 120 -70.91 11.66 -8.33
N VAL G 121 -71.29 10.66 -9.12
CA VAL G 121 -71.47 10.81 -10.56
C VAL G 121 -72.86 10.31 -10.91
N SER G 122 -73.65 11.16 -11.54
CA SER G 122 -75.00 10.80 -11.96
C SER G 122 -75.46 11.78 -13.02
N SER G 123 -76.55 11.43 -13.70
CA SER G 123 -77.10 12.28 -14.74
C SER G 123 -78.01 13.38 -14.18
N ALA G 124 -78.38 13.29 -12.90
CA ALA G 124 -79.28 14.28 -12.31
C ALA G 124 -78.49 15.46 -11.78
N SER G 125 -79.22 16.49 -11.36
CA SER G 125 -78.64 17.68 -10.76
C SER G 125 -79.22 17.87 -9.36
N THR G 126 -78.68 18.85 -8.64
CA THR G 126 -79.14 19.11 -7.28
C THR G 126 -80.54 19.71 -7.30
N LYS G 127 -81.51 18.94 -6.78
CA LYS G 127 -82.89 19.39 -6.72
C LYS G 127 -83.56 18.80 -5.49
N GLY G 128 -84.66 19.42 -5.07
CA GLY G 128 -85.35 19.01 -3.87
C GLY G 128 -86.03 17.67 -4.01
N PRO G 129 -86.41 17.07 -2.87
CA PRO G 129 -87.05 15.76 -2.90
C PRO G 129 -88.55 15.86 -3.12
N SER G 130 -89.14 14.69 -3.40
CA SER G 130 -90.59 14.53 -3.44
C SER G 130 -91.00 13.62 -2.29
N VAL G 131 -91.96 14.07 -1.49
CA VAL G 131 -92.32 13.42 -0.24
C VAL G 131 -93.82 13.18 -0.20
N PHE G 132 -94.23 12.07 0.42
CA PHE G 132 -95.63 11.74 0.61
C PHE G 132 -95.73 10.80 1.79
N PRO G 133 -96.83 10.85 2.55
CA PRO G 133 -96.98 9.98 3.72
C PRO G 133 -97.61 8.65 3.38
N LEU G 134 -97.75 7.82 4.42
CA LEU G 134 -98.42 6.54 4.28
C LEU G 134 -99.91 6.68 4.59
N ALA G 135 -100.61 5.55 4.60
CA ALA G 135 -102.04 5.52 4.90
C ALA G 135 -102.43 4.11 5.29
N PRO G 136 -102.06 3.69 6.51
CA PRO G 136 -102.39 2.33 6.94
C PRO G 136 -103.88 2.19 7.28
N SER G 137 -104.38 0.97 7.20
CA SER G 137 -105.74 0.68 7.60
C SER G 137 -105.79 0.35 9.08
N SER G 138 -106.97 0.55 9.69
CA SER G 138 -107.10 0.36 11.12
C SER G 138 -106.76 -1.07 11.54
N LYS G 139 -107.20 -2.06 10.78
CA LYS G 139 -106.95 -3.45 11.13
C LYS G 139 -105.47 -3.83 11.03
N SER G 140 -104.60 -2.92 10.58
CA SER G 140 -103.17 -3.18 10.59
C SER G 140 -102.58 -3.16 11.99
N THR G 141 -103.32 -2.69 12.98
CA THR G 141 -102.83 -2.70 14.36
C THR G 141 -102.51 -4.13 14.78
N SER G 142 -101.43 -4.28 15.54
CA SER G 142 -100.97 -5.60 15.96
C SER G 142 -100.19 -5.47 17.25
N GLY G 143 -100.64 -6.17 18.30
CA GLY G 143 -99.91 -6.23 19.55
C GLY G 143 -99.63 -4.87 20.17
N GLY G 144 -100.59 -3.96 20.11
CA GLY G 144 -100.41 -2.66 20.71
C GLY G 144 -99.44 -1.75 19.99
N THR G 145 -99.09 -2.06 18.74
CA THR G 145 -98.14 -1.27 17.98
C THR G 145 -98.66 -1.09 16.55
N ALA G 146 -98.32 0.05 15.96
CA ALA G 146 -98.70 0.36 14.59
C ALA G 146 -97.57 1.11 13.91
N ALA G 147 -97.48 0.96 12.59
CA ALA G 147 -96.41 1.55 11.81
C ALA G 147 -96.86 2.87 11.18
N LEU G 148 -95.91 3.79 11.02
CA LEU G 148 -96.13 5.07 10.38
C LEU G 148 -94.99 5.33 9.41
N GLY G 149 -95.32 5.66 8.18
CA GLY G 149 -94.33 5.75 7.12
C GLY G 149 -94.23 7.15 6.53
N CYS G 150 -93.02 7.49 6.08
CA CYS G 150 -92.77 8.75 5.39
C CYS G 150 -91.68 8.49 4.36
N LEU G 151 -92.01 8.67 3.08
CA LEU G 151 -91.15 8.26 1.99
C LEU G 151 -90.65 9.48 1.22
N VAL G 152 -89.44 9.34 0.66
CA VAL G 152 -88.83 10.37 -0.17
C VAL G 152 -88.29 9.70 -1.43
N LYS G 153 -88.62 10.27 -2.58
CA LYS G 153 -88.14 9.78 -3.87
C LYS G 153 -87.79 10.96 -4.76
N ASP G 154 -87.00 10.67 -5.80
CA ASP G 154 -86.63 11.67 -6.80
C ASP G 154 -85.87 12.83 -6.17
N TYR G 155 -84.83 12.50 -5.37
CA TYR G 155 -84.04 13.54 -4.67
C TYR G 155 -82.57 13.46 -5.08
N PHE G 156 -81.83 14.56 -4.93
CA PHE G 156 -80.38 14.56 -5.24
C PHE G 156 -79.65 15.59 -4.37
N GLU G 158 -75.75 13.51 -1.20
CA GLU G 158 -77.22 13.72 -1.24
C GLU G 158 -77.83 13.34 0.13
N PRO G 159 -77.81 14.17 1.22
CA PRO G 159 -78.45 13.76 2.47
C PRO G 159 -79.89 14.25 2.67
N VAL G 160 -80.82 13.32 2.96
CA VAL G 160 -82.21 13.73 3.28
C VAL G 160 -82.52 13.29 4.71
N THR G 161 -82.73 14.25 5.61
CA THR G 161 -83.05 13.95 7.01
C THR G 161 -84.57 13.79 7.13
N VAL G 162 -85.01 12.57 7.40
CA VAL G 162 -86.43 12.27 7.61
C VAL G 162 -86.66 12.10 9.10
N SER G 163 -87.42 13.01 9.70
CA SER G 163 -87.65 13.01 11.13
C SER G 163 -89.14 12.88 11.41
N TRP G 164 -89.47 12.34 12.58
CA TRP G 164 -90.84 12.13 13.01
C TRP G 164 -91.12 12.99 14.23
N ASN G 165 -92.31 13.61 14.26
CA ASN G 165 -92.69 14.50 15.34
C ASN G 165 -91.64 15.58 15.54
N SER G 166 -91.27 16.25 14.45
CA SER G 166 -90.26 17.30 14.47
C SER G 166 -88.95 16.80 15.08
N GLY G 167 -88.67 15.51 14.89
CA GLY G 167 -87.48 14.88 15.44
C GLY G 167 -87.57 14.47 16.88
N ALA G 168 -88.73 14.63 17.52
CA ALA G 168 -88.90 14.25 18.92
C ALA G 168 -89.10 12.75 19.09
N LEU G 169 -89.24 11.99 18.01
CA LEU G 169 -89.43 10.54 18.06
C LEU G 169 -88.24 9.87 17.41
N THR G 170 -87.62 8.92 18.13
CA THR G 170 -86.48 8.17 17.62
C THR G 170 -86.54 6.67 17.90
N SER G 171 -87.49 6.20 18.69
CA SER G 171 -87.58 4.78 19.03
C SER G 171 -88.22 4.01 17.87
N GLY G 172 -87.49 3.03 17.35
CA GLY G 172 -88.01 2.21 16.28
C GLY G 172 -87.85 2.79 14.90
N VAL G 173 -86.82 3.62 14.68
CA VAL G 173 -86.65 4.27 13.38
C VAL G 173 -85.96 3.30 12.42
N HIS G 174 -86.64 2.96 11.34
CA HIS G 174 -86.08 2.16 10.27
C HIS G 174 -85.88 3.04 9.05
N THR G 175 -84.64 3.12 8.57
CA THR G 175 -84.28 4.04 7.50
C THR G 175 -83.63 3.29 6.35
N PHE G 176 -83.78 3.82 5.15
CA PHE G 176 -83.17 3.22 3.97
C PHE G 176 -81.71 3.67 3.87
N PRO G 177 -80.82 2.84 3.34
CA PRO G 177 -79.57 3.38 2.77
C PRO G 177 -79.83 3.97 1.40
N ALA G 178 -78.86 4.74 0.92
CA ALA G 178 -79.01 5.45 -0.35
C ALA G 178 -79.19 4.45 -1.49
N VAL G 179 -80.35 4.51 -2.15
CA VAL G 179 -80.66 3.67 -3.29
C VAL G 179 -81.01 4.57 -4.46
N LEU G 180 -80.38 4.35 -5.61
CA LEU G 180 -80.57 5.18 -6.79
C LEU G 180 -81.50 4.47 -7.78
N GLN G 181 -82.33 5.26 -8.46
CA GLN G 181 -83.24 4.74 -9.47
C GLN G 181 -82.58 4.78 -10.85
N SER G 182 -83.30 4.24 -11.84
CA SER G 182 -82.79 4.22 -13.20
C SER G 182 -82.73 5.62 -13.82
N SER G 183 -83.51 6.56 -13.30
CA SER G 183 -83.53 7.92 -13.82
C SER G 183 -82.41 8.79 -13.25
N GLY G 184 -81.43 8.19 -12.57
CA GLY G 184 -80.35 8.95 -11.98
C GLY G 184 -80.71 9.69 -10.72
N LEU G 185 -81.78 9.29 -10.04
CA LEU G 185 -82.25 9.95 -8.84
C LEU G 185 -82.20 8.96 -7.66
N TYR G 186 -82.13 9.52 -6.46
CA TYR G 186 -82.02 8.73 -5.24
C TYR G 186 -83.34 8.74 -4.48
N SER G 187 -83.42 7.89 -3.46
CA SER G 187 -84.63 7.73 -2.67
C SER G 187 -84.25 7.38 -1.24
N LEU G 188 -85.11 7.78 -0.29
CA LEU G 188 -84.91 7.51 1.12
C LEU G 188 -86.27 7.50 1.80
N SER G 189 -86.49 6.53 2.70
CA SER G 189 -87.75 6.44 3.42
C SER G 189 -87.49 6.03 4.86
N SER G 190 -88.26 6.62 5.77
CA SER G 190 -88.19 6.32 7.19
C SER G 190 -89.55 5.83 7.67
N VAL G 191 -89.55 4.77 8.45
CA VAL G 191 -90.77 4.18 9.00
C VAL G 191 -90.53 3.88 10.47
N VAL G 192 -91.52 4.19 11.30
CA VAL G 192 -91.39 4.08 12.76
C VAL G 192 -92.54 3.25 13.30
N THR G 193 -92.31 2.65 14.46
CA THR G 193 -93.32 1.87 15.18
C THR G 193 -93.78 2.66 16.39
N VAL G 194 -95.10 2.86 16.50
CA VAL G 194 -95.68 3.64 17.58
C VAL G 194 -96.83 2.85 18.20
N PRO G 195 -97.30 3.22 19.38
CA PRO G 195 -98.48 2.53 19.95
C PRO G 195 -99.66 2.57 19.00
N SER G 196 -100.35 1.43 18.88
CA SER G 196 -101.49 1.36 17.98
C SER G 196 -102.66 2.22 18.46
N SER G 197 -102.91 2.23 19.78
CA SER G 197 -103.99 3.05 20.31
C SER G 197 -103.78 4.53 20.03
N SER G 198 -102.54 4.94 19.78
CA SER G 198 -102.28 6.34 19.44
C SER G 198 -102.72 6.67 18.02
N LEU G 199 -102.66 5.69 17.11
CA LEU G 199 -103.06 5.93 15.74
C LEU G 199 -104.52 6.37 15.68
N GLY G 200 -104.74 7.59 15.20
CA GLY G 200 -106.06 8.18 15.14
C GLY G 200 -106.41 9.05 16.33
N THR G 201 -105.88 8.74 17.50
CA THR G 201 -106.12 9.55 18.69
C THR G 201 -105.04 10.60 18.91
N GLN G 202 -103.77 10.24 18.71
CA GLN G 202 -102.66 11.16 18.85
C GLN G 202 -102.20 11.63 17.48
N THR G 203 -101.79 12.90 17.41
CA THR G 203 -101.35 13.49 16.15
C THR G 203 -99.88 13.23 15.93
N TYR G 204 -99.53 12.67 14.77
CA TYR G 204 -98.15 12.45 14.37
C TYR G 204 -97.93 13.04 12.99
N ILE G 205 -96.73 13.59 12.78
CA ILE G 205 -96.37 14.23 11.52
C ILE G 205 -94.94 13.83 11.17
N CYS G 206 -94.68 13.71 9.87
CA CYS G 206 -93.36 13.38 9.35
C CYS G 206 -92.81 14.58 8.60
N ASN G 207 -91.52 14.85 8.77
CA ASN G 207 -90.86 15.99 8.16
C ASN G 207 -89.65 15.54 7.37
N VAL G 208 -89.26 16.35 6.39
CA VAL G 208 -88.13 16.06 5.52
C VAL G 208 -87.34 17.34 5.30
N ASN G 209 -86.02 17.22 5.18
CA ASN G 209 -85.16 18.36 4.91
C ASN G 209 -84.05 17.93 3.96
N HIS G 210 -83.72 18.82 3.01
CA HIS G 210 -82.67 18.58 2.02
C HIS G 210 -81.77 19.82 2.02
N LYS G 211 -80.63 19.73 2.71
CA LYS G 211 -79.76 20.89 2.85
C LYS G 211 -79.20 21.37 1.51
N PRO G 212 -78.76 20.50 0.59
CA PRO G 212 -78.17 21.01 -0.65
C PRO G 212 -79.05 22.01 -1.39
N SER G 213 -80.34 21.74 -1.49
CA SER G 213 -81.28 22.65 -2.14
C SER G 213 -81.95 23.60 -1.15
N ASN G 214 -81.68 23.44 0.15
CA ASN G 214 -82.23 24.34 1.17
C ASN G 214 -83.75 24.39 1.09
N THR G 215 -84.39 23.25 1.34
CA THR G 215 -85.84 23.14 1.28
C THR G 215 -86.33 22.17 2.36
N LYS G 216 -87.58 22.35 2.77
CA LYS G 216 -88.21 21.53 3.79
C LYS G 216 -89.59 21.10 3.32
N VAL G 217 -90.03 19.94 3.81
CA VAL G 217 -91.35 19.40 3.48
C VAL G 217 -91.89 18.71 4.73
N ASP G 218 -93.11 19.08 5.14
CA ASP G 218 -93.79 18.47 6.26
C ASP G 218 -95.16 17.99 5.80
N LYS G 219 -95.52 16.75 6.14
CA LYS G 219 -96.75 16.14 5.67
C LYS G 219 -97.43 15.41 6.82
N LYS G 220 -98.76 15.36 6.77
CA LYS G 220 -99.53 14.66 7.79
C LYS G 220 -99.94 13.28 7.28
N VAL G 221 -99.74 12.26 8.12
CA VAL G 221 -100.12 10.88 7.81
C VAL G 221 -101.55 10.68 8.30
N GLU G 222 -102.34 9.94 7.52
CA GLU G 222 -103.74 9.70 7.87
C GLU G 222 -104.16 8.30 7.47
N PRO G 223 -104.77 7.52 8.37
CA PRO G 223 -105.31 6.22 7.97
C PRO G 223 -106.51 6.36 7.04
N LYS G 224 -106.89 5.23 6.44
CA LYS G 224 -108.10 5.18 5.63
C LYS G 224 -108.59 3.73 5.60
N SER G 225 -109.89 3.59 5.33
CA SER G 225 -110.52 2.28 5.28
C SER G 225 -111.50 2.18 4.12
N ASP H 1 -49.72 -9.70 -9.19
CA ASP H 1 -49.40 -8.68 -8.15
C ASP H 1 -49.77 -9.19 -6.76
N ILE H 2 -49.21 -8.54 -5.74
CA ILE H 2 -49.47 -8.95 -4.36
C ILE H 2 -50.91 -8.59 -3.98
N GLN H 3 -51.57 -9.51 -3.28
CA GLN H 3 -52.94 -9.29 -2.83
C GLN H 3 -53.12 -9.99 -1.49
N MET H 4 -54.27 -9.77 -0.88
CA MET H 4 -54.59 -10.35 0.41
C MET H 4 -56.08 -10.65 0.50
N THR H 5 -56.46 -11.40 1.53
CA THR H 5 -57.85 -11.78 1.76
C THR H 5 -58.07 -11.91 3.25
N GLN H 6 -58.89 -11.02 3.81
CA GLN H 6 -59.23 -11.10 5.22
C GLN H 6 -60.27 -12.20 5.44
N SER H 7 -60.14 -12.95 6.53
CA SER H 7 -61.04 -14.04 6.84
C SER H 7 -61.11 -14.23 8.36
N SER H 9 -65.04 -12.83 6.98
CA SER H 9 -65.44 -11.52 6.49
C SER H 9 -66.28 -10.77 7.52
N SER H 10 -67.14 -11.48 8.24
CA SER H 10 -68.00 -10.88 9.24
C SER H 10 -67.96 -11.71 10.52
N LEU H 11 -68.01 -11.02 11.66
CA LEU H 11 -67.92 -11.67 12.97
C LEU H 11 -68.96 -11.08 13.91
N SER H 12 -69.24 -11.82 14.97
CA SER H 12 -70.14 -11.38 16.03
C SER H 12 -69.62 -11.93 17.35
N ALA H 13 -69.47 -11.05 18.33
CA ALA H 13 -68.88 -11.42 19.60
C ALA H 13 -69.48 -10.58 20.72
N SER H 14 -69.49 -11.15 21.93
CA SER H 14 -70.01 -10.48 23.11
C SER H 14 -68.85 -9.91 23.92
N VAL H 15 -69.13 -8.88 24.72
CA VAL H 15 -68.11 -8.24 25.54
C VAL H 15 -67.41 -9.28 26.40
N GLY H 16 -66.07 -9.30 26.32
CA GLY H 16 -65.25 -10.14 27.18
C GLY H 16 -64.55 -11.27 26.47
N ASP H 17 -65.10 -11.78 25.38
CA ASP H 17 -64.50 -12.93 24.70
C ASP H 17 -63.34 -12.49 23.80
N ARG H 18 -62.59 -13.48 23.34
CA ARG H 18 -61.41 -13.26 22.51
C ARG H 18 -61.72 -13.59 21.07
N VAL H 19 -61.30 -12.72 20.15
CA VAL H 19 -61.56 -12.88 18.72
C VAL H 19 -60.24 -12.72 17.97
N THR H 20 -60.10 -13.48 16.87
CA THR H 20 -58.89 -13.47 16.06
C THR H 20 -59.27 -13.38 14.59
N ILE H 21 -58.49 -12.62 13.83
CA ILE H 21 -58.72 -12.44 12.39
C ILE H 21 -57.36 -12.50 11.69
N THR H 22 -57.35 -13.07 10.48
CA THR H 22 -56.14 -13.18 9.68
C THR H 22 -56.40 -12.68 8.27
N CYS H 23 -55.35 -12.15 7.64
CA CYS H 23 -55.38 -11.72 6.25
C CYS H 23 -54.26 -12.45 5.50
N ARG H 24 -54.64 -13.47 4.75
CA ARG H 24 -53.66 -14.28 4.02
C ARG H 24 -53.14 -13.51 2.82
N ALA H 25 -52.06 -14.03 2.23
CA ALA H 25 -51.46 -13.42 1.05
C ALA H 25 -50.77 -14.50 0.24
N SER H 26 -50.39 -14.14 -0.99
CA SER H 26 -49.76 -15.09 -1.89
C SER H 26 -48.24 -15.12 -1.76
N GLN H 27 -47.63 -14.03 -1.30
CA GLN H 27 -46.18 -13.97 -1.15
C GLN H 27 -45.86 -13.40 0.23
N GLY H 28 -44.74 -13.84 0.79
CA GLY H 28 -44.36 -13.46 2.13
C GLY H 28 -44.14 -11.97 2.31
N ILE H 29 -45.05 -11.32 3.05
CA ILE H 29 -44.86 -9.93 3.43
C ILE H 29 -43.80 -9.87 4.52
N SER H 30 -42.80 -9.00 4.35
CA SER H 30 -41.69 -8.90 5.28
C SER H 30 -42.10 -8.14 6.55
N SER H 31 -43.12 -8.67 7.22
CA SER H 31 -43.64 -8.09 8.45
C SER H 31 -44.12 -6.65 8.23
N TRP H 32 -44.32 -6.27 6.96
CA TRP H 32 -44.80 -4.93 6.63
C TRP H 32 -46.31 -4.98 6.44
N LEU H 33 -47.02 -5.03 7.57
CA LEU H 33 -48.47 -5.10 7.57
C LEU H 33 -49.02 -4.27 8.72
N ALA H 34 -50.12 -3.58 8.47
CA ALA H 34 -50.78 -2.73 9.46
C ALA H 34 -52.27 -3.05 9.50
N TRP H 35 -52.92 -2.61 10.57
CA TRP H 35 -54.35 -2.83 10.78
C TRP H 35 -54.96 -1.53 11.28
N TYR H 36 -56.14 -1.18 10.74
CA TYR H 36 -56.83 0.05 11.08
C TYR H 36 -58.19 -0.27 11.68
N GLN H 37 -58.67 0.63 12.54
CA GLN H 37 -60.06 0.62 12.96
C GLN H 37 -60.83 1.68 12.18
N GLN H 38 -62.08 1.34 11.82
CA GLN H 38 -62.86 2.22 10.96
C GLN H 38 -64.32 1.87 11.06
N LYS H 39 -65.15 2.88 11.31
CA LYS H 39 -66.59 2.73 11.15
C LYS H 39 -66.91 2.69 9.66
N PRO H 40 -67.87 1.85 9.23
CA PRO H 40 -68.14 1.74 7.79
C PRO H 40 -68.35 3.09 7.13
N GLY H 41 -67.43 3.46 6.24
CA GLY H 41 -67.53 4.72 5.52
C GLY H 41 -67.06 5.92 6.30
N LYS H 42 -65.97 5.80 7.04
CA LYS H 42 -65.41 6.90 7.81
C LYS H 42 -63.89 6.83 7.80
N ALA H 43 -63.26 7.92 8.20
CA ALA H 43 -61.81 7.99 8.27
C ALA H 43 -61.28 6.93 9.24
N PRO H 44 -60.42 6.01 8.81
CA PRO H 44 -59.92 4.99 9.73
C PRO H 44 -59.01 5.57 10.80
N LYS H 45 -58.74 4.75 11.81
CA LYS H 45 -57.78 5.06 12.85
C LYS H 45 -56.75 3.93 12.91
N LEU H 46 -55.48 4.29 12.88
CA LEU H 46 -54.42 3.29 12.86
C LEU H 46 -54.19 2.73 14.26
N LEU H 47 -54.19 1.40 14.37
CA LEU H 47 -53.93 0.71 15.62
C LEU H 47 -52.59 0.00 15.63
N ILE H 48 -52.34 -0.87 14.65
CA ILE H 48 -51.10 -1.62 14.54
C ILE H 48 -50.41 -1.21 13.24
N TYR H 49 -49.14 -0.81 13.35
CA TYR H 49 -48.33 -0.44 12.19
C TYR H 49 -47.14 -1.38 12.07
N ASP H 50 -46.52 -1.76 13.18
CA ASP H 50 -45.58 -2.87 13.18
C ASP H 50 -46.25 -4.11 13.77
N ALA H 51 -45.83 -5.28 13.29
CA ALA H 51 -46.49 -6.52 13.67
C ALA H 51 -46.52 -6.70 15.19
N SER H 52 -45.56 -6.10 15.92
CA SER H 52 -45.47 -6.26 17.36
C SER H 52 -45.21 -4.94 18.07
N ASN H 53 -45.80 -3.84 17.61
CA ASN H 53 -45.66 -2.54 18.26
C ASN H 53 -46.96 -1.78 18.11
N LEU H 54 -47.54 -1.37 19.23
CA LEU H 54 -48.78 -0.60 19.22
C LEU H 54 -48.46 0.90 19.16
N GLU H 55 -49.36 1.65 18.54
CA GLU H 55 -49.20 3.08 18.42
C GLU H 55 -49.64 3.78 19.71
N THR H 56 -49.28 5.04 19.81
CA THR H 56 -49.65 5.82 21.00
C THR H 56 -51.13 6.18 20.96
N GLY H 57 -51.84 5.88 22.04
CA GLY H 57 -53.25 6.20 22.18
C GLY H 57 -54.16 4.99 22.24
N VAL H 58 -53.77 3.88 21.63
CA VAL H 58 -54.59 2.67 21.61
C VAL H 58 -54.26 1.83 22.84
N PRO H 59 -55.24 1.34 23.59
CA PRO H 59 -54.93 0.49 24.75
C PRO H 59 -54.33 -0.84 24.34
N SER H 60 -53.77 -1.53 25.32
CA SER H 60 -53.19 -2.86 25.09
C SER H 60 -54.26 -3.91 24.80
N ARG H 61 -55.54 -3.57 24.92
CA ARG H 61 -56.59 -4.52 24.63
C ARG H 61 -56.47 -5.06 23.20
N PHE H 62 -56.09 -4.19 22.27
CA PHE H 62 -55.86 -4.61 20.89
C PHE H 62 -54.45 -5.19 20.75
N SER H 63 -54.33 -6.22 19.92
CA SER H 63 -53.05 -6.90 19.76
C SER H 63 -52.98 -7.54 18.38
N GLY H 64 -51.80 -8.04 18.05
CA GLY H 64 -51.59 -8.71 16.78
C GLY H 64 -50.38 -9.61 16.85
N SER H 65 -50.32 -10.55 15.92
CA SER H 65 -49.23 -11.51 15.87
C SER H 65 -49.07 -12.04 14.45
N GLY H 66 -47.95 -12.72 14.23
CA GLY H 66 -47.65 -13.31 12.94
C GLY H 66 -46.50 -12.61 12.23
N SER H 67 -45.95 -13.29 11.23
CA SER H 67 -44.84 -12.76 10.46
C SER H 67 -44.78 -13.48 9.12
N GLY H 68 -44.14 -12.81 8.16
CA GLY H 68 -43.95 -13.43 6.86
C GLY H 68 -45.22 -13.41 6.04
N THR H 69 -45.62 -14.59 5.56
CA THR H 69 -46.77 -14.71 4.67
C THR H 69 -48.06 -14.93 5.45
N ASP H 70 -48.09 -14.53 6.72
CA ASP H 70 -49.28 -14.72 7.53
C ASP H 70 -49.29 -13.67 8.64
N PHE H 71 -50.49 -13.44 9.18
CA PHE H 71 -50.67 -12.51 10.28
C PHE H 71 -52.02 -12.79 10.92
N THR H 72 -52.16 -12.39 12.19
CA THR H 72 -53.40 -12.61 12.93
C THR H 72 -53.63 -11.43 13.85
N PHE H 73 -54.68 -10.65 13.57
CA PHE H 73 -55.09 -9.58 14.45
C PHE H 73 -56.04 -10.12 15.51
N THR H 74 -55.91 -9.59 16.73
CA THR H 74 -56.61 -10.15 17.87
C THR H 74 -57.04 -9.05 18.82
N ILE H 75 -58.22 -9.22 19.40
CA ILE H 75 -58.70 -8.38 20.51
C ILE H 75 -58.83 -9.27 21.73
N SER H 76 -58.02 -8.99 22.76
CA SER H 76 -58.02 -9.82 23.95
C SER H 76 -59.38 -9.86 24.64
N SER H 77 -60.20 -8.84 24.44
CA SER H 77 -61.54 -8.81 25.03
C SER H 77 -62.35 -7.74 24.31
N LEU H 78 -63.55 -8.11 23.87
CA LEU H 78 -64.40 -7.17 23.15
C LEU H 78 -65.10 -6.24 24.13
N GLN H 79 -65.40 -5.03 23.65
CA GLN H 79 -66.12 -4.03 24.41
C GLN H 79 -67.10 -3.32 23.48
N PRO H 80 -68.11 -2.64 24.04
CA PRO H 80 -69.10 -1.98 23.17
C PRO H 80 -68.49 -0.99 22.19
N GLU H 81 -67.28 -0.48 22.46
CA GLU H 81 -66.66 0.45 21.54
C GLU H 81 -66.11 -0.24 20.29
N ASP H 82 -66.18 -1.57 20.24
CA ASP H 82 -65.66 -2.32 19.10
C ASP H 82 -66.69 -2.53 18.00
N ILE H 83 -67.68 -1.66 17.88
CA ILE H 83 -68.67 -1.77 16.82
C ILE H 83 -68.13 -1.04 15.59
N ALA H 84 -67.36 -1.76 14.77
CA ALA H 84 -66.70 -1.18 13.62
C ALA H 84 -66.03 -2.27 12.81
N THR H 85 -65.54 -1.90 11.64
CA THR H 85 -64.79 -2.80 10.78
C THR H 85 -63.30 -2.50 10.88
N TYR H 86 -62.48 -3.52 10.59
CA TYR H 86 -61.03 -3.43 10.68
C TYR H 86 -60.42 -3.89 9.38
N TYR H 87 -59.36 -3.21 8.93
CA TYR H 87 -58.79 -3.39 7.61
C TYR H 87 -57.34 -3.82 7.73
N CYS H 88 -57.00 -4.94 7.10
CA CYS H 88 -55.60 -5.37 7.02
C CYS H 88 -54.95 -4.69 5.81
N GLN H 89 -53.79 -4.07 6.03
CA GLN H 89 -53.11 -3.29 5.01
C GLN H 89 -51.72 -3.86 4.76
N GLN H 90 -51.36 -3.98 3.48
CA GLN H 90 -50.01 -4.37 3.10
C GLN H 90 -49.23 -3.16 2.62
N TYR H 91 -47.98 -3.04 3.08
CA TYR H 91 -47.08 -2.00 2.57
C TYR H 91 -45.69 -2.54 2.30
N ASP H 92 -45.59 -3.74 1.71
CA ASP H 92 -44.28 -4.30 1.38
C ASP H 92 -43.71 -3.68 0.11
N ASN H 93 -44.56 -3.19 -0.78
CA ASN H 93 -44.11 -2.62 -2.04
C ASN H 93 -44.93 -1.38 -2.36
N LEU H 94 -44.53 -0.69 -3.43
CA LEU H 94 -45.18 0.59 -3.77
C LEU H 94 -46.66 0.43 -4.10
N PRO H 95 -47.09 -0.58 -4.87
CA PRO H 95 -48.52 -0.66 -5.21
C PRO H 95 -49.37 -1.02 -4.01
N LEU H 96 -49.65 0.00 -3.19
CA LEU H 96 -50.36 -0.21 -1.93
C LEU H 96 -51.73 -0.83 -2.18
N THR H 97 -52.10 -1.77 -1.31
CA THR H 97 -53.40 -2.41 -1.35
C THR H 97 -53.89 -2.64 0.06
N PHE H 98 -55.22 -2.66 0.23
CA PHE H 98 -55.84 -2.89 1.52
C PHE H 98 -56.73 -4.12 1.43
N GLY H 99 -57.12 -4.62 2.60
CA GLY H 99 -58.00 -5.78 2.65
C GLY H 99 -59.46 -5.39 2.50
N GLY H 100 -60.30 -6.41 2.34
CA GLY H 100 -61.73 -6.19 2.21
C GLY H 100 -62.39 -5.64 3.45
N GLY H 101 -61.82 -5.87 4.63
CA GLY H 101 -62.36 -5.33 5.86
C GLY H 101 -63.24 -6.30 6.62
N THR H 102 -62.74 -6.78 7.76
CA THR H 102 -63.55 -7.63 8.63
C THR H 102 -64.41 -6.76 9.54
N LYS H 103 -65.66 -7.16 9.73
CA LYS H 103 -66.61 -6.44 10.56
C LYS H 103 -67.07 -7.32 11.71
N VAL H 104 -66.86 -6.85 12.93
CA VAL H 104 -67.29 -7.54 14.13
C VAL H 104 -68.42 -6.74 14.77
N GLU H 105 -69.51 -7.41 15.10
CA GLU H 105 -70.70 -6.77 15.63
C GLU H 105 -70.91 -7.20 17.08
N ILE H 106 -71.24 -6.23 17.95
CA ILE H 106 -71.55 -6.54 19.33
C ILE H 106 -72.69 -7.55 19.35
N LYS H 107 -72.55 -8.59 20.17
CA LYS H 107 -73.45 -9.74 20.12
C LYS H 107 -74.45 -9.67 21.25
N ARG H 108 -75.69 -9.31 20.92
CA ARG H 108 -76.85 -9.54 21.78
C ARG H 108 -77.74 -10.55 21.07
N THR H 109 -78.24 -11.53 21.82
CA THR H 109 -78.83 -12.71 21.21
C THR H 109 -80.05 -12.33 20.35
N VAL H 110 -80.60 -13.35 19.69
CA VAL H 110 -81.61 -13.17 18.66
C VAL H 110 -82.89 -12.59 19.25
N ALA H 111 -83.76 -12.07 18.37
CA ALA H 111 -85.06 -11.55 18.76
C ALA H 111 -86.00 -11.65 17.58
N ALA H 112 -87.30 -11.81 17.87
CA ALA H 112 -88.28 -11.93 16.81
C ALA H 112 -88.56 -10.55 16.21
N PRO H 113 -88.84 -10.48 14.90
CA PRO H 113 -89.04 -9.17 14.27
C PRO H 113 -90.46 -8.65 14.45
N SER H 114 -90.58 -7.33 14.41
CA SER H 114 -91.89 -6.68 14.36
C SER H 114 -92.27 -6.47 12.90
N VAL H 115 -93.19 -7.29 12.40
CA VAL H 115 -93.56 -7.30 10.99
C VAL H 115 -94.77 -6.39 10.81
N PHE H 116 -94.80 -5.65 9.70
CA PHE H 116 -95.85 -4.67 9.46
C PHE H 116 -96.04 -4.45 7.96
N ILE H 117 -97.04 -3.64 7.63
CA ILE H 117 -97.42 -3.35 6.26
C ILE H 117 -98.29 -2.10 6.26
N PHE H 118 -98.32 -1.41 5.12
CA PHE H 118 -99.31 -0.38 4.89
C PHE H 118 -99.46 -0.16 3.39
N PRO H 119 -100.68 -0.07 2.88
CA PRO H 119 -100.88 0.18 1.45
C PRO H 119 -100.56 1.62 1.09
N PRO H 120 -100.55 1.96 -0.18
CA PRO H 120 -100.23 3.34 -0.58
C PRO H 120 -101.39 4.28 -0.27
N SER H 121 -101.06 5.57 -0.20
CA SER H 121 -102.07 6.59 0.03
C SER H 121 -102.58 7.12 -1.31
N ASP H 122 -103.71 7.85 -1.25
CA ASP H 122 -104.24 8.45 -2.45
C ASP H 122 -103.27 9.44 -3.09
N GLU H 123 -102.38 10.05 -2.28
CA GLU H 123 -101.36 10.92 -2.85
C GLU H 123 -100.44 10.15 -3.80
N GLN H 124 -100.11 8.91 -3.45
CA GLN H 124 -99.28 8.08 -4.33
C GLN H 124 -100.12 7.50 -5.48
N LEU H 125 -101.39 7.19 -5.21
CA LEU H 125 -102.20 6.52 -6.21
C LEU H 125 -102.60 7.47 -7.34
N LYS H 126 -102.91 8.72 -7.01
CA LYS H 126 -103.39 9.65 -8.03
C LYS H 126 -102.28 10.07 -8.99
N SER H 127 -101.03 9.69 -8.73
CA SER H 127 -99.91 10.01 -9.60
C SER H 127 -99.63 8.92 -10.63
N GLY H 128 -100.47 7.89 -10.70
CA GLY H 128 -100.30 6.83 -11.66
C GLY H 128 -99.39 5.70 -11.22
N THR H 129 -99.11 5.58 -9.93
CA THR H 129 -98.27 4.51 -9.41
C THR H 129 -98.77 4.09 -8.04
N ALA H 130 -98.33 2.91 -7.61
CA ALA H 130 -98.68 2.36 -6.30
C ALA H 130 -97.44 1.81 -5.63
N SER H 131 -97.47 1.77 -4.30
CA SER H 131 -96.34 1.29 -3.52
C SER H 131 -96.83 0.67 -2.22
N VAL H 132 -96.17 -0.40 -1.80
CA VAL H 132 -96.50 -1.11 -0.58
C VAL H 132 -95.20 -1.39 0.16
N VAL H 133 -95.11 -0.93 1.41
CA VAL H 133 -93.91 -1.10 2.23
C VAL H 133 -94.12 -2.26 3.19
N CYS H 134 -93.23 -3.26 3.15
CA CYS H 134 -93.23 -4.38 4.12
C CYS H 134 -92.17 -3.99 5.16
N LEU H 135 -92.22 -4.49 6.38
CA LEU H 135 -91.32 -4.07 7.46
C LEU H 135 -90.87 -5.27 8.29
N LEU H 136 -89.59 -5.24 8.68
CA LEU H 136 -89.04 -6.12 9.71
C LEU H 136 -88.21 -5.25 10.65
N ASN H 137 -88.52 -5.31 11.94
CA ASN H 137 -87.90 -4.43 12.92
C ASN H 137 -87.30 -5.23 14.07
N ASN H 138 -86.09 -4.84 14.47
CA ASN H 138 -85.45 -5.33 15.68
C ASN H 138 -85.34 -6.86 15.67
N PHE H 139 -84.52 -7.35 14.74
CA PHE H 139 -84.22 -8.77 14.65
C PHE H 139 -82.71 -8.97 14.50
N PRO H 141 -79.97 -12.62 13.58
CA PRO H 141 -79.05 -11.92 12.67
C PRO H 141 -79.75 -11.18 11.52
N ARG H 142 -78.98 -10.87 10.48
CA ARG H 142 -79.37 -9.86 9.50
C ARG H 142 -80.18 -10.41 8.33
N GLU H 143 -80.03 -11.69 7.99
CA GLU H 143 -80.60 -12.23 6.76
C GLU H 143 -82.12 -12.26 6.84
N ALA H 144 -82.77 -11.95 5.72
CA ALA H 144 -84.22 -12.00 5.60
C ALA H 144 -84.61 -11.84 4.14
N LYS H 145 -85.89 -12.04 3.85
CA LYS H 145 -86.41 -12.01 2.49
C LYS H 145 -87.89 -11.65 2.53
N VAL H 146 -88.34 -10.94 1.49
CA VAL H 146 -89.74 -10.56 1.33
C VAL H 146 -90.19 -10.93 -0.07
N GLN H 147 -91.41 -11.43 -0.19
CA GLN H 147 -92.00 -11.77 -1.49
C GLN H 147 -93.47 -11.40 -1.49
N TRP H 148 -94.09 -11.43 -2.67
CA TRP H 148 -95.45 -10.96 -2.87
C TRP H 148 -96.29 -12.00 -3.60
N LYS H 149 -97.58 -12.04 -3.30
CA LYS H 149 -98.50 -13.03 -3.84
C LYS H 149 -99.80 -12.39 -4.31
N VAL H 150 -99.68 -11.28 -5.05
CA VAL H 150 -100.88 -10.60 -5.54
C VAL H 150 -101.72 -11.58 -6.35
N ASP H 151 -103.03 -11.55 -6.11
CA ASP H 151 -103.96 -12.45 -6.76
C ASP H 151 -103.64 -13.91 -6.43
N ASN H 152 -103.06 -14.13 -5.26
CA ASN H 152 -102.82 -15.48 -4.74
C ASN H 152 -101.74 -16.22 -5.51
N ALA H 153 -101.16 -15.60 -6.53
CA ALA H 153 -100.10 -16.23 -7.30
C ALA H 153 -98.73 -15.65 -6.92
N LEU H 154 -97.69 -16.45 -7.11
CA LEU H 154 -96.36 -16.04 -6.68
C LEU H 154 -95.73 -15.06 -7.66
N GLN H 155 -95.16 -13.99 -7.12
CA GLN H 155 -94.38 -13.04 -7.90
C GLN H 155 -93.13 -12.66 -7.12
N SER H 156 -92.08 -12.30 -7.84
CA SER H 156 -90.82 -11.92 -7.23
C SER H 156 -90.05 -11.04 -8.19
N GLY H 157 -89.14 -10.24 -7.63
CA GLY H 157 -88.35 -9.33 -8.43
C GLY H 157 -89.04 -8.04 -8.76
N ASN H 158 -89.81 -7.48 -7.81
CA ASN H 158 -90.50 -6.22 -8.04
C ASN H 158 -90.42 -5.28 -6.85
N SER H 159 -89.62 -5.59 -5.83
CA SER H 159 -89.53 -4.78 -4.63
C SER H 159 -88.07 -4.47 -4.33
N GLN H 160 -87.87 -3.42 -3.54
CA GLN H 160 -86.53 -2.97 -3.16
C GLN H 160 -86.30 -3.34 -1.70
N GLU H 161 -85.33 -4.22 -1.46
CA GLU H 161 -84.97 -4.66 -0.12
C GLU H 161 -83.76 -3.87 0.36
N SER H 162 -83.87 -3.29 1.56
CA SER H 162 -82.79 -2.51 2.16
C SER H 162 -82.74 -2.84 3.64
N VAL H 163 -81.54 -3.16 4.12
CA VAL H 163 -81.31 -3.58 5.50
C VAL H 163 -80.52 -2.48 6.21
N THR H 164 -80.91 -2.19 7.45
CA THR H 164 -80.26 -1.13 8.21
C THR H 164 -79.03 -1.67 8.93
N GLU H 165 -78.10 -0.76 9.23
CA GLU H 165 -76.92 -1.13 10.01
C GLU H 165 -77.34 -1.56 11.41
N GLN H 166 -76.41 -2.24 12.09
CA GLN H 166 -76.74 -2.86 13.38
C GLN H 166 -77.17 -1.81 14.40
N ASP H 167 -78.17 -2.16 15.20
CA ASP H 167 -78.62 -1.31 16.29
C ASP H 167 -77.70 -1.51 17.50
N SER H 168 -77.16 -0.41 18.02
CA SER H 168 -76.23 -0.51 19.14
C SER H 168 -76.94 -0.83 20.46
N LYS H 169 -78.25 -0.57 20.55
CA LYS H 169 -78.96 -0.81 21.79
C LYS H 169 -79.17 -2.31 22.04
N ASP H 170 -79.51 -3.07 20.98
CA ASP H 170 -79.75 -4.50 21.15
C ASP H 170 -79.12 -5.34 20.03
N SER H 171 -78.20 -4.78 19.25
CA SER H 171 -77.49 -5.53 18.22
C SER H 171 -78.43 -6.07 17.14
N THR H 172 -79.67 -5.58 17.13
CA THR H 172 -80.65 -6.04 16.15
C THR H 172 -80.50 -5.25 14.85
N TYR H 173 -81.25 -5.68 13.84
CA TYR H 173 -81.28 -5.03 12.54
C TYR H 173 -82.71 -4.65 12.19
N SER H 174 -82.86 -4.00 11.04
CA SER H 174 -84.17 -3.60 10.54
C SER H 174 -84.16 -3.66 9.02
N LEU H 175 -85.05 -4.46 8.46
CA LEU H 175 -85.21 -4.59 7.01
C LEU H 175 -86.48 -3.88 6.59
N SER H 176 -86.32 -2.74 5.92
CA SER H 176 -87.43 -1.97 5.37
C SER H 176 -87.44 -2.13 3.86
N SER H 177 -88.55 -2.64 3.33
CA SER H 177 -88.68 -2.93 1.91
C SER H 177 -89.93 -2.25 1.36
N THR H 178 -89.95 -2.02 0.05
CA THR H 178 -91.03 -1.30 -0.59
C THR H 178 -91.28 -1.85 -1.99
N LEU H 179 -92.53 -2.20 -2.26
CA LEU H 179 -92.95 -2.49 -3.63
C LEU H 179 -93.30 -1.20 -4.33
N THR H 180 -93.10 -1.16 -5.65
CA THR H 180 -93.42 0.02 -6.46
C THR H 180 -93.81 -0.44 -7.85
N LEU H 181 -95.07 -0.23 -8.21
CA LEU H 181 -95.58 -0.61 -9.51
C LEU H 181 -96.54 0.47 -9.99
N SER H 182 -97.20 0.20 -11.12
CA SER H 182 -98.09 1.17 -11.73
C SER H 182 -99.49 1.08 -11.13
N LYS H 183 -100.28 2.13 -11.35
CA LYS H 183 -101.67 2.11 -10.93
C LYS H 183 -102.45 1.03 -11.69
N ALA H 184 -102.08 0.79 -12.94
CA ALA H 184 -102.70 -0.32 -13.68
C ALA H 184 -102.40 -1.65 -13.00
N ASP H 185 -101.15 -1.89 -12.64
CA ASP H 185 -100.81 -3.10 -11.89
C ASP H 185 -101.50 -3.13 -10.54
N TYR H 186 -101.75 -1.96 -9.95
CA TYR H 186 -102.46 -1.90 -8.67
C TYR H 186 -103.90 -2.37 -8.84
N GLU H 187 -104.60 -1.85 -9.85
CA GLU H 187 -106.02 -2.16 -9.99
C GLU H 187 -106.25 -3.49 -10.70
N LYS H 188 -105.21 -4.06 -11.31
CA LYS H 188 -105.39 -5.32 -12.04
C LYS H 188 -105.71 -6.48 -11.10
N HIS H 189 -105.07 -6.53 -9.94
CA HIS H 189 -105.16 -7.67 -9.04
C HIS H 189 -106.18 -7.37 -7.94
N LYS H 190 -106.90 -8.40 -7.52
CA LYS H 190 -107.95 -8.23 -6.52
C LYS H 190 -107.41 -8.19 -5.11
N VAL H 191 -106.18 -8.63 -4.89
CA VAL H 191 -105.56 -8.60 -3.57
C VAL H 191 -104.06 -8.40 -3.74
N TYR H 192 -103.51 -7.49 -2.95
CA TYR H 192 -102.07 -7.29 -2.86
C TYR H 192 -101.59 -7.78 -1.50
N ALA H 193 -100.55 -8.63 -1.52
CA ALA H 193 -100.14 -9.33 -0.31
C ALA H 193 -98.63 -9.34 -0.18
N CYS H 194 -98.15 -9.10 1.03
CA CYS H 194 -96.74 -9.29 1.38
C CYS H 194 -96.64 -10.46 2.34
N GLU H 195 -95.72 -11.37 2.06
CA GLU H 195 -95.40 -12.47 2.97
C GLU H 195 -93.90 -12.45 3.27
N VAL H 196 -93.57 -12.38 4.55
CA VAL H 196 -92.23 -12.09 5.02
C VAL H 196 -91.58 -13.37 5.53
N THR H 197 -90.36 -13.61 5.10
CA THR H 197 -89.55 -14.73 5.59
C THR H 197 -88.34 -14.17 6.32
N HIS H 198 -87.89 -14.91 7.33
CA HIS H 198 -86.86 -14.40 8.22
C HIS H 198 -86.20 -15.59 8.91
N GLN H 199 -84.93 -15.43 9.26
CA GLN H 199 -84.17 -16.51 9.89
C GLN H 199 -84.92 -17.01 11.12
N GLY H 200 -85.70 -16.15 11.75
CA GLY H 200 -86.61 -16.58 12.80
C GLY H 200 -88.02 -16.08 12.60
N LEU H 201 -88.93 -17.01 12.32
CA LEU H 201 -90.35 -16.70 12.14
C LEU H 201 -91.11 -18.02 12.03
N SER H 202 -92.36 -17.99 12.48
CA SER H 202 -93.16 -19.22 12.50
C SER H 202 -93.58 -19.65 11.11
N SER H 203 -93.84 -18.69 10.22
CA SER H 203 -94.30 -19.00 8.87
C SER H 203 -94.19 -17.72 8.05
N PRO H 204 -94.41 -17.81 6.73
CA PRO H 204 -94.47 -16.57 5.93
C PRO H 204 -95.61 -15.68 6.39
N VAL H 205 -95.27 -14.55 6.99
CA VAL H 205 -96.28 -13.71 7.64
C VAL H 205 -97.10 -12.99 6.58
N THR H 206 -98.36 -13.38 6.44
CA THR H 206 -99.21 -12.90 5.37
C THR H 206 -99.99 -11.66 5.82
N LYS H 207 -99.89 -10.60 5.03
CA LYS H 207 -100.67 -9.39 5.22
C LYS H 207 -101.04 -8.85 3.85
N SER H 208 -102.33 -8.51 3.68
CA SER H 208 -102.84 -8.17 2.36
C SER H 208 -103.93 -7.11 2.48
N PHE H 209 -104.32 -6.57 1.32
CA PHE H 209 -105.42 -5.63 1.22
C PHE H 209 -106.10 -5.83 -0.12
N ASN H 210 -107.24 -5.17 -0.30
CA ASN H 210 -108.08 -5.32 -1.48
C ASN H 210 -108.17 -3.98 -2.22
N ARG H 211 -109.04 -3.95 -3.24
CA ARG H 211 -109.13 -2.77 -4.09
C ARG H 211 -109.48 -1.52 -3.28
N GLY H 212 -110.66 -1.50 -2.67
CA GLY H 212 -111.10 -0.35 -1.92
C GLY H 212 -110.14 0.02 -0.81
N GLU H 213 -109.92 -0.92 0.12
CA GLU H 213 -109.01 -0.68 1.23
C GLU H 213 -107.57 -1.02 0.84
N GLN I 4 -84.06 -19.99 3.05
CA GLN I 4 -85.05 -20.17 4.16
C GLN I 4 -85.50 -21.62 4.25
N VAL I 5 -85.86 -22.05 5.46
CA VAL I 5 -86.28 -23.41 5.73
C VAL I 5 -87.41 -23.39 6.74
N GLN I 6 -88.26 -24.41 6.68
CA GLN I 6 -89.43 -24.51 7.54
C GLN I 6 -89.13 -25.38 8.75
N LEU I 7 -89.60 -24.95 9.92
CA LEU I 7 -89.47 -25.71 11.15
C LEU I 7 -90.78 -25.58 11.93
N GLN I 8 -91.34 -26.72 12.33
CA GLN I 8 -92.65 -26.74 12.97
C GLN I 8 -92.54 -27.40 14.33
N GLU I 9 -93.59 -27.24 15.13
CA GLU I 9 -93.60 -27.63 16.53
C GLU I 9 -94.73 -28.61 16.81
N SER I 10 -94.45 -29.59 17.67
CA SER I 10 -95.45 -30.53 18.14
C SER I 10 -95.03 -31.03 19.52
N GLY I 11 -96.02 -31.46 20.30
CA GLY I 11 -95.73 -31.94 21.64
C GLY I 11 -96.97 -32.18 22.48
N GLY I 12 -96.93 -31.83 23.76
CA GLY I 12 -98.05 -32.05 24.65
C GLY I 12 -97.90 -33.34 25.43
N GLY I 13 -99.05 -33.85 25.88
CA GLY I 13 -99.08 -35.07 26.65
C GLY I 13 -98.72 -34.88 28.11
N LEU I 14 -99.52 -34.09 28.82
CA LEU I 14 -99.29 -33.82 30.24
C LEU I 14 -99.90 -34.95 31.05
N VAL I 15 -99.05 -35.77 31.66
CA VAL I 15 -99.52 -36.87 32.48
C VAL I 15 -99.36 -36.57 33.96
N GLN I 16 -98.20 -36.05 34.37
CA GLN I 16 -97.96 -35.69 35.76
C GLN I 16 -96.81 -34.69 35.81
N PRO I 17 -96.66 -33.95 36.92
CA PRO I 17 -95.54 -33.01 37.02
C PRO I 17 -94.20 -33.70 37.26
N GLY I 18 -93.69 -34.40 36.25
CA GLY I 18 -92.43 -35.10 36.36
C GLY I 18 -91.20 -34.26 36.10
N GLY I 19 -91.29 -33.28 35.20
CA GLY I 19 -90.20 -32.37 34.93
C GLY I 19 -89.48 -32.66 33.65
N SER I 20 -89.91 -31.94 32.61
CA SER I 20 -89.25 -31.95 31.31
C SER I 20 -90.01 -31.02 30.38
N LEU I 21 -89.59 -30.91 29.12
CA LEU I 21 -90.36 -30.22 28.10
C LEU I 21 -90.50 -31.15 26.91
N ARG I 22 -91.74 -31.44 26.54
CA ARG I 22 -92.01 -32.41 25.49
C ARG I 22 -91.72 -31.83 24.12
N LEU I 23 -90.43 -31.68 23.81
CA LEU I 23 -90.03 -31.26 22.46
C LEU I 23 -90.28 -32.39 21.48
N SER I 24 -91.07 -32.10 20.44
CA SER I 24 -91.23 -33.01 19.33
C SER I 24 -91.10 -32.21 18.03
N CYS I 25 -90.06 -31.38 17.95
CA CYS I 25 -89.88 -30.52 16.80
C CYS I 25 -89.90 -31.34 15.51
N ALA I 26 -90.16 -30.65 14.40
CA ALA I 26 -90.12 -31.25 13.07
C ALA I 26 -89.63 -30.22 12.07
N ALA I 27 -89.26 -30.69 10.89
CA ALA I 27 -88.72 -29.83 9.84
C ALA I 27 -89.33 -30.23 8.50
N SER I 28 -89.05 -29.41 7.48
CA SER I 28 -89.55 -29.67 6.14
C SER I 28 -88.83 -28.78 5.15
N GLY I 29 -88.62 -29.31 3.95
CA GLY I 29 -88.01 -28.53 2.89
C GLY I 29 -86.50 -28.50 2.88
N ARG I 30 -85.84 -29.37 3.66
CA ARG I 30 -84.39 -29.38 3.71
C ARG I 30 -83.91 -30.72 4.23
N THR I 31 -82.76 -31.16 3.72
CA THR I 31 -82.10 -32.38 4.18
C THR I 31 -81.42 -32.07 5.52
N ILE I 32 -82.22 -32.15 6.59
CA ILE I 32 -81.77 -31.72 7.91
C ILE I 32 -80.78 -32.73 8.48
N SER I 33 -80.55 -33.84 7.77
CA SER I 33 -79.51 -34.78 8.18
C SER I 33 -78.12 -34.21 7.96
N ARG I 34 -77.99 -33.16 7.13
CA ARG I 34 -76.72 -32.50 6.89
C ARG I 34 -76.35 -31.51 8.00
N TYR I 35 -77.29 -31.20 8.90
CA TYR I 35 -77.08 -30.19 9.93
C TYR I 35 -77.47 -30.75 11.28
N ALA I 36 -76.96 -30.12 12.34
CA ALA I 36 -77.30 -30.50 13.70
C ALA I 36 -78.55 -29.76 14.16
N MET I 37 -79.37 -30.44 14.95
CA MET I 37 -80.59 -29.87 15.49
C MET I 37 -80.40 -29.64 16.99
N SER I 38 -80.69 -28.41 17.43
CA SER I 38 -80.51 -28.04 18.82
C SER I 38 -81.77 -27.33 19.31
N TRP I 39 -81.78 -27.04 20.61
CA TRP I 39 -82.89 -26.33 21.23
C TRP I 39 -82.34 -25.51 22.40
N PHE I 40 -82.92 -24.33 22.59
CA PHE I 40 -82.44 -23.41 23.61
C PHE I 40 -83.62 -22.88 24.42
N ARG I 41 -83.32 -22.32 25.60
CA ARG I 41 -84.32 -21.78 26.50
C ARG I 41 -84.12 -20.28 26.65
N GLN I 42 -85.20 -19.60 27.04
CA GLN I 42 -85.21 -18.15 27.22
C GLN I 42 -85.97 -17.82 28.50
N ALA I 43 -85.24 -17.52 29.56
CA ALA I 43 -85.89 -17.07 30.78
C ALA I 43 -85.97 -15.55 30.78
N PRO I 44 -86.92 -14.96 31.53
CA PRO I 44 -87.03 -13.49 31.56
C PRO I 44 -85.72 -12.82 31.93
N GLY I 45 -85.15 -12.06 31.00
CA GLY I 45 -83.89 -11.39 31.25
C GLY I 45 -82.68 -12.29 31.24
N LYS I 46 -82.66 -13.31 30.39
CA LYS I 46 -81.55 -14.25 30.30
C LYS I 46 -81.24 -14.52 28.84
N GLU I 47 -79.95 -14.62 28.52
CA GLU I 47 -79.54 -14.94 27.16
C GLU I 47 -79.71 -16.43 26.89
N ARG I 48 -79.80 -16.77 25.61
CA ARG I 48 -79.96 -18.17 25.22
C ARG I 48 -78.78 -19.00 25.72
N GLU I 49 -79.08 -20.09 26.42
CA GLU I 49 -78.07 -20.99 26.93
C GLU I 49 -78.19 -22.35 26.23
N PHE I 50 -77.05 -22.92 25.85
CA PHE I 50 -77.05 -24.22 25.19
C PHE I 50 -77.54 -25.29 26.14
N VAL I 51 -78.70 -25.88 25.85
CA VAL I 51 -79.29 -26.88 26.72
C VAL I 51 -78.91 -28.28 26.23
N ALA I 52 -79.25 -28.59 24.97
CA ALA I 52 -78.98 -29.91 24.43
C ALA I 52 -78.92 -29.82 22.92
N VAL I 53 -78.34 -30.85 22.30
CA VAL I 53 -78.21 -30.95 20.85
C VAL I 53 -78.32 -32.41 20.45
N ALA I 54 -78.98 -32.66 19.33
CA ALA I 54 -79.15 -34.03 18.81
C ALA I 54 -78.10 -34.25 17.72
N ARG I 55 -76.93 -34.70 18.14
CA ARG I 55 -75.81 -34.89 17.22
C ARG I 55 -75.98 -36.19 16.45
N ARG I 56 -75.22 -36.31 15.35
CA ARG I 56 -75.24 -37.52 14.53
C ARG I 56 -74.43 -38.65 15.13
N SER I 57 -73.74 -38.42 16.25
CA SER I 57 -72.95 -39.49 16.85
C SER I 57 -73.80 -40.71 17.19
N GLY I 58 -75.08 -40.50 17.47
CA GLY I 58 -76.00 -41.59 17.76
C GLY I 58 -75.98 -42.08 19.19
N ASP I 59 -75.16 -41.48 20.06
CA ASP I 59 -75.07 -41.88 21.46
C ASP I 59 -76.00 -41.07 22.36
N GLY I 60 -77.09 -40.53 21.80
CA GLY I 60 -78.02 -39.74 22.58
C GLY I 60 -77.85 -38.26 22.37
N ALA I 61 -77.86 -37.49 23.46
CA ALA I 61 -77.78 -36.04 23.39
C ALA I 61 -76.58 -35.53 24.18
N PHE I 62 -76.06 -34.39 23.73
CA PHE I 62 -75.03 -33.65 24.46
C PHE I 62 -75.67 -32.42 25.07
N TYR I 63 -75.65 -32.35 26.41
CA TYR I 63 -76.38 -31.32 27.11
C TYR I 63 -75.49 -30.69 28.17
N ALA I 64 -75.92 -29.51 28.65
CA ALA I 64 -75.13 -28.75 29.61
C ALA I 64 -75.56 -29.09 31.04
N ASP I 65 -74.75 -28.64 32.00
CA ASP I 65 -74.98 -28.99 33.40
C ASP I 65 -76.22 -28.34 33.97
N SER I 66 -76.80 -27.35 33.29
CA SER I 66 -77.98 -26.67 33.82
C SER I 66 -79.18 -27.61 33.90
N VAL I 67 -79.28 -28.58 32.99
CA VAL I 67 -80.31 -29.61 33.05
C VAL I 67 -79.65 -30.86 33.64
N GLN I 68 -80.12 -31.29 34.81
CA GLN I 68 -79.46 -32.36 35.53
C GLN I 68 -79.70 -33.74 34.93
N GLY I 69 -80.96 -34.15 34.76
CA GLY I 69 -81.25 -35.47 34.25
C GLY I 69 -82.54 -35.58 33.45
N ARG I 70 -83.02 -34.46 32.90
CA ARG I 70 -84.37 -34.38 32.37
C ARG I 70 -84.47 -34.25 30.86
N PHE I 71 -83.35 -34.34 30.12
CA PHE I 71 -83.39 -34.18 28.68
C PHE I 71 -82.43 -35.15 28.00
N THR I 72 -82.96 -35.90 27.03
CA THR I 72 -82.20 -36.88 26.26
C THR I 72 -82.57 -36.79 24.78
N VAL I 73 -82.60 -35.57 24.23
CA VAL I 73 -83.15 -35.36 22.90
C VAL I 73 -82.56 -36.33 21.90
N SER I 74 -83.39 -36.78 20.97
CA SER I 74 -82.98 -37.69 19.91
C SER I 74 -83.79 -37.36 18.65
N ARG I 75 -83.40 -37.97 17.53
CA ARG I 75 -83.98 -37.66 16.24
C ARG I 75 -84.25 -38.93 15.44
N ASP I 76 -85.21 -38.82 14.52
CA ASP I 76 -85.47 -39.84 13.51
C ASP I 76 -85.64 -39.11 12.19
N ASP I 77 -84.53 -38.95 11.46
CA ASP I 77 -84.52 -38.10 10.28
C ASP I 77 -85.38 -38.67 9.14
N ALA I 78 -85.70 -39.95 9.19
CA ALA I 78 -86.62 -40.51 8.19
C ALA I 78 -88.01 -39.92 8.29
N LYS I 79 -88.35 -39.30 9.42
CA LYS I 79 -89.61 -38.59 9.59
C LYS I 79 -89.41 -37.12 9.92
N ASN I 80 -88.17 -36.65 9.96
CA ASN I 80 -87.86 -35.24 10.23
C ASN I 80 -88.55 -34.76 11.51
N THR I 81 -88.33 -35.47 12.61
CA THR I 81 -88.99 -35.16 13.88
C THR I 81 -88.10 -35.54 15.05
N VAL I 82 -88.27 -34.83 16.16
CA VAL I 82 -87.52 -35.08 17.38
C VAL I 82 -88.38 -35.93 18.32
N TYR I 83 -87.73 -36.69 19.19
CA TYR I 83 -88.43 -37.58 20.12
C TYR I 83 -87.70 -37.59 21.45
N LEU I 84 -88.46 -37.83 22.52
CA LEU I 84 -87.93 -37.87 23.87
C LEU I 84 -88.48 -39.08 24.60
N GLN I 85 -88.01 -39.28 25.83
CA GLN I 85 -88.44 -40.38 26.68
C GLN I 85 -88.75 -39.96 28.11
N MET I 86 -88.69 -38.67 28.41
CA MET I 86 -88.81 -38.18 29.78
C MET I 86 -90.27 -37.82 30.07
N ASN I 87 -90.53 -37.50 31.34
CA ASN I 87 -91.87 -37.15 31.78
C ASN I 87 -92.33 -35.86 31.09
N SER I 88 -93.54 -35.43 31.43
CA SER I 88 -94.20 -34.37 30.68
C SER I 88 -93.63 -32.99 31.01
N LEU I 89 -93.80 -32.53 32.24
CA LEU I 89 -93.53 -31.13 32.55
C LEU I 89 -93.46 -30.93 34.06
N LYS I 90 -93.03 -29.74 34.45
CA LYS I 90 -93.09 -29.26 35.83
C LYS I 90 -93.02 -27.75 35.80
N PRO I 91 -93.44 -27.09 36.88
CA PRO I 91 -93.48 -25.61 36.87
C PRO I 91 -92.16 -24.95 36.49
N GLU I 92 -91.04 -25.45 37.02
CA GLU I 92 -89.76 -24.80 36.77
C GLU I 92 -89.35 -24.85 35.31
N ASP I 93 -89.81 -25.85 34.55
CA ASP I 93 -89.47 -25.97 33.14
C ASP I 93 -90.50 -25.33 32.23
N THR I 94 -91.41 -24.51 32.77
CA THR I 94 -92.43 -23.87 31.94
C THR I 94 -91.89 -22.68 31.14
N ALA I 95 -90.63 -22.29 31.35
CA ALA I 95 -90.07 -21.19 30.59
C ALA I 95 -90.16 -21.47 29.09
N VAL I 96 -90.31 -20.38 28.32
CA VAL I 96 -90.46 -20.54 26.88
C VAL I 96 -89.23 -21.22 26.30
N TYR I 97 -89.44 -21.94 25.19
CA TYR I 97 -88.40 -22.75 24.56
C TYR I 97 -88.35 -22.44 23.08
N TYR I 98 -87.23 -22.80 22.45
CA TYR I 98 -87.01 -22.59 21.02
C TYR I 98 -86.19 -23.76 20.46
N CYS I 99 -86.58 -24.24 19.29
CA CYS I 99 -85.96 -25.37 18.63
C CYS I 99 -85.31 -24.90 17.34
N ALA I 100 -84.06 -25.29 17.13
CA ALA I 100 -83.28 -24.73 16.03
C ALA I 100 -82.39 -25.79 15.40
N ILE I 101 -81.80 -25.43 14.26
CA ILE I 101 -80.82 -26.26 13.56
C ILE I 101 -79.53 -25.44 13.42
N ASP I 102 -78.41 -26.14 13.38
CA ASP I 102 -77.10 -25.48 13.21
C ASP I 102 -76.76 -25.46 11.73
N SER I 103 -76.44 -24.28 11.21
CA SER I 103 -76.34 -24.06 9.76
C SER I 103 -74.98 -24.43 9.18
N ASP I 104 -74.06 -24.95 9.98
CA ASP I 104 -72.76 -25.37 9.47
C ASP I 104 -72.78 -26.87 9.19
N THR I 105 -72.17 -27.28 8.09
CA THR I 105 -72.30 -28.65 7.60
C THR I 105 -71.63 -29.63 8.55
N PHE I 106 -72.43 -30.35 9.32
CA PHE I 106 -71.99 -31.38 10.27
C PHE I 106 -71.22 -30.81 11.44
N TYR I 107 -71.22 -29.49 11.64
CA TYR I 107 -70.45 -28.90 12.72
C TYR I 107 -71.24 -28.91 14.02
N SER I 108 -70.54 -28.62 15.12
CA SER I 108 -71.15 -28.55 16.44
C SER I 108 -71.28 -27.12 16.94
N GLY I 109 -70.81 -26.13 16.19
CA GLY I 109 -70.92 -24.74 16.62
C GLY I 109 -72.32 -24.20 16.39
N SER I 110 -72.70 -23.21 17.20
CA SER I 110 -74.07 -22.72 17.19
C SER I 110 -74.23 -21.56 16.20
N TYR I 111 -75.03 -21.80 15.15
CA TYR I 111 -75.46 -20.73 14.25
C TYR I 111 -76.86 -21.15 13.78
N ASP I 112 -77.88 -20.57 14.40
CA ASP I 112 -79.18 -21.20 14.50
C ASP I 112 -80.20 -20.61 13.53
N TYR I 113 -81.09 -21.49 13.05
CA TYR I 113 -82.36 -21.13 12.43
C TYR I 113 -83.45 -21.91 13.13
N TRP I 114 -84.40 -21.20 13.74
CA TRP I 114 -85.37 -21.82 14.63
C TRP I 114 -86.77 -21.69 14.05
N GLY I 115 -87.71 -22.39 14.69
CA GLY I 115 -89.06 -22.50 14.20
C GLY I 115 -90.11 -22.10 15.21
N GLN I 116 -91.21 -22.84 15.22
CA GLN I 116 -92.39 -22.47 16.00
C GLN I 116 -92.16 -22.75 17.48
N GLY I 117 -93.16 -22.36 18.28
CA GLY I 117 -93.16 -22.58 19.70
C GLY I 117 -94.49 -22.15 20.29
N THR I 118 -94.78 -22.67 21.48
CA THR I 118 -96.05 -22.37 22.14
C THR I 118 -95.84 -22.30 23.64
N GLN I 119 -96.89 -21.90 24.35
CA GLN I 119 -96.82 -21.74 25.80
C GLN I 119 -97.34 -22.99 26.50
N VAL I 120 -96.96 -23.14 27.77
CA VAL I 120 -97.32 -24.29 28.58
C VAL I 120 -97.44 -23.87 30.04
N THR I 121 -98.15 -24.69 30.81
CA THR I 121 -98.33 -24.45 32.24
C THR I 121 -98.82 -25.74 32.89
N VAL I 122 -98.43 -25.93 34.15
CA VAL I 122 -98.82 -27.11 34.92
C VAL I 122 -98.83 -26.72 36.39
N SER I 123 -99.69 -27.39 37.16
CA SER I 123 -99.81 -27.14 38.58
C SER I 123 -98.45 -27.22 39.28
N GLN J 1 -22.47 -64.78 -16.35
CA GLN J 1 -21.54 -64.96 -17.49
C GLN J 1 -22.28 -64.78 -18.82
N VAL J 2 -21.62 -64.10 -19.76
CA VAL J 2 -22.20 -63.83 -21.06
C VAL J 2 -21.90 -64.99 -22.01
N GLN J 3 -22.82 -65.25 -22.93
CA GLN J 3 -22.69 -66.37 -23.85
C GLN J 3 -23.67 -66.20 -25.00
N LEU J 4 -23.24 -66.63 -26.18
CA LEU J 4 -24.06 -66.65 -27.38
C LEU J 4 -24.22 -68.09 -27.86
N VAL J 5 -25.36 -68.39 -28.46
CA VAL J 5 -25.69 -69.75 -28.87
C VAL J 5 -26.45 -69.71 -30.19
N GLN J 6 -26.04 -70.53 -31.14
CA GLN J 6 -26.81 -70.76 -32.35
C GLN J 6 -27.75 -71.94 -32.16
N SER J 7 -28.53 -72.24 -33.19
CA SER J 7 -29.35 -73.44 -33.19
C SER J 7 -28.48 -74.65 -33.51
N GLY J 8 -29.06 -75.83 -33.35
CA GLY J 8 -28.35 -77.06 -33.64
C GLY J 8 -27.85 -77.10 -35.07
N ALA J 9 -26.81 -77.91 -35.28
CA ALA J 9 -26.25 -78.05 -36.61
C ALA J 9 -27.33 -78.48 -37.60
N GLU J 10 -27.22 -78.00 -38.84
CA GLU J 10 -28.23 -78.24 -39.85
C GLU J 10 -27.59 -78.16 -41.22
N VAL J 11 -28.40 -78.41 -42.25
CA VAL J 11 -27.95 -78.39 -43.64
C VAL J 11 -28.47 -77.12 -44.31
N LYS J 12 -27.63 -76.52 -45.14
CA LYS J 12 -27.99 -75.35 -45.91
C LYS J 12 -27.79 -75.64 -47.40
N LYS J 13 -28.70 -75.12 -48.22
CA LYS J 13 -28.70 -75.40 -49.65
C LYS J 13 -28.61 -74.10 -50.43
N PRO J 14 -27.98 -74.12 -51.61
CA PRO J 14 -27.87 -72.90 -52.41
C PRO J 14 -29.14 -72.65 -53.22
N GLY J 15 -29.19 -71.46 -53.81
CA GLY J 15 -30.30 -71.11 -54.68
C GLY J 15 -31.54 -70.62 -53.98
N SER J 16 -31.43 -70.23 -52.71
CA SER J 16 -32.59 -69.73 -51.97
C SER J 16 -32.10 -68.86 -50.83
N SER J 17 -33.04 -68.16 -50.21
CA SER J 17 -32.77 -67.28 -49.07
C SER J 17 -33.12 -68.05 -47.80
N VAL J 18 -32.09 -68.49 -47.09
CA VAL J 18 -32.26 -69.28 -45.87
C VAL J 18 -32.20 -68.36 -44.67
N LYS J 19 -32.88 -68.75 -43.59
CA LYS J 19 -33.03 -67.94 -42.40
C LYS J 19 -32.27 -68.60 -41.26
N VAL J 20 -31.12 -68.03 -40.90
CA VAL J 20 -30.25 -68.56 -39.84
C VAL J 20 -30.41 -67.67 -38.62
N SER J 21 -30.40 -68.26 -37.43
CA SER J 21 -30.67 -67.56 -36.19
C SER J 21 -29.64 -67.94 -35.12
N CYS J 22 -29.44 -67.02 -34.17
CA CYS J 22 -28.61 -67.26 -33.01
C CYS J 22 -28.96 -66.23 -31.95
N LYS J 23 -28.93 -66.65 -30.69
CA LYS J 23 -29.34 -65.83 -29.56
C LYS J 23 -28.13 -65.42 -28.72
N ALA J 24 -28.29 -64.32 -27.99
CA ALA J 24 -27.27 -63.85 -27.07
C ALA J 24 -27.81 -63.85 -25.64
N SER J 25 -27.02 -64.39 -24.72
CA SER J 25 -27.39 -64.49 -23.32
C SER J 25 -26.41 -63.67 -22.48
N GLY J 26 -26.94 -62.96 -21.49
CA GLY J 26 -26.13 -62.08 -20.67
C GLY J 26 -26.29 -60.63 -21.10
N GLY J 27 -27.09 -59.88 -20.35
CA GLY J 27 -27.40 -58.51 -20.74
C GLY J 27 -28.32 -58.48 -21.95
N THR J 28 -28.89 -57.32 -22.24
CA THR J 28 -29.82 -57.21 -23.37
C THR J 28 -29.07 -57.41 -24.68
N PHE J 29 -29.76 -58.08 -25.62
CA PHE J 29 -29.18 -58.26 -26.96
C PHE J 29 -28.80 -56.92 -27.58
N SER J 30 -29.49 -55.85 -27.21
CA SER J 30 -29.26 -54.54 -27.82
C SER J 30 -27.89 -53.98 -27.44
N SER J 31 -27.24 -54.56 -26.43
CA SER J 31 -25.99 -53.98 -25.93
C SER J 31 -24.78 -54.34 -26.78
N TYR J 32 -24.84 -55.43 -27.54
CA TYR J 32 -23.68 -55.95 -28.26
C TYR J 32 -23.86 -55.77 -29.76
N ALA J 33 -22.80 -55.32 -30.42
CA ALA J 33 -22.75 -55.36 -31.88
C ALA J 33 -22.27 -56.73 -32.32
N ILE J 34 -23.14 -57.47 -33.00
CA ILE J 34 -22.92 -58.88 -33.31
C ILE J 34 -22.20 -59.00 -34.64
N SER J 35 -21.18 -59.85 -34.68
CA SER J 35 -20.43 -60.13 -35.89
C SER J 35 -20.49 -61.62 -36.20
N TRP J 36 -20.58 -61.95 -37.49
CA TRP J 36 -20.63 -63.34 -37.94
C TRP J 36 -19.27 -63.73 -38.49
N VAL J 37 -18.76 -64.87 -38.02
CA VAL J 37 -17.42 -65.35 -38.37
C VAL J 37 -17.57 -66.71 -39.02
N ARG J 38 -17.17 -66.81 -40.29
CA ARG J 38 -17.16 -68.07 -41.01
C ARG J 38 -15.76 -68.68 -41.03
N GLN J 39 -15.29 -69.05 -39.84
CA GLN J 39 -13.94 -69.58 -39.70
C GLN J 39 -13.80 -70.91 -40.43
N ALA J 40 -12.99 -70.92 -41.48
CA ALA J 40 -12.80 -72.10 -42.32
C ALA J 40 -11.63 -72.92 -41.81
N PRO J 41 -11.42 -74.14 -42.33
CA PRO J 41 -10.25 -74.91 -41.87
C PRO J 41 -8.94 -74.16 -42.02
N GLY J 42 -8.71 -73.52 -43.17
CA GLY J 42 -7.50 -72.76 -43.39
C GLY J 42 -7.62 -71.31 -42.98
N GLN J 43 -8.65 -70.63 -43.48
CA GLN J 43 -8.83 -69.22 -43.17
C GLN J 43 -9.26 -69.05 -41.72
N GLY J 44 -8.91 -67.89 -41.15
CA GLY J 44 -9.21 -67.61 -39.75
C GLY J 44 -10.40 -66.70 -39.55
N LEU J 45 -10.14 -65.45 -39.17
CA LEU J 45 -11.22 -64.53 -38.86
C LEU J 45 -11.95 -64.08 -40.11
N GLU J 46 -13.17 -63.58 -39.92
CA GLU J 46 -14.02 -63.11 -41.01
C GLU J 46 -14.74 -61.85 -40.57
N TRP J 47 -15.20 -61.07 -41.56
CA TRP J 47 -15.98 -59.88 -41.31
C TRP J 47 -17.15 -59.75 -42.28
N MET J 48 -17.69 -60.87 -42.76
CA MET J 48 -18.76 -60.82 -43.76
C MET J 48 -20.07 -60.31 -43.20
N GLY J 49 -20.16 -60.02 -41.90
CA GLY J 49 -21.37 -59.48 -41.33
C GLY J 49 -21.18 -58.85 -39.97
N ARG J 50 -21.70 -57.64 -39.80
CA ARG J 50 -21.68 -56.93 -38.53
C ARG J 50 -22.97 -56.14 -38.42
N ILE J 51 -23.64 -56.25 -37.27
CA ILE J 51 -24.94 -55.61 -37.06
C ILE J 51 -24.98 -55.04 -35.64
N ILE J 52 -25.39 -53.79 -35.53
CA ILE J 52 -25.69 -53.17 -34.24
C ILE J 52 -27.20 -53.25 -34.05
N PRO J 53 -27.70 -54.15 -33.18
CA PRO J 53 -29.15 -54.45 -33.20
C PRO J 53 -30.04 -53.23 -33.03
N ILE J 54 -29.71 -52.31 -32.13
CA ILE J 54 -30.62 -51.23 -31.78
C ILE J 54 -30.61 -50.12 -32.82
N PHE J 55 -29.44 -49.81 -33.38
CA PHE J 55 -29.38 -48.83 -34.46
C PHE J 55 -29.82 -49.43 -35.80
N GLY J 56 -29.79 -50.76 -35.92
CA GLY J 56 -30.26 -51.43 -37.11
C GLY J 56 -29.31 -51.39 -38.29
N THR J 57 -28.20 -50.67 -38.19
CA THR J 57 -27.26 -50.58 -39.29
C THR J 57 -26.37 -51.82 -39.34
N ALA J 58 -26.05 -52.27 -40.55
CA ALA J 58 -25.23 -53.45 -40.75
C ALA J 58 -24.39 -53.29 -42.00
N ASN J 59 -23.14 -53.76 -41.93
CA ASN J 59 -22.24 -53.77 -43.07
C ASN J 59 -21.73 -55.19 -43.29
N TYR J 60 -21.31 -55.47 -44.52
CA TYR J 60 -20.85 -56.79 -44.92
C TYR J 60 -19.56 -56.66 -45.71
N ALA J 61 -18.93 -57.80 -45.95
CA ALA J 61 -17.70 -57.82 -46.74
C ALA J 61 -18.02 -57.80 -48.23
N GLN J 62 -17.01 -57.44 -49.03
CA GLN J 62 -17.21 -57.31 -50.47
C GLN J 62 -17.70 -58.62 -51.09
N LYS J 63 -17.60 -59.73 -50.37
CA LYS J 63 -17.98 -61.02 -50.94
C LYS J 63 -19.48 -61.29 -50.80
N PHE J 64 -20.16 -60.61 -49.87
CA PHE J 64 -21.53 -60.94 -49.54
C PHE J 64 -22.52 -59.79 -49.72
N GLN J 65 -22.07 -58.57 -50.02
CA GLN J 65 -22.99 -57.45 -50.12
C GLN J 65 -24.03 -57.68 -51.21
N GLY J 66 -25.19 -57.06 -51.05
CA GLY J 66 -26.25 -57.06 -52.04
C GLY J 66 -27.25 -58.18 -51.93
N ARG J 67 -26.80 -59.38 -51.55
CA ARG J 67 -27.64 -60.57 -51.54
C ARG J 67 -28.03 -61.04 -50.16
N VAL J 68 -27.45 -60.46 -49.10
CA VAL J 68 -27.69 -60.91 -47.73
C VAL J 68 -28.39 -59.81 -46.96
N THR J 69 -28.93 -60.18 -45.80
CA THR J 69 -29.65 -59.25 -44.93
C THR J 69 -29.60 -59.75 -43.51
N ILE J 70 -29.64 -58.82 -42.56
CA ILE J 70 -29.67 -59.13 -41.13
C ILE J 70 -30.89 -58.44 -40.54
N THR J 71 -31.58 -59.13 -39.62
CA THR J 71 -32.75 -58.59 -38.95
C THR J 71 -32.75 -59.06 -37.50
N ALA J 72 -32.89 -58.11 -36.58
CA ALA J 72 -32.89 -58.38 -35.14
C ALA J 72 -34.31 -58.26 -34.63
N ASP J 73 -34.80 -59.31 -33.97
CA ASP J 73 -36.14 -59.35 -33.39
C ASP J 73 -36.01 -59.55 -31.89
N GLU J 74 -36.15 -58.47 -31.13
CA GLU J 74 -35.99 -58.52 -29.68
C GLU J 74 -37.15 -59.20 -28.97
N SER J 75 -38.28 -59.40 -29.65
CA SER J 75 -39.40 -60.11 -29.01
C SER J 75 -38.98 -61.50 -28.58
N THR J 76 -38.35 -62.25 -29.49
CA THR J 76 -37.78 -63.55 -29.15
C THR J 76 -36.30 -63.47 -28.79
N SER J 77 -35.71 -62.28 -28.78
CA SER J 77 -34.31 -62.08 -28.45
C SER J 77 -33.41 -62.92 -29.36
N THR J 78 -33.48 -62.61 -30.66
CA THR J 78 -32.75 -63.35 -31.67
C THR J 78 -32.30 -62.41 -32.78
N ALA J 79 -31.19 -62.76 -33.41
CA ALA J 79 -30.66 -62.03 -34.56
C ALA J 79 -30.59 -62.98 -35.75
N TYR J 80 -31.17 -62.55 -36.87
CA TYR J 80 -31.32 -63.39 -38.05
C TYR J 80 -30.39 -62.94 -39.16
N MET J 81 -29.98 -63.89 -40.01
CA MET J 81 -29.14 -63.61 -41.16
C MET J 81 -29.76 -64.28 -42.39
N GLU J 82 -30.16 -63.46 -43.36
CA GLU J 82 -30.72 -63.97 -44.62
C GLU J 82 -29.56 -64.22 -45.59
N LEU J 83 -29.33 -65.48 -45.93
CA LEU J 83 -28.20 -65.89 -46.75
C LEU J 83 -28.70 -66.53 -48.04
N SER J 84 -28.01 -66.25 -49.14
CA SER J 84 -28.39 -66.78 -50.44
C SER J 84 -27.16 -66.81 -51.34
N SER J 85 -27.30 -67.50 -52.48
CA SER J 85 -26.21 -67.62 -53.46
C SER J 85 -24.94 -68.17 -52.79
N LEU J 86 -25.06 -69.34 -52.18
CA LEU J 86 -23.93 -69.93 -51.47
C LEU J 86 -22.95 -70.55 -52.46
N ARG J 87 -21.69 -70.64 -52.05
CA ARG J 87 -20.66 -71.34 -52.80
C ARG J 87 -20.05 -72.44 -51.95
N SER J 88 -19.29 -73.32 -52.59
CA SER J 88 -18.71 -74.46 -51.91
C SER J 88 -17.66 -74.07 -50.87
N GLU J 89 -17.20 -72.82 -50.88
CA GLU J 89 -16.20 -72.38 -49.92
C GLU J 89 -16.79 -72.15 -48.54
N ASP J 90 -18.12 -72.25 -48.39
CA ASP J 90 -18.79 -71.94 -47.14
C ASP J 90 -18.58 -73.00 -46.07
N THR J 91 -17.83 -74.06 -46.35
CA THR J 91 -17.55 -75.09 -45.35
C THR J 91 -16.71 -74.48 -44.25
N ALA J 92 -17.34 -74.16 -43.12
CA ALA J 92 -16.66 -73.47 -42.04
C ALA J 92 -17.44 -73.65 -40.76
N VAL J 93 -16.77 -73.44 -39.64
CA VAL J 93 -17.40 -73.48 -38.32
C VAL J 93 -17.89 -72.07 -38.01
N TYR J 94 -19.20 -71.87 -38.08
CA TYR J 94 -19.77 -70.53 -37.98
C TYR J 94 -19.97 -70.12 -36.53
N TYR J 95 -19.70 -68.84 -36.25
CA TYR J 95 -19.92 -68.25 -34.94
C TYR J 95 -20.53 -66.87 -35.11
N CYS J 96 -21.50 -66.56 -34.26
CA CYS J 96 -22.03 -65.21 -34.11
C CYS J 96 -21.48 -64.63 -32.82
N ALA J 97 -20.64 -63.60 -32.94
CA ALA J 97 -19.80 -63.17 -31.84
C ALA J 97 -20.12 -61.73 -31.45
N SER J 98 -19.66 -61.34 -30.27
CA SER J 98 -19.86 -59.97 -29.79
C SER J 98 -18.67 -59.10 -30.15
N LEU J 99 -18.93 -58.05 -30.94
CA LEU J 99 -17.94 -57.02 -31.23
C LEU J 99 -18.22 -55.76 -30.43
N ALA J 100 -18.66 -55.94 -29.18
CA ALA J 100 -19.12 -54.84 -28.34
C ALA J 100 -18.00 -54.05 -27.68
N SER J 101 -16.75 -54.23 -28.11
CA SER J 101 -15.62 -53.54 -27.50
C SER J 101 -15.57 -52.10 -28.00
N TYR J 102 -16.54 -51.30 -27.56
CA TYR J 102 -16.49 -49.86 -27.74
C TYR J 102 -16.67 -49.18 -26.39
N SER J 103 -17.50 -49.77 -25.52
CA SER J 103 -17.62 -49.30 -24.16
C SER J 103 -16.47 -49.77 -23.28
N SER J 104 -15.65 -50.69 -23.78
CA SER J 104 -14.53 -51.22 -23.00
C SER J 104 -13.34 -50.27 -22.97
N GLY J 105 -13.35 -49.22 -23.78
CA GLY J 105 -12.16 -48.41 -23.96
C GLY J 105 -11.16 -48.97 -24.95
N TRP J 106 -11.37 -50.21 -25.40
CA TRP J 106 -10.53 -50.85 -26.40
C TRP J 106 -11.25 -50.81 -27.75
N GLU J 107 -10.48 -50.54 -28.81
CA GLU J 107 -11.06 -50.34 -30.14
C GLU J 107 -11.51 -51.69 -30.70
N ASP J 108 -12.80 -52.00 -30.52
CA ASP J 108 -13.50 -53.09 -31.19
C ASP J 108 -12.67 -54.35 -31.39
N VAL J 109 -12.21 -54.96 -30.29
CA VAL J 109 -11.69 -56.32 -30.37
C VAL J 109 -12.77 -57.28 -29.90
N PHE J 110 -12.86 -58.44 -30.54
CA PHE J 110 -13.89 -59.40 -30.17
C PHE J 110 -13.57 -60.03 -28.82
N ASP J 111 -14.61 -60.18 -28.00
CA ASP J 111 -14.44 -60.63 -26.62
C ASP J 111 -15.15 -61.96 -26.38
N ILE J 112 -16.39 -62.07 -26.84
CA ILE J 112 -17.25 -63.22 -26.58
C ILE J 112 -17.58 -63.88 -27.90
N TRP J 113 -17.33 -65.19 -27.99
CA TRP J 113 -17.70 -65.99 -29.15
C TRP J 113 -18.73 -67.03 -28.74
N GLY J 114 -19.70 -67.27 -29.61
CA GLY J 114 -20.72 -68.25 -29.36
C GLY J 114 -20.18 -69.66 -29.46
N GLN J 115 -21.05 -70.62 -29.15
CA GLN J 115 -20.65 -72.02 -29.22
C GLN J 115 -20.43 -72.46 -30.66
N GLY J 116 -21.15 -71.85 -31.61
CA GLY J 116 -20.90 -72.07 -33.01
C GLY J 116 -21.22 -73.49 -33.47
N THR J 117 -21.37 -73.67 -34.78
CA THR J 117 -21.74 -74.97 -35.33
C THR J 117 -20.99 -75.20 -36.63
N MET J 118 -20.85 -76.48 -36.98
CA MET J 118 -20.21 -76.89 -38.23
C MET J 118 -21.31 -77.05 -39.29
N VAL J 119 -21.55 -75.99 -40.05
CA VAL J 119 -22.62 -76.00 -41.04
C VAL J 119 -22.29 -77.00 -42.14
N THR J 120 -23.30 -77.71 -42.63
CA THR J 120 -23.14 -78.75 -43.62
C THR J 120 -23.76 -78.31 -44.93
N VAL J 121 -22.91 -78.01 -45.92
CA VAL J 121 -23.38 -77.54 -47.22
C VAL J 121 -22.78 -78.35 -48.35
N SER J 122 -21.62 -78.97 -48.10
CA SER J 122 -20.90 -79.66 -49.16
C SER J 122 -21.44 -81.07 -49.36
N SER J 123 -20.88 -81.75 -50.36
CA SER J 123 -21.33 -83.06 -50.77
C SER J 123 -20.57 -84.21 -50.13
N ALA J 124 -20.00 -84.02 -48.94
CA ALA J 124 -19.45 -85.17 -48.22
C ALA J 124 -20.58 -86.13 -47.88
N SER J 125 -20.25 -87.23 -47.21
CA SER J 125 -21.05 -88.44 -47.25
C SER J 125 -21.80 -88.69 -45.95
N THR J 126 -23.10 -89.00 -46.06
CA THR J 126 -23.90 -89.55 -44.97
C THR J 126 -25.05 -90.35 -45.57
N LYS J 127 -25.91 -90.88 -44.70
CA LYS J 127 -27.14 -91.52 -45.14
C LYS J 127 -26.89 -92.76 -46.02
N GLY J 128 -26.44 -93.86 -45.43
CA GLY J 128 -26.20 -95.07 -46.18
C GLY J 128 -24.74 -95.50 -46.29
N PRO J 129 -24.02 -95.51 -45.17
CA PRO J 129 -22.61 -95.89 -45.19
C PRO J 129 -22.38 -97.28 -45.76
N SER J 130 -21.57 -97.36 -46.81
CA SER J 130 -21.18 -98.63 -47.41
C SER J 130 -19.77 -98.99 -46.96
N VAL J 131 -19.68 -99.46 -45.72
CA VAL J 131 -18.38 -99.82 -45.16
C VAL J 131 -17.89 -101.11 -45.82
N PHE J 132 -16.58 -101.21 -46.02
CA PHE J 132 -15.94 -102.43 -46.49
C PHE J 132 -14.57 -102.53 -45.85
N PRO J 133 -14.06 -103.75 -45.66
CA PRO J 133 -12.84 -103.91 -44.86
C PRO J 133 -11.56 -103.71 -45.66
N LEU J 134 -10.47 -103.56 -44.92
CA LEU J 134 -9.12 -103.53 -45.47
C LEU J 134 -8.21 -104.28 -44.52
N ALA J 135 -7.40 -105.19 -45.06
CA ALA J 135 -6.62 -106.13 -44.24
C ALA J 135 -5.18 -106.14 -44.72
N PRO J 136 -4.23 -105.91 -43.82
CA PRO J 136 -2.81 -106.04 -44.20
C PRO J 136 -2.34 -107.49 -44.21
N SER J 137 -1.08 -107.66 -44.59
CA SER J 137 -0.42 -108.95 -44.46
C SER J 137 0.46 -108.97 -43.22
N SER J 138 0.60 -110.13 -42.60
CA SER J 138 1.38 -110.24 -41.37
C SER J 138 2.88 -110.22 -41.62
N LYS J 139 3.33 -109.89 -42.83
CA LYS J 139 4.75 -109.77 -43.12
C LYS J 139 5.29 -108.36 -42.89
N SER J 140 4.43 -107.35 -43.07
CA SER J 140 4.86 -105.96 -42.91
C SER J 140 4.77 -105.47 -41.47
N THR J 141 4.74 -106.37 -40.49
CA THR J 141 4.54 -105.97 -39.11
C THR J 141 5.82 -105.43 -38.50
N SER J 142 5.64 -104.60 -37.47
CA SER J 142 6.75 -104.08 -36.68
C SER J 142 6.27 -103.82 -35.26
N GLY J 143 7.16 -104.03 -34.30
CA GLY J 143 6.79 -103.87 -32.91
C GLY J 143 5.94 -104.98 -32.35
N GLY J 144 5.75 -106.06 -33.11
CA GLY J 144 4.98 -107.19 -32.61
C GLY J 144 3.49 -107.00 -32.61
N THR J 145 2.95 -106.27 -33.59
CA THR J 145 1.51 -106.06 -33.68
C THR J 145 1.12 -105.87 -35.14
N ALA J 146 -0.15 -106.11 -35.43
CA ALA J 146 -0.70 -105.99 -36.77
C ALA J 146 -1.91 -105.08 -36.74
N ALA J 147 -2.24 -104.51 -37.90
CA ALA J 147 -3.26 -103.47 -38.00
C ALA J 147 -4.46 -103.92 -38.81
N LEU J 148 -5.50 -103.09 -38.78
CA LEU J 148 -6.75 -103.31 -39.52
C LEU J 148 -7.29 -101.97 -39.96
N GLY J 149 -8.34 -102.00 -40.78
CA GLY J 149 -8.96 -100.77 -41.25
C GLY J 149 -10.24 -101.01 -42.01
N CYS J 150 -10.94 -99.90 -42.28
CA CYS J 150 -12.17 -99.91 -43.06
C CYS J 150 -12.30 -98.58 -43.77
N LEU J 151 -13.24 -98.49 -44.72
CA LEU J 151 -13.41 -97.24 -45.52
C LEU J 151 -14.88 -97.05 -45.95
N VAL J 152 -15.33 -95.79 -46.01
CA VAL J 152 -16.73 -95.47 -46.43
C VAL J 152 -16.66 -94.36 -47.47
N LYS J 153 -17.40 -94.47 -48.58
CA LYS J 153 -17.44 -93.39 -49.60
C LYS J 153 -18.71 -93.53 -50.45
N ASP J 154 -19.79 -92.82 -50.10
CA ASP J 154 -21.07 -92.99 -50.83
C ASP J 154 -22.11 -91.97 -50.36
N TYR J 155 -22.87 -91.37 -51.28
CA TYR J 155 -24.00 -90.47 -50.92
C TYR J 155 -23.58 -89.14 -50.28
N PHE J 156 -24.57 -88.41 -49.76
CA PHE J 156 -24.29 -87.09 -49.11
C PHE J 156 -25.22 -86.91 -47.90
N GLU J 158 -24.02 -84.51 -45.83
CA GLU J 158 -23.33 -84.25 -44.53
C GLU J 158 -21.93 -84.95 -44.38
N PRO J 159 -21.02 -84.64 -43.41
CA PRO J 159 -19.72 -85.35 -43.22
C PRO J 159 -19.79 -86.73 -42.55
N VAL J 160 -18.69 -87.49 -42.56
CA VAL J 160 -18.73 -88.91 -42.05
C VAL J 160 -17.99 -89.09 -40.72
N THR J 161 -18.39 -90.10 -39.91
CA THR J 161 -17.72 -90.44 -38.66
C THR J 161 -17.80 -91.95 -38.51
N VAL J 162 -16.80 -92.54 -37.86
CA VAL J 162 -16.64 -93.99 -37.83
C VAL J 162 -16.49 -94.48 -36.38
N SER J 163 -16.50 -95.81 -36.25
CA SER J 163 -16.33 -96.48 -34.97
C SER J 163 -16.20 -97.97 -35.25
N TRP J 164 -15.63 -98.70 -34.28
CA TRP J 164 -15.42 -100.12 -34.44
C TRP J 164 -16.28 -100.93 -33.48
N ASN J 165 -16.12 -100.68 -32.19
CA ASN J 165 -16.84 -101.38 -31.13
C ASN J 165 -17.26 -100.40 -30.06
N SER J 166 -17.68 -100.92 -28.90
CA SER J 166 -18.07 -100.08 -27.79
C SER J 166 -16.85 -99.65 -26.98
N GLY J 167 -15.84 -99.12 -27.66
CA GLY J 167 -14.63 -98.64 -27.00
C GLY J 167 -14.07 -99.61 -25.97
N ALA J 168 -13.63 -100.79 -26.41
CA ALA J 168 -13.13 -101.81 -25.51
C ALA J 168 -11.61 -101.87 -25.49
N LEU J 169 -10.99 -102.08 -26.65
CA LEU J 169 -9.55 -102.27 -26.77
C LEU J 169 -8.98 -101.15 -27.63
N THR J 170 -7.97 -100.45 -27.10
CA THR J 170 -7.33 -99.33 -27.80
C THR J 170 -5.81 -99.45 -27.69
N SER J 171 -5.28 -100.65 -27.95
CA SER J 171 -3.84 -100.83 -27.97
C SER J 171 -3.16 -99.85 -28.93
N GLY J 172 -3.88 -99.40 -29.95
CA GLY J 172 -3.36 -98.43 -30.90
C GLY J 172 -4.40 -98.08 -31.95
N VAL J 173 -4.60 -96.80 -32.21
CA VAL J 173 -5.62 -96.34 -33.14
C VAL J 173 -5.13 -95.07 -33.83
N HIS J 174 -5.63 -94.83 -35.04
CA HIS J 174 -5.26 -93.67 -35.83
C HIS J 174 -6.42 -93.26 -36.72
N THR J 175 -6.42 -91.99 -37.11
CA THR J 175 -7.41 -91.44 -38.02
C THR J 175 -6.77 -90.33 -38.83
N PHE J 176 -7.34 -90.06 -40.00
CA PHE J 176 -6.75 -89.10 -40.93
C PHE J 176 -7.81 -88.09 -41.39
N PRO J 177 -7.43 -86.82 -41.53
CA PRO J 177 -8.31 -85.88 -42.26
C PRO J 177 -8.30 -86.18 -43.75
N ALA J 178 -9.06 -87.21 -44.14
CA ALA J 178 -8.97 -87.75 -45.48
C ALA J 178 -9.44 -86.74 -46.53
N VAL J 179 -9.44 -87.18 -47.78
CA VAL J 179 -9.79 -86.34 -48.92
C VAL J 179 -11.06 -86.89 -49.55
N LEU J 180 -11.64 -86.09 -50.45
CA LEU J 180 -12.87 -86.49 -51.14
C LEU J 180 -12.54 -86.94 -52.56
N GLN J 181 -13.28 -87.96 -53.02
CA GLN J 181 -13.07 -88.50 -54.36
C GLN J 181 -13.38 -87.44 -55.41
N SER J 182 -12.79 -87.63 -56.60
CA SER J 182 -13.05 -86.71 -57.70
C SER J 182 -14.53 -86.55 -58.01
N SER J 183 -15.35 -87.55 -57.64
CA SER J 183 -16.79 -87.44 -57.84
C SER J 183 -17.42 -86.37 -56.96
N GLY J 184 -16.65 -85.75 -56.06
CA GLY J 184 -17.19 -84.77 -55.14
C GLY J 184 -17.77 -85.35 -53.86
N LEU J 185 -17.50 -86.63 -53.57
CA LEU J 185 -18.05 -87.32 -52.42
C LEU J 185 -16.89 -87.78 -51.53
N TYR J 186 -17.11 -87.76 -50.22
CA TYR J 186 -16.02 -87.87 -49.26
C TYR J 186 -15.78 -89.32 -48.84
N SER J 187 -14.54 -89.59 -48.45
CA SER J 187 -14.13 -90.88 -47.90
C SER J 187 -13.35 -90.65 -46.61
N LEU J 188 -13.48 -91.58 -45.67
CA LEU J 188 -12.79 -91.51 -44.39
C LEU J 188 -12.43 -92.91 -43.94
N SER J 189 -11.33 -93.02 -43.20
CA SER J 189 -10.81 -94.31 -42.80
C SER J 189 -10.19 -94.20 -41.41
N SER J 190 -10.03 -95.36 -40.77
CA SER J 190 -9.38 -95.46 -39.46
C SER J 190 -8.57 -96.75 -39.42
N VAL J 191 -7.63 -96.80 -38.48
CA VAL J 191 -6.73 -97.93 -38.33
C VAL J 191 -6.61 -98.28 -36.86
N VAL J 192 -6.58 -99.58 -36.56
CA VAL J 192 -6.38 -100.08 -35.21
C VAL J 192 -5.39 -101.23 -35.27
N THR J 193 -4.63 -101.41 -34.19
CA THR J 193 -3.62 -102.45 -34.12
C THR J 193 -3.91 -103.38 -32.94
N VAL J 194 -3.41 -104.60 -33.05
CA VAL J 194 -3.70 -105.66 -32.08
C VAL J 194 -2.59 -106.71 -32.18
N PRO J 195 -2.28 -107.44 -31.10
CA PRO J 195 -1.29 -108.52 -31.22
C PRO J 195 -1.64 -109.46 -32.36
N SER J 196 -0.61 -110.14 -32.88
CA SER J 196 -0.77 -110.94 -34.09
C SER J 196 -1.70 -112.14 -33.89
N SER J 197 -1.72 -112.73 -32.70
CA SER J 197 -2.55 -113.90 -32.48
C SER J 197 -4.04 -113.58 -32.58
N SER J 198 -4.42 -112.33 -32.29
CA SER J 198 -5.82 -111.95 -32.34
C SER J 198 -6.22 -111.39 -33.69
N LEU J 199 -5.23 -111.10 -34.56
CA LEU J 199 -5.51 -110.49 -35.86
C LEU J 199 -6.48 -111.33 -36.67
N GLY J 200 -7.66 -110.79 -36.95
CA GLY J 200 -8.62 -111.43 -37.82
C GLY J 200 -9.44 -112.53 -37.18
N THR J 201 -8.87 -113.21 -36.19
CA THR J 201 -9.59 -114.31 -35.55
C THR J 201 -10.66 -113.78 -34.61
N GLN J 202 -10.42 -112.63 -33.98
CA GLN J 202 -11.39 -112.05 -33.06
C GLN J 202 -12.62 -111.48 -33.76
N THR J 203 -12.63 -111.46 -35.09
CA THR J 203 -13.79 -110.99 -35.85
C THR J 203 -14.11 -109.54 -35.51
N TYR J 204 -13.18 -108.64 -35.83
CA TYR J 204 -13.44 -107.22 -35.69
C TYR J 204 -14.59 -106.79 -36.59
N ILE J 205 -15.25 -105.70 -36.21
CA ILE J 205 -16.37 -105.16 -36.97
C ILE J 205 -16.25 -103.64 -37.00
N CYS J 206 -16.42 -103.06 -38.18
CA CYS J 206 -16.34 -101.62 -38.38
C CYS J 206 -17.75 -101.07 -38.53
N ASN J 207 -18.07 -100.05 -37.74
CA ASN J 207 -19.41 -99.46 -37.73
C ASN J 207 -19.32 -97.99 -38.11
N VAL J 208 -20.41 -97.48 -38.68
CA VAL J 208 -20.48 -96.10 -39.14
C VAL J 208 -21.90 -95.59 -38.92
N ASN J 209 -22.01 -94.33 -38.49
CA ASN J 209 -23.31 -93.70 -38.29
C ASN J 209 -23.15 -92.20 -38.46
N HIS J 210 -24.27 -91.51 -38.66
CA HIS J 210 -24.26 -90.07 -38.87
C HIS J 210 -25.39 -89.44 -38.07
N LYS J 211 -25.13 -88.25 -37.53
CA LYS J 211 -26.13 -87.55 -36.73
C LYS J 211 -27.34 -87.08 -37.53
N PRO J 212 -27.18 -86.46 -38.71
CA PRO J 212 -28.36 -85.94 -39.42
C PRO J 212 -29.43 -86.98 -39.71
N SER J 213 -29.06 -88.26 -39.83
CA SER J 213 -30.04 -89.28 -40.20
C SER J 213 -30.04 -90.53 -39.32
N ASN J 214 -28.94 -90.84 -38.63
CA ASN J 214 -28.88 -92.01 -37.75
C ASN J 214 -29.05 -93.31 -38.53
N THR J 215 -28.45 -93.39 -39.71
CA THR J 215 -28.42 -94.63 -40.48
C THR J 215 -27.20 -95.44 -40.06
N LYS J 216 -27.41 -96.48 -39.26
CA LYS J 216 -26.33 -97.24 -38.65
C LYS J 216 -26.20 -98.60 -39.34
N VAL J 217 -24.98 -98.93 -39.75
CA VAL J 217 -24.67 -100.22 -40.36
C VAL J 217 -23.27 -100.62 -39.90
N ASP J 218 -23.08 -101.93 -39.72
CA ASP J 218 -21.81 -102.48 -39.27
C ASP J 218 -21.48 -103.73 -40.08
N LYS J 219 -20.27 -103.79 -40.61
CA LYS J 219 -19.81 -104.93 -41.39
C LYS J 219 -18.40 -105.31 -40.96
N LYS J 220 -18.04 -106.56 -41.18
CA LYS J 220 -16.91 -107.17 -40.50
C LYS J 220 -15.59 -106.91 -41.24
N VAL J 221 -14.51 -107.32 -40.58
CA VAL J 221 -13.16 -107.24 -41.10
C VAL J 221 -12.46 -108.56 -40.80
N GLU J 222 -11.57 -109.00 -41.69
CA GLU J 222 -10.97 -110.32 -41.52
C GLU J 222 -9.59 -110.42 -42.15
N PRO J 223 -8.54 -109.88 -41.51
CA PRO J 223 -7.17 -110.15 -41.97
C PRO J 223 -6.76 -111.59 -41.68
N LYS J 224 -5.56 -111.92 -42.12
CA LYS J 224 -5.00 -113.25 -41.96
C LYS J 224 -3.80 -113.20 -41.01
N SER J 225 -3.66 -114.22 -40.17
CA SER J 225 -2.55 -114.29 -39.23
C SER J 225 -1.39 -115.09 -39.84
N ASP K 1 -4.69 -55.27 -53.12
CA ASP K 1 -4.52 -56.59 -52.45
C ASP K 1 -3.65 -56.47 -51.21
N ILE K 2 -4.26 -56.10 -50.09
CA ILE K 2 -3.56 -55.97 -48.82
C ILE K 2 -3.45 -57.35 -48.19
N GLN K 3 -2.31 -58.02 -48.40
CA GLN K 3 -2.08 -59.38 -47.93
C GLN K 3 -0.69 -59.48 -47.34
N MET K 4 -0.56 -60.28 -46.29
CA MET K 4 0.72 -60.52 -45.62
C MET K 4 1.16 -61.96 -45.90
N THR K 5 2.47 -62.19 -45.90
CA THR K 5 3.00 -63.55 -46.23
C THR K 5 4.19 -63.88 -45.31
N GLN K 6 4.53 -65.16 -45.21
CA GLN K 6 5.71 -65.58 -44.41
C GLN K 6 6.69 -66.29 -45.35
N SER K 7 7.98 -66.32 -45.02
CA SER K 7 9.00 -66.90 -45.93
C SER K 7 9.29 -68.39 -45.69
N PRO K 8 9.50 -68.96 -44.46
CA PRO K 8 9.72 -70.39 -44.29
C PRO K 8 8.38 -71.11 -44.09
N SER K 9 7.75 -71.57 -45.19
CA SER K 9 6.45 -72.27 -45.11
C SER K 9 6.40 -73.20 -43.89
N SER K 10 7.30 -74.18 -43.83
CA SER K 10 7.37 -75.07 -42.64
C SER K 10 8.55 -74.65 -41.74
N LEU K 11 8.30 -73.70 -40.84
CA LEU K 11 9.34 -73.25 -39.88
C LEU K 11 9.59 -74.34 -38.84
N SER K 12 10.77 -74.95 -38.85
CA SER K 12 11.10 -75.99 -37.88
C SER K 12 12.14 -75.45 -36.90
N ALA K 13 12.06 -75.91 -35.65
CA ALA K 13 12.99 -75.48 -34.62
C ALA K 13 12.84 -76.39 -33.41
N SER K 14 13.92 -76.54 -32.66
CA SER K 14 13.91 -77.35 -31.45
C SER K 14 13.33 -76.54 -30.29
N VAL K 15 13.19 -77.21 -29.14
CA VAL K 15 12.63 -76.58 -27.95
C VAL K 15 13.69 -75.65 -27.36
N GLY K 16 13.40 -74.35 -27.37
CA GLY K 16 14.31 -73.36 -26.83
C GLY K 16 15.21 -72.75 -27.89
N ASP K 17 14.63 -72.32 -29.00
CA ASP K 17 15.37 -71.74 -30.10
C ASP K 17 15.04 -70.25 -30.20
N ARG K 18 16.05 -69.45 -30.56
CA ARG K 18 15.86 -68.02 -30.78
C ARG K 18 15.51 -67.79 -32.24
N VAL K 19 14.31 -67.27 -32.49
CA VAL K 19 13.82 -67.01 -33.85
C VAL K 19 13.28 -65.60 -33.91
N THR K 20 13.74 -64.82 -34.88
CA THR K 20 13.19 -63.50 -35.20
C THR K 20 12.60 -63.59 -36.60
N ILE K 21 11.35 -64.03 -36.69
CA ILE K 21 10.67 -64.29 -37.94
C ILE K 21 9.78 -63.11 -38.26
N THR K 22 9.53 -62.89 -39.56
CA THR K 22 8.89 -61.68 -40.05
C THR K 22 7.63 -62.00 -40.84
N CYS K 23 6.61 -61.16 -40.71
CA CYS K 23 5.44 -61.18 -41.58
C CYS K 23 5.39 -59.87 -42.36
N ARG K 24 5.52 -59.98 -43.69
CA ARG K 24 5.63 -58.83 -44.57
C ARG K 24 4.35 -58.66 -45.37
N ALA K 25 3.96 -57.40 -45.57
CA ALA K 25 2.79 -57.06 -46.36
C ALA K 25 3.18 -56.08 -47.46
N SER K 26 2.29 -55.95 -48.45
CA SER K 26 2.58 -55.07 -49.58
C SER K 26 2.50 -53.60 -49.18
N GLN K 27 1.69 -53.27 -48.18
CA GLN K 27 1.49 -51.89 -47.74
C GLN K 27 1.75 -51.80 -46.23
N GLY K 28 2.38 -50.71 -45.81
CA GLY K 28 2.71 -50.53 -44.41
C GLY K 28 1.64 -49.73 -43.69
N ILE K 29 1.44 -50.06 -42.42
CA ILE K 29 0.46 -49.39 -41.57
C ILE K 29 1.06 -49.20 -40.18
N SER K 30 0.55 -48.21 -39.45
CA SER K 30 1.03 -47.91 -38.11
C SER K 30 0.07 -48.35 -37.01
N SER K 31 -1.11 -48.87 -37.36
CA SER K 31 -2.08 -49.27 -36.36
C SER K 31 -3.08 -50.23 -37.03
N TRP K 32 -4.01 -50.73 -36.21
CA TRP K 32 -5.04 -51.66 -36.66
C TRP K 32 -4.41 -52.92 -37.25
N LEU K 33 -3.71 -53.66 -36.39
CA LEU K 33 -3.03 -54.88 -36.79
C LEU K 33 -2.89 -55.80 -35.59
N ALA K 34 -2.97 -57.11 -35.84
CA ALA K 34 -2.88 -58.09 -34.77
C ALA K 34 -2.27 -59.37 -35.32
N TRP K 35 -1.86 -60.25 -34.40
CA TRP K 35 -1.28 -61.55 -34.74
C TRP K 35 -1.97 -62.63 -33.92
N TYR K 36 -2.06 -63.82 -34.50
CA TYR K 36 -2.78 -64.93 -33.88
C TYR K 36 -1.99 -66.22 -34.01
N GLN K 37 -2.39 -67.21 -33.22
CA GLN K 37 -1.95 -68.59 -33.36
C GLN K 37 -3.20 -69.46 -33.45
N GLN K 38 -3.10 -70.56 -34.19
CA GLN K 38 -4.29 -71.32 -34.54
C GLN K 38 -3.94 -72.76 -34.88
N LYS K 39 -4.83 -73.68 -34.52
CA LYS K 39 -4.73 -75.06 -34.96
C LYS K 39 -5.56 -75.26 -36.23
N PRO K 40 -5.35 -76.36 -36.94
CA PRO K 40 -6.17 -76.62 -38.14
C PRO K 40 -7.64 -76.84 -37.77
N GLY K 41 -8.48 -75.90 -38.19
CA GLY K 41 -9.91 -76.01 -37.95
C GLY K 41 -10.38 -75.60 -36.58
N LYS K 42 -9.64 -74.77 -35.87
CA LYS K 42 -10.04 -74.30 -34.54
C LYS K 42 -9.85 -72.79 -34.48
N ALA K 43 -10.59 -72.15 -33.58
CA ALA K 43 -10.60 -70.69 -33.54
C ALA K 43 -9.20 -70.17 -33.28
N PRO K 44 -8.91 -68.90 -33.57
CA PRO K 44 -7.57 -68.37 -33.35
C PRO K 44 -7.39 -67.86 -31.93
N LYS K 45 -6.14 -67.83 -31.48
CA LYS K 45 -5.82 -67.29 -30.16
C LYS K 45 -5.55 -65.79 -30.26
N LEU K 46 -6.09 -65.02 -29.32
CA LEU K 46 -5.79 -63.60 -29.25
C LEU K 46 -4.42 -63.40 -28.61
N LEU K 47 -3.36 -63.53 -29.42
CA LEU K 47 -2.00 -63.46 -28.88
C LEU K 47 -1.48 -62.03 -28.84
N ILE K 48 -1.45 -61.36 -29.99
CA ILE K 48 -1.01 -59.97 -30.06
C ILE K 48 -2.09 -59.15 -30.76
N TYR K 49 -2.87 -58.40 -29.99
CA TYR K 49 -3.96 -57.60 -30.54
C TYR K 49 -3.53 -56.23 -31.01
N ASP K 50 -2.32 -55.80 -30.69
CA ASP K 50 -1.85 -54.48 -31.10
C ASP K 50 -0.33 -54.51 -31.29
N ALA K 51 0.18 -53.45 -31.90
CA ALA K 51 1.61 -53.35 -32.17
C ALA K 51 2.39 -53.29 -30.86
N SER K 52 3.28 -54.26 -30.66
CA SER K 52 4.15 -54.30 -29.49
C SER K 52 3.36 -54.32 -28.19
N ASN K 53 2.19 -54.95 -28.20
CA ASN K 53 1.33 -55.07 -27.03
C ASN K 53 0.97 -56.53 -26.83
N LEU K 54 1.15 -57.03 -25.61
CA LEU K 54 0.86 -58.41 -25.26
C LEU K 54 -0.31 -58.44 -24.28
N GLU K 55 -1.32 -59.23 -24.59
CA GLU K 55 -2.51 -59.34 -23.75
C GLU K 55 -2.38 -60.51 -22.78
N THR K 56 -3.38 -60.63 -21.90
CA THR K 56 -3.36 -61.69 -20.89
C THR K 56 -3.41 -63.07 -21.55
N GLY K 57 -2.70 -64.03 -20.95
CA GLY K 57 -2.69 -65.39 -21.42
C GLY K 57 -1.49 -65.76 -22.27
N VAL K 58 -0.76 -64.79 -22.81
CA VAL K 58 0.40 -65.06 -23.64
C VAL K 58 1.56 -65.49 -22.75
N PRO K 59 2.29 -66.55 -23.10
CA PRO K 59 3.49 -66.90 -22.35
C PRO K 59 4.64 -65.95 -22.68
N SER K 60 5.58 -65.86 -21.73
CA SER K 60 6.75 -65.01 -21.92
C SER K 60 7.63 -65.48 -23.08
N ARG K 61 7.37 -66.65 -23.65
CA ARG K 61 8.23 -67.16 -24.70
C ARG K 61 8.02 -66.41 -26.01
N PHE K 62 6.82 -65.88 -26.24
CA PHE K 62 6.47 -65.20 -27.48
C PHE K 62 6.32 -63.71 -27.24
N SER K 63 6.61 -62.93 -28.29
CA SER K 63 6.46 -61.49 -28.24
C SER K 63 6.44 -60.96 -29.67
N GLY K 64 6.06 -59.70 -29.81
CA GLY K 64 5.91 -59.10 -31.13
C GLY K 64 6.44 -57.67 -31.14
N SER K 65 6.85 -57.24 -32.33
CA SER K 65 7.36 -55.89 -32.54
C SER K 65 7.49 -55.66 -34.04
N GLY K 66 7.95 -54.47 -34.41
CA GLY K 66 8.19 -54.12 -35.80
C GLY K 66 7.57 -52.78 -36.15
N SER K 67 7.62 -52.49 -37.45
CA SER K 67 7.09 -51.24 -37.96
C SER K 67 7.12 -51.27 -39.49
N GLY K 68 6.25 -50.48 -40.11
CA GLY K 68 6.25 -50.38 -41.55
C GLY K 68 5.60 -51.59 -42.20
N THR K 69 6.22 -52.07 -43.28
CA THR K 69 5.68 -53.21 -44.02
C THR K 69 6.05 -54.55 -43.39
N ASP K 70 7.01 -54.57 -42.48
CA ASP K 70 7.49 -55.80 -41.86
C ASP K 70 7.30 -55.71 -40.36
N PHE K 71 6.97 -56.84 -39.74
CA PHE K 71 6.78 -56.94 -38.30
C PHE K 71 7.46 -58.20 -37.80
N THR K 72 8.27 -58.05 -36.75
CA THR K 72 9.11 -59.14 -36.25
C THR K 72 8.39 -59.88 -35.12
N PHE K 73 8.22 -61.18 -35.29
CA PHE K 73 7.67 -62.04 -34.25
C PHE K 73 8.84 -62.72 -33.51
N THR K 74 9.09 -62.28 -32.29
CA THR K 74 10.23 -62.76 -31.51
C THR K 74 9.82 -64.01 -30.73
N ILE K 75 10.66 -65.04 -30.79
CA ILE K 75 10.42 -66.30 -30.11
C ILE K 75 11.64 -66.58 -29.23
N SER K 76 11.49 -66.37 -27.92
CA SER K 76 12.57 -66.70 -27.00
C SER K 76 12.70 -68.20 -26.79
N SER K 77 11.59 -68.93 -26.93
CA SER K 77 11.60 -70.39 -26.86
C SER K 77 10.36 -70.92 -27.55
N LEU K 78 10.49 -72.07 -28.21
CA LEU K 78 9.40 -72.71 -28.93
C LEU K 78 9.02 -73.98 -28.17
N GLN K 79 7.86 -73.95 -27.53
CA GLN K 79 7.42 -75.09 -26.73
C GLN K 79 6.93 -76.22 -27.64
N PRO K 80 7.03 -77.47 -27.18
CA PRO K 80 6.54 -78.59 -28.00
C PRO K 80 5.05 -78.54 -28.27
N GLU K 81 4.29 -77.76 -27.49
CA GLU K 81 2.86 -77.64 -27.71
C GLU K 81 2.53 -76.77 -28.93
N ASP K 82 3.53 -76.21 -29.58
CA ASP K 82 3.30 -75.18 -30.58
C ASP K 82 3.20 -75.75 -31.99
N ILE K 83 2.66 -76.97 -32.12
CA ILE K 83 2.36 -77.49 -33.45
C ILE K 83 1.12 -76.77 -33.93
N ALA K 84 1.32 -75.67 -34.66
CA ALA K 84 0.24 -74.76 -35.01
C ALA K 84 0.77 -73.78 -36.05
N THR K 85 -0.05 -72.79 -36.41
CA THR K 85 0.30 -71.79 -37.39
C THR K 85 0.12 -70.39 -36.80
N TYR K 86 0.94 -69.46 -37.28
CA TYR K 86 0.84 -68.06 -36.90
C TYR K 86 0.12 -67.28 -37.99
N TYR K 87 -0.36 -66.09 -37.63
CA TYR K 87 -1.02 -65.21 -38.59
C TYR K 87 -0.68 -63.76 -38.24
N CYS K 88 -0.74 -62.92 -39.27
CA CYS K 88 -0.31 -61.52 -39.17
C CYS K 88 -1.38 -60.61 -39.76
N GLN K 89 -2.63 -60.82 -39.34
CA GLN K 89 -3.77 -60.20 -40.01
C GLN K 89 -3.86 -58.70 -39.70
N GLN K 90 -4.48 -57.96 -40.60
CA GLN K 90 -4.76 -56.54 -40.43
C GLN K 90 -6.25 -56.27 -40.57
N TYR K 91 -6.70 -55.16 -39.96
CA TYR K 91 -8.09 -54.75 -40.05
C TYR K 91 -8.18 -53.24 -40.24
N ASP K 92 -7.38 -52.70 -41.16
CA ASP K 92 -7.30 -51.24 -41.31
C ASP K 92 -8.49 -50.70 -42.08
N ASN K 93 -8.88 -51.35 -43.18
CA ASN K 93 -9.88 -50.81 -44.08
C ASN K 93 -11.04 -51.81 -44.23
N LEU K 94 -12.01 -51.42 -45.05
CA LEU K 94 -13.22 -52.25 -45.22
C LEU K 94 -12.95 -53.52 -46.00
N PRO K 95 -12.43 -53.47 -47.24
CA PRO K 95 -12.28 -54.70 -48.05
C PRO K 95 -11.12 -55.57 -47.55
N LEU K 96 -11.41 -56.38 -46.54
CA LEU K 96 -10.37 -57.14 -45.86
C LEU K 96 -10.21 -58.53 -46.47
N THR K 97 -9.01 -59.08 -46.29
CA THR K 97 -8.72 -60.48 -46.58
C THR K 97 -7.76 -60.98 -45.51
N PHE K 98 -7.70 -62.30 -45.36
CA PHE K 98 -6.94 -62.92 -44.28
C PHE K 98 -5.54 -63.28 -44.75
N GLY K 99 -4.63 -63.41 -43.80
CA GLY K 99 -3.26 -63.73 -44.14
C GLY K 99 -3.07 -65.21 -44.46
N GLY K 100 -1.84 -65.54 -44.82
CA GLY K 100 -1.48 -66.91 -45.14
C GLY K 100 -0.86 -67.64 -43.97
N GLY K 101 0.04 -66.96 -43.26
CA GLY K 101 0.66 -67.56 -42.10
C GLY K 101 1.81 -68.50 -42.44
N THR K 102 2.29 -69.19 -41.41
CA THR K 102 3.37 -70.14 -41.54
C THR K 102 3.06 -71.38 -40.71
N LYS K 103 3.61 -72.52 -41.13
CA LYS K 103 3.43 -73.78 -40.42
C LYS K 103 4.64 -74.02 -39.54
N VAL K 104 4.42 -74.60 -38.37
CA VAL K 104 5.45 -74.79 -37.36
C VAL K 104 5.48 -76.26 -36.95
N GLU K 105 6.67 -76.80 -36.78
CA GLU K 105 6.86 -78.16 -36.26
C GLU K 105 8.16 -78.18 -35.46
N ILE K 106 8.31 -79.23 -34.64
CA ILE K 106 9.43 -79.33 -33.73
C ILE K 106 10.54 -80.14 -34.38
N LYS K 107 11.73 -79.55 -34.49
CA LYS K 107 12.87 -80.26 -35.02
C LYS K 107 13.33 -81.34 -34.04
N ARG K 108 13.41 -82.58 -34.53
CA ARG K 108 13.75 -83.72 -33.71
C ARG K 108 14.65 -84.67 -34.49
N THR K 109 15.37 -85.52 -33.76
CA THR K 109 16.13 -86.60 -34.37
C THR K 109 15.20 -87.45 -35.21
N VAL K 110 15.76 -88.23 -36.14
CA VAL K 110 14.96 -89.05 -37.04
C VAL K 110 14.91 -90.47 -36.50
N ALA K 111 13.74 -91.10 -36.63
CA ALA K 111 13.52 -92.45 -36.15
C ALA K 111 13.12 -93.35 -37.32
N ALA K 112 13.19 -94.66 -37.09
CA ALA K 112 12.83 -95.62 -38.13
C ALA K 112 11.32 -95.70 -38.25
N PRO K 113 10.76 -95.68 -39.46
CA PRO K 113 9.30 -95.68 -39.60
C PRO K 113 8.72 -97.08 -39.59
N SER K 114 7.41 -97.14 -39.40
CA SER K 114 6.64 -98.37 -39.58
C SER K 114 5.91 -98.30 -40.92
N VAL K 115 6.00 -99.37 -41.70
CA VAL K 115 5.46 -99.40 -43.06
C VAL K 115 4.54 -100.60 -43.19
N PHE K 116 3.38 -100.39 -43.82
CA PHE K 116 2.36 -101.41 -43.95
C PHE K 116 1.80 -101.42 -45.36
N ILE K 117 1.06 -102.47 -45.69
CA ILE K 117 0.39 -102.63 -46.97
C ILE K 117 -0.98 -103.25 -46.70
N PHE K 118 -2.03 -102.67 -47.30
CA PHE K 118 -3.41 -103.09 -47.06
C PHE K 118 -4.03 -103.63 -48.35
N PRO K 119 -3.83 -104.91 -48.66
CA PRO K 119 -4.52 -105.50 -49.82
C PRO K 119 -6.01 -105.61 -49.57
N PRO K 120 -6.80 -105.86 -50.61
CA PRO K 120 -8.25 -106.01 -50.45
C PRO K 120 -8.63 -107.43 -50.04
N SER K 121 -9.93 -107.68 -50.00
CA SER K 121 -10.48 -108.98 -49.65
C SER K 121 -11.50 -109.39 -50.70
N ASP K 122 -11.93 -110.65 -50.63
CA ASP K 122 -12.86 -111.19 -51.61
C ASP K 122 -14.24 -110.56 -51.53
N GLU K 123 -14.58 -109.91 -50.41
CA GLU K 123 -15.85 -109.22 -50.31
C GLU K 123 -15.91 -108.05 -51.29
N GLN K 124 -14.81 -107.32 -51.44
CA GLN K 124 -14.75 -106.26 -52.43
C GLN K 124 -14.97 -106.81 -53.83
N LEU K 125 -14.34 -107.96 -54.12
CA LEU K 125 -14.48 -108.55 -55.45
C LEU K 125 -15.93 -108.96 -55.73
N LYS K 126 -16.54 -109.70 -54.80
CA LYS K 126 -17.93 -110.09 -55.00
C LYS K 126 -18.86 -108.88 -55.03
N SER K 127 -18.49 -107.77 -54.39
CA SER K 127 -19.32 -106.58 -54.41
C SER K 127 -19.15 -105.75 -55.68
N GLY K 128 -18.08 -105.99 -56.45
CA GLY K 128 -17.84 -105.27 -57.68
C GLY K 128 -16.68 -104.30 -57.66
N THR K 129 -16.08 -104.05 -56.49
CA THR K 129 -15.03 -103.05 -56.36
C THR K 129 -13.71 -103.69 -55.94
N ALA K 130 -12.67 -102.86 -55.83
CA ALA K 130 -11.36 -103.30 -55.39
C ALA K 130 -10.54 -102.06 -55.03
N SER K 131 -9.62 -102.23 -54.09
CA SER K 131 -8.84 -101.10 -53.60
C SER K 131 -7.61 -101.61 -52.86
N VAL K 132 -6.69 -100.69 -52.58
CA VAL K 132 -5.50 -100.98 -51.77
C VAL K 132 -5.00 -99.71 -51.12
N VAL K 133 -4.45 -99.86 -49.92
CA VAL K 133 -3.80 -98.78 -49.20
C VAL K 133 -2.49 -99.31 -48.66
N CYS K 134 -1.44 -98.49 -48.72
CA CYS K 134 -0.17 -98.82 -48.07
C CYS K 134 0.20 -97.57 -47.26
N LEU K 135 0.63 -97.79 -46.02
CA LEU K 135 0.73 -96.73 -45.02
C LEU K 135 2.17 -96.58 -44.55
N LEU K 136 2.48 -95.41 -44.00
CA LEU K 136 3.79 -95.11 -43.43
C LEU K 136 3.59 -94.30 -42.15
N ASN K 137 4.34 -94.65 -41.11
CA ASN K 137 4.08 -94.10 -39.78
C ASN K 137 5.38 -94.00 -39.00
N ASN K 138 5.39 -93.08 -38.03
CA ASN K 138 6.43 -92.88 -37.03
C ASN K 138 7.67 -92.19 -37.57
N PHE K 139 7.60 -91.52 -38.72
CA PHE K 139 8.73 -90.75 -39.20
C PHE K 139 8.57 -89.29 -38.83
N TYR K 140 9.72 -88.62 -38.64
CA TYR K 140 9.72 -87.24 -38.16
C TYR K 140 9.36 -86.25 -39.27
N PRO K 141 10.04 -86.28 -40.42
CA PRO K 141 9.83 -85.23 -41.42
C PRO K 141 8.37 -85.13 -41.84
N ARG K 142 8.07 -84.01 -42.50
CA ARG K 142 6.70 -83.71 -42.90
C ARG K 142 6.29 -84.37 -44.21
N GLU K 143 7.21 -85.02 -44.90
CA GLU K 143 6.89 -85.67 -46.17
C GLU K 143 7.77 -86.90 -46.34
N ALA K 144 7.22 -87.91 -47.03
CA ALA K 144 7.92 -89.15 -47.27
C ALA K 144 7.29 -89.84 -48.47
N LYS K 145 7.83 -91.02 -48.81
CA LYS K 145 7.42 -91.69 -50.02
C LYS K 145 6.31 -92.72 -49.74
N VAL K 146 5.19 -92.56 -50.44
CA VAL K 146 4.12 -93.55 -50.47
C VAL K 146 3.81 -93.82 -51.94
N GLN K 147 4.82 -93.73 -52.78
CA GLN K 147 4.64 -93.72 -54.24
C GLN K 147 3.72 -94.84 -54.71
N TRP K 148 2.92 -94.55 -55.72
CA TRP K 148 2.05 -95.55 -56.32
C TRP K 148 2.83 -96.34 -57.37
N LYS K 149 2.97 -97.64 -57.18
CA LYS K 149 3.66 -98.49 -58.13
C LYS K 149 2.72 -99.56 -58.68
N VAL K 150 1.53 -99.16 -59.10
CA VAL K 150 0.57 -100.08 -59.69
C VAL K 150 1.21 -100.74 -60.90
N ASP K 151 1.37 -102.06 -60.85
CA ASP K 151 2.06 -102.80 -61.91
C ASP K 151 3.43 -102.17 -62.18
N ASN K 152 4.07 -101.67 -61.13
CA ASN K 152 5.36 -100.99 -61.23
C ASN K 152 5.25 -99.76 -62.12
N ALA K 153 4.17 -99.00 -61.96
CA ALA K 153 3.93 -97.80 -62.73
C ALA K 153 3.25 -96.75 -61.85
N LEU K 154 3.59 -95.49 -62.09
CA LEU K 154 3.00 -94.40 -61.33
C LEU K 154 1.60 -94.10 -61.83
N GLN K 155 0.73 -93.70 -60.89
CA GLN K 155 -0.65 -93.39 -61.19
C GLN K 155 -1.06 -92.13 -60.45
N SER K 156 -1.81 -91.27 -61.13
CA SER K 156 -2.30 -90.04 -60.52
C SER K 156 -3.57 -89.61 -61.25
N GLY K 157 -4.40 -88.84 -60.56
CA GLY K 157 -5.68 -88.40 -61.07
C GLY K 157 -6.87 -89.15 -60.51
N ASN K 158 -6.74 -90.47 -60.34
CA ASN K 158 -7.79 -91.29 -59.75
C ASN K 158 -7.39 -91.86 -58.40
N SER K 159 -6.26 -91.46 -57.85
CA SER K 159 -5.81 -91.92 -56.54
C SER K 159 -6.18 -90.91 -55.47
N GLN K 160 -5.96 -91.31 -54.21
CA GLN K 160 -6.26 -90.46 -53.07
C GLN K 160 -5.12 -90.54 -52.07
N GLU K 161 -5.11 -89.60 -51.14
CA GLU K 161 -4.05 -89.49 -50.14
C GLU K 161 -4.64 -89.33 -48.76
N SER K 162 -3.78 -89.45 -47.75
CA SER K 162 -4.16 -89.28 -46.36
C SER K 162 -2.92 -88.94 -45.55
N VAL K 163 -3.00 -87.88 -44.76
CA VAL K 163 -1.85 -87.41 -43.98
C VAL K 163 -2.36 -86.83 -42.67
N THR K 164 -1.49 -86.84 -41.67
CA THR K 164 -1.80 -86.31 -40.35
C THR K 164 -0.97 -85.07 -40.06
N GLU K 165 -1.18 -84.50 -38.88
CA GLU K 165 -0.30 -83.47 -38.36
C GLU K 165 0.85 -84.14 -37.60
N GLN K 166 1.72 -83.31 -37.03
CA GLN K 166 2.85 -83.84 -36.27
C GLN K 166 2.37 -84.40 -34.94
N ASP K 167 2.68 -85.67 -34.69
CA ASP K 167 2.30 -86.32 -33.43
C ASP K 167 3.04 -85.63 -32.29
N SER K 168 2.31 -84.89 -31.45
CA SER K 168 2.91 -84.14 -30.35
C SER K 168 3.55 -85.04 -29.31
N LYS K 169 3.39 -86.37 -29.41
CA LYS K 169 3.93 -87.25 -28.38
C LYS K 169 5.45 -87.35 -28.48
N ASP K 170 5.97 -87.62 -29.67
CA ASP K 170 7.42 -87.64 -29.88
C ASP K 170 7.76 -86.96 -31.21
N SER K 171 6.90 -86.06 -31.65
CA SER K 171 7.08 -85.30 -32.88
C SER K 171 7.35 -86.22 -34.07
N THR K 172 6.36 -87.05 -34.36
CA THR K 172 6.40 -88.00 -35.47
C THR K 172 5.31 -87.68 -36.48
N TYR K 173 5.33 -88.38 -37.60
CA TYR K 173 4.44 -88.09 -38.72
C TYR K 173 3.96 -89.41 -39.32
N SER K 174 2.90 -89.31 -40.14
CA SER K 174 2.35 -90.46 -40.84
C SER K 174 1.83 -90.02 -42.19
N LEU K 175 1.75 -90.98 -43.12
CA LEU K 175 1.36 -90.68 -44.50
C LEU K 175 0.89 -91.96 -45.16
N SER K 176 -0.06 -91.83 -46.09
CA SER K 176 -0.62 -92.97 -46.77
C SER K 176 -1.14 -92.56 -48.14
N SER K 177 -1.35 -93.56 -48.99
CA SER K 177 -1.93 -93.37 -50.32
C SER K 177 -3.00 -94.44 -50.53
N THR K 178 -3.89 -94.17 -51.48
CA THR K 178 -5.08 -95.00 -51.66
C THR K 178 -5.29 -95.31 -53.14
N LEU K 179 -6.07 -96.36 -53.39
CA LEU K 179 -6.43 -96.78 -54.73
C LEU K 179 -7.86 -97.29 -54.75
N THR K 180 -8.53 -97.12 -55.88
CA THR K 180 -9.87 -97.64 -56.09
C THR K 180 -10.01 -98.03 -57.56
N LEU K 181 -10.71 -99.14 -57.81
CA LEU K 181 -10.67 -99.79 -59.10
C LEU K 181 -12.06 -100.28 -59.51
N SER K 182 -12.23 -100.44 -60.82
CA SER K 182 -13.30 -101.26 -61.38
C SER K 182 -12.77 -102.67 -61.55
N LYS K 183 -13.47 -103.50 -62.32
CA LYS K 183 -13.05 -104.89 -62.50
C LYS K 183 -11.95 -105.03 -63.56
N ALA K 184 -12.23 -104.57 -64.79
CA ALA K 184 -11.30 -104.79 -65.89
C ALA K 184 -9.87 -104.41 -65.54
N ASP K 185 -9.66 -103.36 -64.75
CA ASP K 185 -8.31 -102.98 -64.34
C ASP K 185 -7.73 -104.03 -63.39
N TYR K 186 -8.53 -104.44 -62.39
CA TYR K 186 -8.07 -105.45 -61.45
C TYR K 186 -7.69 -106.75 -62.17
N GLU K 187 -8.43 -107.08 -63.24
CA GLU K 187 -8.19 -108.34 -63.93
C GLU K 187 -6.89 -108.35 -64.72
N LYS K 188 -6.43 -107.21 -65.22
CA LYS K 188 -5.22 -107.15 -66.03
C LYS K 188 -4.00 -106.68 -65.26
N HIS K 189 -4.16 -105.98 -64.14
CA HIS K 189 -3.03 -105.66 -63.29
C HIS K 189 -2.74 -106.85 -62.38
N LYS K 190 -1.56 -107.45 -62.53
CA LYS K 190 -1.23 -108.69 -61.83
C LYS K 190 -0.57 -108.44 -60.49
N VAL K 191 0.53 -107.70 -60.46
CA VAL K 191 1.30 -107.48 -59.24
C VAL K 191 1.16 -106.01 -58.83
N TYR K 192 0.41 -105.77 -57.77
CA TYR K 192 0.34 -104.44 -57.18
C TYR K 192 1.45 -104.25 -56.15
N ALA K 193 1.84 -102.99 -55.94
CA ALA K 193 2.91 -102.64 -55.01
C ALA K 193 3.06 -101.13 -54.93
N CYS K 194 3.60 -100.67 -53.81
CA CYS K 194 3.98 -99.27 -53.60
C CYS K 194 5.40 -99.27 -53.03
N GLU K 195 6.29 -98.51 -53.65
CA GLU K 195 7.72 -98.55 -53.34
C GLU K 195 8.09 -97.34 -52.48
N VAL K 196 8.85 -97.60 -51.40
CA VAL K 196 9.23 -96.58 -50.43
C VAL K 196 10.75 -96.53 -50.33
N THR K 197 11.29 -95.31 -50.32
CA THR K 197 12.70 -95.06 -50.09
C THR K 197 12.86 -94.07 -48.95
N HIS K 198 13.80 -94.34 -48.07
CA HIS K 198 13.97 -93.56 -46.84
C HIS K 198 15.46 -93.31 -46.62
N GLN K 199 15.75 -92.23 -45.90
CA GLN K 199 17.13 -91.87 -45.60
C GLN K 199 17.94 -93.07 -45.12
N GLY K 200 17.42 -93.79 -44.14
CA GLY K 200 18.12 -94.93 -43.59
C GLY K 200 17.80 -96.23 -44.31
N LEU K 201 17.51 -96.13 -45.60
CA LEU K 201 17.15 -97.29 -46.42
C LEU K 201 18.13 -97.38 -47.58
N SER K 202 18.83 -98.51 -47.68
CA SER K 202 19.85 -98.68 -48.71
C SER K 202 19.29 -99.13 -50.05
N SER K 203 18.16 -99.84 -50.05
CA SER K 203 17.54 -100.32 -51.27
C SER K 203 16.04 -100.04 -51.23
N PRO K 204 15.40 -99.80 -52.37
CA PRO K 204 13.96 -99.49 -52.36
C PRO K 204 13.15 -100.66 -51.83
N VAL K 205 12.36 -100.39 -50.80
CA VAL K 205 11.49 -101.39 -50.20
C VAL K 205 10.22 -101.49 -51.02
N THR K 206 9.85 -102.70 -51.41
CA THR K 206 8.69 -102.96 -52.25
C THR K 206 7.72 -103.86 -51.51
N LYS K 207 6.53 -103.34 -51.20
CA LYS K 207 5.46 -104.11 -50.57
C LYS K 207 4.42 -104.45 -51.64
N SER K 208 4.37 -105.72 -52.03
CA SER K 208 3.55 -106.16 -53.14
C SER K 208 2.55 -107.22 -52.68
N PHE K 209 1.60 -107.51 -53.56
CA PHE K 209 0.58 -108.52 -53.30
C PHE K 209 -0.05 -108.90 -54.64
N ASN K 210 -1.12 -109.71 -54.57
CA ASN K 210 -1.80 -110.17 -55.77
C ASN K 210 -3.31 -110.04 -55.62
N ARG K 211 -4.05 -110.57 -56.59
CA ARG K 211 -5.52 -110.44 -56.60
C ARG K 211 -6.20 -111.57 -55.84
N GLY K 212 -5.69 -112.80 -55.97
CA GLY K 212 -6.32 -113.96 -55.36
C GLY K 212 -6.36 -113.96 -53.85
N GLU K 213 -5.83 -112.92 -53.21
CA GLU K 213 -5.85 -112.81 -51.76
C GLU K 213 -6.09 -111.38 -51.33
N GLN L 4 25.00 -89.63 -68.15
CA GLN L 4 23.84 -89.90 -67.27
C GLN L 4 24.20 -89.73 -65.80
N VAL L 5 25.29 -90.37 -65.37
CA VAL L 5 25.74 -90.33 -63.99
C VAL L 5 27.25 -90.14 -63.97
N GLN L 6 27.71 -89.19 -63.15
CA GLN L 6 29.13 -88.96 -62.96
C GLN L 6 29.30 -88.06 -61.75
N LEU L 7 30.23 -88.41 -60.88
CA LEU L 7 30.55 -87.57 -59.73
C LEU L 7 31.99 -87.82 -59.31
N GLN L 8 32.59 -86.81 -58.69
CA GLN L 8 33.99 -86.87 -58.30
C GLN L 8 34.14 -86.33 -56.88
N GLU L 9 35.34 -86.51 -56.33
CA GLU L 9 35.65 -86.07 -54.99
C GLU L 9 37.08 -85.56 -54.94
N SER L 10 37.45 -85.01 -53.78
CA SER L 10 38.81 -84.49 -53.59
C SER L 10 39.04 -84.30 -52.09
N GLY L 11 40.31 -84.40 -51.70
CA GLY L 11 40.72 -84.24 -50.32
C GLY L 11 41.05 -85.56 -49.67
N GLY L 12 41.33 -85.49 -48.37
CA GLY L 12 41.61 -86.67 -47.59
C GLY L 12 43.10 -86.99 -47.53
N GLY L 13 43.40 -88.06 -46.81
CA GLY L 13 44.77 -88.52 -46.64
C GLY L 13 45.02 -89.04 -45.24
N LEU L 14 46.29 -89.10 -44.84
CA LEU L 14 46.68 -89.47 -43.48
C LEU L 14 47.06 -88.21 -42.73
N VAL L 15 46.35 -87.94 -41.63
CA VAL L 15 46.40 -86.65 -40.96
C VAL L 15 46.57 -86.86 -39.46
N GLN L 16 47.00 -85.80 -38.78
CA GLN L 16 47.17 -85.85 -37.34
C GLN L 16 45.79 -85.84 -36.66
N PRO L 17 45.61 -86.58 -35.57
CA PRO L 17 44.30 -86.57 -34.89
C PRO L 17 44.13 -85.31 -34.05
N GLY L 18 42.92 -85.17 -33.51
CA GLY L 18 42.58 -84.07 -32.64
C GLY L 18 42.25 -82.76 -33.34
N GLY L 19 42.52 -82.64 -34.63
CA GLY L 19 42.26 -81.40 -35.35
C GLY L 19 40.95 -81.42 -36.10
N SER L 20 40.94 -80.80 -37.28
CA SER L 20 39.76 -80.73 -38.12
C SER L 20 40.17 -80.99 -39.57
N LEU L 21 39.18 -81.25 -40.41
CA LEU L 21 39.42 -81.57 -41.81
C LEU L 21 38.24 -81.11 -42.65
N ARG L 22 38.44 -81.16 -43.97
CA ARG L 22 37.42 -80.81 -44.94
C ARG L 22 37.27 -81.93 -45.96
N LEU L 23 36.17 -81.89 -46.70
CA LEU L 23 35.90 -82.85 -47.75
C LEU L 23 34.93 -82.25 -48.75
N SER L 24 35.11 -82.56 -50.02
CA SER L 24 34.30 -81.98 -51.09
C SER L 24 33.89 -83.06 -52.07
N CYS L 25 32.89 -82.73 -52.88
CA CYS L 25 32.37 -83.65 -53.89
C CYS L 25 31.52 -82.85 -54.87
N ALA L 26 31.46 -83.35 -56.11
CA ALA L 26 30.74 -82.65 -57.16
C ALA L 26 30.31 -83.65 -58.23
N ALA L 27 29.43 -83.18 -59.12
CA ALA L 27 28.89 -83.99 -60.20
C ALA L 27 28.96 -83.21 -61.51
N SER L 28 28.86 -83.93 -62.62
CA SER L 28 28.89 -83.34 -63.95
C SER L 28 27.82 -83.99 -64.81
N GLY L 29 27.49 -83.31 -65.92
CA GLY L 29 26.53 -83.82 -66.87
C GLY L 29 25.08 -83.46 -66.58
N ARG L 30 24.82 -82.80 -65.46
CA ARG L 30 23.45 -82.47 -65.07
C ARG L 30 23.47 -81.36 -64.04
N THR L 31 22.29 -80.82 -63.76
CA THR L 31 22.09 -79.82 -62.72
C THR L 31 21.43 -80.51 -61.52
N ILE L 32 22.09 -80.43 -60.36
CA ILE L 32 21.69 -81.23 -59.21
C ILE L 32 20.64 -80.56 -58.34
N SER L 33 20.09 -79.41 -58.78
CA SER L 33 19.10 -78.71 -57.96
C SER L 33 17.90 -79.60 -57.63
N ARG L 34 17.64 -80.64 -58.43
CA ARG L 34 16.50 -81.51 -58.15
C ARG L 34 16.78 -82.45 -56.98
N TYR L 35 18.03 -82.89 -56.84
CA TYR L 35 18.38 -83.94 -55.89
C TYR L 35 18.87 -83.33 -54.58
N ALA L 36 19.22 -84.21 -53.65
CA ALA L 36 19.87 -83.85 -52.39
C ALA L 36 21.17 -84.65 -52.28
N MET L 37 21.96 -84.35 -51.26
CA MET L 37 23.27 -84.94 -51.09
C MET L 37 23.45 -85.45 -49.67
N SER L 38 24.16 -86.57 -49.55
CA SER L 38 24.44 -87.18 -48.26
C SER L 38 25.86 -87.73 -48.26
N TRP L 39 26.35 -88.07 -47.07
CA TRP L 39 27.71 -88.58 -46.90
C TRP L 39 27.69 -89.82 -46.02
N PHE L 40 28.67 -90.70 -46.24
CA PHE L 40 28.80 -91.93 -45.48
C PHE L 40 30.24 -92.08 -45.00
N ARG L 41 30.44 -92.95 -44.01
CA ARG L 41 31.75 -93.28 -43.48
C ARG L 41 31.88 -94.79 -43.31
N GLN L 42 33.13 -95.26 -43.35
CA GLN L 42 33.41 -96.69 -43.22
C GLN L 42 34.86 -96.86 -42.78
N ALA L 43 35.06 -97.43 -41.60
CA ALA L 43 36.41 -97.67 -41.12
C ALA L 43 37.05 -98.79 -41.92
N PRO L 44 38.38 -98.84 -41.96
CA PRO L 44 39.06 -99.87 -42.77
C PRO L 44 38.69 -101.27 -42.30
N GLY L 45 38.19 -102.08 -43.22
CA GLY L 45 37.82 -103.44 -42.91
C GLY L 45 36.59 -103.59 -42.03
N LYS L 46 35.70 -102.61 -42.02
CA LYS L 46 34.51 -102.63 -41.19
C LYS L 46 33.33 -102.09 -41.99
N GLU L 47 32.17 -102.03 -41.32
CA GLU L 47 30.94 -101.67 -42.01
C GLU L 47 30.79 -100.16 -42.13
N ARG L 48 29.68 -99.75 -42.74
CA ARG L 48 29.45 -98.35 -43.06
C ARG L 48 28.63 -97.66 -41.96
N GLU L 49 28.66 -96.33 -41.99
CA GLU L 49 27.94 -95.52 -41.01
C GLU L 49 27.53 -94.20 -41.67
N PHE L 50 26.51 -93.58 -41.10
CA PHE L 50 25.95 -92.35 -41.66
C PHE L 50 26.77 -91.14 -41.25
N VAL L 51 26.66 -90.07 -42.03
CA VAL L 51 27.36 -88.82 -41.76
C VAL L 51 26.39 -87.66 -41.65
N ALA L 52 25.72 -87.32 -42.75
CA ALA L 52 24.92 -86.10 -42.80
C ALA L 52 24.14 -86.02 -44.10
N VAL L 53 23.37 -84.94 -44.22
CA VAL L 53 22.58 -84.63 -45.40
C VAL L 53 22.40 -83.13 -45.46
N ALA L 54 22.29 -82.59 -46.67
CA ALA L 54 22.10 -81.16 -46.89
C ALA L 54 20.73 -80.93 -47.51
N ARG L 55 20.03 -79.91 -47.03
CA ARG L 55 18.74 -79.51 -47.56
C ARG L 55 18.82 -78.12 -48.17
N ARG L 56 18.03 -77.88 -49.22
CA ARG L 56 18.10 -76.61 -49.93
C ARG L 56 17.32 -75.50 -49.25
N SER L 57 16.47 -75.83 -48.27
CA SER L 57 15.68 -74.80 -47.60
C SER L 57 16.55 -73.86 -46.77
N GLY L 58 17.78 -74.26 -46.45
CA GLY L 58 18.66 -73.42 -45.66
C GLY L 58 18.28 -73.31 -44.20
N ASP L 59 17.57 -74.31 -43.67
CA ASP L 59 17.15 -74.33 -42.28
C ASP L 59 18.14 -75.05 -41.39
N GLY L 60 19.42 -75.10 -41.77
CA GLY L 60 20.43 -75.79 -41.00
C GLY L 60 20.87 -77.09 -41.66
N ALA L 61 21.18 -78.10 -40.84
CA ALA L 61 21.61 -79.38 -41.37
C ALA L 61 21.26 -80.46 -40.36
N PHE L 62 21.25 -81.71 -40.84
CA PHE L 62 20.96 -82.87 -40.01
C PHE L 62 22.13 -83.85 -40.06
N TYR L 63 22.40 -84.48 -38.93
CA TYR L 63 23.47 -85.46 -38.82
C TYR L 63 22.98 -86.66 -38.01
N ALA L 64 23.77 -87.71 -38.01
CA ALA L 64 23.41 -88.94 -37.32
C ALA L 64 23.44 -88.72 -35.80
N ASP L 65 23.16 -89.79 -35.07
CA ASP L 65 22.99 -89.69 -33.63
C ASP L 65 24.26 -89.18 -32.95
N SER L 66 25.39 -89.86 -33.17
CA SER L 66 26.62 -89.61 -32.43
C SER L 66 27.58 -88.67 -33.16
N VAL L 67 27.12 -87.97 -34.21
CA VAL L 67 28.00 -87.09 -34.97
C VAL L 67 27.35 -85.72 -35.16
N GLN L 68 26.35 -85.42 -34.34
CA GLN L 68 25.63 -84.16 -34.48
C GLN L 68 26.49 -82.97 -34.08
N GLY L 69 27.20 -83.07 -32.96
CA GLY L 69 27.91 -81.94 -32.38
C GLY L 69 29.27 -81.63 -32.94
N ARG L 70 29.72 -82.33 -34.00
CA ARG L 70 31.06 -82.08 -34.51
C ARG L 70 31.14 -82.11 -36.03
N PHE L 71 30.04 -81.98 -36.76
CA PHE L 71 30.05 -82.04 -38.22
C PHE L 71 29.22 -80.89 -38.80
N THR L 72 29.61 -80.47 -40.00
CA THR L 72 28.88 -79.45 -40.75
C THR L 72 28.92 -79.82 -42.23
N VAL L 73 27.81 -79.59 -42.92
CA VAL L 73 27.69 -79.93 -44.34
C VAL L 73 27.12 -78.73 -45.08
N SER L 74 27.47 -78.64 -46.37
CA SER L 74 27.00 -77.55 -47.23
C SER L 74 26.89 -78.08 -48.65
N ARG L 75 26.29 -77.26 -49.51
CA ARG L 75 25.97 -77.64 -50.87
C ARG L 75 25.81 -76.39 -51.73
N ASP L 76 26.09 -76.53 -53.03
CA ASP L 76 25.95 -75.43 -53.99
C ASP L 76 25.31 -76.00 -55.25
N ASP L 77 24.02 -75.70 -55.44
CA ASP L 77 23.29 -76.23 -56.58
C ASP L 77 23.92 -75.81 -57.90
N ALA L 78 24.18 -74.52 -58.08
CA ALA L 78 24.63 -74.02 -59.38
C ALA L 78 25.93 -74.68 -59.81
N LYS L 79 26.75 -75.13 -58.86
CA LYS L 79 28.03 -75.76 -59.17
C LYS L 79 28.00 -77.27 -59.00
N ASN L 80 26.91 -77.82 -58.47
CA ASN L 80 26.77 -79.26 -58.21
C ASN L 80 27.75 -79.75 -57.14
N THR L 81 28.20 -78.85 -56.27
CA THR L 81 29.23 -79.19 -55.30
C THR L 81 28.62 -79.53 -53.95
N VAL L 82 29.31 -80.42 -53.22
CA VAL L 82 28.97 -80.78 -51.85
C VAL L 82 30.22 -80.60 -51.00
N TYR L 83 30.04 -80.04 -49.80
CA TYR L 83 31.15 -79.77 -48.90
C TYR L 83 30.85 -80.38 -47.53
N LEU L 84 31.89 -80.88 -46.88
CA LEU L 84 31.76 -81.52 -45.57
C LEU L 84 32.94 -81.11 -44.70
N GLN L 85 32.69 -81.02 -43.40
CA GLN L 85 33.70 -80.62 -42.43
C GLN L 85 33.55 -81.50 -41.19
N MET L 86 34.68 -81.79 -40.54
CA MET L 86 34.72 -82.63 -39.35
C MET L 86 35.71 -82.07 -38.35
N ASN L 87 35.47 -82.36 -37.07
CA ASN L 87 36.28 -81.86 -35.98
C ASN L 87 36.50 -82.96 -34.94
N SER L 88 37.60 -82.83 -34.20
CA SER L 88 37.90 -83.72 -33.07
C SER L 88 37.99 -85.18 -33.53
N LEU L 89 39.00 -85.45 -34.36
CA LEU L 89 39.27 -86.82 -34.78
C LEU L 89 39.42 -87.72 -33.57
N LYS L 90 38.93 -88.95 -33.70
CA LYS L 90 39.05 -89.96 -32.65
C LYS L 90 39.36 -91.31 -33.28
N PRO L 91 39.96 -92.23 -32.53
CA PRO L 91 40.32 -93.54 -33.12
C PRO L 91 39.15 -94.29 -33.73
N GLU L 92 37.91 -93.97 -33.38
CA GLU L 92 36.76 -94.70 -33.92
C GLU L 92 36.28 -94.15 -35.25
N ASP L 93 36.65 -92.92 -35.60
CA ASP L 93 36.21 -92.31 -36.86
C ASP L 93 37.29 -92.31 -37.93
N THR L 94 38.46 -92.88 -37.66
CA THR L 94 39.48 -93.03 -38.69
C THR L 94 38.93 -93.95 -39.77
N ALA L 95 38.58 -93.39 -40.92
CA ALA L 95 37.76 -94.10 -41.89
C ALA L 95 37.82 -93.39 -43.24
N VAL L 96 37.27 -94.07 -44.24
CA VAL L 96 37.05 -93.50 -45.57
C VAL L 96 35.66 -92.90 -45.61
N TYR L 97 35.53 -91.73 -46.23
CA TYR L 97 34.27 -90.99 -46.28
C TYR L 97 33.81 -90.89 -47.73
N TYR L 98 32.61 -91.39 -47.99
CA TYR L 98 32.08 -91.50 -49.35
C TYR L 98 31.13 -90.37 -49.65
N CYS L 99 31.05 -90.02 -50.94
CA CYS L 99 30.06 -89.05 -51.40
C CYS L 99 28.88 -89.79 -52.03
N ALA L 100 27.68 -89.24 -51.83
CA ALA L 100 26.47 -89.86 -52.35
C ALA L 100 25.47 -88.77 -52.72
N ILE L 101 24.55 -89.12 -53.61
CA ILE L 101 23.52 -88.22 -54.10
C ILE L 101 22.17 -88.79 -53.75
N ASP L 102 21.35 -88.00 -53.06
CA ASP L 102 19.98 -88.39 -52.74
C ASP L 102 19.12 -87.96 -53.92
N SER L 103 18.80 -88.92 -54.79
CA SER L 103 18.25 -88.64 -56.11
C SER L 103 16.76 -88.96 -56.16
N ASP L 104 16.01 -88.11 -56.86
CA ASP L 104 14.61 -88.36 -57.19
C ASP L 104 14.17 -87.29 -58.19
N THR L 105 13.19 -87.64 -59.01
CA THR L 105 12.78 -86.79 -60.13
C THR L 105 11.96 -85.63 -59.61
N PHE L 106 12.59 -84.46 -59.46
CA PHE L 106 11.93 -83.23 -59.04
C PHE L 106 10.98 -83.52 -57.88
N TYR L 107 11.54 -84.00 -56.77
CA TYR L 107 10.75 -84.50 -55.66
C TYR L 107 11.42 -84.12 -54.34
N SER L 108 10.63 -84.17 -53.27
CA SER L 108 11.14 -83.91 -51.93
C SER L 108 11.82 -85.12 -51.32
N GLY L 109 11.32 -86.32 -51.61
CA GLY L 109 11.97 -87.54 -51.19
C GLY L 109 13.22 -87.82 -52.02
N SER L 110 13.77 -89.01 -51.83
CA SER L 110 15.00 -89.36 -52.54
C SER L 110 15.36 -90.82 -52.30
N TYR L 111 15.99 -91.41 -53.30
CA TYR L 111 16.73 -92.66 -53.16
C TYR L 111 18.22 -92.35 -53.34
N ASP L 112 19.04 -92.88 -52.46
CA ASP L 112 20.44 -92.49 -52.34
C ASP L 112 21.29 -93.37 -53.25
N TYR L 113 22.17 -92.74 -54.03
CA TYR L 113 23.13 -93.42 -54.89
C TYR L 113 24.53 -92.98 -54.49
N TRP L 114 25.42 -93.93 -54.27
CA TRP L 114 26.76 -93.66 -53.75
C TRP L 114 27.78 -93.65 -54.88
N GLY L 115 28.87 -92.90 -54.68
CA GLY L 115 29.96 -92.84 -55.62
C GLY L 115 31.24 -93.43 -55.07
N GLN L 116 32.17 -92.57 -54.66
CA GLN L 116 33.42 -93.00 -54.05
C GLN L 116 33.73 -92.05 -52.90
N GLY L 117 34.93 -92.18 -52.35
CA GLY L 117 35.30 -91.37 -51.18
C GLY L 117 36.78 -91.14 -51.11
N THR L 118 37.20 -90.54 -50.00
CA THR L 118 38.60 -90.21 -49.73
C THR L 118 38.99 -90.78 -48.37
N GLN L 119 40.30 -90.97 -48.17
CA GLN L 119 40.79 -91.54 -46.93
C GLN L 119 40.98 -90.47 -45.87
N VAL L 120 40.55 -90.78 -44.65
CA VAL L 120 40.83 -89.94 -43.50
C VAL L 120 41.36 -90.84 -42.37
N THR L 121 42.68 -90.93 -42.27
CA THR L 121 43.34 -91.83 -41.34
C THR L 121 44.17 -91.03 -40.35
N VAL L 122 44.11 -91.43 -39.08
CA VAL L 122 44.88 -90.77 -38.04
C VAL L 122 46.29 -91.36 -38.01
N SER L 123 47.23 -90.58 -37.47
CA SER L 123 48.62 -91.02 -37.38
C SER L 123 48.78 -92.08 -36.30
C1 NAG M . 54.93 32.37 63.02
C2 NAG M . 55.52 33.21 64.16
C3 NAG M . 55.12 32.61 65.50
C4 NAG M . 53.60 32.46 65.58
C5 NAG M . 53.09 31.66 64.39
C6 NAG M . 51.58 31.57 64.33
C7 NAG M . 57.63 34.43 63.86
C8 NAG M . 59.13 34.32 63.77
N2 NAG M . 56.97 33.29 64.05
O3 NAG M . 55.58 33.46 66.55
O4 NAG M . 53.24 31.80 66.78
O5 NAG M . 53.51 32.29 63.17
O6 NAG M . 51.06 32.33 63.26
O7 NAG M . 57.05 35.51 63.76
C1 NAG M . 52.54 32.68 67.70
C2 NAG M . 51.57 31.84 68.52
C3 NAG M . 50.84 32.71 69.54
C4 NAG M . 51.84 33.48 70.39
C5 NAG M . 52.81 34.25 69.49
C6 NAG M . 53.91 34.94 70.26
C7 NAG M . 50.29 29.87 67.80
C8 NAG M . 49.28 29.34 66.82
N2 NAG M . 50.61 31.15 67.66
O3 NAG M . 50.03 31.89 70.37
O4 NAG M . 51.16 34.40 71.24
O5 NAG M . 53.45 33.35 68.57
O6 NAG M . 55.09 34.15 70.30
O7 NAG M . 50.78 29.17 68.67
C1 NAG N . 77.64 33.41 21.44
C2 NAG N . 79.04 33.97 21.15
C3 NAG N . 78.99 35.48 21.03
C4 NAG N . 77.94 35.90 20.01
C5 NAG N . 76.59 35.28 20.35
C6 NAG N . 75.53 35.56 19.32
C7 NAG N . 81.05 32.79 21.93
C8 NAG N . 81.92 32.48 23.10
N2 NAG N . 79.99 33.57 22.17
O3 NAG N . 80.27 35.98 20.65
O4 NAG N . 77.80 37.32 19.99
O5 NAG N . 76.73 33.85 20.43
O6 NAG N . 75.19 34.38 18.59
O7 NAG N . 81.30 32.37 20.80
C1 NAG N . 78.29 37.90 18.75
C2 NAG N . 77.47 39.17 18.47
C3 NAG N . 77.99 39.84 17.20
C4 NAG N . 79.49 40.08 17.29
C5 NAG N . 80.21 38.78 17.63
C6 NAG N . 81.70 38.97 17.86
C7 NAG N . 75.11 39.58 18.95
C8 NAG N . 73.69 39.12 18.72
N2 NAG N . 76.06 38.86 18.35
O3 NAG N . 77.30 41.08 17.02
O4 NAG N . 79.98 40.58 16.05
O5 NAG N . 79.68 38.23 18.84
O6 NAG N . 81.99 39.12 19.24
O7 NAG N . 75.37 40.56 19.64
C1 NAG O . 55.86 47.09 51.30
C2 NAG O . 54.75 46.45 52.13
C3 NAG O . 53.39 46.77 51.52
C4 NAG O . 53.23 48.27 51.33
C5 NAG O . 54.39 48.83 50.53
C6 NAG O . 54.36 50.33 50.39
C7 NAG O . 54.52 44.29 53.29
C8 NAG O . 54.80 42.82 53.22
N2 NAG O . 54.94 45.02 52.23
O3 NAG O . 52.36 46.28 52.38
O4 NAG O . 52.01 48.55 50.65
O5 NAG O . 55.63 48.50 51.17
O6 NAG O . 55.39 50.80 49.53
O7 NAG O . 53.96 44.82 54.24
C1 NAG P . -26.49 22.82 23.60
C2 NAG P . -26.42 22.98 22.08
C3 NAG P . -26.07 24.43 21.72
C4 NAG P . -27.04 25.39 22.39
C5 NAG P . -27.07 25.13 23.90
C6 NAG P . -28.09 25.98 24.63
C7 NAG P . -25.79 21.01 20.76
C8 NAG P . -24.66 20.18 20.24
N2 NAG P . -25.45 22.06 21.51
O3 NAG P . -26.13 24.59 20.31
O4 NAG P . -26.63 26.73 22.16
O5 NAG P . -27.42 23.76 24.16
O6 NAG P . -29.41 25.57 24.32
O7 NAG P . -26.96 20.74 20.51
C1 NAG Q . -2.90 5.87 57.22
C2 NAG Q . -2.47 7.01 58.12
C3 NAG Q . -2.19 6.51 59.54
C4 NAG Q . -3.39 5.73 60.06
C5 NAG Q . -3.79 4.64 59.07
C6 NAG Q . -5.05 3.91 59.48
C7 NAG Q . -1.33 8.90 57.02
C8 NAG Q . -0.02 9.43 56.52
N2 NAG Q . -1.30 7.68 57.58
O3 NAG Q . -1.91 7.61 60.38
O4 NAG Q . -3.08 5.15 61.32
O5 NAG Q . -4.04 5.21 57.78
O6 NAG Q . -6.19 4.74 59.40
O7 NAG Q . -2.37 9.54 56.92
C1 NAG R . 68.81 45.15 61.02
C2 NAG R . 68.80 46.17 62.16
C3 NAG R . 69.88 45.84 63.18
C4 NAG R . 69.75 44.40 63.65
C5 NAG R . 69.74 43.45 62.44
C6 NAG R . 69.50 42.01 62.82
C7 NAG R . 67.95 48.38 61.50
C8 NAG R . 68.31 49.74 60.98
N2 NAG R . 68.96 47.52 61.67
O3 NAG R . 69.78 46.72 64.30
O4 NAG R . 70.84 44.06 64.49
O5 NAG R . 68.68 43.83 61.56
O6 NAG R . 70.64 41.46 63.47
O7 NAG R . 66.79 48.07 61.77
C1 NAG S . 43.04 14.06 68.95
C2 NAG S . 43.15 13.76 70.45
C3 NAG S . 41.82 13.25 70.98
C4 NAG S . 40.69 14.21 70.61
C5 NAG S . 40.69 14.49 69.11
C6 NAG S . 39.68 15.53 68.71
C7 NAG S . 45.35 13.13 71.33
C8 NAG S . 46.33 12.01 71.53
N2 NAG S . 44.20 12.81 70.72
O3 NAG S . 41.89 13.09 72.38
O4 NAG S . 39.44 13.66 70.99
O5 NAG S . 41.98 14.98 68.71
O6 NAG S . 39.90 16.77 69.39
O7 NAG S . 45.58 14.27 71.71
C1 NAG T . 65.61 50.44 38.67
C2 NAG T . 66.92 50.77 37.94
C3 NAG T . 67.13 52.28 37.90
C4 NAG T . 65.91 52.97 37.31
C5 NAG T . 64.64 52.54 38.05
C6 NAG T . 63.38 53.10 37.43
C7 NAG T . 69.01 49.49 37.89
C8 NAG T . 70.10 48.87 38.71
N2 NAG T . 68.05 50.12 38.58
O3 NAG T . 68.29 52.58 37.12
O4 NAG T . 66.06 54.38 37.40
O5 NAG T . 64.52 51.12 38.04
O6 NAG T . 63.02 52.38 36.27
O7 NAG T . 69.00 49.43 36.66
C1 NAG U . 22.52 50.87 38.65
C2 NAG U . 21.25 51.24 39.39
C3 NAG U . 20.15 51.60 38.39
C4 NAG U . 20.63 52.68 37.43
C5 NAG U . 21.96 52.27 36.79
C6 NAG U . 22.56 53.37 35.94
C7 NAG U . 20.47 50.36 41.54
C8 NAG U . 20.06 49.14 42.30
N2 NAG U . 20.82 50.17 40.27
O3 NAG U . 19.00 52.06 39.10
O4 NAG U . 19.66 52.90 36.41
O5 NAG U . 22.92 51.95 37.80
O6 NAG U . 22.71 54.58 36.67
O7 NAG U . 20.49 51.48 42.06
C1 NAG V . 16.75 45.42 21.36
C2 NAG V . 18.25 45.53 21.07
C3 NAG V . 18.72 46.97 21.20
C4 NAG V . 17.87 47.89 20.33
C5 NAG V . 16.39 47.70 20.65
C6 NAG V . 15.48 48.48 19.73
C7 NAG V . 19.30 43.39 21.68
C8 NAG V . 20.10 42.64 22.70
N2 NAG V . 19.02 44.66 21.96
O3 NAG V . 20.08 47.06 20.82
O4 NAG V . 18.22 49.25 20.56
O5 NAG V . 16.03 46.31 20.49
O6 NAG V . 15.61 48.06 18.38
O7 NAG V . 18.94 42.86 20.62
C1 NAG W . 17.62 26.25 51.81
C2 NAG W . 18.58 27.32 52.33
C3 NAG W . 19.68 27.59 51.32
C4 NAG W . 20.37 26.28 50.93
C5 NAG W . 19.35 25.24 50.50
C6 NAG W . 19.95 23.88 50.25
C7 NAG W . 17.44 28.84 53.89
C8 NAG W . 16.73 30.15 54.04
N2 NAG W . 17.87 28.55 52.66
O3 NAG W . 20.62 28.50 51.86
O4 NAG W . 21.29 26.52 49.87
O5 NAG W . 18.35 25.07 51.52
O6 NAG W . 21.07 23.64 51.10
O7 NAG W . 17.63 28.09 54.84
C1 NAG X . -3.48 42.29 -10.84
C2 NAG X . -2.18 42.78 -11.47
C3 NAG X . -1.67 44.02 -10.74
C4 NAG X . -2.76 45.09 -10.68
C5 NAG X . -4.03 44.49 -10.08
C6 NAG X . -5.19 45.46 -10.10
C7 NAG X . -0.94 40.94 -12.53
C8 NAG X . 0.14 39.92 -12.36
N2 NAG X . -1.17 41.74 -11.48
O3 NAG X . -0.52 44.53 -11.42
O4 NAG X . -2.32 46.17 -9.88
O5 NAG X . -4.44 43.35 -10.83
O6 NAG X . -5.99 45.28 -11.26
O7 NAG X . -1.59 41.04 -13.57
C1 NAG Y . -47.88 13.31 28.30
C2 NAG Y . -47.89 14.45 27.29
C3 NAG Y . -49.31 15.01 27.11
C4 NAG Y . -50.32 13.88 26.85
C5 NAG Y . -50.16 12.82 27.93
C6 NAG Y . -51.14 11.68 27.75
C7 NAG Y . -45.73 15.62 27.32
C8 NAG Y . -44.91 16.69 27.97
N2 NAG Y . -47.01 15.52 27.71
O3 NAG Y . -49.31 15.96 26.03
O4 NAG Y . -51.67 14.33 26.99
O5 NAG Y . -48.83 12.31 27.90
O6 NAG Y . -50.81 11.02 26.53
O7 NAG Y . -45.25 14.87 26.48
C1 NAG Z . 83.09 16.89 18.25
C2 NAG Z . 82.76 17.97 17.23
C3 NAG Z . 81.86 17.40 16.13
C4 NAG Z . 82.48 16.16 15.52
C5 NAG Z . 82.81 15.15 16.61
C6 NAG Z . 83.53 13.93 16.09
C7 NAG Z . 82.04 20.32 17.28
C8 NAG Z . 81.35 21.38 18.08
N2 NAG Z . 82.13 19.11 17.86
O3 NAG Z . 81.66 18.39 15.13
O4 NAG Z . 81.58 15.57 14.59
O5 NAG Z . 83.67 15.75 17.59
O6 NAG Z . 84.80 14.27 15.56
O7 NAG Z . 82.47 20.53 16.15
C1 NAG AA . 5.25 6.37 -26.26
C2 NAG AA . 6.41 5.55 -25.72
C3 NAG AA . 7.23 4.98 -26.86
C4 NAG AA . 6.33 4.20 -27.82
C5 NAG AA . 5.15 5.07 -28.26
C6 NAG AA . 4.15 4.32 -29.11
C7 NAG AA . 7.12 6.38 -23.52
C8 NAG AA . 8.07 7.27 -22.77
N2 NAG AA . 7.26 6.36 -24.85
O3 NAG AA . 8.24 4.11 -26.35
O4 NAG AA . 7.07 3.80 -28.97
O5 NAG AA . 4.45 5.56 -27.11
O6 NAG AA . 4.09 2.95 -28.76
O7 NAG AA . 6.27 5.71 -22.93
C1 NAG BA . 24.23 42.43 -9.00
C2 NAG BA . 25.75 42.59 -9.09
C3 NAG BA . 26.15 44.01 -8.73
C4 NAG BA . 25.37 45.01 -9.57
C5 NAG BA . 23.88 44.75 -9.47
C6 NAG BA . 23.05 45.63 -10.38
C7 NAG BA . 27.57 41.04 -8.58
C8 NAG BA . 28.13 40.07 -7.57
N2 NAG BA . 26.42 41.63 -8.24
O3 NAG BA . 27.54 44.18 -8.95
O4 NAG BA . 25.64 46.34 -9.13
O5 NAG BA . 23.59 43.39 -9.84
O6 NAG BA . 23.29 45.32 -11.75
O7 NAG BA . 28.14 41.27 -9.64
C1 NAG CA . 94.22 24.87 27.69
C2 NAG CA . 94.71 25.86 26.65
C3 NAG CA . 95.88 26.67 27.20
C4 NAG CA . 95.51 27.32 28.52
C5 NAG CA . 94.97 26.27 29.49
C6 NAG CA . 94.46 26.87 30.79
C7 NAG CA . 94.27 25.01 24.39
C8 NAG CA . 94.83 24.29 23.20
N2 NAG CA . 95.10 25.19 25.42
O3 NAG CA . 96.25 27.68 26.25
O4 NAG CA . 96.64 27.96 29.09
O5 NAG CA . 93.87 25.57 28.89
O6 NAG CA . 95.35 27.84 31.29
O7 NAG CA . 93.10 25.42 24.41
C1 NAG DA . 58.80 46.74 23.06
C2 NAG DA . 59.23 48.19 23.22
C3 NAG DA . 58.26 49.12 22.51
C4 NAG DA . 58.09 48.70 21.06
C5 NAG DA . 57.71 47.22 20.98
C6 NAG DA . 57.65 46.71 19.56
C7 NAG DA . 60.15 49.49 25.09
C8 NAG DA . 60.13 49.74 26.57
N2 NAG DA . 59.33 48.55 24.64
O3 NAG DA . 58.75 50.46 22.57
O4 NAG DA . 57.09 49.48 20.43
O5 NAG DA . 58.68 46.43 21.67
O6 NAG DA . 58.95 46.62 18.98
O7 NAG DA . 60.89 50.14 24.34
C1 NAG EA . 86.98 2.61 26.79
C2 NAG EA . 87.38 1.51 27.77
C3 NAG EA . 88.57 0.73 27.23
C4 NAG EA . 88.28 0.21 25.82
C5 NAG EA . 87.84 1.36 24.92
C6 NAG EA . 87.42 0.90 23.55
C7 NAG EA . 86.95 1.80 30.17
C8 NAG EA . 87.41 2.46 31.44
N2 NAG EA . 87.68 2.06 29.08
O3 NAG EA . 88.86 -0.35 28.10
O4 NAG EA . 89.44 -0.40 25.28
O5 NAG EA . 86.71 2.04 25.49
O6 NAG EA . 86.34 -0.01 23.62
O7 NAG EA . 85.98 1.06 30.14
C1 NAG FA . 63.83 4.53 -9.23
C2 NAG FA . 63.68 5.18 -10.61
C3 NAG FA . 63.07 4.19 -11.59
C4 NAG FA . 63.87 2.90 -11.61
C5 NAG FA . 64.04 2.35 -10.19
C6 NAG FA . 64.93 1.14 -10.12
C7 NAG FA . 63.15 7.49 -11.26
C8 NAG FA . 62.22 8.65 -11.05
N2 NAG FA . 62.89 6.39 -10.53
O3 NAG FA . 63.03 4.77 -12.89
O4 NAG FA . 63.20 1.92 -12.40
O5 NAG FA . 64.62 3.35 -9.35
O6 NAG FA . 66.22 1.42 -10.65
O7 NAG FA . 64.10 7.54 -12.04
C1 NAG GA . 49.60 -8.26 -7.62
C2 NAG GA . 50.50 -8.69 -6.46
C3 NAG GA . 51.85 -9.17 -6.99
C4 NAG GA . 51.65 -10.25 -8.04
C5 NAG GA . 50.70 -9.76 -9.14
C6 NAG GA . 50.37 -10.82 -10.15
C7 NAG GA . 49.82 -7.35 -4.52
C8 NAG GA . 50.16 -6.19 -3.63
N2 NAG GA . 50.68 -7.61 -5.50
O3 NAG GA . 52.63 -9.67 -5.91
O4 NAG GA . 52.90 -10.59 -8.62
O5 NAG GA . 49.46 -9.33 -8.55
O6 NAG GA . 49.75 -11.95 -9.53
O7 NAG GA . 48.79 -8.01 -4.36
C1 NAG HA . 47.66 27.85 -2.48
C2 NAG HA . 49.18 27.82 -2.34
C3 NAG HA . 49.58 26.82 -1.26
C4 NAG HA . 48.84 27.12 0.04
C5 NAG HA . 47.33 27.20 -0.22
C6 NAG HA . 46.55 27.63 1.00
C7 NAG HA . 50.46 28.41 -4.36
C8 NAG HA . 51.06 27.91 -5.62
N2 NAG HA . 49.82 27.50 -3.60
O3 NAG HA . 50.98 26.90 -1.05
O4 NAG HA . 49.09 26.08 0.98
O5 NAG HA . 47.06 28.18 -1.25
O6 NAG HA . 47.31 27.46 2.19
O7 NAG HA . 50.54 29.59 -4.02
C1 NAG IA . 25.48 -34.59 -16.67
C2 NAG IA . 26.33 -35.42 -15.69
C3 NAG IA . 27.81 -35.19 -15.95
C4 NAG IA . 28.14 -35.46 -17.41
C5 NAG IA . 27.24 -34.64 -18.32
C6 NAG IA . 27.43 -34.95 -19.79
C7 NAG IA . 25.11 -35.81 -13.59
C8 NAG IA . 24.88 -35.34 -12.19
N2 NAG IA . 25.99 -35.10 -14.32
O3 NAG IA . 28.57 -36.06 -15.11
O4 NAG IA . 29.50 -35.13 -17.67
O5 NAG IA . 25.87 -34.90 -18.02
O6 NAG IA . 26.82 -36.18 -20.14
O7 NAG IA . 24.52 -36.78 -14.06
C1 NAG JA . -8.79 13.26 -33.88
C2 NAG JA . -9.65 12.73 -32.75
C3 NAG JA . -8.99 11.50 -32.13
C4 NAG JA . -8.74 10.46 -33.22
C5 NAG JA . -7.96 11.07 -34.39
C6 NAG JA . -7.83 10.13 -35.55
C7 NAG JA . -8.90 14.43 -31.12
C8 NAG JA . -9.35 15.45 -30.12
N2 NAG JA . -9.88 13.75 -31.74
O3 NAG JA . -9.85 10.96 -31.13
O4 NAG JA . -7.97 9.38 -32.67
O5 NAG JA . -8.64 12.24 -34.87
O6 NAG JA . -7.30 10.79 -36.70
O7 NAG JA . -7.72 14.21 -31.36
C1 NAG KA . 98.86 7.13 38.76
C2 NAG KA . 99.47 6.61 37.45
C3 NAG KA . 99.97 5.20 37.65
C4 NAG KA . 100.96 5.17 38.80
C5 NAG KA . 100.30 5.73 40.05
C6 NAG KA . 101.28 5.87 41.20
C7 NAG KA . 98.44 7.62 35.53
C8 NAG KA . 97.07 7.90 34.96
N2 NAG KA . 98.52 6.61 36.38
O3 NAG KA . 100.61 4.78 36.44
O4 NAG KA . 101.37 3.82 39.04
O5 NAG KA . 99.83 7.04 39.79
O6 NAG KA . 101.85 7.18 41.14
O7 NAG KA . 99.41 8.29 35.24
C1 NAG LA . 35.10 -22.19 59.73
C2 NAG LA . 35.01 -23.70 59.90
C3 NAG LA . 33.68 -24.08 60.55
C4 NAG LA . 33.47 -23.30 61.84
C5 NAG LA . 33.63 -21.80 61.59
C6 NAG LA . 33.57 -20.97 62.85
C7 NAG LA . 35.82 -25.54 58.50
C8 NAG LA . 35.90 -26.09 57.12
N2 NAG LA . 35.17 -24.39 58.63
O3 NAG LA . 33.66 -25.47 60.81
O4 NAG LA . 32.17 -23.55 62.36
O5 NAG LA . 34.91 -21.55 61.00
O6 NAG LA . 34.68 -21.24 63.70
O7 NAG LA . 36.34 -26.10 59.45
C1 NAG MA . -20.49 -15.02 43.08
C2 NAG MA . -20.63 -14.24 44.38
C3 NAG MA . -19.75 -14.86 45.47
C4 NAG MA . -20.06 -16.35 45.62
C5 NAG MA . -19.95 -17.05 44.26
C6 NAG MA . -20.35 -18.50 44.31
C7 NAG MA . -21.20 -11.89 44.00
C8 NAG MA . -20.67 -10.50 43.82
N2 NAG MA . -20.28 -12.84 44.19
O3 NAG MA . -19.99 -14.20 46.71
O4 NAG MA . -19.15 -16.94 46.53
O5 NAG MA . -20.80 -16.41 43.30
O6 NAG MA . -21.70 -18.67 43.89
O7 NAG MA . -22.40 -12.13 43.96
C1 NAG NA . -3.30 -34.72 12.56
C2 NAG NA . -4.03 -33.38 12.76
C3 NAG NA . -4.34 -33.17 14.24
C4 NAG NA . -5.10 -34.37 14.79
C5 NAG NA . -4.34 -35.66 14.51
C6 NAG NA . -5.09 -36.89 14.93
C7 NAG NA . -3.34 -31.84 10.98
C8 NAG NA . -2.46 -30.68 10.61
N2 NAG NA . -3.24 -32.28 12.23
O3 NAG NA . -5.12 -31.99 14.38
O4 NAG NA . -5.28 -34.22 16.20
O5 NAG NA . -4.08 -35.77 13.11
O6 NAG NA . -6.24 -37.09 14.14
O7 NAG NA . -4.11 -32.35 10.18
C1 NAG OA . 45.65 -29.19 29.18
C2 NAG OA . 45.83 -30.67 28.80
C3 NAG OA . 47.31 -30.98 28.53
C4 NAG OA . 47.90 -30.00 27.51
C5 NAG OA . 47.69 -28.59 28.01
C6 NAG OA . 48.16 -27.54 27.02
C7 NAG OA . 44.26 -32.33 29.70
C8 NAG OA . 43.90 -33.17 30.89
N2 NAG OA . 45.33 -31.54 29.85
O3 NAG OA . 47.43 -32.31 28.03
O4 NAG OA . 49.28 -30.26 27.33
O5 NAG OA . 46.29 -28.36 28.21
O6 NAG OA . 49.57 -27.48 26.96
O7 NAG OA . 43.62 -32.37 28.66
C1 NAG PA . 64.43 -3.98 63.40
C2 NAG PA . 64.55 -5.00 62.26
C3 NAG PA . 63.22 -5.70 62.04
C4 NAG PA . 62.69 -6.28 63.34
C5 NAG PA . 62.64 -5.21 64.42
C6 NAG PA . 62.23 -5.74 65.77
C7 NAG PA . 65.57 -5.06 60.04
C8 NAG PA . 66.00 -4.25 58.85
N2 NAG PA . 65.02 -4.37 61.04
O3 NAG PA . 63.38 -6.73 61.07
O4 NAG PA . 61.38 -6.81 63.14
O5 NAG PA . 63.94 -4.62 64.58
O6 NAG PA . 62.80 -7.03 66.02
O7 NAG PA . 65.72 -6.27 60.08
C1 NAG QA . 74.39 16.97 76.54
C2 NAG QA . 73.38 16.28 77.46
C3 NAG QA . 72.63 17.30 78.30
C4 NAG QA . 73.62 18.18 79.05
C5 NAG QA . 74.63 18.80 78.08
C6 NAG QA . 75.70 19.59 78.77
C7 NAG QA . 72.68 14.20 76.34
C8 NAG QA . 71.60 13.52 75.55
N2 NAG QA . 72.45 15.46 76.69
O3 NAG QA . 71.78 16.63 79.23
O4 NAG QA . 72.92 19.23 79.72
O5 NAG QA . 75.28 17.76 77.33
O6 NAG QA . 76.99 19.01 78.55
O7 NAG QA . 73.71 13.62 76.66
C1 NAG RA . 80.17 0.65 64.90
C2 NAG RA . 80.33 -0.72 65.60
C3 NAG RA . 81.80 -1.11 65.70
C4 NAG RA . 82.47 -1.05 64.33
C5 NAG RA . 82.29 0.35 63.77
C6 NAG RA . 82.88 0.50 62.38
C7 NAG RA . 79.26 -1.78 67.54
C8 NAG RA . 78.68 -1.57 68.90
N2 NAG RA . 79.72 -0.69 66.92
O3 NAG RA . 81.89 -2.44 66.21
O4 NAG RA . 83.86 -1.35 64.45
O5 NAG RA . 80.89 0.64 63.65
O6 NAG RA . 83.27 1.85 62.13
O7 NAG RA . 79.30 -2.89 67.01
C1 NAG SA . -10.62 -46.42 -2.83
C2 NAG SA . -11.70 -45.76 -1.96
C3 NAG SA . -12.96 -46.59 -1.96
C4 NAG SA . -13.42 -46.89 -3.38
C5 NAG SA . -12.28 -47.51 -4.19
C6 NAG SA . -12.62 -47.72 -5.63
C7 NAG SA . -10.91 -44.35 -0.10
C8 NAG SA . -10.43 -44.33 1.31
N2 NAG SA . -11.22 -45.55 -0.61
O3 NAG SA . -13.99 -45.90 -1.26
O4 NAG SA . -14.53 -47.79 -3.37
O5 NAG SA . -11.13 -46.65 -4.15
O6 NAG SA . -12.65 -46.50 -6.35
O7 NAG SA . -11.00 -43.32 -0.78
C1 NAG TA . 17.32 -16.14 53.46
C2 NAG TA . 18.70 -16.06 54.15
C3 NAG TA . 18.59 -16.45 55.64
C4 NAG TA . 17.51 -15.63 56.33
C5 NAG TA . 16.20 -15.78 55.56
C6 NAG TA . 15.08 -14.94 56.13
C7 NAG TA . 19.57 -18.23 53.40
C8 NAG TA . 20.67 -18.94 52.68
N2 NAG TA . 19.68 -16.90 53.48
O3 NAG TA . 19.85 -16.22 56.25
O4 NAG TA . 17.34 -16.07 57.66
O5 NAG TA . 16.37 -15.38 54.19
O6 NAG TA . 15.44 -13.56 56.14
O7 NAG TA . 18.63 -18.85 53.91
C1 NAG UA . 60.06 6.50 72.45
C2 NAG UA . 59.80 7.34 73.70
C3 NAG UA . 60.09 6.51 74.95
C4 NAG UA . 59.29 5.21 74.93
C5 NAG UA . 59.56 4.47 73.62
C6 NAG UA . 58.71 3.22 73.48
C7 NAG UA . 60.11 9.76 73.92
C8 NAG UA . 61.09 10.90 73.86
N2 NAG UA . 60.61 8.54 73.69
O3 NAG UA . 59.73 7.28 76.10
O4 NAG UA . 59.67 4.39 76.03
O5 NAG UA . 59.26 5.31 72.50
O6 NAG UA . 57.33 3.53 73.46
O7 NAG UA . 58.92 9.94 74.16
C1 NAG VA . 75.59 -9.90 25.37
C2 NAG VA . 77.03 -10.38 25.17
C3 NAG VA . 77.09 -11.33 23.98
C4 NAG VA . 76.09 -12.46 24.14
C5 NAG VA . 74.70 -11.89 24.39
C6 NAG VA . 73.66 -12.95 24.67
C7 NAG VA . 79.02 -9.07 25.74
C8 NAG VA . 79.85 -7.86 25.40
N2 NAG VA . 77.93 -9.26 24.99
O3 NAG VA . 78.41 -11.86 23.88
O4 NAG VA . 76.07 -13.26 22.97
O5 NAG VA . 74.72 -11.02 25.53
O6 NAG VA . 74.23 -14.06 25.36
O7 NAG VA . 79.34 -9.85 26.63
C1 NAG WA . 40.13 -35.35 4.69
C2 NAG WA . 41.11 -35.97 5.67
C3 NAG WA . 42.39 -36.41 4.96
C4 NAG WA . 42.05 -37.30 3.77
C5 NAG WA . 41.03 -36.62 2.87
C6 NAG WA . 40.55 -37.51 1.74
C7 NAG WA . 41.11 -35.25 8.02
C8 NAG WA . 41.52 -34.19 8.99
N2 NAG WA . 41.42 -35.04 6.75
O3 NAG WA . 43.23 -37.09 5.86
O4 NAG WA . 43.23 -37.58 3.02
O5 NAG WA . 39.86 -36.27 3.63
O6 NAG WA . 41.63 -37.87 0.88
O7 NAG WA . 40.53 -36.27 8.38
#